data_6VKT
#
_entry.id   6VKT
#
_cell.length_a   1.00
_cell.length_b   1.00
_cell.length_c   1.00
_cell.angle_alpha   90.00
_cell.angle_beta   90.00
_cell.angle_gamma   90.00
#
_symmetry.space_group_name_H-M   'P 1'
#
loop_
_entity.id
_entity.type
_entity.pdbx_description
1 polymer 'Efflux pump membrane transporter'
2 non-polymer PHOSPHATIDYLETHANOLAMINE
3 non-polymer 'ERYTHROMYCIN A'
#
_entity_poly.entity_id   1
_entity_poly.type   'polypeptide(L)'
_entity_poly.pdbx_seq_one_letter_code
;MAKFFIDRPIFAWVISIFIIAAGIFGIKSLPVSQYPSVAAPTITLHAIYPGASAQVMEGSVLSVIERNMNGVEGLDYMST
SADSSGSGSVSLTFTPDTDENLAQVEVQNKLSEVLSTLPATVQQYGVTVSKARSNFLMIVMLSSDVQSTEEMNDYAQRNV
VPELQRIEGVGQVRLFGAQRAMRIWVDPKKLQNYNLSFADVGSALSAQNIQISAGSIGSLPAVRGQTVTATVTAQGQLGT
AEEFGNVILRANTDGSNIYLKDVAKVGLGMEDYSSSTRLNGVNTTGMAVMLSNSGNAMATAKAVKERLAVLEKYFPQGMS
WKTPYDTSKFVEISIEKVIHTLIEAMVLVFVVMYLFLQNIRYTLIPTIVVPISLLGGFAFISYMGMSINVLTMFAMILVI
GIVVDDAIVVVENVERIMAGEGLPPKEATKKAMGQISGAVIGITAVLISVFVPLAMFSGAAGNIYKQFALTMASSIAFSA
FLALTLTPALCATMLKTIPKGHHEEKKGFFGWFNKKFDSWTHGYEGRVAKVLRKTFRMMVVYIGLAVVGVFLFMRLPTSF
LPTEDQGFVMVSVQLPAGATKERTDATLAQVTQLAKSIPEIENIITVSGFSFSGSGQNMAMGFAILKDWNERTASGSDAV
AVAGKLTGMMMGTLKDGFGIAVVPPPILELGNGSGLSINLQDRNNTGHTALLAKRNELIQKMRASGLFDPSTVRAGGLED
SPQLKIDINRAAAAAQGVSFADIRTALASALSSSYVSDFPNQGRLQRVMVQADGDARMQPADILNLTVPNSSGIAVPLSS
IATVSWQMGTEQSVRFNGYPAMELSGSPATGVSTGQAMEAVQKMVDELGSGYSLEWGGQSREEAKGGSQTIALYALAAVA
VFLVLAALYESWSIPLAVLLVMPLGLAGAAAGVTGRNLFEGLLGSVPSFANDIYFQVGFVTVMGLSAKNAILIIEFAKDL
QAQGKSAVEAALEAARLRFRPIIMTSFAFILGVVPLYIAGGASSASQRAIGTTVFWGMLIGTLLSVFLVPLFYVVVRKFF
KETAHE
;
_entity_poly.pdbx_strand_id   A,B,C
#
loop_
_chem_comp.id
_chem_comp.type
_chem_comp.name
_chem_comp.formula
ERY non-polymer 'ERYTHROMYCIN A' 'C37 H67 N O13'
PTY non-polymer PHOSPHATIDYLETHANOLAMINE 'C40 H80 N O8 P'
#
# COMPACT_ATOMS: atom_id res chain seq x y z
N MET A 1 -28.28 -6.18 33.67
CA MET A 1 -27.52 -7.21 32.98
C MET A 1 -27.19 -8.36 33.93
N ALA A 2 -26.91 -8.01 35.20
CA ALA A 2 -26.63 -9.04 36.19
C ALA A 2 -27.87 -9.89 36.48
N LYS A 3 -29.06 -9.30 36.35
CA LYS A 3 -30.30 -10.02 36.56
C LYS A 3 -30.71 -10.87 35.37
N PHE A 4 -30.29 -10.51 34.16
CA PHE A 4 -30.69 -11.29 32.99
C PHE A 4 -29.99 -12.64 32.94
N PHE A 5 -28.75 -12.71 33.42
CA PHE A 5 -27.96 -13.93 33.36
C PHE A 5 -28.13 -14.82 34.59
N ILE A 6 -28.99 -14.45 35.52
CA ILE A 6 -29.26 -15.29 36.68
C ILE A 6 -30.30 -16.35 36.36
N ASP A 7 -31.33 -16.00 35.61
CA ASP A 7 -32.33 -16.97 35.18
C ASP A 7 -31.86 -17.81 34.00
N ARG A 8 -30.75 -17.43 33.41
CA ARG A 8 -30.21 -18.14 32.22
C ARG A 8 -28.75 -18.51 32.49
N PRO A 9 -28.50 -19.51 33.30
CA PRO A 9 -27.11 -19.88 33.63
C PRO A 9 -26.36 -20.54 32.48
N ILE A 10 -27.05 -20.96 31.42
CA ILE A 10 -26.38 -21.60 30.30
C ILE A 10 -25.93 -20.59 29.26
N PHE A 11 -26.64 -19.46 29.13
CA PHE A 11 -26.21 -18.41 28.21
C PHE A 11 -24.87 -17.83 28.63
N ALA A 12 -24.67 -17.61 29.93
CA ALA A 12 -23.38 -17.12 30.41
C ALA A 12 -22.27 -18.11 30.16
N TRP A 13 -22.53 -19.41 30.36
CA TRP A 13 -21.52 -20.42 30.06
C TRP A 13 -21.21 -20.47 28.58
N VAL A 14 -22.21 -20.29 27.72
CA VAL A 14 -21.98 -20.28 26.28
C VAL A 14 -21.11 -19.09 25.90
N ILE A 15 -21.39 -17.92 26.47
CA ILE A 15 -20.60 -16.74 26.20
C ILE A 15 -19.16 -16.94 26.68
N SER A 16 -19.01 -17.57 27.84
CA SER A 16 -17.66 -17.83 28.37
C SER A 16 -16.89 -18.79 27.47
N ILE A 17 -17.57 -19.83 26.97
CA ILE A 17 -16.91 -20.77 26.07
C ILE A 17 -16.54 -20.09 24.75
N PHE A 18 -17.39 -19.19 24.26
CA PHE A 18 -17.05 -18.44 23.05
C PHE A 18 -15.83 -17.55 23.27
N ILE A 19 -15.78 -16.90 24.44
CA ILE A 19 -14.61 -16.07 24.76
C ILE A 19 -13.35 -16.91 24.87
N ILE A 20 -13.49 -18.12 25.43
CA ILE A 20 -12.34 -19.02 25.55
C ILE A 20 -11.85 -19.43 24.17
N ALA A 21 -12.78 -19.76 23.27
CA ALA A 21 -12.40 -20.14 21.91
C ALA A 21 -11.73 -18.99 21.18
N ALA A 22 -12.26 -17.77 21.34
CA ALA A 22 -11.64 -16.61 20.72
C ALA A 22 -10.25 -16.37 21.27
N GLY A 23 -10.08 -16.52 22.58
CA GLY A 23 -8.76 -16.36 23.16
C GLY A 23 -7.77 -17.40 22.67
N ILE A 24 -8.20 -18.65 22.53
CA ILE A 24 -7.32 -19.68 22.02
C ILE A 24 -6.94 -19.40 20.57
N PHE A 25 -7.91 -18.98 19.75
CA PHE A 25 -7.61 -18.65 18.37
C PHE A 25 -6.64 -17.47 18.27
N GLY A 26 -6.79 -16.49 19.16
CA GLY A 26 -5.86 -15.38 19.18
C GLY A 26 -4.47 -15.79 19.65
N ILE A 27 -4.40 -16.72 20.60
CA ILE A 27 -3.12 -17.21 21.07
C ILE A 27 -2.39 -17.96 19.95
N LYS A 28 -3.14 -18.73 19.16
CA LYS A 28 -2.50 -19.46 18.06
C LYS A 28 -2.03 -18.52 16.97
N SER A 29 -2.85 -17.53 16.61
CA SER A 29 -2.50 -16.57 15.55
C SER A 29 -1.95 -15.29 16.17
N LEU A 30 -0.80 -15.42 16.82
CA LEU A 30 -0.16 -14.29 17.47
C LEU A 30 1.35 -14.51 17.54
N PRO A 31 2.15 -13.69 16.85
CA PRO A 31 3.59 -13.94 16.81
C PRO A 31 4.25 -13.77 18.17
N VAL A 32 5.23 -14.62 18.43
CA VAL A 32 5.98 -14.61 19.69
C VAL A 32 7.29 -13.87 19.47
N SER A 33 7.58 -12.92 20.37
CA SER A 33 8.80 -12.14 20.29
C SER A 33 9.32 -11.95 21.72
N GLN A 34 10.28 -11.04 21.87
CA GLN A 34 10.87 -10.74 23.17
C GLN A 34 10.54 -9.35 23.66
N TYR A 35 10.34 -8.39 22.77
CA TYR A 35 10.07 -7.02 23.14
C TYR A 35 9.16 -6.38 22.10
N PRO A 36 8.49 -5.28 22.46
CA PRO A 36 7.71 -4.53 21.47
C PRO A 36 8.62 -3.74 20.54
N SER A 37 9.04 -4.39 19.44
CA SER A 37 10.07 -3.92 18.50
C SER A 37 9.99 -2.43 18.23
N VAL A 38 11.12 -1.76 18.41
CA VAL A 38 11.22 -0.31 18.29
C VAL A 38 12.14 0.10 17.14
N ALA A 39 12.36 -0.80 16.19
CA ALA A 39 13.26 -0.52 15.08
C ALA A 39 12.59 0.37 14.04
N ALA A 40 13.42 1.00 13.21
CA ALA A 40 12.94 1.86 12.14
C ALA A 40 13.41 1.33 10.80
N PRO A 41 12.68 1.62 9.71
CA PRO A 41 13.09 1.14 8.39
C PRO A 41 14.42 1.72 7.97
N THR A 42 15.19 0.92 7.23
CA THR A 42 16.50 1.34 6.75
C THR A 42 16.77 0.65 5.41
N ILE A 43 17.09 1.44 4.39
CA ILE A 43 17.40 0.92 3.06
C ILE A 43 18.90 1.11 2.82
N THR A 44 19.59 0.01 2.52
CA THR A 44 21.03 0.03 2.32
C THR A 44 21.36 -0.31 0.87
N LEU A 45 22.17 0.53 0.23
CA LEU A 45 22.66 0.30 -1.11
C LEU A 45 24.15 -0.05 -1.04
N HIS A 46 24.50 -1.21 -1.55
CA HIS A 46 25.88 -1.70 -1.55
C HIS A 46 26.43 -1.65 -2.97
N ALA A 47 27.60 -1.06 -3.13
CA ALA A 47 28.29 -1.00 -4.42
C ALA A 47 29.67 -1.62 -4.28
N ILE A 48 30.14 -2.24 -5.36
CA ILE A 48 31.42 -2.91 -5.40
C ILE A 48 32.28 -2.27 -6.46
N TYR A 49 33.51 -1.92 -6.10
CA TYR A 49 34.45 -1.29 -7.03
C TYR A 49 35.86 -1.62 -6.58
N PRO A 50 36.35 -2.81 -6.93
CA PRO A 50 37.65 -3.26 -6.41
C PRO A 50 38.80 -2.47 -7.00
N GLY A 51 39.88 -2.39 -6.22
CA GLY A 51 41.07 -1.69 -6.61
C GLY A 51 41.11 -0.22 -6.22
N ALA A 52 39.98 0.34 -5.80
CA ALA A 52 39.90 1.75 -5.44
C ALA A 52 40.04 1.92 -3.94
N SER A 53 40.55 3.08 -3.55
CA SER A 53 40.73 3.42 -2.15
C SER A 53 39.39 3.93 -1.59
N ALA A 54 39.43 4.45 -0.36
CA ALA A 54 38.21 4.95 0.27
C ALA A 54 37.75 6.24 -0.39
N GLN A 55 38.67 7.19 -0.61
CA GLN A 55 38.31 8.47 -1.18
C GLN A 55 37.80 8.33 -2.61
N VAL A 56 38.51 7.55 -3.43
CA VAL A 56 38.12 7.37 -4.83
C VAL A 56 36.74 6.72 -4.92
N MET A 57 36.56 5.60 -4.20
CA MET A 57 35.28 4.90 -4.21
C MET A 57 34.15 5.81 -3.73
N GLU A 58 34.38 6.50 -2.61
CA GLU A 58 33.37 7.40 -2.07
C GLU A 58 32.99 8.47 -3.10
N GLY A 59 33.94 9.32 -3.47
CA GLY A 59 33.65 10.43 -4.37
C GLY A 59 33.23 10.02 -5.77
N SER A 60 33.44 8.76 -6.14
CA SER A 60 33.04 8.33 -7.48
C SER A 60 31.71 7.60 -7.52
N VAL A 61 31.29 6.96 -6.43
CA VAL A 61 30.06 6.17 -6.40
C VAL A 61 29.09 6.67 -5.34
N LEU A 62 29.56 6.78 -4.10
CA LEU A 62 28.64 6.96 -2.99
C LEU A 62 28.12 8.40 -2.92
N SER A 63 29.00 9.38 -3.17
CA SER A 63 28.57 10.76 -3.20
C SER A 63 27.58 10.99 -4.35
N VAL A 64 27.80 10.31 -5.48
CA VAL A 64 26.89 10.45 -6.61
C VAL A 64 25.55 9.78 -6.33
N ILE A 65 25.57 8.66 -5.60
CA ILE A 65 24.32 7.97 -5.30
C ILE A 65 23.51 8.74 -4.27
N GLU A 66 24.17 9.25 -3.23
CA GLU A 66 23.46 9.95 -2.16
C GLU A 66 22.91 11.30 -2.61
N ARG A 67 23.53 11.94 -3.59
CA ARG A 67 23.07 13.24 -4.05
C ARG A 67 21.73 13.16 -4.76
N ASN A 68 21.34 11.98 -5.24
CA ASN A 68 20.06 11.78 -5.89
C ASN A 68 18.98 11.25 -4.96
N MET A 69 19.35 10.79 -3.76
CA MET A 69 18.40 10.30 -2.78
C MET A 69 17.84 11.40 -1.91
N ASN A 70 18.25 12.65 -2.12
CA ASN A 70 17.74 13.77 -1.33
C ASN A 70 16.29 14.00 -1.68
N GLY A 71 15.40 13.76 -0.71
CA GLY A 71 13.98 13.94 -0.91
C GLY A 71 13.25 12.64 -1.11
N VAL A 72 12.66 12.13 -0.03
CA VAL A 72 11.87 10.90 -0.03
C VAL A 72 10.84 11.00 1.07
N GLU A 73 9.63 10.53 0.80
CA GLU A 73 8.54 10.65 1.77
C GLU A 73 8.83 9.73 2.95
N GLY A 74 9.33 10.32 4.04
CA GLY A 74 9.64 9.58 5.24
C GLY A 74 11.11 9.47 5.57
N LEU A 75 11.99 10.06 4.76
CA LEU A 75 13.42 9.96 5.02
C LEU A 75 13.80 10.75 6.28
N ASP A 76 14.38 10.05 7.25
CA ASP A 76 14.85 10.68 8.47
C ASP A 76 16.26 11.25 8.31
N TYR A 77 17.20 10.39 7.90
CA TYR A 77 18.56 10.83 7.63
C TYR A 77 19.25 9.78 6.77
N MET A 78 20.50 10.06 6.41
CA MET A 78 21.26 9.14 5.58
C MET A 78 22.74 9.24 5.93
N SER A 79 23.46 8.16 5.62
CA SER A 79 24.88 8.08 5.91
C SER A 79 25.56 7.29 4.81
N THR A 80 26.87 7.50 4.67
CA THR A 80 27.67 6.85 3.63
C THR A 80 28.98 6.37 4.26
N SER A 81 29.32 5.11 4.00
CA SER A 81 30.54 4.50 4.52
C SER A 81 31.34 3.91 3.37
N ALA A 82 32.64 4.18 3.36
CA ALA A 82 33.55 3.62 2.37
C ALA A 82 34.86 3.25 3.04
N ASP A 83 35.52 2.22 2.52
CA ASP A 83 36.78 1.75 3.06
C ASP A 83 37.66 1.28 1.89
N SER A 84 38.82 0.73 2.23
CA SER A 84 39.76 0.22 1.23
C SER A 84 39.47 -1.22 0.84
N SER A 85 38.45 -1.85 1.41
CA SER A 85 38.13 -3.22 1.06
C SER A 85 37.64 -3.34 -0.38
N GLY A 86 37.11 -2.26 -0.94
CA GLY A 86 36.57 -2.27 -2.30
C GLY A 86 35.07 -2.14 -2.38
N SER A 87 34.36 -2.04 -1.25
CA SER A 87 32.91 -1.93 -1.24
C SER A 87 32.50 -0.65 -0.52
N GLY A 88 31.33 -0.16 -0.88
CA GLY A 88 30.79 1.04 -0.26
C GLY A 88 29.31 0.86 0.04
N SER A 89 28.88 1.51 1.12
CA SER A 89 27.50 1.38 1.60
C SER A 89 26.89 2.76 1.74
N VAL A 90 25.62 2.86 1.37
CA VAL A 90 24.82 4.08 1.54
C VAL A 90 23.55 3.67 2.27
N SER A 91 23.42 4.10 3.53
CA SER A 91 22.27 3.76 4.36
C SER A 91 21.31 4.93 4.44
N LEU A 92 20.02 4.66 4.34
CA LEU A 92 18.97 5.66 4.45
C LEU A 92 17.99 5.21 5.52
N THR A 93 17.94 5.95 6.63
CA THR A 93 17.04 5.65 7.72
C THR A 93 15.82 6.55 7.63
N PHE A 94 14.64 5.94 7.68
CA PHE A 94 13.36 6.64 7.56
C PHE A 94 12.70 6.75 8.92
N THR A 95 11.53 7.37 8.94
CA THR A 95 10.77 7.51 10.17
C THR A 95 10.09 6.19 10.52
N PRO A 96 9.68 6.02 11.79
CA PRO A 96 9.05 4.75 12.18
C PRO A 96 7.73 4.48 11.51
N ASP A 97 7.05 5.52 10.99
CA ASP A 97 5.75 5.36 10.34
C ASP A 97 5.87 5.38 8.82
N THR A 98 6.95 4.81 8.28
CA THR A 98 7.19 4.80 6.84
C THR A 98 7.10 3.37 6.31
N ASP A 99 6.47 3.23 5.15
CA ASP A 99 6.37 1.93 4.50
C ASP A 99 7.65 1.63 3.73
N GLU A 100 8.19 0.42 3.93
CA GLU A 100 9.45 0.06 3.30
C GLU A 100 9.29 -0.24 1.82
N ASN A 101 8.12 -0.71 1.39
CA ASN A 101 7.94 -1.05 -0.01
C ASN A 101 7.98 0.18 -0.90
N LEU A 102 7.19 1.20 -0.56
CA LEU A 102 7.19 2.42 -1.36
C LEU A 102 8.54 3.13 -1.27
N ALA A 103 9.18 3.09 -0.09
CA ALA A 103 10.50 3.69 0.04
C ALA A 103 11.51 3.00 -0.86
N GLN A 104 11.48 1.66 -0.90
CA GLN A 104 12.39 0.94 -1.78
C GLN A 104 12.07 1.20 -3.25
N VAL A 105 10.79 1.37 -3.58
CA VAL A 105 10.41 1.68 -4.95
C VAL A 105 11.00 3.03 -5.37
N GLU A 106 10.85 4.04 -4.52
CA GLU A 106 11.39 5.36 -4.84
C GLU A 106 12.91 5.34 -4.85
N VAL A 107 13.54 4.52 -3.98
CA VAL A 107 14.99 4.41 -4.00
C VAL A 107 15.47 3.79 -5.30
N GLN A 108 14.76 2.76 -5.77
CA GLN A 108 15.10 2.17 -7.06
C GLN A 108 14.92 3.16 -8.20
N ASN A 109 13.86 3.96 -8.14
CA ASN A 109 13.64 4.99 -9.15
C ASN A 109 14.77 6.01 -9.16
N LYS A 110 15.22 6.43 -7.98
CA LYS A 110 16.31 7.40 -7.91
C LYS A 110 17.63 6.78 -8.34
N LEU A 111 17.84 5.49 -8.07
CA LEU A 111 19.08 4.85 -8.44
C LEU A 111 19.16 4.58 -9.94
N SER A 112 18.02 4.29 -10.58
CA SER A 112 18.02 4.05 -12.02
C SER A 112 18.38 5.29 -12.82
N GLU A 113 18.24 6.48 -12.24
CA GLU A 113 18.53 7.73 -12.94
C GLU A 113 20.00 8.11 -12.91
N VAL A 114 20.81 7.49 -12.05
CA VAL A 114 22.22 7.85 -11.93
C VAL A 114 23.08 6.61 -12.07
N LEU A 115 22.46 5.49 -12.45
CA LEU A 115 23.21 4.24 -12.55
C LEU A 115 24.18 4.25 -13.73
N SER A 116 23.87 5.01 -14.78
CA SER A 116 24.73 5.09 -15.95
C SER A 116 25.89 6.05 -15.80
N THR A 117 25.90 6.86 -14.74
CA THR A 117 26.94 7.84 -14.49
C THR A 117 28.04 7.30 -13.59
N LEU A 118 28.01 6.02 -13.28
CA LEU A 118 29.00 5.37 -12.44
C LEU A 118 30.07 4.71 -13.31
N PRO A 119 31.19 4.32 -12.71
CA PRO A 119 32.25 3.66 -13.48
C PRO A 119 31.77 2.35 -14.07
N ALA A 120 32.55 1.84 -15.03
CA ALA A 120 32.18 0.60 -15.72
C ALA A 120 32.22 -0.60 -14.79
N THR A 121 33.17 -0.63 -13.86
CA THR A 121 33.27 -1.77 -12.95
C THR A 121 32.08 -1.83 -12.00
N VAL A 122 31.61 -0.68 -11.52
CA VAL A 122 30.46 -0.66 -10.62
C VAL A 122 29.21 -1.16 -11.34
N GLN A 123 29.09 -0.86 -12.63
CA GLN A 123 27.95 -1.38 -13.40
C GLN A 123 28.13 -2.85 -13.72
N GLN A 124 29.37 -3.31 -13.89
CA GLN A 124 29.61 -4.74 -14.10
C GLN A 124 29.22 -5.54 -12.87
N TYR A 125 29.61 -5.07 -11.69
CA TYR A 125 29.26 -5.77 -10.46
C TYR A 125 27.84 -5.46 -9.99
N GLY A 126 27.30 -4.30 -10.35
CA GLY A 126 25.95 -3.94 -9.99
C GLY A 126 25.85 -3.37 -8.58
N VAL A 127 24.75 -2.67 -8.35
CA VAL A 127 24.44 -2.06 -7.06
C VAL A 127 23.26 -2.81 -6.47
N THR A 128 23.42 -3.28 -5.22
CA THR A 128 22.40 -4.11 -4.58
C THR A 128 21.69 -3.30 -3.51
N VAL A 129 20.36 -3.23 -3.59
CA VAL A 129 19.53 -2.53 -2.62
C VAL A 129 18.87 -3.57 -1.72
N SER A 130 18.92 -3.34 -0.41
CA SER A 130 18.36 -4.27 0.55
C SER A 130 17.70 -3.51 1.68
N LYS A 131 16.80 -4.20 2.39
CA LYS A 131 16.13 -3.67 3.56
C LYS A 131 16.13 -4.78 4.62
N ALA A 132 17.17 -4.82 5.44
CA ALA A 132 17.31 -5.84 6.46
C ALA A 132 18.09 -5.27 7.64
N ARG A 133 18.10 -6.02 8.73
CA ARG A 133 18.80 -5.60 9.93
C ARG A 133 20.29 -5.88 9.80
N SER A 134 21.09 -5.12 10.54
CA SER A 134 22.54 -5.24 10.50
C SER A 134 23.09 -6.29 11.46
N ASN A 135 22.26 -6.83 12.34
CA ASN A 135 22.68 -7.86 13.28
C ASN A 135 22.31 -9.23 12.77
N PHE A 136 23.02 -10.25 13.25
CA PHE A 136 22.82 -11.62 12.83
C PHE A 136 21.80 -12.30 13.73
N LEU A 137 20.91 -13.09 13.12
CA LEU A 137 19.97 -13.91 13.87
C LEU A 137 20.58 -15.28 14.21
N MET A 138 21.38 -15.83 13.31
CA MET A 138 22.04 -17.11 13.55
C MET A 138 23.19 -17.24 12.55
N ILE A 139 24.05 -18.22 12.81
CA ILE A 139 25.20 -18.51 11.95
C ILE A 139 25.19 -20.01 11.65
N VAL A 140 25.10 -20.36 10.38
CA VAL A 140 25.06 -21.75 9.96
C VAL A 140 26.46 -22.21 9.58
N MET A 141 26.86 -23.37 10.07
CA MET A 141 28.16 -23.95 9.79
C MET A 141 28.03 -25.17 8.88
N LEU A 142 29.10 -25.47 8.17
CA LEU A 142 29.17 -26.58 7.22
C LEU A 142 30.45 -27.38 7.42
N SER A 143 30.69 -27.79 8.67
CA SER A 143 31.91 -28.51 9.01
C SER A 143 32.03 -29.81 8.22
N SER A 144 33.24 -30.12 7.79
CA SER A 144 33.52 -31.35 7.06
C SER A 144 35.00 -31.66 7.19
N ASP A 145 35.38 -32.88 6.80
CA ASP A 145 36.76 -33.31 6.87
C ASP A 145 37.30 -33.87 5.56
N VAL A 146 36.53 -33.84 4.48
CA VAL A 146 36.95 -34.37 3.20
C VAL A 146 37.21 -33.26 2.18
N GLN A 147 36.41 -32.21 2.21
CA GLN A 147 36.54 -31.10 1.28
C GLN A 147 37.15 -29.89 1.98
N SER A 148 37.75 -29.01 1.18
CA SER A 148 38.31 -27.78 1.71
C SER A 148 37.20 -26.74 1.87
N THR A 149 37.58 -25.55 2.35
CA THR A 149 36.59 -24.51 2.57
C THR A 149 36.13 -23.88 1.27
N GLU A 150 36.93 -23.97 0.21
CA GLU A 150 36.52 -23.42 -1.08
C GLU A 150 35.38 -24.23 -1.68
N GLU A 151 35.51 -25.57 -1.68
CA GLU A 151 34.44 -26.41 -2.19
C GLU A 151 33.17 -26.25 -1.35
N MET A 152 33.32 -26.14 -0.03
CA MET A 152 32.16 -25.96 0.82
C MET A 152 31.50 -24.60 0.59
N ASN A 153 32.30 -23.56 0.37
CA ASN A 153 31.72 -22.25 0.05
C ASN A 153 30.97 -22.29 -1.27
N ASP A 154 31.53 -22.95 -2.27
CA ASP A 154 30.84 -23.08 -3.56
C ASP A 154 29.55 -23.85 -3.41
N TYR A 155 29.56 -24.95 -2.64
CA TYR A 155 28.36 -25.74 -2.44
C TYR A 155 27.30 -24.94 -1.69
N ALA A 156 27.72 -24.14 -0.69
CA ALA A 156 26.76 -23.33 0.04
C ALA A 156 26.17 -22.25 -0.83
N GLN A 157 26.98 -21.64 -1.71
CA GLN A 157 26.46 -20.62 -2.61
C GLN A 157 25.53 -21.21 -3.67
N ARG A 158 25.76 -22.47 -4.05
CA ARG A 158 24.97 -23.07 -5.11
C ARG A 158 23.70 -23.76 -4.61
N ASN A 159 23.70 -24.28 -3.39
CA ASN A 159 22.59 -25.10 -2.92
C ASN A 159 22.03 -24.69 -1.56
N VAL A 160 22.74 -23.91 -0.75
CA VAL A 160 22.30 -23.58 0.59
C VAL A 160 21.86 -22.13 0.69
N VAL A 161 22.61 -21.21 0.10
CA VAL A 161 22.26 -19.79 0.18
C VAL A 161 20.94 -19.48 -0.52
N PRO A 162 20.70 -19.92 -1.76
CA PRO A 162 19.40 -19.64 -2.38
C PRO A 162 18.25 -20.31 -1.66
N GLU A 163 18.44 -21.51 -1.11
CA GLU A 163 17.38 -22.18 -0.38
C GLU A 163 17.05 -21.48 0.94
N LEU A 164 18.01 -20.76 1.53
CA LEU A 164 17.81 -20.08 2.79
C LEU A 164 17.33 -18.64 2.64
N GLN A 165 17.73 -17.96 1.55
CA GLN A 165 17.33 -16.57 1.38
C GLN A 165 15.92 -16.42 0.82
N ARG A 166 15.23 -17.53 0.55
CA ARG A 166 13.85 -17.50 0.11
C ARG A 166 12.87 -17.88 1.20
N ILE A 167 13.34 -18.00 2.43
CA ILE A 167 12.47 -18.26 3.57
C ILE A 167 11.82 -16.95 4.01
N GLU A 168 10.55 -17.04 4.40
CA GLU A 168 9.82 -15.85 4.85
C GLU A 168 10.43 -15.33 6.15
N GLY A 169 10.84 -14.07 6.15
CA GLY A 169 11.47 -13.44 7.29
C GLY A 169 12.95 -13.18 7.10
N VAL A 170 13.60 -13.88 6.20
CA VAL A 170 15.02 -13.70 5.94
C VAL A 170 15.22 -12.45 5.10
N GLY A 171 16.16 -11.60 5.50
CA GLY A 171 16.41 -10.37 4.79
C GLY A 171 17.69 -10.39 3.99
N GLN A 172 18.67 -11.18 4.43
CA GLN A 172 19.95 -11.27 3.74
C GLN A 172 20.73 -12.45 4.29
N VAL A 173 21.52 -13.08 3.44
CA VAL A 173 22.36 -14.22 3.81
C VAL A 173 23.76 -13.90 3.30
N ARG A 174 24.64 -13.51 4.22
CA ARG A 174 26.02 -13.16 3.87
C ARG A 174 26.90 -14.39 4.08
N LEU A 175 27.50 -14.88 3.01
CA LEU A 175 28.43 -16.00 3.09
C LEU A 175 29.83 -15.46 3.35
N PHE A 176 30.46 -15.92 4.43
CA PHE A 176 31.83 -15.50 4.77
C PHE A 176 32.80 -16.23 3.85
N GLY A 177 32.89 -15.72 2.63
CA GLY A 177 33.71 -16.33 1.59
C GLY A 177 33.25 -15.86 0.22
N ALA A 178 33.44 -16.74 -0.76
CA ALA A 178 33.05 -16.44 -2.12
C ALA A 178 32.96 -17.74 -2.92
N GLN A 179 32.18 -17.69 -3.99
CA GLN A 179 32.02 -18.84 -4.87
C GLN A 179 33.30 -19.04 -5.68
N ARG A 180 33.31 -20.09 -6.50
CA ARG A 180 34.49 -20.44 -7.26
C ARG A 180 34.61 -19.59 -8.52
N ALA A 181 35.85 -19.39 -8.96
CA ALA A 181 36.14 -18.63 -10.17
C ALA A 181 37.45 -19.15 -10.75
N MET A 182 37.78 -18.66 -11.94
CA MET A 182 39.00 -19.06 -12.65
C MET A 182 40.02 -17.95 -12.46
N ARG A 183 41.01 -18.19 -11.59
CA ARG A 183 42.04 -17.21 -11.30
C ARG A 183 43.25 -17.44 -12.20
N ILE A 184 43.77 -16.35 -12.75
CA ILE A 184 44.94 -16.38 -13.62
C ILE A 184 45.98 -15.46 -12.98
N TRP A 185 47.00 -16.05 -12.38
CA TRP A 185 48.10 -15.30 -11.76
C TRP A 185 49.23 -15.19 -12.78
N VAL A 186 49.45 -13.98 -13.28
CA VAL A 186 50.43 -13.71 -14.32
C VAL A 186 51.74 -13.25 -13.69
N ASP A 187 52.85 -13.73 -14.23
CA ASP A 187 54.16 -13.31 -13.75
C ASP A 187 54.67 -12.18 -14.62
N PRO A 188 54.82 -10.96 -14.09
CA PRO A 188 55.32 -9.85 -14.91
C PRO A 188 56.74 -10.06 -15.43
N LYS A 189 57.52 -10.93 -14.78
CA LYS A 189 58.87 -11.22 -15.27
C LYS A 189 58.86 -11.94 -16.60
N LYS A 190 57.78 -12.68 -16.91
CA LYS A 190 57.69 -13.40 -18.16
C LYS A 190 57.00 -12.60 -19.27
N LEU A 191 56.21 -11.59 -18.91
CA LEU A 191 55.57 -10.78 -19.93
C LEU A 191 56.56 -9.89 -20.66
N GLN A 192 57.64 -9.49 -20.00
CA GLN A 192 58.65 -8.65 -20.64
C GLN A 192 59.50 -9.44 -21.64
N ASN A 193 59.58 -10.76 -21.49
CA ASN A 193 60.35 -11.57 -22.43
C ASN A 193 59.68 -11.59 -23.80
N TYR A 194 58.39 -11.91 -23.85
CA TYR A 194 57.64 -11.96 -25.09
C TYR A 194 57.03 -10.62 -25.47
N ASN A 195 57.29 -9.57 -24.69
CA ASN A 195 56.76 -8.23 -24.96
C ASN A 195 55.23 -8.22 -24.93
N LEU A 196 54.67 -8.88 -23.92
CA LEU A 196 53.23 -8.96 -23.73
C LEU A 196 52.81 -8.05 -22.58
N SER A 197 51.50 -7.93 -22.40
CA SER A 197 50.94 -7.11 -21.34
C SER A 197 49.62 -7.72 -20.87
N PHE A 198 49.04 -7.13 -19.83
CA PHE A 198 47.77 -7.62 -19.32
C PHE A 198 46.65 -7.42 -20.32
N ALA A 199 46.75 -6.37 -21.15
CA ALA A 199 45.73 -6.13 -22.17
C ALA A 199 45.67 -7.28 -23.17
N ASP A 200 46.82 -7.83 -23.54
CA ASP A 200 46.84 -8.96 -24.47
C ASP A 200 46.17 -10.17 -23.85
N VAL A 201 46.44 -10.44 -22.58
CA VAL A 201 45.82 -11.57 -21.90
C VAL A 201 44.31 -11.39 -21.82
N GLY A 202 43.86 -10.18 -21.47
CA GLY A 202 42.43 -9.93 -21.42
C GLY A 202 41.76 -10.07 -22.77
N SER A 203 42.40 -9.55 -23.82
CA SER A 203 41.83 -9.65 -25.16
C SER A 203 41.75 -11.10 -25.62
N ALA A 204 42.80 -11.88 -25.36
CA ALA A 204 42.78 -13.29 -25.74
C ALA A 204 41.70 -14.04 -24.98
N LEU A 205 41.55 -13.76 -23.68
CA LEU A 205 40.53 -14.44 -22.89
C LEU A 205 39.14 -14.07 -23.36
N SER A 206 38.93 -12.80 -23.73
CA SER A 206 37.61 -12.36 -24.19
C SER A 206 37.30 -12.80 -25.61
N ALA A 207 38.32 -13.08 -26.43
CA ALA A 207 38.09 -13.47 -27.81
C ALA A 207 38.04 -14.97 -28.01
N GLN A 208 38.69 -15.75 -27.15
CA GLN A 208 38.73 -17.20 -27.29
C GLN A 208 37.79 -17.92 -26.32
N ASN A 209 37.01 -17.18 -25.54
CA ASN A 209 36.07 -17.75 -24.57
C ASN A 209 34.72 -17.07 -24.68
N ILE A 210 34.21 -16.93 -25.89
CA ILE A 210 32.93 -16.28 -26.15
C ILE A 210 31.93 -17.34 -26.62
N GLN A 211 30.70 -17.23 -26.14
CA GLN A 211 29.66 -18.17 -26.51
C GLN A 211 29.26 -17.96 -27.97
N ILE A 212 28.97 -19.06 -28.66
CA ILE A 212 28.62 -19.04 -30.08
C ILE A 212 27.16 -19.46 -30.21
N SER A 213 26.42 -18.77 -31.07
CA SER A 213 25.03 -19.09 -31.36
C SER A 213 24.90 -19.30 -32.87
N ALA A 214 24.72 -20.57 -33.27
CA ALA A 214 24.73 -20.90 -34.70
C ALA A 214 23.38 -20.59 -35.35
N GLY A 215 22.33 -21.25 -34.89
CA GLY A 215 21.01 -21.06 -35.47
C GLY A 215 20.33 -22.36 -35.86
N SER A 216 19.64 -22.37 -36.99
CA SER A 216 18.89 -23.56 -37.40
C SER A 216 19.04 -23.75 -38.90
N ILE A 217 19.46 -24.95 -39.30
CA ILE A 217 19.47 -25.35 -40.70
C ILE A 217 18.04 -25.74 -41.07
N GLY A 218 17.54 -25.15 -42.15
CA GLY A 218 16.15 -25.35 -42.53
C GLY A 218 15.22 -24.46 -41.72
N SER A 219 15.53 -23.17 -41.67
CA SER A 219 14.76 -22.23 -40.87
C SER A 219 13.36 -22.05 -41.46
N LEU A 220 12.54 -21.27 -40.79
CA LEU A 220 11.14 -21.17 -41.15
C LEU A 220 10.94 -20.42 -42.46
N PRO A 221 11.52 -19.21 -42.63
CA PRO A 221 11.44 -18.57 -43.95
C PRO A 221 12.30 -19.32 -44.96
N ALA A 222 11.80 -20.47 -45.44
CA ALA A 222 12.57 -21.40 -46.23
C ALA A 222 11.97 -21.55 -47.63
N VAL A 223 12.54 -22.48 -48.39
CA VAL A 223 12.12 -22.74 -49.75
C VAL A 223 10.99 -23.77 -49.73
N ARG A 224 10.22 -23.81 -50.81
CA ARG A 224 9.13 -24.76 -50.92
C ARG A 224 9.69 -26.16 -51.13
N GLY A 225 9.45 -27.04 -50.15
CA GLY A 225 9.92 -28.41 -50.24
C GLY A 225 10.91 -28.77 -49.15
N GLN A 226 10.93 -27.99 -48.07
CA GLN A 226 11.80 -28.25 -46.94
C GLN A 226 11.08 -29.16 -45.96
N THR A 227 11.75 -30.23 -45.54
CA THR A 227 11.17 -31.23 -44.66
C THR A 227 11.93 -31.45 -43.37
N VAL A 228 13.21 -31.09 -43.30
CA VAL A 228 14.05 -31.34 -42.13
C VAL A 228 14.56 -30.00 -41.60
N THR A 229 14.51 -29.84 -40.28
CA THR A 229 15.04 -28.67 -39.60
C THR A 229 15.89 -29.15 -38.43
N ALA A 230 17.07 -28.55 -38.26
CA ALA A 230 18.00 -29.02 -37.24
C ALA A 230 18.69 -27.83 -36.58
N THR A 231 18.68 -27.81 -35.25
CA THR A 231 19.37 -26.76 -34.51
C THR A 231 20.88 -27.01 -34.52
N VAL A 232 21.63 -26.01 -34.96
CA VAL A 232 23.09 -26.10 -35.01
C VAL A 232 23.66 -25.55 -33.73
N THR A 233 24.59 -26.29 -33.12
CA THR A 233 25.18 -25.90 -31.85
C THR A 233 26.70 -26.00 -31.94
N ALA A 234 27.38 -25.02 -31.36
CA ALA A 234 28.83 -24.99 -31.26
C ALA A 234 29.22 -24.49 -29.87
N GLN A 235 30.15 -25.18 -29.23
CA GLN A 235 30.50 -24.82 -27.85
C GLN A 235 31.28 -23.51 -27.81
N GLY A 236 32.48 -23.51 -28.37
CA GLY A 236 33.28 -22.29 -28.42
C GLY A 236 33.56 -21.67 -27.07
N GLN A 237 33.67 -22.49 -26.03
CA GLN A 237 33.85 -21.98 -24.69
C GLN A 237 34.70 -22.95 -23.88
N LEU A 238 35.46 -22.40 -22.93
CA LEU A 238 36.34 -23.18 -22.08
C LEU A 238 35.76 -23.27 -20.68
N GLY A 239 35.97 -24.41 -20.03
CA GLY A 239 35.47 -24.61 -18.69
C GLY A 239 36.39 -25.42 -17.80
N THR A 240 37.64 -25.59 -18.23
CA THR A 240 38.60 -26.40 -17.49
C THR A 240 39.95 -25.67 -17.46
N ALA A 241 40.73 -25.94 -16.42
CA ALA A 241 41.96 -25.20 -16.19
C ALA A 241 42.96 -25.37 -17.33
N GLU A 242 43.20 -26.61 -17.76
CA GLU A 242 44.12 -26.83 -18.86
C GLU A 242 43.59 -26.31 -20.18
N GLU A 243 42.26 -26.12 -20.30
CA GLU A 243 41.72 -25.46 -21.48
C GLU A 243 42.08 -23.98 -21.50
N PHE A 244 41.99 -23.32 -20.34
CA PHE A 244 42.40 -21.93 -20.25
C PHE A 244 43.92 -21.78 -20.39
N GLY A 245 44.68 -22.80 -19.98
CA GLY A 245 46.12 -22.75 -20.10
C GLY A 245 46.63 -22.80 -21.52
N ASN A 246 45.78 -23.20 -22.48
CA ASN A 246 46.15 -23.29 -23.88
C ASN A 246 45.67 -22.11 -24.69
N VAL A 247 45.27 -21.01 -24.04
CA VAL A 247 44.85 -19.82 -24.76
C VAL A 247 46.03 -19.24 -25.52
N ILE A 248 45.81 -18.90 -26.79
CA ILE A 248 46.87 -18.42 -27.65
C ILE A 248 47.02 -16.91 -27.48
N LEU A 249 48.19 -16.47 -27.02
CA LEU A 249 48.53 -15.06 -26.99
C LEU A 249 49.27 -14.62 -28.24
N ARG A 250 49.94 -15.55 -28.92
CA ARG A 250 50.61 -15.29 -30.19
C ARG A 250 50.83 -16.63 -30.86
N ALA A 251 50.29 -16.80 -32.06
CA ALA A 251 50.15 -18.13 -32.65
C ALA A 251 51.12 -18.41 -33.79
N ASN A 252 51.40 -17.44 -34.67
CA ASN A 252 52.22 -17.67 -35.85
C ASN A 252 53.42 -16.72 -35.90
N THR A 253 54.15 -16.63 -34.79
CA THR A 253 55.42 -15.91 -34.81
C THR A 253 56.36 -16.48 -35.87
N ASP A 254 56.62 -17.78 -35.81
CA ASP A 254 57.29 -18.48 -36.90
C ASP A 254 56.69 -19.85 -37.15
N GLY A 255 55.51 -20.15 -36.60
CA GLY A 255 54.89 -21.45 -36.68
C GLY A 255 54.46 -22.00 -35.33
N SER A 256 55.18 -21.64 -34.27
CA SER A 256 54.86 -22.07 -32.92
C SER A 256 53.98 -21.04 -32.21
N ASN A 257 53.27 -21.51 -31.19
CA ASN A 257 52.34 -20.70 -30.43
C ASN A 257 52.97 -20.24 -29.11
N ILE A 258 52.36 -19.22 -28.52
CA ILE A 258 52.73 -18.73 -27.19
C ILE A 258 51.48 -18.86 -26.34
N TYR A 259 51.38 -19.96 -25.59
CA TYR A 259 50.19 -20.24 -24.81
C TYR A 259 50.15 -19.38 -23.55
N LEU A 260 49.02 -19.46 -22.85
CA LEU A 260 48.84 -18.68 -21.62
C LEU A 260 49.55 -19.32 -20.44
N LYS A 261 49.78 -20.63 -20.49
CA LYS A 261 50.47 -21.32 -19.40
C LYS A 261 51.96 -21.02 -19.35
N ASP A 262 52.51 -20.36 -20.37
CA ASP A 262 53.93 -20.04 -20.38
C ASP A 262 54.25 -18.78 -19.59
N VAL A 263 53.28 -17.92 -19.34
CA VAL A 263 53.49 -16.67 -18.63
C VAL A 263 52.56 -16.50 -17.45
N ALA A 264 51.75 -17.50 -17.12
CA ALA A 264 50.80 -17.38 -16.02
C ALA A 264 50.37 -18.76 -15.56
N LYS A 265 49.79 -18.79 -14.37
CA LYS A 265 49.23 -20.00 -13.77
C LYS A 265 47.73 -19.84 -13.65
N VAL A 266 46.98 -20.77 -14.22
CA VAL A 266 45.52 -20.74 -14.21
C VAL A 266 45.02 -21.83 -13.27
N GLY A 267 44.03 -21.51 -12.46
CA GLY A 267 43.49 -22.50 -11.54
C GLY A 267 42.18 -22.04 -10.94
N LEU A 268 41.45 -23.03 -10.40
CA LEU A 268 40.19 -22.75 -9.73
C LEU A 268 40.47 -22.16 -8.36
N GLY A 269 39.97 -20.95 -8.13
CA GLY A 269 40.13 -20.30 -6.84
C GLY A 269 38.87 -19.58 -6.41
N MET A 270 39.00 -18.59 -5.53
CA MET A 270 37.87 -17.81 -5.06
C MET A 270 37.91 -16.41 -5.67
N GLU A 271 36.74 -15.86 -5.94
CA GLU A 271 36.65 -14.51 -6.49
C GLU A 271 36.93 -13.43 -5.44
N ASP A 272 37.02 -13.80 -4.17
CA ASP A 272 37.32 -12.85 -3.11
C ASP A 272 37.71 -13.62 -1.86
N TYR A 273 38.80 -13.21 -1.22
CA TYR A 273 39.33 -13.88 -0.05
C TYR A 273 39.18 -13.04 1.22
N SER A 274 38.27 -12.08 1.21
CA SER A 274 38.18 -11.13 2.33
C SER A 274 37.76 -11.82 3.62
N SER A 275 36.58 -12.42 3.64
CA SER A 275 36.02 -12.98 4.86
C SER A 275 36.57 -14.39 5.11
N SER A 276 36.53 -14.77 6.39
CA SER A 276 36.92 -16.12 6.79
C SER A 276 36.25 -16.44 8.12
N THR A 277 35.90 -17.70 8.31
CA THR A 277 35.20 -18.14 9.51
C THR A 277 35.91 -19.34 10.12
N ARG A 278 35.97 -19.38 11.45
CA ARG A 278 36.56 -20.48 12.17
C ARG A 278 35.69 -20.83 13.37
N LEU A 279 35.59 -22.12 13.66
CA LEU A 279 34.80 -22.63 14.78
C LEU A 279 35.73 -23.42 15.69
N ASN A 280 36.12 -22.83 16.82
CA ASN A 280 37.02 -23.46 17.78
C ASN A 280 38.39 -23.72 17.17
N GLY A 281 38.82 -22.88 16.24
CA GLY A 281 40.11 -22.98 15.60
C GLY A 281 40.08 -23.66 14.25
N VAL A 282 39.10 -24.51 13.99
CA VAL A 282 39.01 -25.22 12.74
C VAL A 282 38.34 -24.34 11.69
N ASN A 283 38.83 -24.41 10.45
CA ASN A 283 38.25 -23.64 9.37
C ASN A 283 36.87 -24.17 9.03
N THR A 284 35.90 -23.26 8.93
CA THR A 284 34.51 -23.64 8.67
C THR A 284 33.85 -22.55 7.83
N THR A 285 33.00 -22.97 6.91
CA THR A 285 32.24 -22.06 6.08
C THR A 285 30.99 -21.62 6.83
N GLY A 286 30.84 -20.32 7.05
CA GLY A 286 29.72 -19.77 7.79
C GLY A 286 28.81 -18.96 6.89
N MET A 287 27.55 -18.84 7.31
CA MET A 287 26.55 -18.07 6.59
C MET A 287 25.75 -17.26 7.62
N ALA A 288 26.03 -15.97 7.70
CA ALA A 288 25.31 -15.10 8.62
C ALA A 288 23.96 -14.72 8.03
N VAL A 289 22.89 -15.00 8.77
CA VAL A 289 21.53 -14.70 8.33
C VAL A 289 21.06 -13.45 9.05
N MET A 290 20.95 -12.35 8.32
CA MET A 290 20.45 -11.11 8.88
C MET A 290 18.92 -11.10 8.82
N LEU A 291 18.29 -10.86 9.97
CA LEU A 291 16.83 -10.83 10.01
C LEU A 291 16.31 -9.65 9.19
N SER A 292 15.06 -9.77 8.74
CA SER A 292 14.43 -8.74 7.93
C SER A 292 13.30 -8.08 8.70
N ASN A 293 13.05 -6.82 8.37
CA ASN A 293 11.91 -6.12 8.95
C ASN A 293 10.61 -6.81 8.60
N SER A 294 9.61 -6.65 9.47
CA SER A 294 8.33 -7.33 9.34
C SER A 294 8.51 -8.85 9.38
N GLY A 295 9.47 -9.32 10.17
CA GLY A 295 9.71 -10.74 10.31
C GLY A 295 9.98 -11.11 11.75
N ASN A 296 9.68 -12.36 12.07
CA ASN A 296 9.83 -12.88 13.42
C ASN A 296 11.12 -13.67 13.55
N ALA A 297 11.71 -13.66 14.75
CA ALA A 297 12.97 -14.35 14.96
C ALA A 297 12.77 -15.84 15.19
N MET A 298 11.82 -16.21 16.04
CA MET A 298 11.60 -17.62 16.35
C MET A 298 11.08 -18.38 15.13
N ALA A 299 10.10 -17.81 14.42
CA ALA A 299 9.57 -18.49 13.25
C ALA A 299 10.62 -18.60 12.16
N THR A 300 11.41 -17.54 11.95
CA THR A 300 12.46 -17.59 10.94
C THR A 300 13.52 -18.63 11.30
N ALA A 301 13.90 -18.70 12.58
CA ALA A 301 14.89 -19.70 12.99
C ALA A 301 14.35 -21.11 12.82
N LYS A 302 13.07 -21.32 13.16
CA LYS A 302 12.48 -22.64 12.97
C LYS A 302 12.44 -23.03 11.50
N ALA A 303 12.05 -22.09 10.64
CA ALA A 303 12.02 -22.37 9.21
C ALA A 303 13.41 -22.68 8.67
N VAL A 304 14.42 -21.92 9.11
CA VAL A 304 15.78 -22.15 8.66
C VAL A 304 16.26 -23.53 9.11
N LYS A 305 15.97 -23.91 10.36
CA LYS A 305 16.41 -25.21 10.85
C LYS A 305 15.71 -26.34 10.11
N GLU A 306 14.41 -26.18 9.81
CA GLU A 306 13.69 -27.20 9.05
C GLU A 306 14.24 -27.33 7.63
N ARG A 307 14.52 -26.19 6.99
CA ARG A 307 15.07 -26.23 5.65
C ARG A 307 16.45 -26.88 5.64
N LEU A 308 17.26 -26.61 6.67
CA LEU A 308 18.58 -27.24 6.76
C LEU A 308 18.46 -28.74 6.98
N ALA A 309 17.53 -29.16 7.84
CA ALA A 309 17.32 -30.59 8.06
C ALA A 309 16.84 -31.28 6.80
N VAL A 310 16.06 -30.57 5.97
CA VAL A 310 15.61 -31.16 4.71
C VAL A 310 16.76 -31.24 3.71
N LEU A 311 17.59 -30.18 3.65
CA LEU A 311 18.68 -30.14 2.69
C LEU A 311 19.84 -31.05 3.10
N GLU A 312 19.89 -31.48 4.36
CA GLU A 312 20.98 -32.34 4.80
C GLU A 312 20.99 -33.68 4.06
N LYS A 313 19.84 -34.10 3.52
CA LYS A 313 19.76 -35.36 2.80
C LYS A 313 20.48 -35.33 1.46
N TYR A 314 20.85 -34.15 0.96
CA TYR A 314 21.52 -34.03 -0.32
C TYR A 314 22.97 -33.59 -0.19
N PHE A 315 23.47 -33.43 1.04
CA PHE A 315 24.86 -33.03 1.23
C PHE A 315 25.80 -34.12 0.75
N PRO A 316 26.96 -33.76 0.23
CA PRO A 316 27.96 -34.77 -0.14
C PRO A 316 28.46 -35.52 1.08
N GLN A 317 29.03 -36.69 0.82
CA GLN A 317 29.51 -37.56 1.89
C GLN A 317 30.68 -36.90 2.62
N GLY A 318 30.48 -36.55 3.89
CA GLY A 318 31.55 -36.02 4.70
C GLY A 318 31.21 -34.77 5.47
N MET A 319 30.31 -33.94 4.94
CA MET A 319 30.00 -32.65 5.53
C MET A 319 28.73 -32.74 6.37
N SER A 320 28.61 -31.79 7.31
CA SER A 320 27.47 -31.71 8.22
C SER A 320 27.09 -30.25 8.36
N TRP A 321 26.19 -29.96 9.30
CA TRP A 321 25.74 -28.61 9.54
C TRP A 321 25.44 -28.43 11.02
N LYS A 322 25.48 -27.18 11.48
CA LYS A 322 25.19 -26.85 12.86
C LYS A 322 25.08 -25.35 12.99
N THR A 323 24.30 -24.89 13.97
CA THR A 323 24.09 -23.48 14.24
C THR A 323 24.51 -23.20 15.69
N PRO A 324 25.81 -23.01 15.92
CA PRO A 324 26.27 -22.74 17.30
C PRO A 324 25.85 -21.37 17.82
N TYR A 325 25.43 -20.46 16.94
CA TYR A 325 24.99 -19.13 17.35
C TYR A 325 23.55 -18.95 16.93
N ASP A 326 22.65 -18.85 17.90
CA ASP A 326 21.22 -18.69 17.63
C ASP A 326 20.60 -17.91 18.77
N THR A 327 19.73 -16.94 18.44
CA THR A 327 19.13 -16.07 19.43
C THR A 327 17.72 -16.48 19.82
N SER A 328 17.08 -17.40 19.09
CA SER A 328 15.73 -17.80 19.41
C SER A 328 15.65 -18.64 20.68
N LYS A 329 16.74 -19.31 21.05
CA LYS A 329 16.72 -20.15 22.24
C LYS A 329 16.49 -19.33 23.50
N PHE A 330 17.15 -18.18 23.61
CA PHE A 330 16.95 -17.32 24.77
C PHE A 330 15.52 -16.83 24.85
N VAL A 331 14.94 -16.46 23.70
CA VAL A 331 13.55 -15.97 23.67
C VAL A 331 12.60 -17.06 24.13
N GLU A 332 12.77 -18.27 23.59
CA GLU A 332 11.86 -19.36 23.94
C GLU A 332 12.01 -19.76 25.40
N ILE A 333 13.24 -19.80 25.91
CA ILE A 333 13.43 -20.16 27.31
C ILE A 333 12.87 -19.07 28.23
N SER A 334 12.97 -17.80 27.83
CA SER A 334 12.36 -16.73 28.63
C SER A 334 10.85 -16.85 28.63
N ILE A 335 10.26 -17.19 27.48
CA ILE A 335 8.81 -17.35 27.42
C ILE A 335 8.36 -18.50 28.32
N GLU A 336 9.10 -19.62 28.28
CA GLU A 336 8.75 -20.74 29.13
C GLU A 336 8.91 -20.40 30.61
N LYS A 337 9.95 -19.67 30.96
CA LYS A 337 10.14 -19.26 32.36
C LYS A 337 9.01 -18.36 32.82
N VAL A 338 8.57 -17.42 31.96
CA VAL A 338 7.47 -16.54 32.34
C VAL A 338 6.17 -17.33 32.47
N ILE A 339 5.96 -18.32 31.61
CA ILE A 339 4.75 -19.15 31.72
C ILE A 339 4.77 -19.95 33.03
N HIS A 340 5.93 -20.48 33.40
CA HIS A 340 6.04 -21.19 34.66
C HIS A 340 5.79 -20.27 35.84
N THR A 341 6.30 -19.03 35.76
CA THR A 341 6.03 -18.07 36.83
C THR A 341 4.54 -17.74 36.92
N LEU A 342 3.87 -17.63 35.77
CA LEU A 342 2.43 -17.38 35.78
C LEU A 342 1.67 -18.53 36.41
N ILE A 343 2.05 -19.76 36.09
CA ILE A 343 1.40 -20.93 36.67
C ILE A 343 1.60 -20.96 38.18
N GLU A 344 2.83 -20.64 38.62
CA GLU A 344 3.11 -20.60 40.05
C GLU A 344 2.29 -19.53 40.76
N ALA A 345 2.17 -18.35 40.13
CA ALA A 345 1.34 -17.29 40.71
C ALA A 345 -0.11 -17.72 40.80
N MET A 346 -0.60 -18.42 39.77
CA MET A 346 -1.99 -18.89 39.79
C MET A 346 -2.22 -19.87 40.93
N VAL A 347 -1.32 -20.85 41.08
CA VAL A 347 -1.51 -21.84 42.15
C VAL A 347 -1.37 -21.18 43.51
N LEU A 348 -0.49 -20.18 43.64
CA LEU A 348 -0.36 -19.49 44.92
C LEU A 348 -1.62 -18.71 45.25
N VAL A 349 -2.23 -18.06 44.26
CA VAL A 349 -3.48 -17.35 44.51
C VAL A 349 -4.59 -18.34 44.87
N PHE A 350 -4.59 -19.51 44.24
CA PHE A 350 -5.58 -20.53 44.58
C PHE A 350 -5.44 -20.97 46.03
N VAL A 351 -4.21 -21.23 46.46
CA VAL A 351 -4.00 -21.67 47.84
C VAL A 351 -4.30 -20.56 48.84
N VAL A 352 -3.98 -19.31 48.52
CA VAL A 352 -4.29 -18.22 49.45
C VAL A 352 -5.79 -17.95 49.49
N MET A 353 -6.52 -18.24 48.41
CA MET A 353 -7.97 -18.16 48.47
C MET A 353 -8.55 -19.29 49.33
N TYR A 354 -8.08 -20.52 49.13
CA TYR A 354 -8.54 -21.62 49.97
C TYR A 354 -8.20 -21.43 51.44
N LEU A 355 -7.12 -20.70 51.75
CA LEU A 355 -6.80 -20.41 53.14
C LEU A 355 -7.87 -19.55 53.80
N PHE A 356 -8.57 -18.73 53.03
CA PHE A 356 -9.61 -17.85 53.55
C PHE A 356 -11.01 -18.41 53.39
N LEU A 357 -11.39 -18.76 52.16
CA LEU A 357 -12.74 -19.28 51.91
C LEU A 357 -12.95 -20.64 52.58
N GLN A 358 -11.96 -21.53 52.45
CA GLN A 358 -12.01 -22.85 53.09
C GLN A 358 -13.15 -23.70 52.52
N ASN A 359 -13.30 -23.68 51.19
CA ASN A 359 -14.30 -24.49 50.52
C ASN A 359 -14.01 -24.49 49.03
N ILE A 360 -14.00 -25.68 48.42
CA ILE A 360 -13.71 -25.78 47.00
C ILE A 360 -14.82 -25.13 46.19
N ARG A 361 -16.07 -25.27 46.64
CA ARG A 361 -17.19 -24.64 45.94
C ARG A 361 -17.11 -23.12 46.01
N TYR A 362 -16.39 -22.56 46.97
CA TYR A 362 -16.20 -21.12 47.06
C TYR A 362 -14.96 -20.65 46.31
N THR A 363 -13.97 -21.51 46.14
CA THR A 363 -12.73 -21.16 45.45
C THR A 363 -12.75 -21.51 43.96
N LEU A 364 -13.76 -22.24 43.49
CA LEU A 364 -13.79 -22.64 42.10
C LEU A 364 -14.21 -21.51 41.16
N ILE A 365 -14.88 -20.49 41.67
CA ILE A 365 -15.40 -19.41 40.84
C ILE A 365 -14.26 -18.57 40.26
N PRO A 366 -13.36 -18.02 41.09
CA PRO A 366 -12.23 -17.27 40.52
C PRO A 366 -11.33 -18.11 39.65
N THR A 367 -11.16 -19.39 39.96
CA THR A 367 -10.36 -20.28 39.14
C THR A 367 -10.92 -20.42 37.73
N ILE A 368 -12.22 -20.20 37.55
CA ILE A 368 -12.83 -20.24 36.24
C ILE A 368 -12.89 -18.85 35.60
N VAL A 369 -13.01 -17.80 36.42
CA VAL A 369 -13.14 -16.46 35.87
C VAL A 369 -11.80 -15.85 35.46
N VAL A 370 -10.70 -16.33 36.03
CA VAL A 370 -9.38 -15.78 35.72
C VAL A 370 -8.90 -16.22 34.34
N PRO A 371 -8.87 -17.52 34.03
CA PRO A 371 -8.42 -17.94 32.69
C PRO A 371 -9.26 -17.38 31.56
N ILE A 372 -10.57 -17.21 31.76
CA ILE A 372 -11.40 -16.63 30.71
C ILE A 372 -11.03 -15.18 30.47
N SER A 373 -10.72 -14.45 31.53
CA SER A 373 -10.29 -13.06 31.36
C SER A 373 -8.94 -12.98 30.66
N LEU A 374 -8.01 -13.88 31.01
CA LEU A 374 -6.73 -13.91 30.31
C LEU A 374 -6.92 -14.24 28.84
N LEU A 375 -7.82 -15.17 28.53
CA LEU A 375 -8.08 -15.52 27.14
C LEU A 375 -8.73 -14.37 26.39
N GLY A 376 -9.61 -13.61 27.04
CA GLY A 376 -10.16 -12.43 26.40
C GLY A 376 -9.11 -11.38 26.12
N GLY A 377 -8.19 -11.18 27.07
CA GLY A 377 -7.08 -10.27 26.82
C GLY A 377 -6.20 -10.74 25.67
N PHE A 378 -5.94 -12.04 25.60
CA PHE A 378 -5.19 -12.60 24.48
C PHE A 378 -5.89 -12.35 23.15
N ALA A 379 -7.22 -12.56 23.13
CA ALA A 379 -7.98 -12.32 21.91
C ALA A 379 -7.92 -10.87 21.49
N PHE A 380 -8.03 -9.94 22.45
CA PHE A 380 -7.96 -8.52 22.09
C PHE A 380 -6.58 -8.15 21.57
N ILE A 381 -5.52 -8.61 22.25
CA ILE A 381 -4.17 -8.30 21.79
C ILE A 381 -3.86 -8.95 20.46
N SER A 382 -4.54 -10.05 20.13
CA SER A 382 -4.38 -10.65 18.81
C SER A 382 -5.14 -9.87 17.75
N TYR A 383 -6.31 -9.33 18.10
CA TYR A 383 -7.06 -8.52 17.15
C TYR A 383 -6.37 -7.19 16.86
N MET A 384 -5.66 -6.64 17.85
CA MET A 384 -4.98 -5.35 17.70
C MET A 384 -3.64 -5.46 17.01
N GLY A 385 -3.23 -6.67 16.61
CA GLY A 385 -1.96 -6.84 15.94
C GLY A 385 -0.77 -6.64 16.85
N MET A 386 -0.67 -7.47 17.89
CA MET A 386 0.41 -7.41 18.86
C MET A 386 1.20 -8.71 18.81
N SER A 387 2.13 -8.86 19.76
CA SER A 387 2.97 -10.04 19.85
C SER A 387 3.00 -10.55 21.27
N ILE A 388 3.56 -11.75 21.44
CA ILE A 388 3.75 -12.36 22.75
C ILE A 388 5.19 -12.13 23.16
N ASN A 389 5.40 -11.35 24.22
CA ASN A 389 6.74 -11.00 24.67
C ASN A 389 6.77 -11.05 26.19
N VAL A 390 7.84 -10.52 26.77
CA VAL A 390 8.02 -10.55 28.22
C VAL A 390 7.32 -9.35 28.85
N LEU A 391 6.75 -8.50 28.00
CA LEU A 391 6.01 -7.33 28.47
C LEU A 391 4.50 -7.56 28.56
N THR A 392 3.94 -8.32 27.62
CA THR A 392 2.53 -8.67 27.68
C THR A 392 2.22 -9.77 28.68
N MET A 393 3.25 -10.36 29.31
CA MET A 393 3.06 -11.40 30.30
C MET A 393 3.03 -10.87 31.73
N PHE A 394 3.81 -9.82 32.04
CA PHE A 394 3.73 -9.21 33.36
C PHE A 394 2.37 -8.56 33.57
N ALA A 395 1.80 -8.00 32.51
CA ALA A 395 0.44 -7.48 32.58
C ALA A 395 -0.56 -8.59 32.92
N MET A 396 -0.37 -9.76 32.32
CA MET A 396 -1.22 -10.90 32.67
C MET A 396 -1.02 -11.31 34.12
N ILE A 397 0.23 -11.28 34.59
CA ILE A 397 0.51 -11.68 35.97
C ILE A 397 -0.16 -10.73 36.95
N LEU A 398 -0.24 -9.45 36.60
CA LEU A 398 -0.90 -8.49 37.49
C LEU A 398 -2.43 -8.56 37.38
N VAL A 399 -2.94 -8.78 36.16
CA VAL A 399 -4.38 -8.93 36.01
C VAL A 399 -4.87 -10.22 36.66
N ILE A 400 -3.97 -11.18 36.89
CA ILE A 400 -4.33 -12.33 37.75
C ILE A 400 -4.84 -11.84 39.10
N GLY A 401 -4.03 -11.03 39.79
CA GLY A 401 -4.46 -10.49 41.06
C GLY A 401 -5.67 -9.59 40.95
N ILE A 402 -5.75 -8.79 39.88
CA ILE A 402 -6.88 -7.88 39.75
C ILE A 402 -8.19 -8.65 39.56
N VAL A 403 -8.18 -9.68 38.72
CA VAL A 403 -9.39 -10.45 38.44
C VAL A 403 -9.77 -11.31 39.65
N VAL A 404 -8.77 -11.87 40.35
CA VAL A 404 -9.11 -12.60 41.55
C VAL A 404 -9.72 -11.63 42.57
N ASP A 405 -9.25 -10.38 42.61
CA ASP A 405 -9.84 -9.38 43.49
C ASP A 405 -11.30 -9.16 43.14
N ASP A 406 -11.58 -8.83 41.87
CA ASP A 406 -12.95 -8.44 41.53
C ASP A 406 -13.91 -9.63 41.54
N ALA A 407 -13.40 -10.86 41.50
CA ALA A 407 -14.27 -12.03 41.66
C ALA A 407 -14.50 -12.37 43.13
N ILE A 408 -13.44 -12.36 43.95
CA ILE A 408 -13.60 -12.65 45.36
C ILE A 408 -14.42 -11.58 46.06
N VAL A 409 -14.43 -10.35 45.54
CA VAL A 409 -15.30 -9.32 46.11
C VAL A 409 -16.75 -9.77 46.08
N VAL A 410 -17.23 -10.15 44.89
CA VAL A 410 -18.64 -10.55 44.74
C VAL A 410 -18.90 -11.83 45.52
N VAL A 411 -18.00 -12.81 45.44
CA VAL A 411 -18.29 -14.08 46.10
C VAL A 411 -18.28 -13.92 47.62
N GLU A 412 -17.36 -13.11 48.16
CA GLU A 412 -17.32 -12.89 49.59
C GLU A 412 -18.53 -12.08 50.05
N ASN A 413 -18.98 -11.13 49.23
CA ASN A 413 -20.18 -10.37 49.58
C ASN A 413 -21.40 -11.28 49.65
N VAL A 414 -21.58 -12.15 48.64
CA VAL A 414 -22.76 -13.02 48.62
C VAL A 414 -22.67 -14.03 49.76
N GLU A 415 -21.47 -14.54 50.04
CA GLU A 415 -21.34 -15.54 51.11
C GLU A 415 -21.55 -14.90 52.48
N ARG A 416 -21.09 -13.67 52.67
CA ARG A 416 -21.35 -12.98 53.93
C ARG A 416 -22.83 -12.68 54.09
N ILE A 417 -23.51 -12.30 53.00
CA ILE A 417 -24.95 -12.06 53.06
C ILE A 417 -25.68 -13.34 53.43
N MET A 418 -25.26 -14.47 52.86
CA MET A 418 -25.88 -15.75 53.21
C MET A 418 -25.63 -16.11 54.67
N ALA A 419 -24.39 -15.95 55.14
CA ALA A 419 -24.07 -16.25 56.53
C ALA A 419 -24.81 -15.32 57.50
N GLY A 420 -25.16 -14.11 57.08
CA GLY A 420 -25.89 -13.20 57.92
C GLY A 420 -27.38 -13.47 57.95
N GLU A 421 -27.99 -13.70 56.78
CA GLU A 421 -29.42 -13.87 56.68
C GLU A 421 -29.85 -15.29 56.32
N GLY A 422 -29.02 -16.06 55.63
CA GLY A 422 -29.40 -17.41 55.24
C GLY A 422 -30.43 -17.48 54.15
N LEU A 423 -30.52 -16.45 53.30
CA LEU A 423 -31.48 -16.43 52.21
C LEU A 423 -31.00 -17.36 51.09
N PRO A 424 -31.92 -17.84 50.24
CA PRO A 424 -31.51 -18.69 49.11
C PRO A 424 -30.52 -17.99 48.21
N PRO A 425 -29.76 -18.74 47.41
CA PRO A 425 -28.66 -18.13 46.65
C PRO A 425 -29.10 -17.19 45.55
N LYS A 426 -30.28 -17.41 44.95
CA LYS A 426 -30.70 -16.60 43.81
C LYS A 426 -30.91 -15.14 44.22
N GLU A 427 -31.82 -14.92 45.17
CA GLU A 427 -32.07 -13.56 45.65
C GLU A 427 -30.84 -12.96 46.33
N ALA A 428 -30.00 -13.79 46.95
CA ALA A 428 -28.78 -13.28 47.56
C ALA A 428 -27.84 -12.71 46.50
N THR A 429 -27.64 -13.46 45.40
CA THR A 429 -26.80 -12.96 44.31
C THR A 429 -27.43 -11.74 43.66
N LYS A 430 -28.76 -11.73 43.54
CA LYS A 430 -29.43 -10.55 42.97
C LYS A 430 -29.16 -9.32 43.83
N LYS A 431 -29.30 -9.46 45.15
CA LYS A 431 -29.04 -8.35 46.07
C LYS A 431 -27.59 -7.90 45.99
N ALA A 432 -26.66 -8.86 45.96
CA ALA A 432 -25.24 -8.52 45.88
C ALA A 432 -24.93 -7.75 44.60
N MET A 433 -25.49 -8.20 43.48
CA MET A 433 -25.27 -7.50 42.22
C MET A 433 -25.88 -6.11 42.24
N GLY A 434 -27.11 -5.98 42.74
CA GLY A 434 -27.72 -4.67 42.85
C GLY A 434 -26.95 -3.73 43.76
N GLN A 435 -26.20 -4.28 44.72
CA GLN A 435 -25.41 -3.45 45.62
C GLN A 435 -24.04 -3.10 45.04
N ILE A 436 -23.47 -3.97 44.21
CA ILE A 436 -22.07 -3.86 43.82
C ILE A 436 -21.89 -3.50 42.35
N SER A 437 -22.97 -3.38 41.57
CA SER A 437 -22.82 -3.11 40.14
C SER A 437 -22.17 -1.76 39.88
N GLY A 438 -22.68 -0.70 40.54
CA GLY A 438 -22.11 0.62 40.36
C GLY A 438 -20.67 0.68 40.82
N ALA A 439 -20.37 0.01 41.94
CA ALA A 439 -18.99 -0.03 42.43
C ALA A 439 -18.06 -0.70 41.43
N VAL A 440 -18.49 -1.82 40.85
CA VAL A 440 -17.66 -2.51 39.88
C VAL A 440 -17.44 -1.66 38.64
N ILE A 441 -18.50 -0.98 38.18
CA ILE A 441 -18.37 -0.14 36.99
C ILE A 441 -17.41 1.02 37.26
N GLY A 442 -17.53 1.65 38.43
CA GLY A 442 -16.63 2.73 38.77
C GLY A 442 -15.19 2.28 38.92
N ILE A 443 -14.99 1.09 39.50
CA ILE A 443 -13.64 0.57 39.66
C ILE A 443 -13.01 0.28 38.30
N THR A 444 -13.78 -0.33 37.40
CA THR A 444 -13.27 -0.57 36.05
C THR A 444 -12.96 0.74 35.35
N ALA A 445 -13.80 1.76 35.53
CA ALA A 445 -13.55 3.04 34.89
C ALA A 445 -12.29 3.69 35.41
N VAL A 446 -12.08 3.65 36.73
CA VAL A 446 -10.87 4.27 37.30
C VAL A 446 -9.63 3.49 36.90
N LEU A 447 -9.71 2.16 36.81
CA LEU A 447 -8.56 1.39 36.36
C LEU A 447 -8.23 1.70 34.90
N ILE A 448 -9.25 1.83 34.06
CA ILE A 448 -9.00 2.19 32.67
C ILE A 448 -8.41 3.59 32.56
N SER A 449 -8.90 4.52 33.40
CA SER A 449 -8.36 5.87 33.39
C SER A 449 -6.90 5.89 33.83
N VAL A 450 -6.53 4.99 34.75
CA VAL A 450 -5.14 4.90 35.18
C VAL A 450 -4.28 4.26 34.10
N PHE A 451 -4.84 3.33 33.33
CA PHE A 451 -4.03 2.55 32.40
C PHE A 451 -3.87 3.21 31.04
N VAL A 452 -4.89 3.89 30.53
CA VAL A 452 -4.83 4.49 29.20
C VAL A 452 -3.75 5.55 29.02
N PRO A 453 -3.31 6.32 30.04
CA PRO A 453 -2.22 7.27 29.79
C PRO A 453 -0.90 6.62 29.38
N LEU A 454 -0.71 5.33 29.64
CA LEU A 454 0.52 4.67 29.22
C LEU A 454 0.58 4.46 27.71
N ALA A 455 -0.58 4.35 27.06
CA ALA A 455 -0.65 4.12 25.61
C ALA A 455 -0.91 5.41 24.84
N MET A 456 -0.39 6.54 25.32
CA MET A 456 -0.60 7.83 24.67
C MET A 456 0.65 8.39 24.02
N PHE A 457 1.79 8.36 24.70
CA PHE A 457 3.01 8.90 24.13
C PHE A 457 3.73 7.88 23.27
N SER A 458 4.26 8.34 22.14
CA SER A 458 4.96 7.49 21.19
C SER A 458 6.47 7.68 21.34
N GLY A 459 7.24 7.07 20.46
CA GLY A 459 8.68 7.17 20.50
C GLY A 459 9.37 5.82 20.63
N ALA A 460 10.60 5.83 21.12
CA ALA A 460 11.36 4.60 21.31
C ALA A 460 10.89 3.79 22.51
N ALA A 461 9.95 4.31 23.31
CA ALA A 461 9.43 3.60 24.46
C ALA A 461 7.92 3.56 24.52
N GLY A 462 7.21 4.32 23.67
CA GLY A 462 5.76 4.33 23.73
C GLY A 462 5.13 2.99 23.37
N ASN A 463 5.83 2.17 22.58
CA ASN A 463 5.27 0.89 22.17
C ASN A 463 5.12 -0.06 23.35
N ILE A 464 6.12 -0.11 24.22
CA ILE A 464 6.08 -1.02 25.36
C ILE A 464 4.95 -0.62 26.31
N TYR A 465 4.88 0.68 26.64
CA TYR A 465 3.81 1.15 27.51
C TYR A 465 2.45 0.93 26.87
N LYS A 466 2.34 1.12 25.56
CA LYS A 466 1.07 0.91 24.87
C LYS A 466 0.64 -0.55 24.97
N GLN A 467 1.57 -1.48 24.72
CA GLN A 467 1.26 -2.90 24.82
C GLN A 467 0.81 -3.26 26.24
N PHE A 468 1.57 -2.81 27.24
CA PHE A 468 1.25 -3.13 28.62
C PHE A 468 -0.12 -2.57 29.01
N ALA A 469 -0.37 -1.30 28.69
CA ALA A 469 -1.63 -0.67 29.07
C ALA A 469 -2.80 -1.32 28.36
N LEU A 470 -2.65 -1.66 27.07
CA LEU A 470 -3.74 -2.28 26.34
C LEU A 470 -4.05 -3.67 26.88
N THR A 471 -3.02 -4.45 27.16
CA THR A 471 -3.24 -5.78 27.76
C THR A 471 -3.95 -5.66 29.11
N MET A 472 -3.48 -4.73 29.95
CA MET A 472 -4.10 -4.54 31.26
C MET A 472 -5.56 -4.14 31.14
N ALA A 473 -5.85 -3.16 30.26
CA ALA A 473 -7.22 -2.67 30.12
C ALA A 473 -8.13 -3.74 29.54
N SER A 474 -7.64 -4.51 28.57
CA SER A 474 -8.44 -5.61 28.03
C SER A 474 -8.75 -6.63 29.12
N SER A 475 -7.75 -7.01 29.90
CA SER A 475 -8.00 -7.97 30.98
C SER A 475 -8.98 -7.42 32.00
N ILE A 476 -8.90 -6.13 32.32
CA ILE A 476 -9.80 -5.54 33.31
C ILE A 476 -11.23 -5.52 32.79
N ALA A 477 -11.42 -5.07 31.54
CA ALA A 477 -12.77 -5.02 30.99
C ALA A 477 -13.37 -6.41 30.86
N PHE A 478 -12.57 -7.39 30.40
CA PHE A 478 -13.09 -8.74 30.28
C PHE A 478 -13.41 -9.33 31.64
N SER A 479 -12.60 -9.02 32.67
CA SER A 479 -12.89 -9.50 34.01
C SER A 479 -14.17 -8.89 34.55
N ALA A 480 -14.38 -7.60 34.32
CA ALA A 480 -15.61 -6.95 34.78
C ALA A 480 -16.84 -7.55 34.13
N PHE A 481 -16.78 -7.74 32.80
CA PHE A 481 -17.91 -8.35 32.10
C PHE A 481 -18.14 -9.78 32.57
N LEU A 482 -17.05 -10.55 32.72
CA LEU A 482 -17.16 -11.93 33.16
C LEU A 482 -17.78 -12.02 34.54
N ALA A 483 -17.35 -11.14 35.45
CA ALA A 483 -17.98 -11.07 36.76
C ALA A 483 -19.47 -10.82 36.63
N LEU A 484 -19.84 -9.66 36.07
CA LEU A 484 -21.24 -9.23 36.03
C LEU A 484 -22.15 -10.21 35.30
N THR A 485 -21.59 -11.04 34.41
CA THR A 485 -22.43 -12.02 33.72
C THR A 485 -22.43 -13.39 34.41
N LEU A 486 -21.25 -14.00 34.57
CA LEU A 486 -21.17 -15.39 34.98
C LEU A 486 -21.15 -15.57 36.50
N THR A 487 -20.58 -14.63 37.25
CA THR A 487 -20.43 -14.84 38.70
C THR A 487 -21.76 -14.97 39.42
N PRO A 488 -22.77 -14.13 39.18
CA PRO A 488 -24.08 -14.36 39.82
C PRO A 488 -24.69 -15.70 39.46
N ALA A 489 -24.59 -16.11 38.20
CA ALA A 489 -25.13 -17.41 37.80
C ALA A 489 -24.41 -18.55 38.50
N LEU A 490 -23.08 -18.45 38.59
CA LEU A 490 -22.31 -19.47 39.29
C LEU A 490 -22.70 -19.54 40.77
N CYS A 491 -22.76 -18.38 41.43
CA CYS A 491 -23.14 -18.35 42.83
C CYS A 491 -24.57 -18.85 43.06
N ALA A 492 -25.44 -18.71 42.06
CA ALA A 492 -26.81 -19.19 42.21
C ALA A 492 -26.93 -20.69 41.93
N THR A 493 -26.07 -21.23 41.07
CA THR A 493 -26.15 -22.64 40.71
C THR A 493 -25.07 -23.50 41.35
N MET A 494 -23.93 -22.92 41.72
CA MET A 494 -22.83 -23.68 42.32
C MET A 494 -22.85 -23.67 43.83
N LEU A 495 -23.20 -22.54 44.45
CA LEU A 495 -23.17 -22.44 45.90
C LEU A 495 -24.38 -23.15 46.50
N LYS A 496 -24.18 -23.65 47.72
CA LYS A 496 -25.23 -24.32 48.49
C LYS A 496 -25.55 -23.49 49.72
N THR A 497 -26.84 -23.40 50.03
CA THR A 497 -27.25 -22.67 51.23
C THR A 497 -26.79 -23.43 52.47
N ILE A 498 -26.16 -22.71 53.39
CA ILE A 498 -25.65 -23.32 54.62
C ILE A 498 -26.83 -23.79 55.46
N GLY A 508 -9.14 -27.71 63.60
CA GLY A 508 -7.97 -27.87 62.76
C GLY A 508 -7.23 -26.56 62.64
N PHE A 509 -6.45 -26.45 61.55
CA PHE A 509 -5.69 -25.24 61.30
C PHE A 509 -6.61 -24.05 61.00
N PHE A 510 -7.76 -24.33 60.39
CA PHE A 510 -8.70 -23.27 60.01
C PHE A 510 -9.21 -22.51 61.22
N GLY A 511 -9.52 -23.24 62.30
CA GLY A 511 -10.01 -22.58 63.51
C GLY A 511 -8.98 -21.67 64.14
N TRP A 512 -7.73 -22.15 64.25
CA TRP A 512 -6.67 -21.32 64.80
C TRP A 512 -6.43 -20.09 63.92
N PHE A 513 -6.44 -20.27 62.60
CA PHE A 513 -6.25 -19.15 61.70
C PHE A 513 -7.38 -18.13 61.84
N ASN A 514 -8.62 -18.60 61.96
CA ASN A 514 -9.75 -17.70 62.10
C ASN A 514 -9.69 -16.95 63.43
N LYS A 515 -9.30 -17.63 64.51
CA LYS A 515 -9.18 -16.95 65.80
C LYS A 515 -8.09 -15.89 65.77
N LYS A 516 -6.93 -16.23 65.19
CA LYS A 516 -5.86 -15.24 65.08
C LYS A 516 -6.26 -14.08 64.18
N PHE A 517 -7.03 -14.35 63.13
CA PHE A 517 -7.47 -13.27 62.25
C PHE A 517 -8.47 -12.36 62.95
N ASP A 518 -9.36 -12.93 63.77
CA ASP A 518 -10.29 -12.10 64.53
C ASP A 518 -9.55 -11.27 65.58
N SER A 519 -8.53 -11.85 66.20
CA SER A 519 -7.71 -11.08 67.14
C SER A 519 -6.99 -9.93 66.42
N TRP A 520 -6.45 -10.21 65.23
CA TRP A 520 -5.81 -9.16 64.44
C TRP A 520 -6.81 -8.08 64.06
N THR A 521 -8.04 -8.46 63.74
CA THR A 521 -9.06 -7.48 63.39
C THR A 521 -9.41 -6.61 64.58
N HIS A 522 -9.56 -7.22 65.76
CA HIS A 522 -9.83 -6.43 66.97
C HIS A 522 -8.70 -5.46 67.26
N GLY A 523 -7.45 -5.93 67.14
CA GLY A 523 -6.32 -5.05 67.36
C GLY A 523 -6.27 -3.92 66.35
N TYR A 524 -6.57 -4.21 65.09
CA TYR A 524 -6.59 -3.19 64.06
C TYR A 524 -7.66 -2.15 64.33
N GLU A 525 -8.84 -2.59 64.78
CA GLU A 525 -9.90 -1.65 65.14
C GLU A 525 -9.47 -0.77 66.30
N GLY A 526 -8.90 -1.38 67.34
CA GLY A 526 -8.45 -0.60 68.48
C GLY A 526 -7.36 0.39 68.12
N ARG A 527 -6.50 0.05 67.16
CA ARG A 527 -5.44 0.97 66.75
C ARG A 527 -5.98 2.09 65.86
N VAL A 528 -6.85 1.76 64.91
CA VAL A 528 -7.44 2.77 64.04
C VAL A 528 -8.31 3.74 64.83
N ALA A 529 -8.89 3.27 65.94
CA ALA A 529 -9.66 4.17 66.80
C ALA A 529 -8.77 5.29 67.34
N LYS A 530 -7.60 4.94 67.88
CA LYS A 530 -6.68 5.96 68.34
C LYS A 530 -6.08 6.75 67.18
N VAL A 531 -5.99 6.13 66.00
CA VAL A 531 -5.46 6.82 64.83
C VAL A 531 -6.38 7.98 64.44
N LEU A 532 -7.67 7.72 64.34
CA LEU A 532 -8.64 8.75 63.99
C LEU A 532 -9.11 9.56 65.19
N ARG A 533 -8.70 9.20 66.41
CA ARG A 533 -9.05 10.01 67.57
C ARG A 533 -8.33 11.35 67.58
N LYS A 534 -7.20 11.39 66.89
CA LYS A 534 -6.36 12.62 66.73
C LYS A 534 -6.09 12.80 65.24
N THR A 535 -6.30 13.99 64.68
CA THR A 535 -6.06 14.20 63.26
C THR A 535 -5.15 15.40 63.02
N PHE A 536 -4.09 15.52 63.81
CA PHE A 536 -3.10 16.58 63.61
C PHE A 536 -1.71 16.04 63.34
N ARG A 537 -1.23 15.08 64.14
CA ARG A 537 0.10 14.55 63.94
C ARG A 537 0.13 13.53 62.81
N MET A 538 -0.97 12.79 62.61
CA MET A 538 -1.01 11.85 61.49
C MET A 538 -0.87 12.56 60.16
N MET A 539 -1.43 13.77 60.03
CA MET A 539 -1.29 14.51 58.79
C MET A 539 0.15 14.88 58.51
N VAL A 540 0.87 15.36 59.52
CA VAL A 540 2.26 15.76 59.31
C VAL A 540 3.14 14.54 59.06
N VAL A 541 2.84 13.42 59.72
CA VAL A 541 3.63 12.21 59.48
C VAL A 541 3.36 11.68 58.08
N TYR A 542 2.11 11.80 57.60
CA TYR A 542 1.81 11.37 56.23
C TYR A 542 2.50 12.27 55.22
N ILE A 543 2.53 13.59 55.48
CA ILE A 543 3.22 14.50 54.59
C ILE A 543 4.71 14.19 54.55
N GLY A 544 5.30 13.88 55.71
CA GLY A 544 6.71 13.51 55.73
C GLY A 544 6.97 12.21 55.00
N LEU A 545 6.07 11.24 55.15
CA LEU A 545 6.21 9.98 54.41
C LEU A 545 6.16 10.21 52.91
N ALA A 546 5.20 11.02 52.45
CA ALA A 546 5.09 11.30 51.03
C ALA A 546 6.31 12.04 50.50
N VAL A 547 6.81 13.02 51.27
CA VAL A 547 7.95 13.79 50.81
C VAL A 547 9.20 12.94 50.77
N VAL A 548 9.41 12.09 51.78
CA VAL A 548 10.58 11.21 51.77
C VAL A 548 10.47 10.18 50.65
N GLY A 549 9.24 9.75 50.34
CA GLY A 549 9.06 8.81 49.24
C GLY A 549 9.38 9.44 47.90
N VAL A 550 8.89 10.66 47.67
CA VAL A 550 9.21 11.34 46.41
C VAL A 550 10.69 11.66 46.34
N PHE A 551 11.33 11.94 47.49
CA PHE A 551 12.77 12.17 47.49
C PHE A 551 13.53 10.91 47.12
N LEU A 552 13.14 9.77 47.70
CA LEU A 552 13.78 8.50 47.34
C LEU A 552 13.53 8.15 45.87
N PHE A 553 12.37 8.52 45.34
CA PHE A 553 12.10 8.27 43.93
C PHE A 553 12.97 9.14 43.03
N MET A 554 13.13 10.42 43.38
CA MET A 554 13.97 11.30 42.60
C MET A 554 15.46 10.98 42.73
N ARG A 555 15.85 10.26 43.79
CA ARG A 555 17.24 9.88 44.00
C ARG A 555 17.58 8.52 43.39
N LEU A 556 16.78 8.05 42.43
CA LEU A 556 17.04 6.78 41.79
C LEU A 556 17.61 6.97 40.39
N PRO A 557 18.59 6.16 39.99
CA PRO A 557 19.17 6.29 38.64
C PRO A 557 18.15 5.90 37.59
N THR A 558 17.82 6.85 36.72
CA THR A 558 16.89 6.59 35.64
C THR A 558 17.54 5.71 34.58
N SER A 559 16.82 4.70 34.12
CA SER A 559 17.33 3.78 33.11
C SER A 559 16.19 3.36 32.20
N PHE A 560 16.52 2.55 31.19
CA PHE A 560 15.55 2.07 30.22
C PHE A 560 15.31 0.57 30.34
N LEU A 561 16.37 -0.24 30.26
CA LEU A 561 16.26 -1.68 30.36
C LEU A 561 17.60 -2.24 30.83
N PRO A 562 17.60 -3.18 31.77
CA PRO A 562 18.86 -3.76 32.22
C PRO A 562 19.46 -4.69 31.17
N THR A 563 20.70 -5.09 31.42
CA THR A 563 21.44 -5.98 30.53
C THR A 563 21.14 -7.43 30.93
N GLU A 564 20.41 -8.14 30.08
CA GLU A 564 20.10 -9.54 30.33
C GLU A 564 21.27 -10.42 29.91
N ASP A 565 21.33 -11.60 30.51
CA ASP A 565 22.34 -12.61 30.18
C ASP A 565 21.76 -13.53 29.12
N GLN A 566 22.09 -13.26 27.86
CA GLN A 566 21.56 -14.03 26.74
C GLN A 566 22.40 -15.26 26.42
N GLY A 567 23.56 -15.43 27.04
CA GLY A 567 24.37 -16.60 26.84
C GLY A 567 25.52 -16.47 25.87
N PHE A 568 25.89 -15.25 25.48
CA PHE A 568 26.98 -15.07 24.54
C PHE A 568 27.59 -13.69 24.75
N VAL A 569 28.86 -13.56 24.36
CA VAL A 569 29.59 -12.31 24.44
C VAL A 569 30.23 -12.03 23.08
N MET A 570 30.44 -10.74 22.81
CA MET A 570 31.02 -10.28 21.55
C MET A 570 32.47 -9.87 21.80
N VAL A 571 33.40 -10.54 21.14
CA VAL A 571 34.83 -10.21 21.23
C VAL A 571 35.22 -9.48 19.95
N SER A 572 36.06 -8.46 20.09
CA SER A 572 36.57 -7.70 18.96
C SER A 572 38.09 -7.65 19.04
N VAL A 573 38.73 -7.70 17.87
CA VAL A 573 40.18 -7.64 17.78
C VAL A 573 40.54 -6.63 16.71
N GLN A 574 41.40 -5.66 17.07
CA GLN A 574 41.81 -4.60 16.16
C GLN A 574 43.33 -4.46 16.26
N LEU A 575 44.03 -4.88 15.20
CA LEU A 575 45.47 -4.75 15.14
C LEU A 575 45.87 -3.36 14.69
N PRO A 576 47.14 -2.99 14.83
CA PRO A 576 47.57 -1.66 14.40
C PRO A 576 47.38 -1.46 12.90
N ALA A 577 47.42 -0.19 12.50
CA ALA A 577 47.22 0.15 11.11
C ALA A 577 48.33 -0.43 10.23
N GLY A 578 47.94 -1.02 9.11
CA GLY A 578 48.87 -1.64 8.20
C GLY A 578 49.09 -3.13 8.42
N ALA A 579 48.43 -3.72 9.41
CA ALA A 579 48.59 -5.14 9.67
C ALA A 579 47.95 -5.97 8.55
N THR A 580 48.37 -7.22 8.46
CA THR A 580 47.88 -8.14 7.45
C THR A 580 47.00 -9.20 8.08
N LYS A 581 46.54 -10.14 7.25
CA LYS A 581 45.68 -11.22 7.74
C LYS A 581 46.45 -12.29 8.48
N GLU A 582 47.75 -12.47 8.19
CA GLU A 582 48.53 -13.50 8.86
C GLU A 582 48.72 -13.19 10.33
N ARG A 583 48.77 -11.91 10.71
CA ARG A 583 48.87 -11.53 12.11
C ARG A 583 47.53 -11.51 12.82
N THR A 584 46.47 -11.08 12.11
CA THR A 584 45.14 -11.16 12.68
C THR A 584 44.74 -12.60 12.96
N ASP A 585 45.18 -13.54 12.11
CA ASP A 585 44.89 -14.94 12.35
C ASP A 585 45.58 -15.45 13.60
N ALA A 586 46.83 -15.03 13.82
CA ALA A 586 47.53 -15.44 15.03
C ALA A 586 46.88 -14.83 16.27
N THR A 587 46.45 -13.58 16.19
CA THR A 587 45.75 -12.96 17.31
C THR A 587 44.44 -13.67 17.60
N LEU A 588 43.71 -14.07 16.55
CA LEU A 588 42.48 -14.81 16.74
C LEU A 588 42.74 -16.19 17.34
N ALA A 589 43.84 -16.82 16.95
CA ALA A 589 44.20 -18.10 17.55
C ALA A 589 44.52 -17.94 19.04
N GLN A 590 45.22 -16.87 19.40
CA GLN A 590 45.47 -16.60 20.81
C GLN A 590 44.17 -16.34 21.57
N VAL A 591 43.25 -15.59 20.95
CA VAL A 591 41.97 -15.32 21.60
C VAL A 591 41.17 -16.60 21.79
N THR A 592 41.22 -17.51 20.81
CA THR A 592 40.52 -18.78 20.94
C THR A 592 41.14 -19.63 22.03
N GLN A 593 42.47 -19.68 22.10
CA GLN A 593 43.13 -20.43 23.17
C GLN A 593 42.81 -19.85 24.54
N LEU A 594 42.65 -18.52 24.63
CA LEU A 594 42.26 -17.92 25.90
C LEU A 594 40.82 -18.25 26.26
N ALA A 595 39.90 -18.17 25.28
CA ALA A 595 38.50 -18.49 25.55
C ALA A 595 38.33 -19.95 25.90
N LYS A 596 39.21 -20.83 25.41
CA LYS A 596 39.15 -22.24 25.77
C LYS A 596 39.48 -22.49 27.24
N SER A 597 40.10 -21.53 27.92
CA SER A 597 40.46 -21.70 29.33
C SER A 597 39.31 -21.39 30.27
N ILE A 598 38.34 -20.58 29.85
CA ILE A 598 37.20 -20.24 30.70
C ILE A 598 36.17 -21.37 30.63
N PRO A 599 35.82 -21.99 31.77
CA PRO A 599 34.85 -23.09 31.72
C PRO A 599 33.45 -22.66 31.34
N GLU A 600 33.12 -21.37 31.43
CA GLU A 600 31.79 -20.88 31.12
C GLU A 600 31.56 -20.63 29.64
N ILE A 601 32.48 -21.06 28.78
CA ILE A 601 32.37 -20.88 27.34
C ILE A 601 32.46 -22.25 26.68
N GLU A 602 31.47 -22.60 25.87
CA GLU A 602 31.43 -23.89 25.21
C GLU A 602 31.86 -23.84 23.75
N ASN A 603 31.54 -22.76 23.05
CA ASN A 603 31.91 -22.60 21.64
C ASN A 603 32.26 -21.15 21.37
N ILE A 604 33.09 -20.95 20.35
CA ILE A 604 33.51 -19.61 19.93
C ILE A 604 33.67 -19.61 18.42
N ILE A 605 33.03 -18.64 17.77
CA ILE A 605 33.11 -18.46 16.33
C ILE A 605 33.91 -17.20 16.05
N THR A 606 34.99 -17.33 15.30
CA THR A 606 35.87 -16.22 14.98
C THR A 606 35.69 -15.86 13.50
N VAL A 607 35.40 -14.59 13.24
CA VAL A 607 35.23 -14.08 11.88
C VAL A 607 36.40 -13.16 11.58
N SER A 608 37.27 -13.58 10.68
CA SER A 608 38.44 -12.81 10.28
C SER A 608 38.16 -12.06 9.00
N GLY A 609 38.57 -10.79 8.96
CA GLY A 609 38.37 -9.95 7.81
C GLY A 609 37.10 -9.13 7.81
N PHE A 610 36.36 -9.11 8.92
CA PHE A 610 35.11 -8.37 8.98
C PHE A 610 34.77 -8.10 10.43
N SER A 611 34.26 -6.89 10.69
CA SER A 611 33.83 -6.52 12.04
C SER A 611 32.76 -5.44 11.91
N PHE A 612 32.00 -5.27 12.98
CA PHE A 612 30.95 -4.25 12.97
C PHE A 612 31.54 -2.84 12.92
N SER A 613 32.76 -2.66 13.42
CA SER A 613 33.42 -1.37 13.32
C SER A 613 33.85 -1.07 11.89
N GLY A 614 34.25 -2.11 11.15
CA GLY A 614 34.65 -1.92 9.78
C GLY A 614 35.21 -3.21 9.20
N SER A 615 35.63 -3.13 7.94
CA SER A 615 36.20 -4.25 7.23
C SER A 615 37.67 -3.97 6.93
N GLY A 616 38.50 -5.00 7.09
CA GLY A 616 39.92 -4.84 6.84
C GLY A 616 40.67 -6.06 7.31
N GLN A 617 41.93 -6.15 6.88
CA GLN A 617 42.78 -7.27 7.25
C GLN A 617 43.32 -7.17 8.67
N ASN A 618 43.12 -6.04 9.35
CA ASN A 618 43.66 -5.84 10.69
C ASN A 618 42.57 -5.82 11.75
N MET A 619 41.36 -6.30 11.43
CA MET A 619 40.26 -6.30 12.38
C MET A 619 39.43 -7.57 12.20
N ALA A 620 38.85 -8.03 13.30
CA ALA A 620 38.04 -9.24 13.29
C ALA A 620 37.13 -9.23 14.51
N MET A 621 36.14 -10.12 14.50
CA MET A 621 35.20 -10.24 15.60
C MET A 621 34.97 -11.72 15.89
N GLY A 622 34.29 -11.97 16.99
CA GLY A 622 34.00 -13.33 17.42
C GLY A 622 32.83 -13.38 18.37
N PHE A 623 32.14 -14.51 18.38
CA PHE A 623 30.97 -14.73 19.22
C PHE A 623 31.29 -15.86 20.18
N ALA A 624 31.54 -15.53 21.44
CA ALA A 624 31.83 -16.54 22.46
C ALA A 624 30.52 -16.99 23.08
N ILE A 625 30.15 -18.24 22.83
CA ILE A 625 28.89 -18.79 23.32
C ILE A 625 29.13 -19.45 24.68
N LEU A 626 28.31 -19.08 25.66
CA LEU A 626 28.43 -19.60 27.02
C LEU A 626 27.59 -20.87 27.16
N LYS A 627 27.68 -21.50 28.31
CA LYS A 627 26.92 -22.71 28.60
C LYS A 627 25.50 -22.35 28.99
N ASP A 628 24.70 -23.37 29.32
CA ASP A 628 23.33 -23.13 29.75
C ASP A 628 23.31 -22.49 31.12
N TRP A 629 22.24 -21.74 31.40
CA TRP A 629 22.11 -21.05 32.68
C TRP A 629 22.07 -22.03 33.86
N ASN A 630 21.66 -23.27 33.62
CA ASN A 630 21.62 -24.25 34.71
C ASN A 630 23.02 -24.58 35.23
N GLU A 631 24.02 -24.52 34.35
CA GLU A 631 25.40 -24.82 34.75
C GLU A 631 26.15 -23.58 35.21
N ARG A 632 25.74 -22.39 34.78
CA ARG A 632 26.41 -21.15 35.18
C ARG A 632 25.70 -20.57 36.39
N THR A 633 25.90 -21.22 37.53
CA THR A 633 25.31 -20.82 38.80
C THR A 633 26.45 -20.49 39.76
N ALA A 634 26.87 -19.24 39.74
CA ALA A 634 27.92 -18.73 40.63
C ALA A 634 27.96 -17.21 40.46
N SER A 635 28.90 -16.57 41.15
CA SER A 635 29.03 -15.12 41.05
C SER A 635 29.74 -14.73 39.76
N GLY A 636 30.93 -15.28 39.53
CA GLY A 636 31.69 -14.97 38.34
C GLY A 636 31.39 -15.92 37.19
N SER A 637 30.11 -16.07 36.86
CA SER A 637 29.70 -16.96 35.78
C SER A 637 28.73 -16.30 34.79
N ASP A 638 28.24 -15.10 35.07
CA ASP A 638 27.34 -14.44 34.14
C ASP A 638 28.12 -13.86 32.96
N ALA A 639 27.40 -13.17 32.06
CA ALA A 639 28.03 -12.64 30.87
C ALA A 639 29.00 -11.51 31.20
N VAL A 640 28.62 -10.62 32.12
CA VAL A 640 29.47 -9.48 32.45
C VAL A 640 30.76 -9.91 33.13
N ALA A 641 30.76 -11.03 33.85
CA ALA A 641 31.98 -11.53 34.47
C ALA A 641 32.87 -12.26 33.48
N VAL A 642 32.27 -13.04 32.58
CA VAL A 642 33.06 -13.72 31.55
C VAL A 642 33.70 -12.69 30.62
N ALA A 643 32.98 -11.62 30.30
CA ALA A 643 33.55 -10.57 29.47
C ALA A 643 34.74 -9.90 30.15
N GLY A 644 34.61 -9.62 31.45
CA GLY A 644 35.71 -9.04 32.18
C GLY A 644 36.91 -9.96 32.26
N LYS A 645 36.66 -11.26 32.46
CA LYS A 645 37.76 -12.22 32.48
C LYS A 645 38.46 -12.29 31.13
N LEU A 646 37.69 -12.32 30.04
CA LEU A 646 38.30 -12.34 28.71
C LEU A 646 39.12 -11.08 28.45
N THR A 647 38.59 -9.92 28.86
CA THR A 647 39.32 -8.67 28.66
C THR A 647 40.62 -8.66 29.48
N GLY A 648 40.56 -9.12 30.73
CA GLY A 648 41.76 -9.16 31.54
C GLY A 648 42.80 -10.13 31.02
N MET A 649 42.35 -11.25 30.46
CA MET A 649 43.30 -12.21 29.89
C MET A 649 43.89 -11.70 28.59
N MET A 650 43.10 -11.02 27.76
CA MET A 650 43.60 -10.51 26.48
C MET A 650 44.50 -9.30 26.67
N MET A 651 44.30 -8.52 27.74
CA MET A 651 45.18 -7.40 28.01
C MET A 651 46.59 -7.85 28.36
N GLY A 652 46.76 -9.08 28.85
CA GLY A 652 48.07 -9.58 29.22
C GLY A 652 48.66 -10.54 28.21
N THR A 653 47.81 -11.29 27.50
CA THR A 653 48.32 -12.29 26.56
C THR A 653 48.56 -11.69 25.18
N LEU A 654 47.61 -10.91 24.66
CA LEU A 654 47.72 -10.38 23.31
C LEU A 654 48.87 -9.38 23.22
N LYS A 655 49.64 -9.46 22.14
CA LYS A 655 50.77 -8.58 21.91
C LYS A 655 50.55 -7.59 20.78
N ASP A 656 50.01 -8.03 19.64
CA ASP A 656 49.78 -7.13 18.52
C ASP A 656 48.57 -6.23 18.77
N GLY A 657 47.40 -6.83 18.93
CA GLY A 657 46.18 -6.09 19.20
C GLY A 657 45.85 -6.07 20.68
N PHE A 658 44.68 -5.51 20.97
CA PHE A 658 44.19 -5.41 22.35
C PHE A 658 42.94 -6.25 22.58
N GLY A 659 41.93 -6.13 21.72
CA GLY A 659 40.71 -6.90 21.88
C GLY A 659 39.83 -6.39 23.00
N ILE A 660 38.51 -6.47 22.80
CA ILE A 660 37.54 -6.03 23.79
C ILE A 660 36.39 -7.01 23.82
N ALA A 661 35.99 -7.44 25.02
CA ALA A 661 34.89 -8.36 25.22
C ALA A 661 33.73 -7.58 25.84
N VAL A 662 32.58 -7.62 25.17
CA VAL A 662 31.41 -6.86 25.59
C VAL A 662 30.19 -7.77 25.60
N VAL A 663 29.16 -7.33 26.30
CA VAL A 663 27.87 -8.02 26.34
C VAL A 663 26.85 -7.15 25.60
N PRO A 664 26.20 -7.67 24.57
CA PRO A 664 25.26 -6.85 23.79
C PRO A 664 24.03 -6.50 24.61
N PRO A 665 23.46 -5.33 24.41
CA PRO A 665 22.26 -4.93 25.15
C PRO A 665 21.04 -5.72 24.67
N PRO A 666 19.93 -5.66 25.41
CA PRO A 666 18.74 -6.39 24.96
C PRO A 666 18.13 -5.84 23.68
N ILE A 667 18.15 -4.52 23.51
CA ILE A 667 17.63 -3.87 22.30
C ILE A 667 18.79 -3.15 21.63
N LEU A 668 19.03 -3.46 20.35
CA LEU A 668 20.14 -2.87 19.62
C LEU A 668 19.87 -1.44 19.19
N GLU A 669 18.59 -1.05 19.06
CA GLU A 669 18.26 0.29 18.61
C GLU A 669 18.52 1.35 19.68
N LEU A 670 18.54 0.96 20.95
CA LEU A 670 18.78 1.88 22.06
C LEU A 670 19.94 1.39 22.90
N GLY A 671 20.72 2.34 23.43
CA GLY A 671 21.84 1.98 24.28
C GLY A 671 21.43 1.83 25.73
N ASN A 672 22.27 1.11 26.49
CA ASN A 672 21.97 0.87 27.89
C ASN A 672 22.22 2.10 28.76
N GLY A 673 23.26 2.87 28.44
CA GLY A 673 23.64 3.99 29.27
C GLY A 673 24.19 5.15 28.47
N SER A 674 25.38 5.63 28.85
CA SER A 674 26.03 6.75 28.20
C SER A 674 26.36 6.36 26.76
N GLY A 675 25.62 6.93 25.80
CA GLY A 675 25.88 6.68 24.40
C GLY A 675 25.93 7.94 23.56
N LEU A 676 26.43 9.02 24.16
CA LEU A 676 26.50 10.30 23.45
C LEU A 676 27.47 10.20 22.28
N SER A 677 26.93 10.33 21.06
CA SER A 677 27.71 10.23 19.83
C SER A 677 27.55 11.52 19.05
N ILE A 678 28.67 12.12 18.65
CA ILE A 678 28.68 13.37 17.90
C ILE A 678 29.26 13.10 16.51
N ASN A 679 28.72 13.76 15.50
CA ASN A 679 29.24 13.71 14.14
C ASN A 679 29.61 15.13 13.74
N LEU A 680 30.91 15.40 13.61
CA LEU A 680 31.38 16.70 13.18
C LEU A 680 31.47 16.71 11.65
N GLN A 681 30.68 17.56 11.02
CA GLN A 681 30.60 17.65 9.57
C GLN A 681 31.28 18.90 9.05
N ASP A 682 31.92 18.77 7.89
CA ASP A 682 32.56 19.87 7.20
C ASP A 682 31.60 20.43 6.17
N ARG A 683 31.30 21.73 6.26
CA ARG A 683 30.32 22.37 5.38
C ARG A 683 30.94 22.99 4.14
N ASN A 684 32.24 23.26 4.14
CA ASN A 684 32.90 23.90 3.01
C ASN A 684 33.92 22.99 2.32
N ASN A 685 34.02 21.73 2.74
CA ASN A 685 34.97 20.78 2.16
C ASN A 685 36.41 21.28 2.31
N THR A 686 36.77 21.58 3.55
CA THR A 686 38.13 22.06 3.83
C THR A 686 39.15 20.95 3.67
N GLY A 687 38.78 19.72 4.00
CA GLY A 687 39.69 18.60 3.88
C GLY A 687 39.60 17.62 5.03
N HIS A 688 40.43 16.58 5.01
CA HIS A 688 40.41 15.61 6.10
C HIS A 688 41.30 16.04 7.25
N THR A 689 42.43 16.70 6.96
CA THR A 689 43.33 17.12 8.02
C THR A 689 42.69 18.20 8.89
N ALA A 690 42.00 19.16 8.27
CA ALA A 690 41.34 20.21 9.04
C ALA A 690 40.23 19.63 9.91
N LEU A 691 39.45 18.69 9.36
CA LEU A 691 38.38 18.08 10.15
C LEU A 691 38.95 17.25 11.30
N LEU A 692 40.07 16.57 11.06
CA LEU A 692 40.71 15.82 12.14
C LEU A 692 41.23 16.74 13.23
N ALA A 693 41.82 17.87 12.84
CA ALA A 693 42.29 18.84 13.83
C ALA A 693 41.13 19.41 14.63
N LYS A 694 40.01 19.71 13.95
CA LYS A 694 38.84 20.22 14.66
C LYS A 694 38.28 19.17 15.62
N ARG A 695 38.28 17.91 15.21
CA ARG A 695 37.80 16.85 16.10
C ARG A 695 38.72 16.70 17.31
N ASN A 696 40.03 16.81 17.10
CA ASN A 696 40.95 16.74 18.24
C ASN A 696 40.75 17.92 19.18
N GLU A 697 40.51 19.11 18.63
CA GLU A 697 40.24 20.27 19.46
C GLU A 697 38.96 20.08 20.27
N LEU A 698 37.91 19.57 19.63
CA LEU A 698 36.67 19.31 20.34
C LEU A 698 36.85 18.27 21.43
N ILE A 699 37.65 17.24 21.17
CA ILE A 699 37.91 16.21 22.17
C ILE A 699 38.65 16.79 23.36
N GLN A 700 39.66 17.62 23.09
CA GLN A 700 40.42 18.22 24.18
C GLN A 700 39.58 19.22 24.96
N LYS A 701 38.62 19.87 24.29
CA LYS A 701 37.72 20.77 25.00
C LYS A 701 36.74 20.00 25.88
N MET A 702 36.24 18.86 25.38
CA MET A 702 35.32 18.05 26.17
C MET A 702 36.02 17.42 27.36
N ARG A 703 37.28 17.01 27.18
CA ARG A 703 38.04 16.42 28.28
C ARG A 703 38.53 17.46 29.29
N ALA A 704 38.63 18.72 28.88
CA ALA A 704 39.11 19.79 29.74
C ALA A 704 37.98 20.75 30.13
N SER A 705 36.78 20.22 30.31
CA SER A 705 35.62 21.01 30.70
C SER A 705 34.94 20.54 31.97
N GLY A 706 35.22 19.33 32.44
CA GLY A 706 34.60 18.80 33.63
C GLY A 706 33.24 18.19 33.43
N LEU A 707 32.57 18.45 32.31
CA LEU A 707 31.26 17.87 32.05
C LEU A 707 31.34 16.40 31.66
N PHE A 708 32.50 15.94 31.18
CA PHE A 708 32.68 14.56 30.76
C PHE A 708 33.88 13.97 31.48
N ASP A 709 33.91 12.64 31.54
CA ASP A 709 35.07 11.98 32.13
C ASP A 709 36.11 11.70 31.05
N PRO A 710 37.40 11.93 31.34
CA PRO A 710 38.44 11.71 30.31
C PRO A 710 38.61 10.26 29.91
N SER A 711 38.10 9.30 30.70
CA SER A 711 38.21 7.89 30.36
C SER A 711 37.20 7.45 29.31
N THR A 712 36.33 8.34 28.85
CA THR A 712 35.32 7.99 27.86
C THR A 712 35.42 8.80 26.57
N VAL A 713 35.86 10.05 26.63
CA VAL A 713 35.96 10.88 25.44
C VAL A 713 37.06 10.32 24.54
N ARG A 714 36.67 9.75 23.40
CA ARG A 714 37.61 9.15 22.48
C ARG A 714 37.07 9.25 21.06
N ALA A 715 37.99 9.37 20.10
CA ALA A 715 37.62 9.44 18.70
C ALA A 715 37.25 8.06 18.17
N GLY A 716 36.21 8.00 17.36
CA GLY A 716 35.75 6.76 16.77
C GLY A 716 36.26 6.55 15.36
N GLY A 717 35.94 5.38 14.82
CA GLY A 717 36.36 5.03 13.47
C GLY A 717 37.72 4.35 13.48
N LEU A 718 38.62 4.85 12.64
CA LEU A 718 39.97 4.32 12.52
C LEU A 718 40.97 5.48 12.54
N GLU A 719 42.24 5.16 12.37
CA GLU A 719 43.31 6.14 12.31
C GLU A 719 44.00 6.07 10.96
N ASP A 720 44.78 7.10 10.67
CA ASP A 720 45.48 7.19 9.40
C ASP A 720 46.53 6.09 9.29
N SER A 721 46.79 5.66 8.05
CA SER A 721 47.78 4.63 7.76
C SER A 721 48.72 5.12 6.67
N PRO A 722 49.90 4.52 6.58
CA PRO A 722 50.82 4.88 5.48
C PRO A 722 50.33 4.32 4.16
N GLN A 723 50.50 5.11 3.10
CA GLN A 723 50.10 4.73 1.75
C GLN A 723 51.13 5.25 0.76
N LEU A 724 51.09 4.72 -0.45
CA LEU A 724 51.99 5.11 -1.51
C LEU A 724 51.30 6.12 -2.42
N LYS A 725 51.99 7.23 -2.70
CA LYS A 725 51.50 8.28 -3.58
C LYS A 725 52.40 8.34 -4.80
N ILE A 726 51.81 8.18 -5.99
CA ILE A 726 52.60 8.20 -7.22
C ILE A 726 52.94 9.64 -7.60
N ASP A 727 51.93 10.49 -7.70
CA ASP A 727 52.11 11.90 -8.09
C ASP A 727 52.75 12.00 -9.47
N ILE A 728 52.00 11.54 -10.47
CA ILE A 728 52.48 11.55 -11.85
C ILE A 728 52.72 12.98 -12.30
N ASN A 729 53.83 13.20 -13.00
CA ASN A 729 54.20 14.52 -13.51
C ASN A 729 53.89 14.56 -15.00
N ARG A 730 52.88 15.34 -15.37
CA ARG A 730 52.50 15.42 -16.78
C ARG A 730 53.55 16.16 -17.61
N ALA A 731 54.30 17.07 -16.99
CA ALA A 731 55.36 17.74 -17.72
C ALA A 731 56.49 16.79 -18.06
N ALA A 732 56.86 15.90 -17.12
CA ALA A 732 57.89 14.91 -17.40
C ALA A 732 57.39 13.82 -18.34
N ALA A 733 56.11 13.47 -18.26
CA ALA A 733 55.55 12.51 -19.22
C ALA A 733 55.58 13.07 -20.63
N ALA A 734 55.39 14.37 -20.78
CA ALA A 734 55.52 14.99 -22.09
C ALA A 734 56.99 15.10 -22.48
N ALA A 735 57.23 15.23 -23.79
CA ALA A 735 58.57 15.29 -24.36
C ALA A 735 59.29 13.95 -24.23
N GLN A 736 58.54 12.89 -23.90
CA GLN A 736 59.08 11.54 -23.81
C GLN A 736 58.19 10.50 -24.45
N GLY A 737 56.93 10.83 -24.76
CA GLY A 737 56.01 9.90 -25.36
C GLY A 737 55.14 9.13 -24.39
N VAL A 738 55.43 9.22 -23.09
CA VAL A 738 54.67 8.47 -22.09
C VAL A 738 53.28 9.09 -22.00
N SER A 739 52.27 8.39 -22.54
CA SER A 739 50.91 8.85 -22.49
C SER A 739 50.31 8.64 -21.10
N PHE A 740 49.16 9.27 -20.86
CA PHE A 740 48.50 9.13 -19.56
C PHE A 740 47.70 7.83 -19.49
N ALA A 741 47.09 7.42 -20.61
CA ALA A 741 46.36 6.16 -20.62
C ALA A 741 47.27 4.98 -20.38
N ASP A 742 48.49 5.02 -20.89
CA ASP A 742 49.46 3.95 -20.63
C ASP A 742 49.81 3.89 -19.14
N ILE A 743 50.01 5.04 -18.51
CA ILE A 743 50.31 5.08 -17.09
C ILE A 743 49.13 4.54 -16.28
N ARG A 744 47.91 4.90 -16.68
CA ARG A 744 46.73 4.40 -15.99
C ARG A 744 46.62 2.89 -16.11
N THR A 745 46.84 2.35 -17.32
CA THR A 745 46.76 0.91 -17.51
C THR A 745 47.85 0.19 -16.71
N ALA A 746 49.05 0.75 -16.67
CA ALA A 746 50.14 0.14 -15.90
C ALA A 746 49.80 0.12 -14.42
N LEU A 747 49.34 1.25 -13.88
CA LEU A 747 48.98 1.29 -12.47
C LEU A 747 47.80 0.39 -12.14
N ALA A 748 46.89 0.19 -13.09
CA ALA A 748 45.75 -0.69 -12.85
C ALA A 748 46.15 -2.15 -12.89
N SER A 749 47.04 -2.53 -13.81
CA SER A 749 47.47 -3.91 -13.95
C SER A 749 48.59 -4.30 -13.00
N ALA A 750 49.20 -3.32 -12.32
CA ALA A 750 50.32 -3.64 -11.43
C ALA A 750 49.85 -4.43 -10.21
N LEU A 751 48.81 -3.96 -9.54
CA LEU A 751 48.36 -4.58 -8.29
C LEU A 751 46.90 -4.99 -8.31
N SER A 752 46.02 -4.22 -8.93
CA SER A 752 44.60 -4.49 -8.87
C SER A 752 44.24 -5.71 -9.72
N SER A 753 43.02 -6.20 -9.52
CA SER A 753 42.47 -7.32 -10.27
C SER A 753 41.50 -6.83 -11.33
N SER A 754 41.19 -7.71 -12.27
CA SER A 754 40.29 -7.37 -13.37
C SER A 754 39.37 -8.56 -13.66
N TYR A 755 38.09 -8.26 -13.87
CA TYR A 755 37.09 -9.25 -14.22
C TYR A 755 36.96 -9.26 -15.74
N VAL A 756 37.38 -10.38 -16.35
CA VAL A 756 37.55 -10.43 -17.81
C VAL A 756 36.34 -11.06 -18.48
N SER A 757 36.05 -12.31 -18.16
CA SER A 757 35.03 -13.06 -18.87
C SER A 757 34.36 -14.04 -17.92
N ASP A 758 33.53 -14.91 -18.48
CA ASP A 758 32.82 -15.94 -17.72
C ASP A 758 33.11 -17.31 -18.32
N PHE A 759 32.89 -18.35 -17.52
CA PHE A 759 33.11 -19.71 -17.98
C PHE A 759 32.13 -20.64 -17.28
N PRO A 760 31.67 -21.68 -17.97
CA PRO A 760 30.71 -22.62 -17.34
C PRO A 760 31.43 -23.59 -16.42
N ASN A 761 31.00 -23.64 -15.16
CA ASN A 761 31.58 -24.50 -14.14
C ASN A 761 30.46 -25.40 -13.61
N GLN A 762 30.26 -26.55 -14.27
CA GLN A 762 29.26 -27.52 -13.86
C GLN A 762 27.85 -26.93 -13.90
N GLY A 763 27.54 -26.24 -15.00
CA GLY A 763 26.22 -25.68 -15.17
C GLY A 763 26.01 -24.30 -14.60
N ARG A 764 27.08 -23.54 -14.36
CA ARG A 764 26.97 -22.19 -13.85
C ARG A 764 28.06 -21.32 -14.45
N LEU A 765 27.71 -20.09 -14.80
CA LEU A 765 28.67 -19.13 -15.32
C LEU A 765 29.38 -18.45 -14.16
N GLN A 766 30.68 -18.71 -14.03
CA GLN A 766 31.50 -18.13 -12.98
C GLN A 766 32.57 -17.25 -13.59
N ARG A 767 33.06 -16.30 -12.80
CA ARG A 767 33.95 -15.26 -13.30
C ARG A 767 35.35 -15.82 -13.59
N VAL A 768 36.05 -15.13 -14.48
CA VAL A 768 37.45 -15.40 -14.79
C VAL A 768 38.22 -14.13 -14.50
N MET A 769 39.04 -14.16 -13.46
CA MET A 769 39.76 -12.98 -13.01
C MET A 769 41.26 -13.16 -13.24
N VAL A 770 41.93 -12.05 -13.53
CA VAL A 770 43.36 -12.02 -13.80
C VAL A 770 44.02 -11.08 -12.80
N GLN A 771 45.16 -11.50 -12.27
CA GLN A 771 45.89 -10.68 -11.31
C GLN A 771 47.37 -11.05 -11.38
N ALA A 772 48.18 -10.35 -10.59
CA ALA A 772 49.60 -10.64 -10.53
C ALA A 772 49.84 -12.00 -9.88
N ASP A 773 51.08 -12.47 -9.97
CA ASP A 773 51.43 -13.82 -9.51
C ASP A 773 51.84 -13.81 -8.04
N GLY A 774 51.02 -13.22 -7.20
CA GLY A 774 51.21 -13.31 -5.76
C GLY A 774 52.38 -12.51 -5.22
N ASP A 775 53.59 -12.94 -5.54
CA ASP A 775 54.80 -12.31 -5.01
C ASP A 775 55.21 -11.07 -5.79
N ALA A 776 54.58 -10.78 -6.92
CA ALA A 776 54.89 -9.56 -7.65
C ALA A 776 54.33 -8.33 -6.95
N ARG A 777 53.10 -8.43 -6.45
CA ARG A 777 52.49 -7.34 -5.70
C ARG A 777 52.58 -7.61 -4.20
N MET A 778 53.80 -7.45 -3.68
CA MET A 778 54.05 -7.66 -2.26
C MET A 778 54.89 -6.58 -1.59
N GLN A 779 55.70 -5.84 -2.34
CA GLN A 779 56.58 -4.84 -1.76
C GLN A 779 56.38 -3.49 -2.44
N PRO A 780 56.71 -2.39 -1.75
CA PRO A 780 56.57 -1.07 -2.36
C PRO A 780 57.58 -0.80 -3.47
N ALA A 781 58.61 -1.64 -3.61
CA ALA A 781 59.60 -1.49 -4.66
C ALA A 781 59.16 -2.09 -5.98
N ASP A 782 57.89 -2.49 -6.10
CA ASP A 782 57.35 -3.05 -7.33
C ASP A 782 56.59 -2.03 -8.17
N ILE A 783 56.43 -0.81 -7.67
CA ILE A 783 55.75 0.23 -8.44
C ILE A 783 56.74 1.08 -9.23
N LEU A 784 57.98 1.18 -8.78
CA LEU A 784 59.01 1.99 -9.44
C LEU A 784 59.63 1.29 -10.64
N ASN A 785 59.07 0.19 -11.12
CA ASN A 785 59.60 -0.56 -12.26
C ASN A 785 58.49 -0.94 -13.23
N LEU A 786 57.65 0.04 -13.57
CA LEU A 786 56.50 -0.24 -14.42
C LEU A 786 56.89 -0.28 -15.90
N THR A 787 57.71 0.67 -16.35
CA THR A 787 58.22 0.74 -17.73
C THR A 787 57.06 0.79 -18.73
N VAL A 788 56.32 1.90 -18.65
CA VAL A 788 55.17 2.16 -19.52
C VAL A 788 55.58 2.13 -20.98
N PRO A 789 54.61 2.00 -21.91
CA PRO A 789 54.96 1.79 -23.33
C PRO A 789 55.80 2.89 -23.97
N ASN A 790 55.72 4.11 -23.44
CA ASN A 790 56.60 5.21 -23.86
C ASN A 790 56.32 5.66 -25.30
N SER A 791 55.23 5.21 -25.92
CA SER A 791 54.89 5.59 -27.30
C SER A 791 56.00 5.14 -28.26
N SER A 792 56.05 3.81 -28.44
CA SER A 792 57.11 3.14 -29.19
C SER A 792 58.43 3.19 -28.42
N GLY A 793 58.38 2.76 -27.16
CA GLY A 793 59.54 2.59 -26.31
C GLY A 793 59.28 1.44 -25.37
N ILE A 794 60.23 1.21 -24.47
CA ILE A 794 60.05 0.25 -23.37
C ILE A 794 61.18 0.45 -22.38
N ALA A 795 60.97 -0.05 -21.15
CA ALA A 795 61.94 0.08 -20.06
C ALA A 795 62.13 1.56 -19.68
N VAL A 796 61.01 2.21 -19.38
CA VAL A 796 61.00 3.59 -18.95
C VAL A 796 60.57 3.63 -17.49
N PRO A 797 61.49 3.86 -16.56
CA PRO A 797 61.14 3.78 -15.13
C PRO A 797 60.13 4.83 -14.73
N LEU A 798 59.37 4.50 -13.68
CA LEU A 798 58.40 5.44 -13.15
C LEU A 798 59.05 6.59 -12.39
N SER A 799 60.33 6.46 -12.04
CA SER A 799 61.04 7.55 -11.37
C SER A 799 61.31 8.71 -12.31
N SER A 800 61.24 8.49 -13.62
CA SER A 800 61.47 9.56 -14.58
C SER A 800 60.23 10.43 -14.78
N ILE A 801 59.04 9.90 -14.48
CA ILE A 801 57.80 10.62 -14.66
C ILE A 801 56.95 10.66 -13.41
N ALA A 802 57.43 10.09 -12.30
CA ALA A 802 56.66 10.06 -11.06
C ALA A 802 57.59 10.33 -9.88
N THR A 803 56.98 10.61 -8.74
CA THR A 803 57.65 10.95 -7.49
C THR A 803 57.05 10.16 -6.33
N VAL A 804 56.94 8.84 -6.53
CA VAL A 804 56.28 7.96 -5.56
C VAL A 804 56.93 8.09 -4.19
N SER A 805 56.09 8.24 -3.17
CA SER A 805 56.58 8.43 -1.80
C SER A 805 55.53 7.89 -0.83
N TRP A 806 55.83 8.02 0.46
CA TRP A 806 54.94 7.56 1.52
C TRP A 806 54.19 8.76 2.11
N GLN A 807 52.88 8.60 2.29
CA GLN A 807 52.05 9.66 2.83
C GLN A 807 51.02 9.06 3.79
N MET A 808 50.70 9.80 4.84
CA MET A 808 49.69 9.36 5.79
C MET A 808 48.30 9.69 5.26
N GLY A 809 47.47 8.66 5.07
CA GLY A 809 46.14 8.86 4.54
C GLY A 809 45.15 7.97 5.26
N THR A 810 43.89 8.40 5.24
CA THR A 810 42.82 7.69 5.92
C THR A 810 42.40 6.45 5.14
N GLU A 811 41.95 5.44 5.87
CA GLU A 811 41.48 4.20 5.28
C GLU A 811 39.96 4.07 5.26
N GLN A 812 39.25 4.97 5.92
CA GLN A 812 37.79 4.95 5.96
C GLN A 812 37.25 6.36 5.75
N SER A 813 36.14 6.46 5.03
CA SER A 813 35.49 7.73 4.75
C SER A 813 34.02 7.63 5.08
N VAL A 814 33.54 8.52 5.95
CA VAL A 814 32.15 8.54 6.39
C VAL A 814 31.56 9.90 6.05
N ARG A 815 30.33 9.90 5.54
CA ARG A 815 29.59 11.12 5.25
C ARG A 815 28.22 11.04 5.92
N PHE A 816 27.78 12.18 6.45
CA PHE A 816 26.50 12.26 7.14
C PHE A 816 25.69 13.39 6.56
N ASN A 817 24.58 13.06 5.90
CA ASN A 817 23.69 14.04 5.29
C ASN A 817 24.40 14.85 4.21
N GLY A 818 25.25 14.20 3.43
CA GLY A 818 25.91 14.83 2.32
C GLY A 818 27.14 15.65 2.67
N TYR A 819 27.66 15.51 3.88
CA TYR A 819 28.86 16.24 4.28
C TYR A 819 29.89 15.28 4.86
N PRO A 820 31.17 15.51 4.60
CA PRO A 820 32.22 14.67 5.21
C PRO A 820 32.19 14.82 6.72
N ALA A 821 31.86 13.73 7.41
CA ALA A 821 31.66 13.75 8.85
C ALA A 821 32.60 12.77 9.53
N MET A 822 33.12 13.19 10.68
CA MET A 822 33.93 12.35 11.55
C MET A 822 33.19 12.13 12.86
N GLU A 823 33.16 10.88 13.33
CA GLU A 823 32.37 10.50 14.49
C GLU A 823 33.26 10.42 15.73
N LEU A 824 32.76 10.99 16.83
CA LEU A 824 33.40 10.88 18.14
C LEU A 824 32.34 10.54 19.18
N SER A 825 32.79 10.15 20.37
CA SER A 825 31.88 9.76 21.43
C SER A 825 32.16 10.53 22.71
N GLY A 826 31.29 10.37 23.70
CA GLY A 826 31.49 11.04 24.97
C GLY A 826 30.61 10.44 26.04
N SER A 827 30.84 10.90 27.27
CA SER A 827 30.10 10.38 28.40
C SER A 827 29.99 11.43 29.50
N PRO A 828 28.79 11.87 29.86
CA PRO A 828 28.64 12.83 30.96
C PRO A 828 28.96 12.17 32.28
N ALA A 829 29.54 12.96 33.19
CA ALA A 829 29.88 12.46 34.51
C ALA A 829 28.62 12.34 35.36
N THR A 830 28.79 11.83 36.59
CA THR A 830 27.68 11.69 37.51
C THR A 830 27.30 13.05 38.09
N GLY A 831 26.00 13.34 38.08
CA GLY A 831 25.47 14.60 38.57
C GLY A 831 25.04 15.55 37.48
N VAL A 832 25.62 15.44 36.29
CA VAL A 832 25.28 16.30 35.15
C VAL A 832 24.31 15.55 34.25
N SER A 833 23.27 16.24 33.81
CA SER A 833 22.27 15.64 32.96
C SER A 833 22.76 15.57 31.51
N THR A 834 22.03 14.82 30.68
CA THR A 834 22.41 14.69 29.28
C THR A 834 22.18 15.99 28.51
N GLY A 835 21.13 16.73 28.87
CA GLY A 835 20.85 17.98 28.17
C GLY A 835 21.93 19.02 28.38
N GLN A 836 22.46 19.11 29.61
CA GLN A 836 23.52 20.07 29.89
C GLN A 836 24.77 19.75 29.07
N ALA A 837 25.15 18.47 29.03
CA ALA A 837 26.31 18.08 28.23
C ALA A 837 26.07 18.32 26.75
N MET A 838 24.83 18.10 26.29
CA MET A 838 24.52 18.33 24.88
C MET A 838 24.64 19.81 24.52
N GLU A 839 24.09 20.69 25.36
CA GLU A 839 24.24 22.12 25.11
C GLU A 839 25.69 22.56 25.22
N ALA A 840 26.46 21.97 26.13
CA ALA A 840 27.88 22.31 26.23
C ALA A 840 28.62 21.92 24.97
N VAL A 841 28.35 20.72 24.44
CA VAL A 841 29.00 20.29 23.21
C VAL A 841 28.57 21.16 22.04
N GLN A 842 27.29 21.55 22.01
CA GLN A 842 26.81 22.42 20.94
C GLN A 842 27.50 23.78 20.98
N LYS A 843 27.64 24.36 22.16
CA LYS A 843 28.32 25.65 22.26
C LYS A 843 29.81 25.52 21.93
N MET A 844 30.43 24.40 22.31
CA MET A 844 31.84 24.20 21.98
C MET A 844 32.04 24.03 20.48
N VAL A 845 31.08 23.40 19.80
CA VAL A 845 31.16 23.27 18.35
C VAL A 845 30.93 24.62 17.69
N ASP A 846 29.98 25.40 18.21
CA ASP A 846 29.73 26.73 17.67
C ASP A 846 30.89 27.68 17.91
N GLU A 847 31.71 27.42 18.94
CA GLU A 847 32.87 28.27 19.19
C GLU A 847 33.86 28.20 18.04
N LEU A 848 33.95 27.07 17.35
CA LEU A 848 34.79 26.96 16.18
C LEU A 848 34.22 27.82 15.04
N GLY A 849 35.04 27.99 14.00
CA GLY A 849 34.63 28.78 12.87
C GLY A 849 33.45 28.16 12.13
N SER A 850 32.86 28.97 11.25
CA SER A 850 31.75 28.49 10.45
C SER A 850 32.23 27.43 9.47
N GLY A 851 31.28 26.65 8.95
CA GLY A 851 31.59 25.54 8.07
C GLY A 851 31.76 24.21 8.77
N TYR A 852 31.82 24.20 10.10
CA TYR A 852 31.91 22.97 10.88
C TYR A 852 30.64 22.85 11.71
N SER A 853 29.81 21.87 11.37
CA SER A 853 28.53 21.66 12.02
C SER A 853 28.56 20.38 12.86
N LEU A 854 27.55 20.25 13.72
CA LEU A 854 27.42 19.11 14.61
C LEU A 854 26.12 18.37 14.33
N GLU A 855 26.16 17.04 14.44
CA GLU A 855 24.98 16.22 14.27
C GLU A 855 24.98 15.14 15.34
N TRP A 856 23.79 14.63 15.66
CA TRP A 856 23.65 13.57 16.65
C TRP A 856 23.52 12.22 15.96
N GLY A 857 23.80 11.17 16.72
CA GLY A 857 23.75 9.82 16.20
C GLY A 857 23.52 8.78 17.27
N GLY A 858 22.79 7.72 16.94
CA GLY A 858 22.44 6.70 17.91
C GLY A 858 21.22 7.08 18.72
N GLN A 859 21.24 6.79 20.02
CA GLN A 859 20.15 7.19 20.89
C GLN A 859 20.25 8.64 21.35
N SER A 860 21.19 9.41 20.81
CA SER A 860 21.27 10.84 21.11
C SER A 860 20.29 11.67 20.29
N ARG A 861 19.44 11.03 19.49
CA ARG A 861 18.53 11.77 18.62
C ARG A 861 17.25 12.17 19.34
N GLU A 862 16.69 11.29 20.17
CA GLU A 862 15.44 11.61 20.85
C GLU A 862 15.62 12.59 21.99
N GLU A 863 16.83 12.68 22.56
CA GLU A 863 17.09 13.68 23.59
C GLU A 863 16.97 15.09 23.05
N ALA A 864 17.25 15.30 21.76
CA ALA A 864 17.09 16.60 21.14
C ALA A 864 15.65 16.85 20.67
N LYS A 865 14.79 15.84 20.70
CA LYS A 865 13.39 15.98 20.33
C LYS A 865 12.50 16.35 21.51
N GLY A 866 13.07 16.52 22.69
CA GLY A 866 12.29 16.84 23.87
C GLY A 866 12.73 16.07 25.09
N GLY A 867 12.06 16.30 26.23
CA GLY A 867 12.37 15.63 27.46
C GLY A 867 11.31 14.64 27.87
N SER A 868 11.28 14.33 29.17
CA SER A 868 10.31 13.39 29.69
C SER A 868 8.91 14.01 29.71
N GLN A 869 7.90 13.14 29.75
CA GLN A 869 6.51 13.58 29.77
C GLN A 869 5.70 12.84 30.83
N THR A 870 6.34 12.20 31.80
CA THR A 870 5.61 11.46 32.82
C THR A 870 4.77 12.40 33.68
N ILE A 871 5.39 13.43 34.24
CA ILE A 871 4.66 14.38 35.07
C ILE A 871 3.62 15.15 34.27
N ALA A 872 3.85 15.32 32.96
CA ALA A 872 2.89 15.99 32.09
C ALA A 872 1.83 15.03 31.55
N LEU A 873 2.05 13.73 31.64
CA LEU A 873 1.09 12.74 31.19
C LEU A 873 0.45 11.96 32.33
N TYR A 874 1.18 11.71 33.42
CA TYR A 874 0.59 11.05 34.57
C TYR A 874 -0.40 11.94 35.30
N ALA A 875 -0.37 13.25 35.06
CA ALA A 875 -1.39 14.13 35.62
C ALA A 875 -2.76 13.80 35.07
N LEU A 876 -2.83 13.32 33.82
CA LEU A 876 -4.10 12.86 33.27
C LEU A 876 -4.63 11.67 34.05
N ALA A 877 -3.75 10.77 34.48
CA ALA A 877 -4.16 9.60 35.26
C ALA A 877 -4.66 9.96 36.65
N ALA A 878 -4.50 11.21 37.09
CA ALA A 878 -5.08 11.68 38.34
C ALA A 878 -6.37 12.46 38.12
N VAL A 879 -6.39 13.32 37.10
CA VAL A 879 -7.60 14.10 36.81
C VAL A 879 -8.73 13.17 36.36
N ALA A 880 -8.39 12.15 35.56
CA ALA A 880 -9.42 11.21 35.12
C ALA A 880 -10.00 10.42 36.29
N VAL A 881 -9.15 9.96 37.20
CA VAL A 881 -9.63 9.25 38.38
C VAL A 881 -10.47 10.17 39.26
N PHE A 882 -10.06 11.43 39.39
CA PHE A 882 -10.85 12.38 40.18
C PHE A 882 -12.22 12.59 39.57
N LEU A 883 -12.28 12.74 38.24
CA LEU A 883 -13.57 12.93 37.58
C LEU A 883 -14.46 11.71 37.72
N VAL A 884 -13.88 10.51 37.55
CA VAL A 884 -14.66 9.29 37.69
C VAL A 884 -15.18 9.14 39.11
N LEU A 885 -14.35 9.46 40.11
CA LEU A 885 -14.78 9.34 41.49
C LEU A 885 -15.84 10.39 41.83
N ALA A 886 -15.74 11.59 41.25
CA ALA A 886 -16.77 12.59 41.47
C ALA A 886 -18.09 12.17 40.85
N ALA A 887 -18.03 11.54 39.68
CA ALA A 887 -19.26 11.04 39.05
C ALA A 887 -19.85 9.88 39.86
N LEU A 888 -18.99 9.06 40.47
CA LEU A 888 -19.49 7.93 41.24
C LEU A 888 -20.09 8.38 42.57
N TYR A 889 -19.27 9.02 43.42
CA TYR A 889 -19.73 9.45 44.73
C TYR A 889 -20.72 10.60 44.67
N GLU A 890 -20.81 11.31 43.54
CA GLU A 890 -21.65 12.49 43.42
C GLU A 890 -21.21 13.58 44.41
N SER A 891 -19.90 13.83 44.44
CA SER A 891 -19.32 14.82 45.32
C SER A 891 -17.97 15.24 44.78
N TRP A 892 -17.57 16.47 45.09
CA TRP A 892 -16.30 17.01 44.65
C TRP A 892 -15.18 16.86 45.69
N SER A 893 -15.54 16.61 46.95
CA SER A 893 -14.55 16.49 48.01
C SER A 893 -14.24 15.04 48.39
N ILE A 894 -15.19 14.13 48.22
CA ILE A 894 -14.94 12.72 48.54
C ILE A 894 -13.85 12.14 47.66
N PRO A 895 -13.80 12.36 46.35
CA PRO A 895 -12.69 11.83 45.54
C PRO A 895 -11.32 12.32 45.97
N LEU A 896 -11.23 13.45 46.68
CA LEU A 896 -9.95 13.90 47.21
C LEU A 896 -9.39 12.88 48.21
N ALA A 897 -10.26 12.25 49.00
CA ALA A 897 -9.80 11.26 49.95
C ALA A 897 -9.21 10.04 49.24
N VAL A 898 -9.80 9.64 48.12
CA VAL A 898 -9.26 8.51 47.37
C VAL A 898 -7.95 8.91 46.69
N LEU A 899 -7.90 10.11 46.11
CA LEU A 899 -6.68 10.58 45.46
C LEU A 899 -5.56 10.87 46.46
N LEU A 900 -5.88 10.99 47.75
CA LEU A 900 -4.85 11.27 48.74
C LEU A 900 -3.79 10.18 48.77
N VAL A 901 -4.18 8.94 48.58
CA VAL A 901 -3.33 7.72 48.75
C VAL A 901 -2.32 7.52 47.62
N MET A 902 -2.16 8.41 46.66
CA MET A 902 -1.28 8.13 45.53
C MET A 902 0.16 7.89 46.00
N PRO A 903 0.74 8.79 46.80
CA PRO A 903 2.16 8.66 47.13
C PRO A 903 2.50 7.53 48.08
N LEU A 904 1.51 6.86 48.69
CA LEU A 904 1.84 5.75 49.59
C LEU A 904 2.52 4.62 48.85
N GLY A 905 1.93 4.17 47.74
CA GLY A 905 2.57 3.12 46.95
C GLY A 905 3.88 3.57 46.35
N LEU A 906 3.98 4.84 45.95
CA LEU A 906 5.23 5.35 45.39
C LEU A 906 6.35 5.31 46.43
N ALA A 907 6.08 5.80 47.65
CA ALA A 907 7.08 5.76 48.70
C ALA A 907 7.43 4.33 49.06
N GLY A 908 6.45 3.44 49.11
CA GLY A 908 6.74 2.04 49.40
C GLY A 908 7.65 1.42 48.35
N ALA A 909 7.34 1.64 47.08
CA ALA A 909 8.16 1.06 46.01
C ALA A 909 9.56 1.65 46.00
N ALA A 910 9.68 2.97 46.22
CA ALA A 910 11.00 3.59 46.23
C ALA A 910 11.84 3.08 47.40
N ALA A 911 11.23 2.99 48.59
CA ALA A 911 11.95 2.48 49.74
C ALA A 911 12.36 1.02 49.54
N GLY A 912 11.47 0.21 48.95
CA GLY A 912 11.82 -1.17 48.69
C GLY A 912 12.96 -1.31 47.68
N VAL A 913 12.92 -0.51 46.62
CA VAL A 913 14.00 -0.56 45.63
C VAL A 913 15.32 -0.14 46.25
N THR A 914 15.32 0.94 47.03
CA THR A 914 16.56 1.39 47.66
C THR A 914 17.08 0.37 48.66
N GLY A 915 16.18 -0.24 49.45
CA GLY A 915 16.62 -1.24 50.40
C GLY A 915 17.18 -2.48 49.73
N ARG A 916 16.54 -2.93 48.65
CA ARG A 916 17.05 -4.07 47.91
C ARG A 916 18.42 -3.76 47.30
N ASN A 917 18.56 -2.55 46.73
CA ASN A 917 19.86 -2.15 46.19
C ASN A 917 20.94 -2.15 47.26
N LEU A 918 20.66 -1.56 48.42
CA LEU A 918 21.65 -1.53 49.50
C LEU A 918 21.98 -2.94 49.98
N PHE A 919 20.96 -3.80 50.13
CA PHE A 919 21.18 -5.14 50.64
C PHE A 919 22.02 -5.96 49.68
N GLU A 920 21.75 -5.87 48.38
CA GLU A 920 22.52 -6.65 47.41
C GLU A 920 23.79 -5.94 46.96
N GLY A 921 24.03 -4.70 47.41
CA GLY A 921 25.28 -4.04 47.13
C GLY A 921 26.27 -4.16 48.27
N LEU A 922 25.78 -4.32 49.50
CA LEU A 922 26.67 -4.56 50.62
C LEU A 922 27.42 -5.88 50.49
N LEU A 923 26.88 -6.82 49.73
CA LEU A 923 27.55 -8.08 49.45
C LEU A 923 28.43 -7.90 48.20
N GLY A 924 28.90 -9.01 47.63
CA GLY A 924 29.78 -8.96 46.49
C GLY A 924 29.09 -8.73 45.15
N SER A 925 27.99 -7.99 45.16
CA SER A 925 27.24 -7.66 43.95
C SER A 925 27.24 -6.15 43.74
N VAL A 926 26.55 -5.72 42.69
CA VAL A 926 26.50 -4.31 42.31
C VAL A 926 25.05 -3.86 42.27
N PRO A 927 24.74 -2.60 42.64
CA PRO A 927 23.37 -2.10 42.53
C PRO A 927 22.82 -2.20 41.12
N SER A 928 21.74 -2.96 40.94
CA SER A 928 21.15 -3.21 39.63
C SER A 928 19.78 -2.57 39.45
N PHE A 929 18.93 -2.59 40.47
CA PHE A 929 17.58 -2.04 40.34
C PHE A 929 17.65 -0.52 40.22
N ALA A 930 16.97 0.02 39.21
CA ALA A 930 16.97 1.44 38.94
C ALA A 930 15.57 1.86 38.52
N ASN A 931 15.44 3.09 38.02
CA ASN A 931 14.17 3.62 37.54
C ASN A 931 14.06 3.30 36.06
N ASP A 932 13.34 2.23 35.74
CA ASP A 932 13.22 1.76 34.36
C ASP A 932 11.76 1.55 33.97
N ILE A 933 11.53 0.89 32.84
CA ILE A 933 10.17 0.64 32.38
C ILE A 933 9.41 -0.20 33.39
N TYR A 934 10.07 -1.20 33.97
CA TYR A 934 9.42 -2.08 34.92
C TYR A 934 9.04 -1.34 36.20
N PHE A 935 9.91 -0.43 36.66
CA PHE A 935 9.57 0.35 37.84
C PHE A 935 8.33 1.20 37.60
N GLN A 936 8.25 1.85 36.44
CA GLN A 936 7.09 2.69 36.15
C GLN A 936 5.81 1.86 36.02
N VAL A 937 5.90 0.71 35.35
CA VAL A 937 4.71 -0.11 35.18
C VAL A 937 4.24 -0.67 36.53
N GLY A 938 5.19 -1.09 37.38
CA GLY A 938 4.81 -1.55 38.71
C GLY A 938 4.22 -0.45 39.57
N PHE A 939 4.76 0.77 39.44
CA PHE A 939 4.23 1.89 40.20
C PHE A 939 2.80 2.21 39.77
N VAL A 940 2.55 2.23 38.46
CA VAL A 940 1.19 2.50 38.00
C VAL A 940 0.25 1.37 38.40
N THR A 941 0.73 0.13 38.41
CA THR A 941 -0.11 -1.00 38.82
C THR A 941 -0.48 -0.89 40.30
N VAL A 942 0.49 -0.54 41.15
CA VAL A 942 0.21 -0.44 42.58
C VAL A 942 -0.68 0.77 42.87
N MET A 943 -0.47 1.88 42.16
CA MET A 943 -1.32 3.05 42.36
C MET A 943 -2.74 2.81 41.85
N GLY A 944 -2.91 1.95 40.85
CA GLY A 944 -4.25 1.57 40.44
C GLY A 944 -4.90 0.53 41.31
N LEU A 945 -4.11 -0.32 41.97
CA LEU A 945 -4.68 -1.33 42.86
C LEU A 945 -5.08 -0.73 44.19
N SER A 946 -4.30 0.22 44.72
CA SER A 946 -4.71 0.90 45.94
C SER A 946 -5.98 1.71 45.74
N ALA A 947 -6.22 2.15 44.50
CA ALA A 947 -7.41 2.96 44.20
C ALA A 947 -8.69 2.20 44.50
N LYS A 948 -8.74 0.91 44.13
CA LYS A 948 -9.95 0.13 44.36
C LYS A 948 -10.25 -0.02 45.85
N ASN A 949 -9.22 -0.35 46.64
CA ASN A 949 -9.39 -0.48 48.08
C ASN A 949 -9.85 0.82 48.71
N ALA A 950 -9.19 1.93 48.36
CA ALA A 950 -9.59 3.22 48.91
C ALA A 950 -11.01 3.59 48.50
N ILE A 951 -11.37 3.29 47.25
CA ILE A 951 -12.70 3.63 46.75
C ILE A 951 -13.77 2.88 47.53
N LEU A 952 -13.60 1.56 47.67
CA LEU A 952 -14.62 0.79 48.38
C LEU A 952 -14.66 1.13 49.86
N ILE A 953 -13.50 1.41 50.47
CA ILE A 953 -13.49 1.80 51.88
C ILE A 953 -14.23 3.11 52.09
N ILE A 954 -14.01 4.08 51.20
CA ILE A 954 -14.65 5.37 51.37
C ILE A 954 -16.13 5.30 51.02
N GLU A 955 -16.52 4.43 50.08
CA GLU A 955 -17.94 4.30 49.74
C GLU A 955 -18.70 3.58 50.85
N PHE A 956 -18.09 2.57 51.47
CA PHE A 956 -18.76 1.91 52.59
C PHE A 956 -18.90 2.85 53.78
N ALA A 957 -17.99 3.82 53.92
CA ALA A 957 -18.05 4.82 54.98
C ALA A 957 -18.74 6.10 54.56
N LYS A 958 -19.06 6.25 53.27
CA LYS A 958 -19.76 7.45 52.82
C LYS A 958 -21.19 7.49 53.33
N ASP A 959 -21.79 6.33 53.62
CA ASP A 959 -23.15 6.25 54.13
C ASP A 959 -23.13 6.42 55.66
N LEU A 960 -22.76 7.63 56.07
CA LEU A 960 -22.68 7.92 57.50
C LEU A 960 -24.03 8.40 58.04
N GLN A 961 -24.73 9.25 57.30
CA GLN A 961 -26.04 9.73 57.73
C GLN A 961 -27.17 8.80 57.35
N ALA A 962 -26.94 7.84 56.45
CA ALA A 962 -27.97 6.87 56.11
C ALA A 962 -28.36 6.03 57.31
N GLN A 963 -27.41 5.78 58.21
CA GLN A 963 -27.67 5.07 59.45
C GLN A 963 -27.49 5.93 60.68
N GLY A 964 -27.20 7.23 60.51
CA GLY A 964 -27.02 8.12 61.63
C GLY A 964 -25.69 7.94 62.35
N LYS A 965 -24.60 8.21 61.66
CA LYS A 965 -23.26 8.13 62.21
C LYS A 965 -22.69 9.52 62.42
N SER A 966 -21.51 9.59 63.02
CA SER A 966 -20.85 10.85 63.35
C SER A 966 -19.58 11.05 62.53
N ALA A 967 -19.57 10.50 61.32
CA ALA A 967 -18.47 10.57 60.35
C ALA A 967 -17.26 9.73 60.76
N VAL A 968 -17.29 9.09 61.92
CA VAL A 968 -16.22 8.21 62.36
C VAL A 968 -16.79 6.81 62.56
N GLU A 969 -18.10 6.74 62.86
CA GLU A 969 -18.77 5.46 62.95
C GLU A 969 -18.75 4.73 61.62
N ALA A 970 -19.07 5.44 60.54
CA ALA A 970 -19.05 4.85 59.21
C ALA A 970 -17.64 4.41 58.84
N ALA A 971 -16.63 5.21 59.19
CA ALA A 971 -15.26 4.84 58.89
C ALA A 971 -14.85 3.58 59.66
N LEU A 972 -15.20 3.51 60.94
CA LEU A 972 -14.89 2.33 61.74
C LEU A 972 -15.54 1.08 61.16
N GLU A 973 -16.84 1.16 60.85
CA GLU A 973 -17.52 -0.01 60.32
C GLU A 973 -17.03 -0.39 58.93
N ALA A 974 -16.68 0.59 58.10
CA ALA A 974 -16.13 0.29 56.79
C ALA A 974 -14.79 -0.42 56.92
N ALA A 975 -13.94 0.06 57.83
CA ALA A 975 -12.68 -0.64 58.08
C ALA A 975 -12.92 -2.06 58.59
N ARG A 976 -13.88 -2.21 59.47
CA ARG A 976 -14.20 -3.54 60.03
C ARG A 976 -14.68 -4.48 58.92
N LEU A 977 -15.50 -4.01 58.00
CA LEU A 977 -16.04 -4.87 56.95
C LEU A 977 -15.11 -4.99 55.74
N ARG A 978 -14.05 -4.19 55.66
CA ARG A 978 -13.12 -4.25 54.54
C ARG A 978 -11.76 -4.80 54.92
N PHE A 979 -11.50 -5.03 56.21
CA PHE A 979 -10.20 -5.57 56.61
C PHE A 979 -9.96 -6.95 56.02
N ARG A 980 -10.99 -7.79 55.99
CA ARG A 980 -10.80 -9.15 55.48
C ARG A 980 -10.58 -9.18 53.97
N PRO A 981 -11.47 -8.63 53.14
CA PRO A 981 -11.26 -8.73 51.68
C PRO A 981 -10.03 -7.99 51.20
N ILE A 982 -9.74 -6.81 51.75
CA ILE A 982 -8.58 -6.05 51.34
C ILE A 982 -7.29 -6.79 51.70
N ILE A 983 -7.22 -7.32 52.92
CA ILE A 983 -6.05 -8.09 53.32
C ILE A 983 -5.91 -9.34 52.46
N MET A 984 -7.03 -9.97 52.12
CA MET A 984 -6.99 -11.18 51.30
C MET A 984 -6.44 -10.86 49.91
N THR A 985 -6.95 -9.80 49.27
CA THR A 985 -6.47 -9.43 47.95
C THR A 985 -5.00 -9.03 47.99
N SER A 986 -4.60 -8.27 49.01
CA SER A 986 -3.20 -7.85 49.11
C SER A 986 -2.27 -9.05 49.30
N PHE A 987 -2.66 -10.00 50.15
CA PHE A 987 -1.84 -11.18 50.37
C PHE A 987 -1.77 -12.05 49.12
N ALA A 988 -2.89 -12.17 48.40
CA ALA A 988 -2.89 -12.93 47.16
C ALA A 988 -1.95 -12.30 46.13
N PHE A 989 -2.02 -10.98 45.99
CA PHE A 989 -1.14 -10.30 45.05
C PHE A 989 0.32 -10.44 45.46
N ILE A 990 0.61 -10.38 46.75
CA ILE A 990 1.99 -10.49 47.23
C ILE A 990 2.53 -11.89 46.95
N LEU A 991 1.74 -12.92 47.26
CA LEU A 991 2.19 -14.29 46.97
C LEU A 991 2.28 -14.54 45.48
N GLY A 992 1.48 -13.86 44.66
CA GLY A 992 1.61 -14.02 43.22
C GLY A 992 2.85 -13.35 42.66
N VAL A 993 3.23 -12.20 43.22
CA VAL A 993 4.45 -11.51 42.77
C VAL A 993 5.70 -12.06 43.44
N VAL A 994 5.57 -12.92 44.45
CA VAL A 994 6.75 -13.53 45.07
C VAL A 994 7.60 -14.30 44.06
N PRO A 995 7.04 -15.12 43.17
CA PRO A 995 7.89 -15.81 42.18
C PRO A 995 8.69 -14.86 41.30
N LEU A 996 8.17 -13.66 41.02
CA LEU A 996 8.96 -12.68 40.29
C LEU A 996 10.04 -12.05 41.15
N TYR A 997 9.88 -12.10 42.48
CA TYR A 997 10.84 -11.47 43.38
C TYR A 997 12.11 -12.30 43.49
N ILE A 998 11.98 -13.63 43.51
CA ILE A 998 13.12 -14.51 43.69
C ILE A 998 13.44 -15.23 42.39
N ALA A 999 13.10 -14.59 41.26
CA ALA A 999 13.36 -15.19 39.97
C ALA A 999 14.85 -15.34 39.72
N GLY A 1000 15.21 -16.37 38.98
CA GLY A 1000 16.61 -16.63 38.66
C GLY A 1000 16.79 -17.47 37.41
N GLY A 1001 17.67 -17.01 36.52
CA GLY A 1001 17.93 -17.72 35.28
C GLY A 1001 17.79 -16.84 34.06
N ALA A 1002 17.07 -17.32 33.06
CA ALA A 1002 16.88 -16.55 31.83
C ALA A 1002 15.83 -15.47 32.06
N SER A 1003 16.18 -14.23 31.71
CA SER A 1003 15.28 -13.09 31.89
C SER A 1003 14.95 -12.88 33.36
N SER A 1004 15.92 -13.13 34.24
CA SER A 1004 15.70 -12.98 35.66
C SER A 1004 15.77 -11.53 36.11
N ALA A 1005 16.45 -10.66 35.35
CA ALA A 1005 16.60 -9.27 35.76
C ALA A 1005 15.26 -8.54 35.73
N SER A 1006 14.54 -8.64 34.61
CA SER A 1006 13.25 -7.97 34.48
C SER A 1006 12.25 -8.52 35.49
N GLN A 1007 12.20 -9.84 35.64
CA GLN A 1007 11.32 -10.46 36.61
C GLN A 1007 11.62 -9.97 38.01
N ARG A 1008 12.90 -9.93 38.39
CA ARG A 1008 13.27 -9.49 39.73
C ARG A 1008 12.93 -8.03 39.94
N ALA A 1009 13.17 -7.18 38.95
CA ALA A 1009 12.87 -5.76 39.09
C ALA A 1009 11.38 -5.52 39.28
N ILE A 1010 10.55 -6.09 38.39
CA ILE A 1010 9.12 -5.89 38.50
C ILE A 1010 8.58 -6.52 39.78
N GLY A 1011 9.14 -7.66 40.19
CA GLY A 1011 8.69 -8.29 41.42
C GLY A 1011 9.01 -7.46 42.64
N THR A 1012 10.23 -6.94 42.72
CA THR A 1012 10.61 -6.08 43.84
C THR A 1012 9.71 -4.84 43.89
N THR A 1013 9.49 -4.20 42.74
CA THR A 1013 8.66 -3.01 42.70
C THR A 1013 7.24 -3.31 43.20
N VAL A 1014 6.56 -4.27 42.57
CA VAL A 1014 5.17 -4.55 42.93
C VAL A 1014 5.08 -5.07 44.36
N PHE A 1015 6.03 -5.90 44.79
CA PHE A 1015 5.96 -6.49 46.13
C PHE A 1015 6.10 -5.41 47.20
N TRP A 1016 7.14 -4.58 47.10
CA TRP A 1016 7.32 -3.55 48.12
C TRP A 1016 6.20 -2.50 48.06
N GLY A 1017 5.72 -2.19 46.86
CA GLY A 1017 4.60 -1.28 46.75
C GLY A 1017 3.35 -1.79 47.46
N MET A 1018 2.95 -3.02 47.15
CA MET A 1018 1.76 -3.58 47.77
C MET A 1018 1.97 -3.96 49.22
N LEU A 1019 3.22 -4.05 49.68
CA LEU A 1019 3.46 -4.34 51.09
C LEU A 1019 3.46 -3.06 51.94
N ILE A 1020 3.89 -1.94 51.39
CA ILE A 1020 3.94 -0.70 52.14
C ILE A 1020 2.63 0.09 51.99
N GLY A 1021 2.16 0.25 50.76
CA GLY A 1021 0.99 1.08 50.52
C GLY A 1021 -0.27 0.52 51.16
N THR A 1022 -0.42 -0.80 51.16
CA THR A 1022 -1.59 -1.40 51.78
C THR A 1022 -1.59 -1.19 53.29
N LEU A 1023 -0.45 -1.46 53.93
CA LEU A 1023 -0.35 -1.29 55.38
C LEU A 1023 -0.51 0.17 55.78
N LEU A 1024 -0.11 1.10 54.91
CA LEU A 1024 -0.32 2.51 55.23
C LEU A 1024 -1.76 2.95 54.95
N SER A 1025 -2.37 2.43 53.89
CA SER A 1025 -3.73 2.85 53.53
C SER A 1025 -4.74 2.33 54.53
N VAL A 1026 -4.55 1.10 55.03
CA VAL A 1026 -5.49 0.53 56.00
C VAL A 1026 -5.56 1.36 57.28
N PHE A 1027 -4.55 2.19 57.55
CA PHE A 1027 -4.57 3.10 58.68
C PHE A 1027 -4.90 4.53 58.31
N LEU A 1028 -4.60 4.95 57.07
CA LEU A 1028 -4.73 6.36 56.71
C LEU A 1028 -5.98 6.69 55.91
N VAL A 1029 -6.68 5.70 55.37
CA VAL A 1029 -7.84 5.97 54.52
C VAL A 1029 -8.98 6.56 55.35
N PRO A 1030 -9.38 5.95 56.47
CA PRO A 1030 -10.40 6.58 57.31
C PRO A 1030 -9.98 7.95 57.82
N LEU A 1031 -8.71 8.14 58.14
CA LEU A 1031 -8.24 9.45 58.57
C LEU A 1031 -8.36 10.48 57.45
N PHE A 1032 -8.01 10.08 56.23
CA PHE A 1032 -8.17 10.98 55.09
C PHE A 1032 -9.64 11.32 54.86
N TYR A 1033 -10.51 10.33 55.00
CA TYR A 1033 -11.94 10.57 54.84
C TYR A 1033 -12.45 11.57 55.88
N VAL A 1034 -12.05 11.39 57.14
CA VAL A 1034 -12.49 12.29 58.19
C VAL A 1034 -11.95 13.70 57.96
N VAL A 1035 -10.69 13.80 57.55
CA VAL A 1035 -10.08 15.11 57.35
C VAL A 1035 -10.74 15.84 56.19
N VAL A 1036 -11.05 15.13 55.10
CA VAL A 1036 -11.69 15.77 53.96
C VAL A 1036 -13.16 16.05 54.22
N ARG A 1037 -13.80 15.29 55.11
CA ARG A 1037 -15.20 15.57 55.44
C ARG A 1037 -15.33 16.72 56.42
N LYS A 1038 -14.35 16.92 57.29
CA LYS A 1038 -14.40 18.02 58.24
C LYS A 1038 -14.01 19.36 57.62
N PHE A 1039 -13.43 19.34 56.43
CA PHE A 1039 -12.87 20.55 55.82
C PHE A 1039 -13.78 21.20 54.78
N PHE A 1040 -14.71 20.38 54.27
CA PHE A 1040 -15.66 20.77 53.20
C PHE A 1040 -17.12 20.76 53.70
N LYS A 1041 -17.38 20.22 54.87
CA LYS A 1041 -18.75 20.27 55.45
C LYS A 1041 -19.80 19.80 54.44
N GLU A 1042 -19.49 18.80 53.62
CA GLU A 1042 -20.47 18.19 52.68
C GLU A 1042 -21.12 19.25 51.78
N THR A 1043 -22.42 19.17 51.56
CA THR A 1043 -23.11 20.15 50.70
C THR A 1043 -24.62 20.02 50.89
N ALA A 1044 -25.40 20.87 50.23
CA ALA A 1044 -26.88 20.81 50.29
C ALA A 1044 -27.35 19.45 49.74
N HIS A 1045 -26.64 18.94 48.75
CA HIS A 1045 -27.00 17.65 48.11
C HIS A 1045 -26.68 16.40 48.93
N GLU A 1046 -26.80 16.51 50.25
CA GLU A 1046 -26.66 15.36 51.16
C GLU A 1046 -27.94 14.52 51.16
N MET B 1 -37.96 -6.67 19.52
CA MET B 1 -38.04 -6.08 18.19
C MET B 1 -39.32 -6.50 17.49
N ALA B 2 -39.75 -7.74 17.72
CA ALA B 2 -40.94 -8.26 17.05
C ALA B 2 -42.18 -7.46 17.43
N LYS B 3 -42.24 -6.97 18.66
CA LYS B 3 -43.37 -6.17 19.13
C LYS B 3 -43.15 -4.67 18.97
N PHE B 4 -41.91 -4.23 18.76
CA PHE B 4 -41.66 -2.81 18.56
C PHE B 4 -42.02 -2.37 17.14
N PHE B 5 -41.71 -3.21 16.15
CA PHE B 5 -41.99 -2.90 14.76
C PHE B 5 -43.42 -3.22 14.35
N ILE B 6 -44.19 -3.91 15.20
CA ILE B 6 -45.57 -4.22 14.89
C ILE B 6 -46.49 -3.02 15.13
N ASP B 7 -46.12 -2.10 16.01
CA ASP B 7 -46.88 -0.88 16.26
C ASP B 7 -46.36 0.30 15.45
N ARG B 8 -45.29 0.11 14.69
CA ARG B 8 -44.68 1.19 13.90
C ARG B 8 -44.31 0.62 12.54
N PRO B 9 -45.30 0.38 11.68
CA PRO B 9 -44.98 -0.16 10.34
C PRO B 9 -44.27 0.85 9.46
N ILE B 10 -44.44 2.15 9.71
CA ILE B 10 -43.79 3.15 8.88
C ILE B 10 -42.27 3.13 9.09
N PHE B 11 -41.82 2.85 10.31
CA PHE B 11 -40.38 2.76 10.56
C PHE B 11 -39.79 1.55 9.84
N ALA B 12 -40.49 0.41 9.87
CA ALA B 12 -40.04 -0.75 9.13
C ALA B 12 -40.02 -0.48 7.63
N TRP B 13 -41.02 0.26 7.13
CA TRP B 13 -41.03 0.62 5.71
C TRP B 13 -39.86 1.52 5.36
N VAL B 14 -39.51 2.46 6.24
CA VAL B 14 -38.37 3.34 5.98
C VAL B 14 -37.08 2.54 5.96
N ILE B 15 -36.93 1.59 6.89
CA ILE B 15 -35.75 0.75 6.91
C ILE B 15 -35.67 -0.08 5.62
N SER B 16 -36.80 -0.61 5.17
CA SER B 16 -36.81 -1.39 3.93
C SER B 16 -36.47 -0.51 2.74
N ILE B 17 -36.93 0.74 2.73
CA ILE B 17 -36.61 1.65 1.64
C ILE B 17 -35.11 1.94 1.62
N PHE B 18 -34.51 2.15 2.79
CA PHE B 18 -33.07 2.36 2.86
C PHE B 18 -32.30 1.14 2.37
N ILE B 19 -32.77 -0.06 2.74
CA ILE B 19 -32.11 -1.29 2.29
C ILE B 19 -32.23 -1.42 0.78
N ILE B 20 -33.40 -1.09 0.22
CA ILE B 20 -33.59 -1.18 -1.22
C ILE B 20 -32.69 -0.19 -1.95
N ALA B 21 -32.57 1.02 -1.41
CA ALA B 21 -31.70 2.02 -2.03
C ALA B 21 -30.25 1.58 -2.01
N ALA B 22 -29.79 1.06 -0.87
CA ALA B 22 -28.41 0.57 -0.78
C ALA B 22 -28.18 -0.60 -1.74
N GLY B 23 -29.16 -1.50 -1.85
CA GLY B 23 -29.01 -2.61 -2.77
C GLY B 23 -28.96 -2.17 -4.22
N ILE B 24 -29.79 -1.20 -4.59
CA ILE B 24 -29.78 -0.70 -5.97
C ILE B 24 -28.47 0.00 -6.27
N PHE B 25 -28.00 0.77 -5.32
CA PHE B 25 -26.70 1.49 -5.48
C PHE B 25 -25.57 0.48 -5.61
N GLY B 26 -25.54 -0.59 -4.84
CA GLY B 26 -24.53 -1.63 -4.97
C GLY B 26 -24.63 -2.37 -6.29
N ILE B 27 -25.86 -2.66 -6.72
CA ILE B 27 -26.06 -3.40 -7.97
C ILE B 27 -25.58 -2.57 -9.15
N LYS B 28 -25.87 -1.28 -9.14
CA LYS B 28 -25.42 -0.37 -10.23
C LYS B 28 -23.91 -0.15 -10.13
N SER B 29 -23.31 -0.39 -8.98
CA SER B 29 -21.89 -0.13 -8.76
C SER B 29 -21.11 -1.42 -8.48
N LEU B 30 -21.39 -2.48 -9.26
CA LEU B 30 -20.63 -3.73 -9.13
C LEU B 30 -20.00 -4.10 -10.46
N PRO B 31 -18.76 -4.61 -10.44
CA PRO B 31 -18.18 -5.17 -11.67
C PRO B 31 -18.93 -6.41 -12.12
N VAL B 32 -18.75 -6.75 -13.39
CA VAL B 32 -19.42 -7.90 -13.99
C VAL B 32 -18.39 -8.70 -14.77
N SER B 33 -18.19 -9.94 -14.37
CA SER B 33 -17.28 -10.85 -15.06
C SER B 33 -17.80 -12.27 -14.91
N GLN B 34 -17.28 -13.17 -15.73
CA GLN B 34 -17.76 -14.55 -15.73
C GLN B 34 -17.13 -15.37 -14.60
N TYR B 35 -15.92 -15.04 -14.18
CA TYR B 35 -15.25 -15.79 -13.12
C TYR B 35 -14.36 -14.85 -12.33
N PRO B 36 -14.32 -14.97 -11.00
CA PRO B 36 -13.44 -14.12 -10.20
C PRO B 36 -12.00 -14.57 -10.30
N SER B 37 -11.12 -13.76 -9.72
CA SER B 37 -9.69 -14.06 -9.70
C SER B 37 -9.42 -15.05 -8.57
N VAL B 38 -9.19 -16.31 -8.93
CA VAL B 38 -8.96 -17.38 -7.96
C VAL B 38 -7.53 -17.86 -7.96
N ALA B 39 -6.71 -17.42 -8.92
CA ALA B 39 -5.34 -17.86 -9.00
C ALA B 39 -4.44 -17.00 -8.11
N ALA B 40 -3.15 -17.35 -8.05
CA ALA B 40 -2.18 -16.62 -7.27
C ALA B 40 -1.35 -15.70 -8.17
N PRO B 41 -0.69 -14.69 -7.60
CA PRO B 41 0.10 -13.78 -8.42
C PRO B 41 1.28 -14.50 -9.07
N THR B 42 1.38 -14.37 -10.39
CA THR B 42 2.45 -14.96 -11.17
C THR B 42 3.05 -13.91 -12.08
N ILE B 43 4.38 -13.85 -12.14
CA ILE B 43 5.10 -12.88 -12.94
C ILE B 43 5.94 -13.62 -13.96
N THR B 44 5.92 -13.14 -15.21
CA THR B 44 6.68 -13.76 -16.29
C THR B 44 7.62 -12.73 -16.90
N LEU B 45 8.72 -13.22 -17.48
CA LEU B 45 9.74 -12.37 -18.09
C LEU B 45 9.72 -12.41 -19.61
N HIS B 46 9.82 -13.60 -20.20
CA HIS B 46 9.76 -13.78 -21.65
C HIS B 46 10.90 -13.02 -22.34
N ALA B 47 12.13 -13.46 -22.05
CA ALA B 47 13.30 -12.91 -22.72
C ALA B 47 13.37 -13.41 -24.16
N ILE B 48 14.16 -12.70 -24.96
CA ILE B 48 14.32 -13.01 -26.38
C ILE B 48 15.80 -13.11 -26.70
N TYR B 49 16.19 -14.18 -27.40
CA TYR B 49 17.58 -14.39 -27.79
C TYR B 49 17.57 -15.20 -29.07
N PRO B 50 17.47 -14.55 -30.21
CA PRO B 50 17.25 -15.27 -31.47
C PRO B 50 18.49 -16.04 -31.91
N GLY B 51 18.25 -17.18 -32.57
CA GLY B 51 19.31 -18.01 -33.08
C GLY B 51 20.14 -18.66 -32.00
N ALA B 52 19.50 -19.43 -31.13
CA ALA B 52 20.20 -20.11 -30.05
C ALA B 52 19.40 -21.34 -29.64
N SER B 53 20.12 -22.31 -29.07
CA SER B 53 19.51 -23.56 -28.62
C SER B 53 18.91 -23.34 -27.24
N ALA B 54 18.42 -24.43 -26.62
CA ALA B 54 17.82 -24.33 -25.30
C ALA B 54 18.88 -24.21 -24.21
N GLN B 55 19.97 -24.98 -24.31
CA GLN B 55 20.99 -24.95 -23.28
C GLN B 55 21.72 -23.62 -23.24
N VAL B 56 22.09 -23.08 -24.41
CA VAL B 56 22.78 -21.80 -24.47
C VAL B 56 21.91 -20.69 -23.89
N MET B 57 20.66 -20.61 -24.38
CA MET B 57 19.74 -19.59 -23.90
C MET B 57 19.52 -19.70 -22.40
N GLU B 58 19.28 -20.91 -21.92
CA GLU B 58 19.08 -21.16 -20.49
C GLU B 58 20.27 -20.68 -19.69
N GLY B 59 21.43 -21.31 -19.89
CA GLY B 59 22.61 -20.98 -19.11
C GLY B 59 23.13 -19.57 -19.29
N SER B 60 22.69 -18.87 -20.33
CA SER B 60 23.17 -17.51 -20.55
C SER B 60 22.24 -16.46 -19.98
N VAL B 61 20.93 -16.68 -20.02
CA VAL B 61 19.95 -15.67 -19.62
C VAL B 61 19.09 -16.15 -18.44
N LEU B 62 18.51 -17.35 -18.57
CA LEU B 62 17.46 -17.75 -17.63
C LEU B 62 18.05 -18.09 -16.27
N SER B 63 19.17 -18.80 -16.25
CA SER B 63 19.82 -19.11 -14.97
C SER B 63 20.33 -17.84 -14.31
N VAL B 64 20.88 -16.91 -15.09
CA VAL B 64 21.40 -15.67 -14.55
C VAL B 64 20.28 -14.84 -13.94
N ILE B 65 19.10 -14.86 -14.56
CA ILE B 65 17.97 -14.10 -14.02
C ILE B 65 17.35 -14.82 -12.83
N GLU B 66 17.39 -16.16 -12.83
CA GLU B 66 16.76 -16.92 -11.75
C GLU B 66 17.60 -16.86 -10.48
N ARG B 67 18.93 -16.84 -10.61
CA ARG B 67 19.78 -16.80 -9.43
C ARG B 67 19.77 -15.44 -8.74
N ASN B 68 19.11 -14.43 -9.32
CA ASN B 68 18.95 -13.13 -8.68
C ASN B 68 17.54 -12.90 -8.14
N MET B 69 16.57 -13.72 -8.52
CA MET B 69 15.20 -13.58 -8.03
C MET B 69 14.99 -14.41 -6.76
N ASN B 70 15.87 -14.22 -5.78
CA ASN B 70 15.79 -14.89 -4.49
C ASN B 70 15.77 -13.83 -3.41
N GLY B 71 14.71 -13.81 -2.61
CA GLY B 71 14.52 -12.79 -1.58
C GLY B 71 13.31 -11.91 -1.79
N VAL B 72 12.59 -12.06 -2.90
CA VAL B 72 11.38 -11.28 -3.12
C VAL B 72 10.34 -11.69 -2.10
N GLU B 73 9.73 -10.70 -1.44
CA GLU B 73 8.77 -10.98 -0.38
C GLU B 73 7.53 -11.66 -0.95
N GLY B 74 7.26 -12.87 -0.48
CA GLY B 74 6.09 -13.61 -0.90
C GLY B 74 6.30 -14.57 -2.04
N LEU B 75 7.54 -14.94 -2.36
CA LEU B 75 7.81 -15.85 -3.46
C LEU B 75 7.50 -17.27 -3.03
N ASP B 76 6.59 -17.93 -3.76
CA ASP B 76 6.25 -19.32 -3.49
C ASP B 76 7.23 -20.26 -4.17
N TYR B 77 7.35 -20.16 -5.50
CA TYR B 77 8.32 -20.95 -6.24
C TYR B 77 8.59 -20.28 -7.58
N MET B 78 9.47 -20.87 -8.37
CA MET B 78 9.85 -20.31 -9.65
C MET B 78 10.22 -21.43 -10.61
N SER B 79 9.94 -21.20 -11.89
CA SER B 79 10.24 -22.15 -12.94
C SER B 79 10.86 -21.42 -14.12
N THR B 80 11.66 -22.15 -14.89
CA THR B 80 12.36 -21.61 -16.05
C THR B 80 12.16 -22.55 -17.23
N SER B 81 11.79 -21.99 -18.38
CA SER B 81 11.51 -22.76 -19.57
C SER B 81 12.22 -22.14 -20.77
N ALA B 82 12.88 -22.98 -21.56
CA ALA B 82 13.55 -22.54 -22.78
C ALA B 82 13.36 -23.58 -23.86
N ASP B 83 13.26 -23.12 -25.10
CA ASP B 83 13.07 -24.01 -26.25
C ASP B 83 14.06 -23.59 -27.34
N SER B 84 13.94 -24.21 -28.50
CA SER B 84 14.80 -23.93 -29.63
C SER B 84 14.28 -22.82 -30.52
N SER B 85 13.14 -22.23 -30.19
CA SER B 85 12.59 -21.14 -31.00
C SER B 85 13.38 -19.86 -30.82
N GLY B 86 14.10 -19.72 -29.71
CA GLY B 86 14.85 -18.51 -29.44
C GLY B 86 14.17 -17.62 -28.41
N SER B 87 13.42 -18.23 -27.50
CA SER B 87 12.71 -17.51 -26.46
C SER B 87 12.83 -18.26 -25.13
N GLY B 88 12.69 -17.51 -24.04
CA GLY B 88 12.73 -18.08 -22.72
C GLY B 88 11.68 -17.46 -21.82
N SER B 89 11.42 -18.13 -20.70
CA SER B 89 10.39 -17.68 -19.78
C SER B 89 10.80 -18.02 -18.36
N VAL B 90 10.73 -17.04 -17.46
CA VAL B 90 10.98 -17.23 -16.04
C VAL B 90 9.68 -16.89 -15.32
N SER B 91 8.96 -17.92 -14.86
CA SER B 91 7.68 -17.74 -14.22
C SER B 91 7.86 -17.85 -12.70
N LEU B 92 7.62 -16.74 -12.00
CA LEU B 92 7.69 -16.68 -10.55
C LEU B 92 6.27 -16.72 -10.01
N THR B 93 5.93 -17.78 -9.29
CA THR B 93 4.63 -17.89 -8.64
C THR B 93 4.78 -17.47 -7.19
N PHE B 94 3.98 -16.49 -6.78
CA PHE B 94 4.11 -15.84 -5.49
C PHE B 94 3.14 -16.43 -4.47
N THR B 95 3.56 -16.42 -3.21
CA THR B 95 2.71 -16.89 -2.13
C THR B 95 1.50 -15.96 -1.98
N PRO B 96 0.36 -16.49 -1.54
CA PRO B 96 -0.79 -15.62 -1.26
C PRO B 96 -0.46 -14.59 -0.19
N ASP B 97 -1.42 -13.68 0.03
CA ASP B 97 -1.24 -12.51 0.89
C ASP B 97 -0.27 -11.51 0.26
N THR B 98 -0.17 -11.53 -1.07
CA THR B 98 0.78 -10.71 -1.80
C THR B 98 0.05 -9.91 -2.87
N ASP B 99 0.48 -8.67 -3.06
CA ASP B 99 -0.06 -7.83 -4.11
C ASP B 99 0.72 -8.03 -5.40
N GLU B 100 0.00 -8.19 -6.51
CA GLU B 100 0.67 -8.48 -7.78
C GLU B 100 1.44 -7.27 -8.30
N ASN B 101 0.98 -6.06 -8.01
CA ASN B 101 1.69 -4.87 -8.46
C ASN B 101 3.03 -4.74 -7.73
N LEU B 102 3.03 -4.94 -6.41
CA LEU B 102 4.28 -4.90 -5.67
C LEU B 102 5.21 -6.01 -6.11
N ALA B 103 4.67 -7.20 -6.38
CA ALA B 103 5.49 -8.30 -6.87
C ALA B 103 6.12 -7.95 -8.21
N GLN B 104 5.35 -7.35 -9.11
CA GLN B 104 5.88 -7.00 -10.43
C GLN B 104 6.95 -5.93 -10.33
N VAL B 105 6.74 -4.91 -9.48
CA VAL B 105 7.74 -3.86 -9.35
C VAL B 105 9.00 -4.40 -8.70
N GLU B 106 8.86 -5.32 -7.74
CA GLU B 106 10.03 -5.96 -7.14
C GLU B 106 10.80 -6.78 -8.17
N VAL B 107 10.08 -7.52 -9.01
CA VAL B 107 10.75 -8.31 -10.04
C VAL B 107 11.47 -7.41 -11.03
N GLN B 108 10.85 -6.29 -11.40
CA GLN B 108 11.50 -5.35 -12.31
C GLN B 108 12.75 -4.75 -11.69
N ASN B 109 12.69 -4.41 -10.40
CA ASN B 109 13.85 -3.85 -9.72
C ASN B 109 14.97 -4.87 -9.62
N LYS B 110 14.62 -6.14 -9.35
CA LYS B 110 15.64 -7.18 -9.28
C LYS B 110 16.24 -7.46 -10.65
N LEU B 111 15.46 -7.32 -11.72
CA LEU B 111 15.99 -7.54 -13.06
C LEU B 111 16.84 -6.36 -13.53
N SER B 112 16.56 -5.16 -13.04
CA SER B 112 17.32 -3.99 -13.48
C SER B 112 18.78 -4.05 -13.05
N GLU B 113 19.07 -4.73 -11.95
CA GLU B 113 20.42 -4.81 -11.42
C GLU B 113 21.25 -5.94 -12.01
N VAL B 114 20.66 -6.76 -12.89
CA VAL B 114 21.36 -7.86 -13.52
C VAL B 114 21.24 -7.82 -15.04
N LEU B 115 20.56 -6.79 -15.57
CA LEU B 115 20.36 -6.72 -17.02
C LEU B 115 21.64 -6.43 -17.76
N SER B 116 22.60 -5.76 -17.12
CA SER B 116 23.85 -5.40 -17.79
C SER B 116 24.79 -6.58 -17.99
N THR B 117 24.50 -7.72 -17.34
CA THR B 117 25.34 -8.91 -17.46
C THR B 117 24.85 -9.90 -18.50
N LEU B 118 23.76 -9.58 -19.18
CA LEU B 118 23.21 -10.46 -20.21
C LEU B 118 23.86 -10.16 -21.55
N PRO B 119 23.63 -11.03 -22.55
CA PRO B 119 24.20 -10.78 -23.88
C PRO B 119 23.69 -9.48 -24.48
N ALA B 120 24.39 -9.02 -25.51
CA ALA B 120 24.05 -7.73 -26.12
C ALA B 120 22.71 -7.78 -26.83
N THR B 121 22.42 -8.89 -27.53
CA THR B 121 21.16 -8.98 -28.25
C THR B 121 19.97 -9.08 -27.30
N VAL B 122 20.15 -9.71 -26.13
CA VAL B 122 19.08 -9.78 -25.15
C VAL B 122 18.76 -8.38 -24.63
N GLN B 123 19.78 -7.55 -24.47
CA GLN B 123 19.54 -6.17 -24.04
C GLN B 123 18.94 -5.34 -25.17
N GLN B 124 19.30 -5.63 -26.41
CA GLN B 124 18.71 -4.93 -27.55
C GLN B 124 17.21 -5.22 -27.64
N TYR B 125 16.83 -6.50 -27.57
CA TYR B 125 15.42 -6.85 -27.63
C TYR B 125 14.69 -6.49 -26.35
N GLY B 126 15.39 -6.54 -25.21
CA GLY B 126 14.78 -6.21 -23.93
C GLY B 126 14.14 -7.41 -23.26
N VAL B 127 13.88 -7.24 -21.97
CA VAL B 127 13.25 -8.27 -21.15
C VAL B 127 11.98 -7.69 -20.54
N THR B 128 10.84 -8.28 -20.86
CA THR B 128 9.57 -7.81 -20.34
C THR B 128 9.31 -8.37 -18.95
N VAL B 129 8.44 -7.70 -18.22
CA VAL B 129 8.01 -8.15 -16.89
C VAL B 129 6.51 -7.89 -16.80
N SER B 130 5.71 -8.94 -16.95
CA SER B 130 4.26 -8.83 -16.90
C SER B 130 3.71 -9.85 -15.91
N LYS B 131 2.40 -9.78 -15.67
CA LYS B 131 1.72 -10.68 -14.77
C LYS B 131 0.93 -11.70 -15.58
N ALA B 132 0.90 -12.95 -15.09
CA ALA B 132 0.21 -14.01 -15.79
C ALA B 132 -1.30 -13.92 -15.70
N ARG B 133 -1.82 -13.19 -14.72
CA ARG B 133 -3.27 -13.05 -14.58
C ARG B 133 -3.84 -12.27 -15.77
N SER B 134 -4.96 -12.75 -16.29
CA SER B 134 -5.60 -12.13 -17.44
C SER B 134 -7.10 -12.30 -17.34
N ASN B 135 -7.83 -11.24 -17.62
CA ASN B 135 -9.30 -11.25 -17.64
C ASN B 135 -9.72 -11.18 -19.11
N PHE B 136 -9.77 -12.33 -19.76
CA PHE B 136 -10.09 -12.39 -21.18
C PHE B 136 -11.56 -12.07 -21.41
N LEU B 137 -11.84 -11.24 -22.41
CA LEU B 137 -13.21 -10.83 -22.73
C LEU B 137 -13.66 -11.28 -24.10
N MET B 138 -12.92 -10.94 -25.16
CA MET B 138 -13.36 -11.20 -26.52
C MET B 138 -12.16 -11.50 -27.40
N ILE B 139 -12.44 -12.02 -28.59
CA ILE B 139 -11.45 -12.25 -29.63
C ILE B 139 -11.94 -11.60 -30.91
N VAL B 140 -11.14 -10.71 -31.47
CA VAL B 140 -11.46 -10.00 -32.70
C VAL B 140 -10.56 -10.54 -33.80
N MET B 141 -11.16 -11.18 -34.81
CA MET B 141 -10.44 -11.77 -35.91
C MET B 141 -10.67 -10.96 -37.17
N LEU B 142 -9.57 -10.58 -37.83
CA LEU B 142 -9.62 -9.82 -39.08
C LEU B 142 -9.13 -10.73 -40.21
N SER B 143 -10.00 -10.98 -41.18
CA SER B 143 -9.68 -11.83 -42.32
C SER B 143 -10.01 -11.09 -43.61
N SER B 144 -9.07 -11.11 -44.55
CA SER B 144 -9.23 -10.40 -45.82
C SER B 144 -9.24 -11.31 -47.03
N ASP B 145 -8.30 -12.24 -47.08
CA ASP B 145 -8.20 -13.20 -48.22
C ASP B 145 -7.75 -12.44 -49.48
N VAL B 146 -7.65 -11.11 -49.39
CA VAL B 146 -7.19 -10.27 -50.50
C VAL B 146 -5.93 -9.48 -50.14
N GLN B 147 -5.43 -9.63 -48.93
CA GLN B 147 -4.22 -8.90 -48.45
C GLN B 147 -3.35 -9.84 -47.61
N SER B 148 -2.06 -9.56 -47.49
CA SER B 148 -1.17 -10.40 -46.72
C SER B 148 -1.48 -10.29 -45.22
N THR B 149 -1.01 -11.27 -44.46
CA THR B 149 -1.23 -11.25 -43.03
C THR B 149 -0.45 -10.13 -42.35
N GLU B 150 0.74 -9.81 -42.88
CA GLU B 150 1.51 -8.71 -42.32
C GLU B 150 0.83 -7.36 -42.56
N GLU B 151 0.21 -7.20 -43.74
CA GLU B 151 -0.54 -5.98 -44.02
C GLU B 151 -1.72 -5.83 -43.08
N MET B 152 -2.43 -6.93 -42.81
CA MET B 152 -3.55 -6.89 -41.88
C MET B 152 -3.08 -6.61 -40.47
N ASN B 153 -1.93 -7.16 -40.08
CA ASN B 153 -1.38 -6.88 -38.76
C ASN B 153 -1.03 -5.40 -38.62
N ASP B 154 -0.39 -4.83 -39.65
CA ASP B 154 -0.05 -3.42 -39.62
C ASP B 154 -1.30 -2.55 -39.57
N TYR B 155 -2.32 -2.88 -40.35
CA TYR B 155 -3.56 -2.11 -40.34
C TYR B 155 -4.24 -2.19 -38.98
N ALA B 156 -4.26 -3.38 -38.37
CA ALA B 156 -4.89 -3.52 -37.06
C ALA B 156 -4.13 -2.77 -35.99
N GLN B 157 -2.79 -2.77 -36.07
CA GLN B 157 -2.00 -2.07 -35.07
C GLN B 157 -2.05 -0.56 -35.26
N ARG B 158 -2.31 -0.09 -36.48
CA ARG B 158 -2.31 1.35 -36.74
C ARG B 158 -3.69 1.98 -36.67
N ASN B 159 -4.75 1.21 -36.88
CA ASN B 159 -6.09 1.78 -36.96
C ASN B 159 -7.15 1.05 -36.14
N VAL B 160 -6.83 -0.11 -35.57
CA VAL B 160 -7.79 -0.93 -34.84
C VAL B 160 -7.40 -1.09 -33.38
N VAL B 161 -6.11 -1.37 -33.12
CA VAL B 161 -5.65 -1.56 -31.75
C VAL B 161 -5.81 -0.29 -30.92
N PRO B 162 -5.30 0.88 -31.34
CA PRO B 162 -5.46 2.09 -30.52
C PRO B 162 -6.90 2.54 -30.37
N GLU B 163 -7.83 2.06 -31.20
CA GLU B 163 -9.24 2.42 -31.08
C GLU B 163 -10.01 1.53 -30.12
N LEU B 164 -9.53 0.32 -29.86
CA LEU B 164 -10.22 -0.59 -28.95
C LEU B 164 -9.78 -0.42 -27.51
N GLN B 165 -8.51 -0.09 -27.27
CA GLN B 165 -8.02 0.09 -25.91
C GLN B 165 -8.43 1.44 -25.32
N ARG B 166 -9.11 2.29 -26.08
CA ARG B 166 -9.62 3.55 -25.57
C ARG B 166 -11.06 3.45 -25.07
N ILE B 167 -11.68 2.27 -25.20
CA ILE B 167 -13.07 2.09 -24.81
C ILE B 167 -13.16 1.88 -23.30
N GLU B 168 -14.30 2.29 -22.73
CA GLU B 168 -14.52 2.10 -21.29
C GLU B 168 -14.56 0.62 -20.95
N GLY B 169 -13.70 0.22 -20.02
CA GLY B 169 -13.66 -1.14 -19.52
C GLY B 169 -12.52 -1.97 -20.07
N VAL B 170 -11.96 -1.59 -21.22
CA VAL B 170 -10.88 -2.36 -21.83
C VAL B 170 -9.61 -2.15 -21.02
N GLY B 171 -8.91 -3.25 -20.73
CA GLY B 171 -7.70 -3.17 -19.94
C GLY B 171 -6.43 -3.43 -20.72
N GLN B 172 -6.53 -4.20 -21.81
CA GLN B 172 -5.36 -4.52 -22.62
C GLN B 172 -5.81 -5.14 -23.93
N VAL B 173 -5.15 -4.75 -25.02
CA VAL B 173 -5.38 -5.32 -26.34
C VAL B 173 -4.06 -5.92 -26.82
N ARG B 174 -4.07 -7.23 -27.09
CA ARG B 174 -2.87 -7.95 -27.46
C ARG B 174 -3.01 -8.47 -28.89
N LEU B 175 -2.06 -8.09 -29.75
CA LEU B 175 -2.02 -8.58 -31.12
C LEU B 175 -1.25 -9.89 -31.18
N PHE B 176 -1.70 -10.79 -32.05
CA PHE B 176 -1.05 -12.08 -32.26
C PHE B 176 -0.44 -12.08 -33.66
N GLY B 177 0.86 -11.86 -33.72
CA GLY B 177 1.58 -11.79 -34.98
C GLY B 177 2.74 -10.82 -34.88
N ALA B 178 3.75 -11.04 -35.70
CA ALA B 178 4.93 -10.21 -35.70
C ALA B 178 4.65 -8.87 -36.39
N GLN B 179 5.34 -7.84 -35.90
CA GLN B 179 5.21 -6.51 -36.48
C GLN B 179 5.95 -6.43 -37.82
N ARG B 180 5.93 -5.25 -38.43
CA ARG B 180 6.58 -5.04 -39.70
C ARG B 180 7.98 -4.48 -39.49
N ALA B 181 8.91 -4.87 -40.37
CA ALA B 181 10.28 -4.43 -40.29
C ALA B 181 10.87 -4.41 -41.69
N MET B 182 12.11 -3.93 -41.79
CA MET B 182 12.84 -3.88 -43.04
C MET B 182 13.85 -5.03 -43.05
N ARG B 183 13.59 -6.05 -43.87
CA ARG B 183 14.44 -7.22 -43.96
C ARG B 183 15.33 -7.14 -45.19
N ILE B 184 16.61 -7.44 -44.99
CA ILE B 184 17.60 -7.45 -46.06
C ILE B 184 18.15 -8.87 -46.17
N TRP B 185 17.81 -9.54 -47.27
CA TRP B 185 18.28 -10.90 -47.53
C TRP B 185 19.60 -10.77 -48.30
N VAL B 186 20.69 -11.18 -47.68
CA VAL B 186 22.03 -11.01 -48.22
C VAL B 186 22.52 -12.33 -48.78
N ASP B 187 22.85 -12.34 -50.06
CA ASP B 187 23.37 -13.54 -50.70
C ASP B 187 24.86 -13.69 -50.38
N PRO B 188 25.28 -14.77 -49.73
CA PRO B 188 26.71 -14.92 -49.41
C PRO B 188 27.60 -15.03 -50.63
N LYS B 189 27.06 -15.53 -51.76
CA LYS B 189 27.87 -15.63 -52.96
C LYS B 189 28.30 -14.26 -53.47
N LYS B 190 27.37 -13.29 -53.45
CA LYS B 190 27.74 -11.93 -53.84
C LYS B 190 28.78 -11.34 -52.89
N LEU B 191 28.67 -11.64 -51.60
CA LEU B 191 29.66 -11.14 -50.64
C LEU B 191 31.03 -11.71 -50.91
N GLN B 192 31.12 -13.03 -51.13
CA GLN B 192 32.41 -13.63 -51.45
C GLN B 192 32.93 -13.19 -52.81
N ASN B 193 32.05 -12.79 -53.72
CA ASN B 193 32.49 -12.26 -55.00
C ASN B 193 33.10 -10.87 -54.84
N TYR B 194 32.40 -9.97 -54.17
CA TYR B 194 32.89 -8.63 -53.93
C TYR B 194 33.85 -8.54 -52.75
N ASN B 195 34.12 -9.66 -52.07
CA ASN B 195 35.00 -9.71 -50.91
C ASN B 195 34.46 -8.82 -49.79
N LEU B 196 33.22 -9.10 -49.41
CA LEU B 196 32.52 -8.37 -48.34
C LEU B 196 32.13 -9.35 -47.25
N SER B 197 31.44 -8.83 -46.23
CA SER B 197 31.00 -9.65 -45.11
C SER B 197 29.73 -9.04 -44.52
N PHE B 198 29.12 -9.80 -43.60
CA PHE B 198 27.91 -9.30 -42.95
C PHE B 198 28.22 -8.14 -42.03
N ALA B 199 29.43 -8.09 -41.46
CA ALA B 199 29.83 -6.94 -40.66
C ALA B 199 29.86 -5.67 -41.48
N ASP B 200 30.25 -5.77 -42.76
CA ASP B 200 30.22 -4.60 -43.63
C ASP B 200 28.79 -4.10 -43.83
N VAL B 201 27.85 -5.03 -44.03
CA VAL B 201 26.46 -4.63 -44.21
C VAL B 201 25.92 -4.00 -42.93
N GLY B 202 26.28 -4.57 -41.77
CA GLY B 202 25.83 -3.99 -40.52
C GLY B 202 26.39 -2.59 -40.30
N SER B 203 27.68 -2.39 -40.59
CA SER B 203 28.28 -1.08 -40.44
C SER B 203 27.67 -0.07 -41.40
N ALA B 204 27.40 -0.49 -42.64
CA ALA B 204 26.78 0.42 -43.60
C ALA B 204 25.37 0.78 -43.19
N LEU B 205 24.62 -0.17 -42.62
CA LEU B 205 23.26 0.12 -42.20
C LEU B 205 23.22 0.96 -40.93
N SER B 206 24.22 0.83 -40.07
CA SER B 206 24.26 1.61 -38.83
C SER B 206 24.91 2.97 -39.00
N ALA B 207 25.68 3.19 -40.07
CA ALA B 207 26.33 4.47 -40.30
C ALA B 207 25.49 5.37 -41.20
N GLN B 208 24.95 4.82 -42.29
CA GLN B 208 24.15 5.60 -43.22
C GLN B 208 22.75 5.90 -42.69
N ASN B 209 22.30 5.22 -41.64
CA ASN B 209 20.96 5.41 -41.09
C ASN B 209 21.12 5.74 -39.60
N ILE B 210 21.21 7.02 -39.29
CA ILE B 210 21.40 7.48 -37.91
C ILE B 210 20.72 8.84 -37.76
N GLN B 211 20.15 9.07 -36.58
CA GLN B 211 19.49 10.34 -36.31
C GLN B 211 20.52 11.42 -36.02
N ILE B 212 20.27 12.61 -36.56
CA ILE B 212 21.17 13.76 -36.42
C ILE B 212 20.53 14.77 -35.49
N SER B 213 21.33 15.30 -34.56
CA SER B 213 20.88 16.33 -33.63
C SER B 213 21.79 17.53 -33.80
N ALA B 214 21.26 18.61 -34.40
CA ALA B 214 22.06 19.78 -34.69
C ALA B 214 22.06 20.79 -33.55
N GLY B 215 20.88 21.22 -33.09
CA GLY B 215 20.79 22.18 -32.02
C GLY B 215 20.04 23.43 -32.40
N SER B 216 20.54 24.59 -31.99
CA SER B 216 19.86 25.85 -32.26
C SER B 216 20.89 26.90 -32.67
N ILE B 217 20.54 27.67 -33.70
CA ILE B 217 21.30 28.84 -34.08
C ILE B 217 20.86 30.01 -33.20
N GLY B 218 21.83 30.74 -32.66
CA GLY B 218 21.55 31.80 -31.71
C GLY B 218 21.13 31.23 -30.37
N SER B 219 21.92 30.30 -29.85
CA SER B 219 21.59 29.62 -28.60
C SER B 219 21.69 30.63 -27.44
N LEU B 220 21.38 30.16 -26.24
CA LEU B 220 21.21 31.08 -25.11
C LEU B 220 22.52 31.72 -24.67
N PRO B 221 23.61 30.98 -24.41
CA PRO B 221 24.88 31.64 -24.14
C PRO B 221 25.45 32.29 -25.38
N ALA B 222 24.87 33.41 -25.80
CA ALA B 222 25.17 34.06 -27.05
C ALA B 222 25.95 35.36 -26.82
N VAL B 223 26.18 36.08 -27.90
CA VAL B 223 26.94 37.31 -27.86
C VAL B 223 25.97 38.49 -27.78
N ARG B 224 26.50 39.66 -27.42
CA ARG B 224 25.67 40.85 -27.30
C ARG B 224 25.15 41.28 -28.67
N GLY B 225 23.84 41.31 -28.82
CA GLY B 225 23.21 41.71 -30.05
C GLY B 225 22.46 40.64 -30.81
N GLN B 226 22.12 39.53 -30.16
CA GLN B 226 21.39 38.44 -30.80
C GLN B 226 19.89 38.67 -30.63
N THR B 227 19.15 38.59 -31.74
CA THR B 227 17.73 38.86 -31.73
C THR B 227 16.87 37.68 -32.18
N VAL B 228 17.45 36.67 -32.81
CA VAL B 228 16.69 35.53 -33.30
C VAL B 228 17.44 34.24 -33.01
N THR B 229 16.69 33.18 -32.71
CA THR B 229 17.22 31.84 -32.49
C THR B 229 16.29 30.85 -33.17
N ALA B 230 16.86 29.84 -33.81
CA ALA B 230 16.06 28.89 -34.58
C ALA B 230 16.62 27.49 -34.46
N THR B 231 15.74 26.51 -34.26
CA THR B 231 16.13 25.12 -34.18
C THR B 231 16.55 24.62 -35.56
N VAL B 232 17.67 23.89 -35.60
CA VAL B 232 18.20 23.34 -36.85
C VAL B 232 17.72 21.91 -37.00
N THR B 233 17.32 21.54 -38.22
CA THR B 233 16.78 20.23 -38.51
C THR B 233 17.62 19.57 -39.59
N ALA B 234 17.81 18.25 -39.45
CA ALA B 234 18.57 17.48 -40.43
C ALA B 234 18.10 16.04 -40.39
N GLN B 235 17.65 15.52 -41.53
CA GLN B 235 17.17 14.16 -41.62
C GLN B 235 18.32 13.24 -42.02
N GLY B 236 18.57 12.22 -41.21
CA GLY B 236 19.65 11.29 -41.47
C GLY B 236 19.23 9.83 -41.40
N GLN B 237 17.93 9.58 -41.54
CA GLN B 237 17.38 8.24 -41.50
C GLN B 237 16.66 7.91 -42.80
N LEU B 238 16.52 6.62 -43.06
CA LEU B 238 15.82 6.12 -44.24
C LEU B 238 14.47 5.55 -43.84
N GLY B 239 13.53 5.58 -44.79
CA GLY B 239 12.18 5.13 -44.51
C GLY B 239 11.54 4.32 -45.61
N THR B 240 12.29 4.06 -46.69
CA THR B 240 11.79 3.29 -47.82
C THR B 240 12.83 2.26 -48.23
N ALA B 241 12.39 1.29 -49.05
CA ALA B 241 13.29 0.22 -49.48
C ALA B 241 14.28 0.71 -50.53
N GLU B 242 13.87 1.62 -51.40
CA GLU B 242 14.80 2.14 -52.40
C GLU B 242 15.93 2.93 -51.76
N GLU B 243 15.67 3.60 -50.63
CA GLU B 243 16.73 4.31 -49.94
C GLU B 243 17.70 3.34 -49.28
N PHE B 244 17.18 2.23 -48.73
CA PHE B 244 18.05 1.23 -48.12
C PHE B 244 18.87 0.49 -49.17
N GLY B 245 18.33 0.33 -50.38
CA GLY B 245 19.06 -0.33 -51.43
C GLY B 245 20.22 0.47 -51.99
N ASN B 246 20.28 1.77 -51.71
CA ASN B 246 21.36 2.63 -52.18
C ASN B 246 22.43 2.86 -51.11
N VAL B 247 22.41 2.10 -50.02
CA VAL B 247 23.42 2.25 -48.99
C VAL B 247 24.77 1.79 -49.54
N ILE B 248 25.78 2.62 -49.39
CA ILE B 248 27.11 2.32 -49.93
C ILE B 248 27.82 1.37 -48.99
N LEU B 249 28.27 0.24 -49.52
CA LEU B 249 29.00 -0.76 -48.76
C LEU B 249 30.52 -0.56 -48.82
N ARG B 250 31.02 -0.07 -49.96
CA ARG B 250 32.44 0.18 -50.11
C ARG B 250 32.65 1.13 -51.27
N ALA B 251 33.39 2.21 -51.03
CA ALA B 251 33.71 3.20 -52.05
C ALA B 251 35.15 3.02 -52.50
N ASN B 252 35.34 2.94 -53.82
CA ASN B 252 36.66 2.78 -54.41
C ASN B 252 37.16 4.10 -54.98
N THR B 253 38.44 4.12 -55.35
CA THR B 253 39.05 5.34 -55.86
C THR B 253 38.46 5.72 -57.21
N ASP B 254 38.38 4.75 -58.13
CA ASP B 254 37.82 4.99 -59.45
C ASP B 254 36.30 5.08 -59.45
N GLY B 255 35.66 4.95 -58.30
CA GLY B 255 34.21 4.86 -58.22
C GLY B 255 33.77 3.44 -57.97
N SER B 256 32.69 3.02 -58.62
CA SER B 256 32.23 1.64 -58.55
C SER B 256 31.83 1.27 -57.11
N ASN B 257 31.12 2.19 -56.45
CA ASN B 257 30.66 1.92 -55.10
C ASN B 257 29.66 0.77 -55.10
N ILE B 258 29.82 -0.15 -54.15
CA ILE B 258 28.94 -1.30 -54.03
C ILE B 258 27.75 -0.92 -53.16
N TYR B 259 26.56 -0.98 -53.75
CA TYR B 259 25.33 -0.66 -53.03
C TYR B 259 24.77 -1.90 -52.34
N LEU B 260 23.80 -1.68 -51.45
CA LEU B 260 23.16 -2.79 -50.76
C LEU B 260 22.29 -3.63 -51.67
N LYS B 261 21.86 -3.08 -52.80
CA LYS B 261 21.02 -3.81 -53.74
C LYS B 261 21.83 -4.67 -54.71
N ASP B 262 23.15 -4.57 -54.70
CA ASP B 262 23.99 -5.38 -55.58
C ASP B 262 24.33 -6.73 -54.99
N VAL B 263 24.35 -6.85 -53.67
CA VAL B 263 24.69 -8.10 -52.99
C VAL B 263 23.55 -8.61 -52.11
N ALA B 264 22.40 -7.94 -52.11
CA ALA B 264 21.28 -8.35 -51.27
C ALA B 264 20.01 -7.71 -51.82
N LYS B 265 18.88 -8.11 -51.23
CA LYS B 265 17.57 -7.57 -51.59
C LYS B 265 16.87 -7.09 -50.33
N VAL B 266 16.39 -5.86 -50.36
CA VAL B 266 15.75 -5.22 -49.21
C VAL B 266 14.26 -5.13 -49.47
N GLY B 267 13.47 -5.31 -48.41
CA GLY B 267 12.04 -5.20 -48.54
C GLY B 267 11.34 -5.27 -47.19
N LEU B 268 10.09 -4.82 -47.18
CA LEU B 268 9.28 -4.87 -45.98
C LEU B 268 8.82 -6.29 -45.70
N GLY B 269 9.02 -6.75 -44.47
CA GLY B 269 8.60 -8.06 -44.08
C GLY B 269 8.20 -8.08 -42.62
N MET B 270 8.17 -9.28 -42.04
CA MET B 270 7.84 -9.45 -40.64
C MET B 270 9.13 -9.59 -39.82
N GLU B 271 8.97 -9.61 -38.50
CA GLU B 271 10.11 -9.70 -37.59
C GLU B 271 10.39 -11.12 -37.12
N ASP B 272 9.38 -11.98 -37.08
CA ASP B 272 9.54 -13.35 -36.59
C ASP B 272 9.25 -14.40 -37.64
N TYR B 273 8.19 -14.24 -38.43
CA TYR B 273 7.84 -15.16 -39.51
C TYR B 273 7.45 -16.53 -39.00
N SER B 274 7.08 -16.63 -37.72
CA SER B 274 6.90 -17.92 -37.06
C SER B 274 5.43 -18.35 -37.01
N SER B 275 4.57 -17.56 -36.38
CA SER B 275 3.19 -17.95 -36.19
C SER B 275 2.34 -17.57 -37.40
N SER B 276 1.29 -18.36 -37.64
CA SER B 276 0.37 -18.08 -38.74
C SER B 276 -1.03 -18.50 -38.33
N THR B 277 -1.97 -17.57 -38.41
CA THR B 277 -3.35 -17.80 -37.98
C THR B 277 -4.27 -17.87 -39.19
N ARG B 278 -5.21 -18.80 -39.16
CA ARG B 278 -6.20 -18.96 -40.22
C ARG B 278 -7.57 -19.19 -39.61
N LEU B 279 -8.60 -18.64 -40.26
CA LEU B 279 -9.97 -18.79 -39.82
C LEU B 279 -10.77 -19.40 -40.98
N ASN B 280 -11.09 -20.69 -40.86
CA ASN B 280 -11.80 -21.44 -41.88
C ASN B 280 -11.00 -21.57 -43.17
N GLY B 281 -9.67 -21.43 -43.09
CA GLY B 281 -8.80 -21.58 -44.23
C GLY B 281 -8.23 -20.28 -44.78
N VAL B 282 -8.78 -19.14 -44.39
CA VAL B 282 -8.32 -17.85 -44.88
C VAL B 282 -7.40 -17.22 -43.84
N ASN B 283 -6.56 -16.29 -44.30
CA ASN B 283 -5.67 -15.58 -43.39
C ASN B 283 -6.46 -14.74 -42.40
N THR B 284 -5.94 -14.63 -41.18
CA THR B 284 -6.64 -13.94 -40.12
C THR B 284 -5.63 -13.26 -39.20
N THR B 285 -6.05 -12.13 -38.62
CA THR B 285 -5.27 -11.41 -37.64
C THR B 285 -5.99 -11.47 -36.30
N GLY B 286 -5.27 -11.87 -35.25
CA GLY B 286 -5.86 -12.10 -33.95
C GLY B 286 -5.61 -10.96 -32.99
N MET B 287 -6.68 -10.52 -32.32
CA MET B 287 -6.61 -9.49 -31.31
C MET B 287 -7.39 -9.95 -30.09
N ALA B 288 -6.69 -10.09 -28.96
CA ALA B 288 -7.29 -10.55 -27.71
C ALA B 288 -7.53 -9.35 -26.81
N VAL B 289 -8.75 -9.21 -26.32
CA VAL B 289 -9.11 -8.13 -25.42
C VAL B 289 -9.18 -8.69 -24.00
N MET B 290 -8.59 -7.97 -23.06
CA MET B 290 -8.64 -8.35 -21.65
C MET B 290 -9.49 -7.36 -20.88
N LEU B 291 -10.43 -7.87 -20.10
CA LEU B 291 -11.32 -7.02 -19.32
C LEU B 291 -10.56 -6.42 -18.14
N SER B 292 -10.82 -5.15 -17.88
CA SER B 292 -10.15 -4.44 -16.79
C SER B 292 -10.95 -4.57 -15.50
N ASN B 293 -10.23 -4.49 -14.39
CA ASN B 293 -10.87 -4.53 -13.08
C ASN B 293 -11.78 -3.31 -12.89
N SER B 294 -12.85 -3.52 -12.12
CA SER B 294 -13.87 -2.50 -11.91
C SER B 294 -14.57 -2.13 -13.21
N GLY B 295 -14.70 -3.10 -14.12
CA GLY B 295 -15.36 -2.90 -15.38
C GLY B 295 -16.47 -3.91 -15.60
N ASN B 296 -17.28 -3.64 -16.63
CA ASN B 296 -18.40 -4.48 -16.99
C ASN B 296 -18.08 -5.26 -18.26
N ALA B 297 -18.63 -6.47 -18.36
CA ALA B 297 -18.38 -7.35 -19.49
C ALA B 297 -19.38 -7.16 -20.63
N MET B 298 -20.66 -6.99 -20.31
CA MET B 298 -21.67 -6.83 -21.35
C MET B 298 -21.54 -5.47 -22.04
N ALA B 299 -21.44 -4.40 -21.24
CA ALA B 299 -21.33 -3.07 -21.82
C ALA B 299 -20.04 -2.90 -22.61
N THR B 300 -18.94 -3.46 -22.10
CA THR B 300 -17.67 -3.37 -22.81
C THR B 300 -17.74 -4.13 -24.13
N ALA B 301 -18.35 -5.32 -24.13
CA ALA B 301 -18.47 -6.08 -25.37
C ALA B 301 -19.36 -5.34 -26.38
N LYS B 302 -20.45 -4.74 -25.91
CA LYS B 302 -21.32 -4.00 -26.82
C LYS B 302 -20.60 -2.79 -27.40
N ALA B 303 -19.84 -2.07 -26.58
CA ALA B 303 -19.08 -0.93 -27.08
C ALA B 303 -18.01 -1.38 -28.07
N VAL B 304 -17.36 -2.51 -27.81
CA VAL B 304 -16.35 -3.02 -28.73
C VAL B 304 -16.98 -3.39 -30.06
N LYS B 305 -18.17 -4.01 -30.03
CA LYS B 305 -18.85 -4.37 -31.28
C LYS B 305 -19.26 -3.12 -32.05
N GLU B 306 -19.77 -2.11 -31.36
CA GLU B 306 -20.15 -0.87 -32.04
C GLU B 306 -18.95 -0.19 -32.68
N ARG B 307 -17.83 -0.11 -31.94
CA ARG B 307 -16.63 0.49 -32.50
C ARG B 307 -16.09 -0.33 -33.67
N LEU B 308 -16.21 -1.65 -33.59
CA LEU B 308 -15.76 -2.50 -34.68
C LEU B 308 -16.60 -2.28 -35.93
N ALA B 309 -17.91 -2.10 -35.76
CA ALA B 309 -18.75 -1.79 -36.91
C ALA B 309 -18.41 -0.42 -37.51
N VAL B 310 -18.20 0.58 -36.65
CA VAL B 310 -17.85 1.91 -37.14
C VAL B 310 -16.50 1.88 -37.86
N LEU B 311 -15.59 1.00 -37.44
CA LEU B 311 -14.29 0.92 -38.11
C LEU B 311 -14.40 0.12 -39.41
N GLU B 312 -15.20 -0.95 -39.42
CA GLU B 312 -15.40 -1.73 -40.63
C GLU B 312 -16.10 -0.91 -41.69
N LYS B 313 -16.84 0.13 -41.29
CA LYS B 313 -17.40 1.05 -42.28
C LYS B 313 -16.30 1.82 -43.03
N TYR B 314 -15.06 1.82 -42.56
CA TYR B 314 -13.94 2.43 -43.25
C TYR B 314 -12.89 1.43 -43.72
N PHE B 315 -13.14 0.13 -43.57
CA PHE B 315 -12.14 -0.87 -43.93
C PHE B 315 -11.89 -0.89 -45.43
N PRO B 316 -10.75 -1.41 -45.87
CA PRO B 316 -10.51 -1.58 -47.30
C PRO B 316 -11.34 -2.72 -47.90
N GLN B 317 -11.24 -2.92 -49.20
CA GLN B 317 -12.01 -3.96 -49.86
C GLN B 317 -11.39 -5.32 -49.59
N GLY B 318 -12.16 -6.23 -48.99
CA GLY B 318 -11.73 -7.57 -48.70
C GLY B 318 -11.68 -7.90 -47.22
N MET B 319 -11.38 -6.91 -46.38
CA MET B 319 -11.27 -7.15 -44.95
C MET B 319 -12.64 -7.44 -44.34
N SER B 320 -12.61 -8.12 -43.19
CA SER B 320 -13.83 -8.48 -42.49
C SER B 320 -13.47 -8.83 -41.05
N TRP B 321 -14.29 -8.35 -40.12
CA TRP B 321 -14.08 -8.58 -38.70
C TRP B 321 -15.11 -9.57 -38.16
N LYS B 322 -14.67 -10.36 -37.19
CA LYS B 322 -15.55 -11.34 -36.56
C LYS B 322 -15.20 -11.47 -35.08
N THR B 323 -16.21 -11.84 -34.29
CA THR B 323 -16.05 -12.09 -32.86
C THR B 323 -16.59 -13.50 -32.59
N PRO B 324 -15.79 -14.53 -32.85
CA PRO B 324 -16.30 -15.90 -32.74
C PRO B 324 -16.54 -16.34 -31.31
N TYR B 325 -15.74 -15.84 -30.37
CA TYR B 325 -15.84 -16.22 -28.97
C TYR B 325 -15.95 -14.97 -28.10
N ASP B 326 -16.78 -15.06 -27.06
CA ASP B 326 -17.00 -13.94 -26.15
C ASP B 326 -17.46 -14.50 -24.81
N THR B 327 -16.71 -14.18 -23.75
CA THR B 327 -17.04 -14.66 -22.42
C THR B 327 -18.02 -13.74 -21.68
N SER B 328 -18.62 -12.79 -22.38
CA SER B 328 -19.56 -11.87 -21.77
C SER B 328 -21.01 -12.35 -21.85
N LYS B 329 -21.30 -13.35 -22.67
CA LYS B 329 -22.65 -13.90 -22.77
C LYS B 329 -22.96 -14.91 -21.67
N PHE B 330 -21.93 -15.48 -21.02
CA PHE B 330 -22.17 -16.38 -19.92
C PHE B 330 -22.79 -15.67 -18.72
N VAL B 331 -22.27 -14.51 -18.35
CA VAL B 331 -22.89 -13.73 -17.29
C VAL B 331 -24.27 -13.24 -17.68
N GLU B 332 -24.49 -12.94 -18.96
CA GLU B 332 -25.82 -12.58 -19.44
C GLU B 332 -26.80 -13.73 -19.21
N ILE B 333 -26.42 -14.95 -19.62
CA ILE B 333 -27.28 -16.10 -19.44
C ILE B 333 -27.52 -16.37 -17.96
N SER B 334 -26.48 -16.18 -17.14
CA SER B 334 -26.63 -16.39 -15.70
C SER B 334 -27.62 -15.40 -15.09
N ILE B 335 -27.54 -14.12 -15.50
CA ILE B 335 -28.45 -13.12 -14.97
C ILE B 335 -29.89 -13.40 -15.40
N GLU B 336 -30.08 -13.77 -16.67
CA GLU B 336 -31.42 -14.09 -17.13
C GLU B 336 -31.97 -15.32 -16.43
N LYS B 337 -31.11 -16.31 -16.16
CA LYS B 337 -31.55 -17.49 -15.43
C LYS B 337 -31.91 -17.15 -13.99
N VAL B 338 -31.17 -16.24 -13.37
CA VAL B 338 -31.48 -15.82 -12.01
C VAL B 338 -32.83 -15.10 -11.97
N ILE B 339 -33.07 -14.24 -12.97
CA ILE B 339 -34.36 -13.53 -13.02
C ILE B 339 -35.51 -14.51 -13.24
N HIS B 340 -35.31 -15.47 -14.15
CA HIS B 340 -36.36 -16.47 -14.40
C HIS B 340 -36.62 -17.32 -13.16
N THR B 341 -35.56 -17.68 -12.44
CA THR B 341 -35.73 -18.47 -11.22
C THR B 341 -36.46 -17.68 -10.15
N LEU B 342 -36.15 -16.39 -10.02
CA LEU B 342 -36.86 -15.55 -9.05
C LEU B 342 -38.34 -15.45 -9.41
N ILE B 343 -38.65 -15.25 -10.69
CA ILE B 343 -40.04 -15.15 -11.11
C ILE B 343 -40.78 -16.46 -10.86
N GLU B 344 -40.15 -17.59 -11.18
CA GLU B 344 -40.79 -18.88 -10.97
C GLU B 344 -40.99 -19.16 -9.49
N ALA B 345 -40.02 -18.79 -8.65
CA ALA B 345 -40.17 -18.98 -7.21
C ALA B 345 -41.31 -18.12 -6.67
N MET B 346 -41.41 -16.87 -7.14
CA MET B 346 -42.52 -16.02 -6.71
C MET B 346 -43.86 -16.61 -7.12
N VAL B 347 -43.95 -17.12 -8.34
CA VAL B 347 -45.20 -17.71 -8.82
C VAL B 347 -45.57 -18.94 -7.99
N LEU B 348 -44.57 -19.80 -7.72
CA LEU B 348 -44.83 -21.00 -6.93
C LEU B 348 -45.25 -20.65 -5.51
N VAL B 349 -44.60 -19.65 -4.91
CA VAL B 349 -44.97 -19.23 -3.56
C VAL B 349 -46.39 -18.68 -3.54
N PHE B 350 -46.74 -17.88 -4.54
CA PHE B 350 -48.11 -17.36 -4.63
C PHE B 350 -49.12 -18.49 -4.75
N VAL B 351 -48.83 -19.48 -5.60
CA VAL B 351 -49.76 -20.58 -5.81
C VAL B 351 -49.94 -21.37 -4.53
N VAL B 352 -48.83 -21.72 -3.87
CA VAL B 352 -48.93 -22.53 -2.66
C VAL B 352 -49.61 -21.76 -1.53
N MET B 353 -49.36 -20.45 -1.42
CA MET B 353 -50.00 -19.67 -0.37
C MET B 353 -51.49 -19.52 -0.62
N TYR B 354 -51.90 -19.33 -1.89
CA TYR B 354 -53.32 -19.25 -2.18
C TYR B 354 -54.00 -20.60 -2.03
N LEU B 355 -53.25 -21.69 -2.20
CA LEU B 355 -53.85 -23.02 -2.05
C LEU B 355 -54.00 -23.39 -0.58
N PHE B 356 -53.06 -22.97 0.26
CA PHE B 356 -53.10 -23.39 1.66
C PHE B 356 -53.82 -22.41 2.57
N LEU B 357 -53.71 -21.10 2.33
CA LEU B 357 -54.33 -20.10 3.18
C LEU B 357 -55.68 -19.63 2.66
N GLN B 358 -56.01 -19.91 1.40
CA GLN B 358 -57.32 -19.58 0.83
C GLN B 358 -57.59 -18.09 0.83
N ASN B 359 -56.57 -17.30 0.48
CA ASN B 359 -56.73 -15.85 0.39
C ASN B 359 -55.61 -15.29 -0.45
N ILE B 360 -55.80 -14.06 -0.92
CA ILE B 360 -54.84 -13.42 -1.81
C ILE B 360 -53.91 -12.44 -1.10
N ARG B 361 -54.34 -11.86 0.02
CA ARG B 361 -53.52 -10.88 0.73
C ARG B 361 -52.44 -11.53 1.59
N TYR B 362 -52.30 -12.86 1.55
CA TYR B 362 -51.20 -13.54 2.22
C TYR B 362 -49.98 -13.70 1.33
N THR B 363 -50.15 -13.62 0.00
CA THR B 363 -49.06 -13.85 -0.92
C THR B 363 -48.21 -12.61 -1.15
N LEU B 364 -48.70 -11.42 -0.79
CA LEU B 364 -47.94 -10.20 -1.04
C LEU B 364 -46.75 -10.08 -0.09
N ILE B 365 -46.85 -10.67 1.10
CA ILE B 365 -45.77 -10.55 2.07
C ILE B 365 -44.47 -11.20 1.59
N PRO B 366 -44.47 -12.45 1.13
CA PRO B 366 -43.21 -13.02 0.60
C PRO B 366 -42.71 -12.29 -0.63
N THR B 367 -43.61 -11.90 -1.53
CA THR B 367 -43.20 -11.17 -2.73
C THR B 367 -42.58 -9.83 -2.40
N ILE B 368 -42.95 -9.22 -1.27
CA ILE B 368 -42.35 -7.97 -0.85
C ILE B 368 -41.06 -8.20 -0.07
N VAL B 369 -40.96 -9.31 0.66
CA VAL B 369 -39.82 -9.49 1.56
C VAL B 369 -38.63 -10.13 0.86
N VAL B 370 -38.85 -10.98 -0.14
CA VAL B 370 -37.76 -11.69 -0.80
C VAL B 370 -36.87 -10.74 -1.58
N PRO B 371 -37.42 -9.87 -2.44
CA PRO B 371 -36.55 -8.92 -3.16
C PRO B 371 -35.76 -8.00 -2.25
N ILE B 372 -36.31 -7.63 -1.09
CA ILE B 372 -35.56 -6.79 -0.16
C ILE B 372 -34.35 -7.54 0.39
N SER B 373 -34.53 -8.83 0.70
CA SER B 373 -33.41 -9.63 1.17
C SER B 373 -32.35 -9.79 0.08
N LEU B 374 -32.79 -9.99 -1.17
CA LEU B 374 -31.84 -10.10 -2.27
C LEU B 374 -31.07 -8.79 -2.46
N LEU B 375 -31.76 -7.65 -2.34
CA LEU B 375 -31.09 -6.37 -2.47
C LEU B 375 -30.11 -6.14 -1.33
N GLY B 376 -30.45 -6.57 -0.12
CA GLY B 376 -29.52 -6.46 0.99
C GLY B 376 -28.28 -7.31 0.77
N GLY B 377 -28.46 -8.53 0.27
CA GLY B 377 -27.31 -9.35 -0.07
C GLY B 377 -26.45 -8.74 -1.14
N PHE B 378 -27.07 -8.14 -2.17
CA PHE B 378 -26.31 -7.45 -3.21
C PHE B 378 -25.53 -6.28 -2.62
N ALA B 379 -26.15 -5.50 -1.74
CA ALA B 379 -25.45 -4.38 -1.12
C ALA B 379 -24.27 -4.85 -0.28
N PHE B 380 -24.44 -5.96 0.45
CA PHE B 380 -23.33 -6.46 1.25
C PHE B 380 -22.18 -6.96 0.37
N ILE B 381 -22.50 -7.71 -0.69
CA ILE B 381 -21.45 -8.19 -1.57
C ILE B 381 -20.77 -7.05 -2.31
N SER B 382 -21.48 -5.94 -2.52
CA SER B 382 -20.85 -4.75 -3.09
C SER B 382 -19.96 -4.04 -2.08
N TYR B 383 -20.33 -4.07 -0.80
CA TYR B 383 -19.49 -3.46 0.22
C TYR B 383 -18.19 -4.22 0.41
N MET B 384 -18.21 -5.54 0.23
CA MET B 384 -17.03 -6.36 0.45
C MET B 384 -16.08 -6.38 -0.75
N GLY B 385 -16.37 -5.60 -1.80
CA GLY B 385 -15.49 -5.55 -2.94
C GLY B 385 -15.57 -6.74 -3.87
N MET B 386 -16.66 -7.51 -3.82
CA MET B 386 -16.84 -8.64 -4.70
C MET B 386 -17.41 -8.16 -6.04
N SER B 387 -17.81 -9.10 -6.89
CA SER B 387 -18.34 -8.77 -8.21
C SER B 387 -19.45 -9.74 -8.56
N ILE B 388 -20.11 -9.47 -9.68
CA ILE B 388 -21.18 -10.32 -10.18
C ILE B 388 -20.58 -11.32 -11.17
N ASN B 389 -20.66 -12.60 -10.84
CA ASN B 389 -20.14 -13.66 -11.71
C ASN B 389 -21.11 -14.84 -11.63
N VAL B 390 -20.69 -15.96 -12.22
CA VAL B 390 -21.55 -17.15 -12.26
C VAL B 390 -21.73 -17.72 -10.86
N LEU B 391 -20.67 -17.70 -10.05
CA LEU B 391 -20.76 -18.27 -8.71
C LEU B 391 -21.70 -17.44 -7.83
N THR B 392 -21.62 -16.12 -7.91
CA THR B 392 -22.52 -15.28 -7.13
C THR B 392 -23.96 -15.45 -7.57
N MET B 393 -24.20 -15.59 -8.87
CA MET B 393 -25.56 -15.82 -9.36
C MET B 393 -26.09 -17.17 -8.89
N PHE B 394 -25.25 -18.20 -8.91
CA PHE B 394 -25.67 -19.51 -8.41
C PHE B 394 -25.97 -19.45 -6.92
N ALA B 395 -25.17 -18.71 -6.16
CA ALA B 395 -25.43 -18.55 -4.73
C ALA B 395 -26.74 -17.83 -4.49
N MET B 396 -27.02 -16.80 -5.30
CA MET B 396 -28.30 -16.09 -5.17
C MET B 396 -29.47 -17.00 -5.53
N ILE B 397 -29.28 -17.87 -6.51
CA ILE B 397 -30.34 -18.80 -6.89
C ILE B 397 -30.58 -19.82 -5.78
N LEU B 398 -29.51 -20.27 -5.12
CA LEU B 398 -29.66 -21.27 -4.07
C LEU B 398 -30.26 -20.67 -2.80
N VAL B 399 -30.04 -19.37 -2.57
CA VAL B 399 -30.53 -18.73 -1.35
C VAL B 399 -31.98 -18.27 -1.46
N ILE B 400 -32.59 -18.39 -2.65
CA ILE B 400 -33.98 -17.97 -2.81
C ILE B 400 -34.90 -18.90 -2.03
N GLY B 401 -34.58 -20.19 -1.97
CA GLY B 401 -35.42 -21.13 -1.24
C GLY B 401 -35.38 -20.95 0.26
N ILE B 402 -34.34 -20.31 0.79
CA ILE B 402 -34.22 -20.12 2.23
C ILE B 402 -34.84 -18.80 2.67
N VAL B 403 -34.74 -17.76 1.84
CA VAL B 403 -35.25 -16.45 2.22
C VAL B 403 -36.77 -16.42 2.22
N VAL B 404 -37.43 -17.31 1.47
CA VAL B 404 -38.88 -17.32 1.43
C VAL B 404 -39.49 -18.11 2.59
N ASP B 405 -38.74 -19.06 3.15
CA ASP B 405 -39.28 -19.90 4.21
C ASP B 405 -39.56 -19.10 5.49
N ASP B 406 -38.79 -18.05 5.75
CA ASP B 406 -39.04 -17.22 6.92
C ASP B 406 -40.41 -16.55 6.81
N ALA B 407 -40.67 -15.88 5.69
CA ALA B 407 -41.96 -15.25 5.49
C ALA B 407 -43.08 -16.29 5.46
N ILE B 408 -42.80 -17.46 4.89
CA ILE B 408 -43.81 -18.52 4.84
C ILE B 408 -44.20 -18.95 6.24
N VAL B 409 -43.21 -19.21 7.10
CA VAL B 409 -43.51 -19.68 8.45
C VAL B 409 -44.19 -18.59 9.27
N VAL B 410 -43.77 -17.33 9.08
CA VAL B 410 -44.40 -16.23 9.82
C VAL B 410 -45.86 -16.10 9.43
N VAL B 411 -46.14 -16.07 8.13
CA VAL B 411 -47.52 -15.93 7.67
C VAL B 411 -48.35 -17.14 8.08
N GLU B 412 -47.76 -18.33 8.05
CA GLU B 412 -48.49 -19.53 8.43
C GLU B 412 -48.85 -19.50 9.91
N ASN B 413 -47.90 -19.11 10.77
CA ASN B 413 -48.20 -19.03 12.19
C ASN B 413 -49.27 -17.98 12.48
N VAL B 414 -49.18 -16.82 11.80
CA VAL B 414 -50.18 -15.78 12.00
C VAL B 414 -51.57 -16.26 11.57
N GLU B 415 -51.65 -16.92 10.42
CA GLU B 415 -52.93 -17.40 9.93
C GLU B 415 -53.48 -18.50 10.82
N ARG B 416 -52.61 -19.38 11.32
CA ARG B 416 -53.07 -20.44 12.22
C ARG B 416 -53.62 -19.86 13.52
N ILE B 417 -52.94 -18.86 14.08
CA ILE B 417 -53.45 -18.23 15.30
C ILE B 417 -54.76 -17.51 15.03
N MET B 418 -54.87 -16.83 13.88
CA MET B 418 -56.10 -16.12 13.57
C MET B 418 -57.27 -17.07 13.37
N ALA B 419 -57.02 -18.24 12.77
CA ALA B 419 -58.08 -19.20 12.54
C ALA B 419 -58.41 -20.02 13.78
N GLY B 420 -57.48 -20.16 14.71
CA GLY B 420 -57.73 -20.91 15.93
C GLY B 420 -58.40 -20.09 17.01
N GLU B 421 -57.84 -18.92 17.32
CA GLU B 421 -58.38 -18.06 18.36
C GLU B 421 -59.33 -17.01 17.83
N GLY B 422 -59.37 -16.79 16.52
CA GLY B 422 -60.23 -15.77 15.96
C GLY B 422 -59.86 -14.35 16.31
N LEU B 423 -58.64 -14.13 16.81
CA LEU B 423 -58.21 -12.80 17.20
C LEU B 423 -57.93 -11.93 15.97
N PRO B 424 -57.88 -10.62 16.14
CA PRO B 424 -57.53 -9.74 15.03
C PRO B 424 -56.09 -9.94 14.61
N PRO B 425 -55.67 -9.33 13.50
CA PRO B 425 -54.29 -9.53 13.03
C PRO B 425 -53.23 -9.03 14.00
N LYS B 426 -53.53 -7.98 14.78
CA LYS B 426 -52.53 -7.43 15.69
C LYS B 426 -52.17 -8.42 16.77
N GLU B 427 -53.16 -8.94 17.50
CA GLU B 427 -52.89 -9.86 18.59
C GLU B 427 -52.31 -11.17 18.08
N ALA B 428 -52.80 -11.67 16.94
CA ALA B 428 -52.26 -12.89 16.37
C ALA B 428 -50.80 -12.72 15.98
N THR B 429 -50.46 -11.59 15.35
CA THR B 429 -49.08 -11.33 14.98
C THR B 429 -48.20 -11.20 16.21
N LYS B 430 -48.70 -10.54 17.25
CA LYS B 430 -47.92 -10.42 18.48
C LYS B 430 -47.66 -11.78 19.11
N LYS B 431 -48.68 -12.65 19.14
CA LYS B 431 -48.51 -13.98 19.71
C LYS B 431 -47.52 -14.80 18.90
N ALA B 432 -47.65 -14.77 17.57
CA ALA B 432 -46.73 -15.52 16.72
C ALA B 432 -45.29 -15.03 16.88
N MET B 433 -45.11 -13.71 16.96
CA MET B 433 -43.77 -13.17 17.14
C MET B 433 -43.20 -13.58 18.50
N GLY B 434 -43.99 -13.44 19.57
CA GLY B 434 -43.54 -13.89 20.86
C GLY B 434 -43.24 -15.38 20.93
N GLN B 435 -43.85 -16.17 20.05
CA GLN B 435 -43.56 -17.59 20.01
C GLN B 435 -42.30 -17.90 19.23
N ILE B 436 -42.05 -17.22 18.10
CA ILE B 436 -41.04 -17.66 17.14
C ILE B 436 -39.85 -16.72 17.05
N SER B 437 -39.78 -15.66 17.85
CA SER B 437 -38.66 -14.72 17.73
C SER B 437 -37.34 -15.38 18.12
N GLY B 438 -37.30 -16.02 19.29
CA GLY B 438 -36.08 -16.70 19.70
C GLY B 438 -35.69 -17.82 18.76
N ALA B 439 -36.68 -18.54 18.23
CA ALA B 439 -36.40 -19.59 17.27
C ALA B 439 -35.77 -19.03 16.00
N VAL B 440 -36.29 -17.90 15.51
CA VAL B 440 -35.73 -17.27 14.32
C VAL B 440 -34.30 -16.81 14.58
N ILE B 441 -34.06 -16.23 15.76
CA ILE B 441 -32.71 -15.76 16.09
C ILE B 441 -31.74 -16.93 16.16
N GLY B 442 -32.16 -18.02 16.79
CA GLY B 442 -31.30 -19.19 16.87
C GLY B 442 -31.04 -19.82 15.51
N ILE B 443 -32.06 -19.85 14.64
CA ILE B 443 -31.88 -20.38 13.30
C ILE B 443 -30.90 -19.53 12.51
N THR B 444 -31.00 -18.21 12.64
CA THR B 444 -30.08 -17.31 11.95
C THR B 444 -28.66 -17.52 12.45
N ALA B 445 -28.49 -17.66 13.78
CA ALA B 445 -27.15 -17.89 14.32
C ALA B 445 -26.57 -19.21 13.83
N VAL B 446 -27.41 -20.26 13.77
CA VAL B 446 -26.93 -21.56 13.31
C VAL B 446 -26.54 -21.49 11.83
N LEU B 447 -27.35 -20.83 11.01
CA LEU B 447 -27.01 -20.70 9.59
C LEU B 447 -25.73 -19.91 9.40
N ILE B 448 -25.54 -18.85 10.19
CA ILE B 448 -24.32 -18.06 10.07
C ILE B 448 -23.11 -18.90 10.47
N SER B 449 -23.22 -19.65 11.58
CA SER B 449 -22.12 -20.50 12.01
C SER B 449 -21.84 -21.63 11.04
N VAL B 450 -22.84 -22.05 10.26
CA VAL B 450 -22.60 -23.11 9.29
C VAL B 450 -22.00 -22.56 8.00
N PHE B 451 -22.34 -21.32 7.65
CA PHE B 451 -21.86 -20.74 6.40
C PHE B 451 -20.54 -20.00 6.54
N VAL B 452 -20.15 -19.64 7.75
CA VAL B 452 -18.88 -18.93 7.98
C VAL B 452 -17.68 -19.80 7.61
N PRO B 453 -17.59 -21.06 8.06
CA PRO B 453 -16.41 -21.88 7.72
C PRO B 453 -16.18 -22.08 6.22
N LEU B 454 -17.20 -21.88 5.38
CA LEU B 454 -16.98 -21.99 3.94
C LEU B 454 -16.02 -20.93 3.42
N ALA B 455 -15.96 -19.77 4.09
CA ALA B 455 -15.09 -18.68 3.69
C ALA B 455 -13.75 -18.71 4.42
N MET B 456 -13.32 -19.88 4.91
CA MET B 456 -12.07 -20.00 5.63
C MET B 456 -11.09 -20.98 4.99
N PHE B 457 -11.40 -21.50 3.81
CA PHE B 457 -10.52 -22.45 3.15
C PHE B 457 -9.35 -21.72 2.49
N SER B 458 -8.41 -22.50 1.95
CA SER B 458 -7.21 -21.99 1.32
C SER B 458 -7.12 -22.46 -0.12
N GLY B 459 -6.59 -21.61 -0.98
CA GLY B 459 -6.43 -21.92 -2.38
C GLY B 459 -7.56 -21.38 -3.24
N ALA B 460 -7.58 -21.83 -4.49
CA ALA B 460 -8.65 -21.43 -5.40
C ALA B 460 -10.00 -21.95 -4.93
N ALA B 461 -10.02 -23.13 -4.30
CA ALA B 461 -11.27 -23.65 -3.75
C ALA B 461 -11.81 -22.72 -2.68
N GLY B 462 -10.93 -22.16 -1.85
CA GLY B 462 -11.37 -21.19 -0.86
C GLY B 462 -11.96 -19.93 -1.49
N ASN B 463 -11.33 -19.45 -2.55
CA ASN B 463 -11.86 -18.28 -3.26
C ASN B 463 -13.22 -18.58 -3.89
N ILE B 464 -13.42 -19.82 -4.34
CA ILE B 464 -14.72 -20.19 -4.92
C ILE B 464 -15.78 -20.31 -3.83
N TYR B 465 -15.41 -20.87 -2.68
CA TYR B 465 -16.36 -21.02 -1.59
C TYR B 465 -16.72 -19.68 -0.96
N LYS B 466 -15.79 -18.70 -1.00
CA LYS B 466 -16.04 -17.41 -0.38
C LYS B 466 -17.22 -16.69 -1.02
N GLN B 467 -17.39 -16.84 -2.33
CA GLN B 467 -18.52 -16.20 -3.02
C GLN B 467 -19.84 -16.72 -2.47
N PHE B 468 -20.00 -18.04 -2.46
CA PHE B 468 -21.24 -18.64 -1.94
C PHE B 468 -21.46 -18.29 -0.48
N ALA B 469 -20.39 -18.31 0.32
CA ALA B 469 -20.54 -18.01 1.74
C ALA B 469 -21.00 -16.58 1.96
N LEU B 470 -20.27 -15.62 1.39
CA LEU B 470 -20.60 -14.21 1.60
C LEU B 470 -21.93 -13.83 0.98
N THR B 471 -22.38 -14.55 -0.05
CA THR B 471 -23.70 -14.25 -0.60
C THR B 471 -24.82 -14.83 0.27
N MET B 472 -24.73 -16.13 0.56
CA MET B 472 -25.81 -16.80 1.26
C MET B 472 -25.94 -16.31 2.70
N ALA B 473 -24.82 -16.09 3.40
CA ALA B 473 -24.90 -15.62 4.78
C ALA B 473 -25.53 -14.24 4.86
N SER B 474 -25.13 -13.34 3.96
CA SER B 474 -25.72 -12.01 3.94
C SER B 474 -27.21 -12.06 3.61
N SER B 475 -27.59 -12.88 2.62
CA SER B 475 -29.00 -13.00 2.28
C SER B 475 -29.80 -13.54 3.45
N ILE B 476 -29.25 -14.52 4.17
CA ILE B 476 -29.96 -15.11 5.30
C ILE B 476 -30.09 -14.10 6.44
N ALA B 477 -29.03 -13.33 6.71
CA ALA B 477 -29.10 -12.33 7.76
C ALA B 477 -30.13 -11.26 7.43
N PHE B 478 -30.15 -10.79 6.18
CA PHE B 478 -31.13 -9.78 5.79
C PHE B 478 -32.55 -10.34 5.82
N SER B 479 -32.72 -11.61 5.44
CA SER B 479 -34.04 -12.22 5.52
C SER B 479 -34.52 -12.33 6.96
N ALA B 480 -33.60 -12.67 7.88
CA ALA B 480 -33.98 -12.74 9.29
C ALA B 480 -34.36 -11.36 9.82
N PHE B 481 -33.57 -10.34 9.47
CA PHE B 481 -33.90 -8.99 9.93
C PHE B 481 -35.24 -8.53 9.37
N LEU B 482 -35.54 -8.91 8.12
CA LEU B 482 -36.82 -8.53 7.52
C LEU B 482 -37.98 -9.27 8.19
N ALA B 483 -37.80 -10.56 8.45
CA ALA B 483 -38.83 -11.32 9.14
C ALA B 483 -39.08 -10.81 10.55
N LEU B 484 -38.07 -10.25 11.20
CA LEU B 484 -38.26 -9.66 12.52
C LEU B 484 -38.77 -8.23 12.46
N THR B 485 -38.58 -7.53 11.34
CA THR B 485 -38.90 -6.11 11.24
C THR B 485 -40.15 -5.84 10.40
N LEU B 486 -40.15 -6.28 9.15
CA LEU B 486 -41.18 -5.88 8.19
C LEU B 486 -42.30 -6.90 8.05
N THR B 487 -42.00 -8.19 8.20
CA THR B 487 -43.04 -9.21 8.07
C THR B 487 -44.15 -9.07 9.10
N PRO B 488 -43.86 -8.89 10.40
CA PRO B 488 -44.96 -8.69 11.36
C PRO B 488 -45.81 -7.46 11.07
N ALA B 489 -45.18 -6.36 10.64
CA ALA B 489 -45.95 -5.16 10.32
C ALA B 489 -46.90 -5.41 9.16
N LEU B 490 -46.43 -6.08 8.10
CA LEU B 490 -47.28 -6.39 6.97
C LEU B 490 -48.40 -7.35 7.38
N CYS B 491 -48.09 -8.32 8.24
CA CYS B 491 -49.12 -9.25 8.69
C CYS B 491 -50.16 -8.56 9.56
N ALA B 492 -49.76 -7.51 10.28
CA ALA B 492 -50.69 -6.80 11.16
C ALA B 492 -51.51 -5.74 10.44
N THR B 493 -50.99 -5.16 9.35
CA THR B 493 -51.70 -4.11 8.64
C THR B 493 -52.41 -4.62 7.39
N MET B 494 -51.77 -5.51 6.63
CA MET B 494 -52.32 -5.99 5.37
C MET B 494 -53.34 -7.10 5.54
N LEU B 495 -53.52 -7.62 6.74
CA LEU B 495 -54.46 -8.71 6.99
C LEU B 495 -55.72 -8.19 7.67
N LYS B 496 -56.81 -8.94 7.52
CA LYS B 496 -58.07 -8.65 8.19
C LYS B 496 -58.50 -9.84 9.04
N THR B 497 -59.32 -9.55 10.04
CA THR B 497 -59.79 -10.58 10.96
C THR B 497 -60.69 -11.57 10.25
N ILE B 498 -60.58 -12.84 10.62
CA ILE B 498 -61.38 -13.92 10.07
C ILE B 498 -62.58 -14.15 10.99
N PRO B 499 -63.80 -14.23 10.45
CA PRO B 499 -64.95 -14.49 11.32
C PRO B 499 -64.87 -15.87 11.95
N LYS B 500 -65.62 -16.04 13.05
CA LYS B 500 -65.59 -17.29 13.79
C LYS B 500 -66.09 -18.45 12.92
N GLY B 501 -65.27 -19.50 12.82
CA GLY B 501 -65.64 -20.69 12.08
C GLY B 501 -65.85 -20.47 10.60
N HIS B 502 -65.19 -19.48 10.00
CA HIS B 502 -65.44 -19.16 8.60
C HIS B 502 -65.00 -20.28 7.67
N HIS B 503 -64.10 -21.15 8.13
CA HIS B 503 -63.51 -22.15 7.24
C HIS B 503 -64.51 -23.24 6.87
N GLU B 504 -65.38 -23.64 7.81
CA GLU B 504 -66.21 -24.82 7.58
C GLU B 504 -67.33 -24.55 6.60
N GLU B 505 -67.98 -23.39 6.67
CA GLU B 505 -69.09 -23.13 5.75
C GLU B 505 -68.60 -22.96 4.32
N LYS B 506 -67.32 -22.64 4.16
CA LYS B 506 -66.71 -22.60 2.83
C LYS B 506 -66.81 -23.97 2.17
N LYS B 507 -66.99 -23.97 0.85
CA LYS B 507 -67.17 -25.19 0.10
C LYS B 507 -66.61 -25.01 -1.30
N GLY B 508 -66.62 -26.10 -2.06
CA GLY B 508 -66.04 -26.12 -3.39
C GLY B 508 -64.75 -26.92 -3.40
N PHE B 509 -63.86 -26.50 -4.31
CA PHE B 509 -62.54 -27.13 -4.39
C PHE B 509 -61.74 -26.89 -3.11
N PHE B 510 -61.87 -25.71 -2.51
CA PHE B 510 -61.14 -25.43 -1.28
C PHE B 510 -61.60 -26.32 -0.15
N GLY B 511 -62.90 -26.60 -0.05
CA GLY B 511 -63.39 -27.50 0.97
C GLY B 511 -62.86 -28.92 0.81
N TRP B 512 -62.83 -29.40 -0.44
CA TRP B 512 -62.29 -30.73 -0.70
C TRP B 512 -60.81 -30.78 -0.35
N PHE B 513 -60.05 -29.74 -0.72
CA PHE B 513 -58.63 -29.71 -0.39
C PHE B 513 -58.41 -29.67 1.12
N ASN B 514 -59.25 -28.90 1.84
CA ASN B 514 -59.11 -28.85 3.29
C ASN B 514 -59.41 -30.20 3.92
N LYS B 515 -60.45 -30.89 3.43
CA LYS B 515 -60.77 -32.21 3.94
C LYS B 515 -59.62 -33.19 3.69
N LYS B 516 -59.08 -33.18 2.47
CA LYS B 516 -57.98 -34.08 2.15
C LYS B 516 -56.74 -33.78 2.98
N PHE B 517 -56.44 -32.50 3.19
CA PHE B 517 -55.26 -32.14 3.97
C PHE B 517 -55.44 -32.51 5.43
N ASP B 518 -56.65 -32.35 5.97
CA ASP B 518 -56.90 -32.76 7.35
C ASP B 518 -56.80 -34.28 7.51
N SER B 519 -57.30 -35.02 6.51
CA SER B 519 -57.16 -36.47 6.55
C SER B 519 -55.69 -36.88 6.51
N TRP B 520 -54.90 -36.24 5.64
CA TRP B 520 -53.48 -36.54 5.57
C TRP B 520 -52.77 -36.19 6.86
N THR B 521 -53.17 -35.08 7.50
CA THR B 521 -52.57 -34.70 8.78
C THR B 521 -52.91 -35.70 9.86
N HIS B 522 -54.15 -36.18 9.89
CA HIS B 522 -54.52 -37.20 10.87
C HIS B 522 -53.74 -38.49 10.65
N GLY B 523 -53.59 -38.90 9.39
CA GLY B 523 -52.79 -40.08 9.09
C GLY B 523 -51.34 -39.91 9.51
N TYR B 524 -50.76 -38.75 9.25
CA TYR B 524 -49.39 -38.48 9.66
C TYR B 524 -49.25 -38.49 11.16
N GLU B 525 -50.22 -37.93 11.88
CA GLU B 525 -50.17 -37.94 13.34
C GLU B 525 -50.28 -39.37 13.87
N GLY B 526 -51.13 -40.19 13.27
CA GLY B 526 -51.22 -41.58 13.68
C GLY B 526 -49.93 -42.34 13.43
N ARG B 527 -49.30 -42.11 12.27
CA ARG B 527 -48.04 -42.77 11.98
C ARG B 527 -46.95 -42.32 12.94
N VAL B 528 -46.93 -41.04 13.30
CA VAL B 528 -45.93 -40.54 14.23
C VAL B 528 -46.15 -41.13 15.62
N ALA B 529 -47.42 -41.25 16.03
CA ALA B 529 -47.72 -41.89 17.31
C ALA B 529 -47.29 -43.34 17.31
N LYS B 530 -47.45 -44.03 16.18
CA LYS B 530 -46.95 -45.40 16.06
C LYS B 530 -45.44 -45.44 16.13
N VAL B 531 -44.76 -44.43 15.58
CA VAL B 531 -43.30 -44.41 15.61
C VAL B 531 -42.78 -44.16 17.01
N LEU B 532 -43.47 -43.31 17.77
CA LEU B 532 -43.04 -42.97 19.13
C LEU B 532 -43.27 -44.11 20.13
N ARG B 533 -43.88 -45.21 19.72
CA ARG B 533 -44.12 -46.35 20.60
C ARG B 533 -42.96 -47.34 20.57
N LYS B 534 -42.46 -47.66 19.38
CA LYS B 534 -41.31 -48.56 19.22
C LYS B 534 -40.08 -47.69 18.99
N THR B 535 -39.50 -47.21 20.09
CA THR B 535 -38.38 -46.26 19.99
C THR B 535 -37.07 -46.98 19.69
N PHE B 536 -36.88 -48.19 20.21
CA PHE B 536 -35.61 -48.88 20.04
C PHE B 536 -35.38 -49.26 18.59
N ARG B 537 -36.38 -49.89 17.96
CA ARG B 537 -36.23 -50.30 16.57
C ARG B 537 -36.13 -49.09 15.64
N MET B 538 -36.88 -48.01 15.95
CA MET B 538 -36.77 -46.80 15.14
C MET B 538 -35.38 -46.18 15.26
N MET B 539 -34.81 -46.20 16.46
CA MET B 539 -33.48 -45.64 16.65
C MET B 539 -32.42 -46.48 15.95
N VAL B 540 -32.55 -47.81 15.99
CA VAL B 540 -31.57 -48.64 15.31
C VAL B 540 -31.72 -48.50 13.79
N VAL B 541 -32.95 -48.31 13.30
CA VAL B 541 -33.14 -48.06 11.88
C VAL B 541 -32.53 -46.73 11.48
N TYR B 542 -32.66 -45.71 12.34
CA TYR B 542 -32.03 -44.42 12.06
C TYR B 542 -30.51 -44.54 12.02
N ILE B 543 -29.94 -45.29 12.95
CA ILE B 543 -28.49 -45.49 12.95
C ILE B 543 -28.05 -46.22 11.70
N GLY B 544 -28.83 -47.22 11.28
CA GLY B 544 -28.51 -47.93 10.04
C GLY B 544 -28.57 -47.02 8.83
N LEU B 545 -29.60 -46.18 8.75
CA LEU B 545 -29.71 -45.23 7.64
C LEU B 545 -28.55 -44.24 7.65
N ALA B 546 -28.14 -43.78 8.83
CA ALA B 546 -27.02 -42.85 8.91
C ALA B 546 -25.72 -43.50 8.46
N VAL B 547 -25.48 -44.75 8.87
CA VAL B 547 -24.25 -45.42 8.46
C VAL B 547 -24.28 -45.72 6.97
N VAL B 548 -25.46 -46.04 6.41
CA VAL B 548 -25.54 -46.28 4.97
C VAL B 548 -25.29 -44.98 4.21
N GLY B 549 -25.81 -43.86 4.71
CA GLY B 549 -25.53 -42.59 4.07
C GLY B 549 -24.06 -42.22 4.12
N VAL B 550 -23.41 -42.47 5.25
CA VAL B 550 -21.99 -42.19 5.38
C VAL B 550 -21.19 -43.07 4.43
N PHE B 551 -21.57 -44.35 4.30
CA PHE B 551 -20.88 -45.25 3.40
C PHE B 551 -21.06 -44.83 1.94
N LEU B 552 -22.27 -44.42 1.58
CA LEU B 552 -22.52 -43.95 0.21
C LEU B 552 -21.77 -42.66 -0.08
N PHE B 553 -21.61 -41.79 0.92
CA PHE B 553 -20.87 -40.55 0.72
C PHE B 553 -19.38 -40.81 0.59
N MET B 554 -18.84 -41.74 1.39
CA MET B 554 -17.40 -42.03 1.33
C MET B 554 -17.01 -42.75 0.05
N ARG B 555 -17.96 -43.36 -0.65
CA ARG B 555 -17.68 -44.09 -1.88
C ARG B 555 -18.01 -43.29 -3.14
N LEU B 556 -17.82 -41.97 -3.08
CA LEU B 556 -18.11 -41.10 -4.22
C LEU B 556 -16.81 -40.53 -4.81
N PRO B 557 -16.74 -40.38 -6.12
CA PRO B 557 -15.54 -39.78 -6.72
C PRO B 557 -15.39 -38.32 -6.33
N THR B 558 -14.14 -37.88 -6.21
CA THR B 558 -13.81 -36.53 -5.80
C THR B 558 -13.36 -35.72 -7.00
N SER B 559 -13.89 -34.51 -7.13
CA SER B 559 -13.51 -33.58 -8.20
C SER B 559 -13.67 -32.16 -7.68
N PHE B 560 -13.41 -31.20 -8.55
CA PHE B 560 -13.53 -29.79 -8.22
C PHE B 560 -14.65 -29.10 -9.01
N LEU B 561 -14.61 -29.19 -10.33
CA LEU B 561 -15.62 -28.57 -11.17
C LEU B 561 -15.94 -29.45 -12.38
N PRO B 562 -17.20 -29.74 -12.62
CA PRO B 562 -17.54 -30.56 -13.79
C PRO B 562 -17.29 -29.81 -15.09
N THR B 563 -16.85 -30.56 -16.11
CA THR B 563 -16.58 -29.94 -17.41
C THR B 563 -17.86 -29.40 -18.02
N GLU B 564 -17.78 -28.14 -18.41
CA GLU B 564 -18.93 -27.36 -18.94
C GLU B 564 -18.83 -27.20 -20.45
N ASP B 565 -19.97 -27.23 -21.14
CA ASP B 565 -19.98 -27.02 -22.59
C ASP B 565 -19.83 -25.53 -22.87
N GLN B 566 -18.58 -25.07 -22.91
CA GLN B 566 -18.29 -23.67 -23.18
C GLN B 566 -18.55 -23.25 -24.61
N GLY B 567 -18.74 -24.21 -25.52
CA GLY B 567 -19.01 -23.91 -26.91
C GLY B 567 -17.83 -24.02 -27.83
N PHE B 568 -16.71 -24.56 -27.38
CA PHE B 568 -15.52 -24.69 -28.22
C PHE B 568 -14.64 -25.80 -27.67
N VAL B 569 -13.81 -26.37 -28.55
CA VAL B 569 -12.88 -27.42 -28.18
C VAL B 569 -11.52 -27.11 -28.77
N MET B 570 -10.47 -27.37 -27.99
CA MET B 570 -9.10 -27.14 -28.42
C MET B 570 -8.57 -28.39 -29.09
N VAL B 571 -7.60 -28.22 -29.98
CA VAL B 571 -6.99 -29.32 -30.73
C VAL B 571 -5.49 -29.06 -30.80
N SER B 572 -4.69 -30.04 -30.38
CA SER B 572 -3.25 -29.94 -30.42
C SER B 572 -2.70 -30.99 -31.38
N VAL B 573 -1.88 -30.54 -32.34
CA VAL B 573 -1.30 -31.41 -33.36
C VAL B 573 0.21 -31.37 -33.19
N GLN B 574 0.82 -32.56 -33.18
CA GLN B 574 2.27 -32.70 -33.06
C GLN B 574 2.79 -33.56 -34.20
N LEU B 575 3.87 -33.13 -34.83
CA LEU B 575 4.52 -33.86 -35.88
C LEU B 575 5.83 -34.47 -35.40
N PRO B 576 6.43 -35.37 -36.17
CA PRO B 576 7.71 -35.96 -35.76
C PRO B 576 8.79 -34.89 -35.63
N ALA B 577 9.83 -35.24 -34.88
CA ALA B 577 10.92 -34.31 -34.63
C ALA B 577 11.65 -33.99 -35.93
N GLY B 578 11.83 -32.69 -36.19
CA GLY B 578 12.50 -32.22 -37.38
C GLY B 578 11.58 -31.84 -38.52
N ALA B 579 10.26 -31.84 -38.31
CA ALA B 579 9.32 -31.47 -39.35
C ALA B 579 9.28 -29.96 -39.53
N THR B 580 9.18 -29.52 -40.78
CA THR B 580 9.12 -28.10 -41.09
C THR B 580 7.69 -27.59 -40.90
N LYS B 581 7.43 -26.36 -41.34
CA LYS B 581 6.10 -25.77 -41.19
C LYS B 581 5.18 -26.06 -42.36
N GLU B 582 5.72 -26.50 -43.50
CA GLU B 582 4.87 -26.85 -44.63
C GLU B 582 4.03 -28.08 -44.32
N ARG B 583 4.65 -29.10 -43.73
CA ARG B 583 3.90 -30.28 -43.31
C ARG B 583 2.88 -29.96 -42.22
N THR B 584 3.24 -29.06 -41.29
CA THR B 584 2.30 -28.64 -40.27
C THR B 584 1.12 -27.90 -40.88
N ASP B 585 1.38 -27.08 -41.90
CA ASP B 585 0.28 -26.38 -42.58
C ASP B 585 -0.61 -27.36 -43.33
N ALA B 586 -0.03 -28.38 -43.95
CA ALA B 586 -0.84 -29.40 -44.61
C ALA B 586 -1.69 -30.15 -43.61
N THR B 587 -1.12 -30.49 -42.44
CA THR B 587 -1.90 -31.17 -41.41
C THR B 587 -3.02 -30.28 -40.89
N LEU B 588 -2.75 -28.98 -40.74
CA LEU B 588 -3.79 -28.06 -40.30
C LEU B 588 -4.89 -27.92 -41.35
N ALA B 589 -4.54 -27.95 -42.63
CA ALA B 589 -5.55 -27.92 -43.68
C ALA B 589 -6.42 -29.18 -43.64
N GLN B 590 -5.80 -30.34 -43.41
CA GLN B 590 -6.58 -31.56 -43.25
C GLN B 590 -7.48 -31.48 -42.03
N VAL B 591 -6.98 -30.92 -40.93
CA VAL B 591 -7.78 -30.79 -39.72
C VAL B 591 -8.96 -29.86 -39.95
N THR B 592 -8.75 -28.79 -40.71
CA THR B 592 -9.86 -27.88 -41.02
C THR B 592 -10.89 -28.55 -41.91
N GLN B 593 -10.43 -29.31 -42.92
CA GLN B 593 -11.35 -30.03 -43.78
C GLN B 593 -12.17 -31.05 -42.98
N LEU B 594 -11.56 -31.67 -41.98
CA LEU B 594 -12.29 -32.63 -41.15
C LEU B 594 -13.25 -31.91 -40.21
N ALA B 595 -12.85 -30.74 -39.70
CA ALA B 595 -13.68 -30.03 -38.73
C ALA B 595 -14.90 -29.41 -39.38
N LYS B 596 -14.77 -28.87 -40.59
CA LYS B 596 -15.93 -28.29 -41.25
C LYS B 596 -16.88 -29.37 -41.76
N SER B 597 -16.45 -30.63 -41.75
CA SER B 597 -17.34 -31.75 -42.09
C SER B 597 -18.28 -32.12 -40.95
N ILE B 598 -18.15 -31.49 -39.79
CA ILE B 598 -19.03 -31.74 -38.65
C ILE B 598 -20.04 -30.61 -38.57
N PRO B 599 -21.35 -30.88 -38.55
CA PRO B 599 -22.33 -29.80 -38.54
C PRO B 599 -22.41 -29.04 -37.22
N GLU B 600 -21.79 -29.56 -36.15
CA GLU B 600 -21.84 -28.90 -34.84
C GLU B 600 -20.76 -27.84 -34.68
N ILE B 601 -19.88 -27.65 -35.66
CA ILE B 601 -18.80 -26.67 -35.60
C ILE B 601 -19.13 -25.54 -36.56
N GLU B 602 -19.07 -24.30 -36.06
CA GLU B 602 -19.37 -23.12 -36.87
C GLU B 602 -18.10 -22.50 -37.45
N ASN B 603 -17.12 -22.18 -36.61
CA ASN B 603 -15.88 -21.57 -37.03
C ASN B 603 -14.70 -22.34 -36.46
N ILE B 604 -13.66 -22.52 -37.28
CA ILE B 604 -12.43 -23.19 -36.89
C ILE B 604 -11.29 -22.20 -37.02
N ILE B 605 -10.48 -22.09 -35.97
CA ILE B 605 -9.33 -21.18 -35.94
C ILE B 605 -8.08 -22.03 -35.73
N THR B 606 -7.20 -22.02 -36.72
CA THR B 606 -5.97 -22.80 -36.68
C THR B 606 -4.77 -21.88 -36.50
N VAL B 607 -3.85 -22.29 -35.63
CA VAL B 607 -2.63 -21.54 -35.36
C VAL B 607 -1.45 -22.47 -35.63
N SER B 608 -0.55 -22.04 -36.51
CA SER B 608 0.62 -22.82 -36.89
C SER B 608 1.86 -22.16 -36.32
N GLY B 609 2.67 -22.94 -35.59
CA GLY B 609 3.89 -22.45 -35.00
C GLY B 609 3.86 -22.33 -33.49
N PHE B 610 2.73 -22.64 -32.84
CA PHE B 610 2.60 -22.50 -31.41
C PHE B 610 1.67 -23.58 -30.87
N SER B 611 2.02 -24.13 -29.71
CA SER B 611 1.19 -25.11 -29.03
C SER B 611 1.46 -25.02 -27.53
N PHE B 612 0.46 -25.43 -26.74
CA PHE B 612 0.60 -25.36 -25.28
C PHE B 612 1.66 -26.31 -24.77
N SER B 613 1.83 -27.47 -25.41
CA SER B 613 2.88 -28.40 -24.99
C SER B 613 4.26 -27.85 -25.33
N GLY B 614 4.41 -27.26 -26.51
CA GLY B 614 5.69 -26.68 -26.90
C GLY B 614 5.52 -25.77 -28.09
N SER B 615 6.56 -24.97 -28.34
CA SER B 615 6.59 -24.01 -29.43
C SER B 615 7.64 -24.46 -30.43
N GLY B 616 7.19 -24.87 -31.62
CA GLY B 616 8.11 -25.30 -32.66
C GLY B 616 7.41 -25.37 -33.99
N GLN B 617 8.18 -25.76 -35.02
CA GLN B 617 7.62 -25.85 -36.36
C GLN B 617 6.72 -27.07 -36.51
N ASN B 618 6.93 -28.11 -35.70
CA ASN B 618 6.09 -29.31 -35.78
C ASN B 618 4.84 -29.19 -34.93
N MET B 619 4.81 -28.29 -33.95
CA MET B 619 3.65 -28.12 -33.10
C MET B 619 2.63 -27.20 -33.75
N ALA B 620 1.35 -27.45 -33.45
CA ALA B 620 0.29 -26.58 -33.95
C ALA B 620 -0.92 -26.75 -33.05
N MET B 621 -1.80 -25.74 -33.05
CA MET B 621 -3.00 -25.78 -32.24
C MET B 621 -4.13 -25.09 -32.98
N GLY B 622 -5.35 -25.47 -32.63
CA GLY B 622 -6.54 -24.92 -33.23
C GLY B 622 -7.68 -24.92 -32.24
N PHE B 623 -8.71 -24.13 -32.55
CA PHE B 623 -9.87 -23.97 -31.67
C PHE B 623 -11.13 -24.07 -32.51
N ALA B 624 -11.81 -25.22 -32.42
CA ALA B 624 -13.06 -25.44 -33.15
C ALA B 624 -14.19 -24.92 -32.29
N ILE B 625 -14.83 -23.84 -32.74
CA ILE B 625 -15.93 -23.22 -32.00
C ILE B 625 -17.23 -23.85 -32.46
N LEU B 626 -18.09 -24.20 -31.51
CA LEU B 626 -19.36 -24.85 -31.80
C LEU B 626 -20.48 -23.81 -31.94
N LYS B 627 -21.60 -24.26 -32.47
CA LYS B 627 -22.76 -23.40 -32.63
C LYS B 627 -23.41 -23.14 -31.27
N ASP B 628 -24.51 -22.38 -31.28
CA ASP B 628 -25.22 -22.09 -30.06
C ASP B 628 -25.85 -23.35 -29.48
N TRP B 629 -26.10 -23.34 -28.17
CA TRP B 629 -26.68 -24.49 -27.51
C TRP B 629 -28.08 -24.80 -28.02
N ASN B 630 -28.79 -23.80 -28.51
CA ASN B 630 -30.14 -24.02 -29.02
C ASN B 630 -30.14 -24.88 -30.27
N GLU B 631 -29.05 -24.85 -31.05
CA GLU B 631 -28.93 -25.63 -32.27
C GLU B 631 -28.23 -26.96 -32.05
N ARG B 632 -27.77 -27.25 -30.83
CA ARG B 632 -27.07 -28.48 -30.51
C ARG B 632 -27.78 -29.25 -29.40
N THR B 633 -29.12 -29.32 -29.50
CA THR B 633 -29.92 -30.05 -28.50
C THR B 633 -30.19 -31.46 -29.03
N ALA B 634 -29.22 -32.34 -28.83
CA ALA B 634 -29.32 -33.73 -29.26
C ALA B 634 -28.39 -34.56 -28.38
N SER B 635 -28.20 -35.83 -28.77
CA SER B 635 -27.36 -36.72 -27.99
C SER B 635 -25.88 -36.52 -28.31
N GLY B 636 -25.49 -36.73 -29.56
CA GLY B 636 -24.11 -36.57 -29.96
C GLY B 636 -23.80 -35.18 -30.47
N SER B 637 -24.11 -34.16 -29.66
CA SER B 637 -23.88 -32.77 -30.05
C SER B 637 -23.16 -31.94 -29.00
N ASP B 638 -22.99 -32.45 -27.78
CA ASP B 638 -22.26 -31.71 -26.76
C ASP B 638 -20.78 -31.63 -27.12
N ALA B 639 -20.02 -30.88 -26.31
CA ALA B 639 -18.62 -30.67 -26.59
C ALA B 639 -17.82 -31.97 -26.53
N VAL B 640 -18.15 -32.86 -25.60
CA VAL B 640 -17.41 -34.10 -25.46
C VAL B 640 -17.60 -35.01 -26.67
N ALA B 641 -18.84 -35.10 -27.17
CA ALA B 641 -19.09 -35.91 -28.35
C ALA B 641 -18.41 -35.35 -29.58
N VAL B 642 -18.41 -34.01 -29.73
CA VAL B 642 -17.73 -33.39 -30.86
C VAL B 642 -16.23 -33.64 -30.78
N ALA B 643 -15.66 -33.55 -29.57
CA ALA B 643 -14.24 -33.81 -29.41
C ALA B 643 -13.90 -35.26 -29.73
N GLY B 644 -14.74 -36.20 -29.28
CA GLY B 644 -14.52 -37.60 -29.61
C GLY B 644 -14.61 -37.86 -31.11
N LYS B 645 -15.59 -37.26 -31.77
CA LYS B 645 -15.72 -37.42 -33.21
C LYS B 645 -14.52 -36.83 -33.95
N LEU B 646 -14.05 -35.66 -33.51
CA LEU B 646 -12.89 -35.04 -34.14
C LEU B 646 -11.64 -35.90 -33.96
N THR B 647 -11.46 -36.46 -32.76
CA THR B 647 -10.31 -37.33 -32.52
C THR B 647 -10.38 -38.59 -33.38
N GLY B 648 -11.57 -39.19 -33.48
CA GLY B 648 -11.72 -40.38 -34.30
C GLY B 648 -11.49 -40.09 -35.77
N MET B 649 -11.90 -38.91 -36.24
CA MET B 649 -11.67 -38.56 -37.64
C MET B 649 -10.21 -38.20 -37.89
N MET B 650 -9.52 -37.67 -36.88
CA MET B 650 -8.11 -37.32 -37.05
C MET B 650 -7.22 -38.57 -37.04
N MET B 651 -7.54 -39.53 -36.18
CA MET B 651 -6.71 -40.74 -36.10
C MET B 651 -6.81 -41.59 -37.35
N GLY B 652 -7.84 -41.41 -38.17
CA GLY B 652 -8.00 -42.19 -39.38
C GLY B 652 -7.71 -41.41 -40.65
N THR B 653 -7.42 -40.13 -40.51
CA THR B 653 -7.16 -39.26 -41.65
C THR B 653 -5.78 -38.62 -41.63
N LEU B 654 -5.31 -38.18 -40.47
CA LEU B 654 -4.01 -37.51 -40.37
C LEU B 654 -2.89 -38.52 -40.57
N LYS B 655 -2.31 -38.52 -41.76
CA LYS B 655 -1.19 -39.43 -42.05
C LYS B 655 0.08 -38.97 -41.35
N ASP B 656 0.44 -37.70 -41.51
CA ASP B 656 1.63 -37.15 -40.89
C ASP B 656 1.27 -36.48 -39.58
N GLY B 657 1.95 -36.88 -38.50
CA GLY B 657 1.68 -36.32 -37.19
C GLY B 657 0.38 -36.81 -36.59
N PHE B 658 0.13 -36.47 -35.33
CA PHE B 658 -1.08 -36.88 -34.64
C PHE B 658 -1.72 -35.66 -33.96
N GLY B 659 -3.04 -35.62 -34.00
CA GLY B 659 -3.77 -34.52 -33.38
C GLY B 659 -4.80 -35.04 -32.40
N ILE B 660 -4.88 -34.39 -31.25
CA ILE B 660 -5.81 -34.76 -30.19
C ILE B 660 -6.68 -33.56 -29.86
N ALA B 661 -7.98 -33.81 -29.74
CA ALA B 661 -8.98 -32.78 -29.44
C ALA B 661 -9.46 -32.97 -28.01
N VAL B 662 -9.45 -31.88 -27.23
CA VAL B 662 -9.89 -31.89 -25.84
C VAL B 662 -10.84 -30.72 -25.63
N VAL B 663 -11.89 -30.95 -24.85
CA VAL B 663 -12.80 -29.88 -24.46
C VAL B 663 -12.22 -29.16 -23.25
N PRO B 664 -12.02 -27.85 -23.33
CA PRO B 664 -11.45 -27.11 -22.19
C PRO B 664 -12.37 -27.16 -20.99
N PRO B 665 -11.85 -27.52 -19.83
CA PRO B 665 -12.69 -27.64 -18.63
C PRO B 665 -12.99 -26.27 -18.04
N PRO B 666 -13.58 -26.22 -16.85
CA PRO B 666 -13.69 -24.94 -16.13
C PRO B 666 -12.32 -24.41 -15.72
N ILE B 667 -12.31 -23.36 -14.89
CA ILE B 667 -11.14 -22.53 -14.57
C ILE B 667 -9.88 -23.37 -14.37
N LEU B 668 -8.83 -23.04 -15.11
CA LEU B 668 -7.70 -23.94 -15.27
C LEU B 668 -6.90 -24.13 -13.99
N GLU B 669 -6.93 -23.16 -13.08
CA GLU B 669 -6.24 -23.33 -11.80
C GLU B 669 -6.86 -24.48 -11.02
N LEU B 670 -8.18 -24.61 -11.05
CA LEU B 670 -8.86 -25.75 -10.43
C LEU B 670 -9.18 -26.78 -11.51
N GLY B 671 -8.11 -27.32 -12.11
CA GLY B 671 -8.22 -28.26 -13.20
C GLY B 671 -8.11 -29.69 -12.72
N ASN B 672 -9.11 -30.49 -13.06
CA ASN B 672 -9.14 -31.91 -12.71
C ASN B 672 -8.73 -32.76 -13.90
N GLY B 673 -8.50 -34.04 -13.63
CA GLY B 673 -8.12 -35.00 -14.64
C GLY B 673 -6.64 -35.04 -14.96
N SER B 674 -5.86 -34.07 -14.49
CA SER B 674 -4.42 -34.07 -14.74
C SER B 674 -3.71 -35.19 -13.99
N GLY B 675 -4.26 -35.63 -12.87
CA GLY B 675 -3.67 -36.74 -12.12
C GLY B 675 -2.76 -36.22 -11.02
N LEU B 676 -1.45 -36.49 -11.16
CA LEU B 676 -0.48 -36.13 -10.13
C LEU B 676 0.81 -35.74 -10.83
N SER B 677 1.25 -34.51 -10.64
CA SER B 677 2.43 -33.98 -11.31
C SER B 677 3.64 -34.05 -10.39
N ILE B 678 4.79 -34.39 -10.97
CA ILE B 678 6.05 -34.48 -10.25
C ILE B 678 7.12 -33.78 -11.06
N ASN B 679 8.09 -33.17 -10.38
CA ASN B 679 9.24 -32.54 -11.01
C ASN B 679 10.47 -33.15 -10.37
N LEU B 680 11.23 -33.93 -11.16
CA LEU B 680 12.48 -34.51 -10.71
C LEU B 680 13.61 -33.52 -11.00
N GLN B 681 14.31 -33.10 -9.95
CA GLN B 681 15.36 -32.10 -10.05
C GLN B 681 16.72 -32.74 -9.76
N ASP B 682 17.72 -32.32 -10.54
CA ASP B 682 19.09 -32.73 -10.35
C ASP B 682 19.79 -31.74 -9.42
N ARG B 683 20.31 -32.23 -8.30
CA ARG B 683 20.91 -31.36 -7.29
C ARG B 683 22.39 -31.10 -7.55
N ASN B 684 23.13 -32.12 -7.96
CA ASN B 684 24.57 -31.98 -8.18
C ASN B 684 24.92 -31.57 -9.60
N ASN B 685 23.94 -31.39 -10.47
CA ASN B 685 24.16 -31.03 -11.87
C ASN B 685 25.00 -32.10 -12.58
N THR B 686 24.49 -33.32 -12.57
CA THR B 686 25.20 -34.43 -13.20
C THR B 686 25.12 -34.35 -14.72
N GLY B 687 24.02 -33.85 -15.26
CA GLY B 687 23.85 -33.70 -16.68
C GLY B 687 22.43 -34.02 -17.08
N HIS B 688 22.21 -34.10 -18.39
CA HIS B 688 20.90 -34.40 -18.94
C HIS B 688 20.66 -35.90 -19.10
N THR B 689 21.71 -36.64 -19.47
CA THR B 689 21.56 -38.09 -19.65
C THR B 689 21.26 -38.77 -18.32
N ALA B 690 21.95 -38.38 -17.25
CA ALA B 690 21.70 -38.98 -15.94
C ALA B 690 20.29 -38.67 -15.46
N LEU B 691 19.83 -37.43 -15.66
CA LEU B 691 18.48 -37.08 -15.24
C LEU B 691 17.44 -37.83 -16.05
N LEU B 692 17.68 -38.01 -17.36
CA LEU B 692 16.75 -38.77 -18.18
C LEU B 692 16.72 -40.24 -17.75
N ALA B 693 17.88 -40.81 -17.40
CA ALA B 693 17.92 -42.18 -16.93
C ALA B 693 17.17 -42.32 -15.61
N LYS B 694 17.34 -41.37 -14.69
CA LYS B 694 16.62 -41.42 -13.43
C LYS B 694 15.12 -41.27 -13.65
N ARG B 695 14.73 -40.42 -14.60
CA ARG B 695 13.31 -40.28 -14.92
C ARG B 695 12.73 -41.57 -15.48
N ASN B 696 13.47 -42.23 -16.37
CA ASN B 696 13.01 -43.51 -16.91
C ASN B 696 12.92 -44.56 -15.81
N GLU B 697 13.87 -44.58 -14.88
CA GLU B 697 13.81 -45.52 -13.78
C GLU B 697 12.61 -45.27 -12.89
N LEU B 698 12.32 -44.00 -12.60
CA LEU B 698 11.14 -43.68 -11.80
C LEU B 698 9.86 -44.06 -12.53
N ILE B 699 9.81 -43.85 -13.85
CA ILE B 699 8.63 -44.23 -14.61
C ILE B 699 8.44 -45.73 -14.58
N GLN B 700 9.54 -46.49 -14.70
CA GLN B 700 9.43 -47.95 -14.64
C GLN B 700 9.01 -48.42 -13.25
N LYS B 701 9.49 -47.75 -12.20
CA LYS B 701 9.09 -48.12 -10.85
C LYS B 701 7.63 -47.83 -10.60
N MET B 702 7.12 -46.71 -11.12
CA MET B 702 5.73 -46.35 -10.93
C MET B 702 4.78 -47.14 -11.82
N ARG B 703 5.26 -47.62 -12.98
CA ARG B 703 4.39 -48.31 -13.92
C ARG B 703 4.22 -49.77 -13.55
N ALA B 704 5.32 -50.52 -13.52
CA ALA B 704 5.25 -51.96 -13.28
C ALA B 704 5.13 -52.27 -11.79
N SER B 705 6.12 -51.86 -11.00
CA SER B 705 6.17 -52.15 -9.57
C SER B 705 5.36 -51.18 -8.74
N GLY B 706 4.44 -50.43 -9.34
CA GLY B 706 3.65 -49.47 -8.61
C GLY B 706 2.15 -49.67 -8.75
N LEU B 707 1.39 -48.61 -8.48
CA LEU B 707 -0.06 -48.66 -8.55
C LEU B 707 -0.61 -47.39 -9.19
N PHE B 708 0.17 -46.74 -10.07
CA PHE B 708 -0.16 -45.43 -10.60
C PHE B 708 -0.78 -45.51 -12.00
N ASP B 709 -1.54 -46.58 -12.27
CA ASP B 709 -2.29 -46.69 -13.51
C ASP B 709 -1.36 -46.66 -14.73
N PRO B 710 -0.63 -47.76 -15.01
CA PRO B 710 0.37 -47.76 -16.08
C PRO B 710 -0.09 -47.25 -17.45
N SER B 711 -1.40 -47.16 -17.68
CA SER B 711 -1.93 -46.52 -18.88
C SER B 711 -1.87 -45.00 -18.82
N THR B 712 -1.28 -44.43 -17.77
CA THR B 712 -1.14 -42.98 -17.65
C THR B 712 0.26 -42.53 -17.27
N VAL B 713 1.10 -43.39 -16.72
CA VAL B 713 2.45 -43.01 -16.30
C VAL B 713 3.32 -42.89 -17.55
N ARG B 714 3.67 -41.66 -17.89
CA ARG B 714 4.57 -41.42 -19.05
C ARG B 714 5.17 -40.02 -18.92
N ALA B 715 6.29 -39.78 -19.59
CA ALA B 715 6.90 -38.46 -19.61
C ALA B 715 5.98 -37.47 -20.31
N GLY B 716 6.04 -36.22 -19.86
CA GLY B 716 5.20 -35.19 -20.42
C GLY B 716 5.97 -33.99 -20.94
N GLY B 717 7.22 -34.21 -21.35
CA GLY B 717 8.04 -33.14 -21.86
C GLY B 717 8.19 -33.18 -23.36
N LEU B 718 9.40 -33.39 -23.85
CA LEU B 718 9.66 -33.45 -25.28
C LEU B 718 10.97 -34.20 -25.51
N GLU B 719 10.91 -35.29 -26.25
CA GLU B 719 12.09 -36.12 -26.48
C GLU B 719 13.13 -35.36 -27.30
N ASP B 720 14.35 -35.89 -27.30
CA ASP B 720 15.45 -35.26 -28.01
C ASP B 720 15.20 -35.26 -29.52
N SER B 721 16.00 -34.48 -30.23
CA SER B 721 15.89 -34.34 -31.67
C SER B 721 17.28 -34.35 -32.28
N PRO B 722 17.41 -34.79 -33.54
CA PRO B 722 18.71 -34.74 -34.20
C PRO B 722 19.17 -33.31 -34.42
N GLN B 723 20.44 -33.05 -34.10
CA GLN B 723 21.05 -31.74 -34.21
C GLN B 723 22.29 -31.83 -35.09
N LEU B 724 22.91 -30.68 -35.33
CA LEU B 724 24.05 -30.55 -36.25
C LEU B 724 25.19 -29.83 -35.54
N LYS B 725 25.54 -30.31 -34.35
CA LYS B 725 26.59 -29.69 -33.55
C LYS B 725 27.92 -29.66 -34.32
N ILE B 726 28.70 -28.62 -34.07
CA ILE B 726 29.98 -28.39 -34.73
C ILE B 726 31.06 -28.39 -33.66
N ASP B 727 31.99 -29.34 -33.76
CA ASP B 727 33.11 -29.46 -32.82
C ASP B 727 34.31 -28.82 -33.50
N ILE B 728 34.73 -27.66 -32.99
CA ILE B 728 35.86 -26.93 -33.54
C ILE B 728 37.15 -27.46 -32.92
N ASN B 729 38.23 -27.46 -33.70
CA ASN B 729 39.54 -27.89 -33.24
C ASN B 729 40.41 -26.65 -33.10
N ARG B 730 40.69 -26.26 -31.86
CA ARG B 730 41.50 -25.07 -31.62
C ARG B 730 42.95 -25.26 -32.07
N ALA B 731 43.46 -26.49 -32.02
CA ALA B 731 44.82 -26.74 -32.48
C ALA B 731 44.95 -26.48 -33.97
N ALA B 732 43.99 -26.96 -34.77
CA ALA B 732 44.03 -26.73 -36.20
C ALA B 732 43.89 -25.25 -36.55
N ALA B 733 43.07 -24.52 -35.78
CA ALA B 733 42.91 -23.09 -36.04
C ALA B 733 44.16 -22.32 -35.65
N ALA B 734 44.83 -22.74 -34.57
CA ALA B 734 46.05 -22.07 -34.15
C ALA B 734 47.20 -22.33 -35.12
N ALA B 735 47.17 -23.46 -35.82
CA ALA B 735 48.21 -23.76 -36.81
C ALA B 735 48.09 -22.90 -38.06
N GLN B 736 46.98 -22.18 -38.24
CA GLN B 736 46.76 -21.33 -39.39
C GLN B 736 46.55 -19.90 -38.91
N GLY B 737 46.22 -19.01 -39.85
CA GLY B 737 46.05 -17.61 -39.53
C GLY B 737 44.62 -17.24 -39.15
N VAL B 738 43.84 -18.24 -38.73
CA VAL B 738 42.45 -18.04 -38.34
C VAL B 738 42.37 -17.90 -36.83
N SER B 739 41.57 -16.94 -36.37
CA SER B 739 41.35 -16.74 -34.95
C SER B 739 40.07 -17.49 -34.54
N PHE B 740 39.66 -17.30 -33.29
CA PHE B 740 38.45 -17.96 -32.82
C PHE B 740 37.20 -17.09 -32.97
N ALA B 741 37.36 -15.77 -33.07
CA ALA B 741 36.22 -14.91 -33.34
C ALA B 741 35.73 -15.06 -34.78
N ASP B 742 36.59 -15.55 -35.68
CA ASP B 742 36.20 -15.76 -37.06
C ASP B 742 35.10 -16.82 -37.17
N ILE B 743 35.25 -17.94 -36.45
CA ILE B 743 34.24 -18.98 -36.47
C ILE B 743 32.93 -18.45 -35.89
N ARG B 744 33.01 -17.65 -34.82
CA ARG B 744 31.81 -17.08 -34.22
C ARG B 744 31.09 -16.18 -35.21
N THR B 745 31.84 -15.31 -35.91
CA THR B 745 31.22 -14.41 -36.87
C THR B 745 30.61 -15.19 -38.02
N ALA B 746 31.29 -16.24 -38.50
CA ALA B 746 30.77 -17.03 -39.61
C ALA B 746 29.48 -17.75 -39.21
N LEU B 747 29.46 -18.34 -38.01
CA LEU B 747 28.26 -19.05 -37.56
C LEU B 747 27.12 -18.09 -37.28
N ALA B 748 27.43 -16.87 -36.83
CA ALA B 748 26.37 -15.89 -36.59
C ALA B 748 25.83 -15.32 -37.89
N SER B 749 26.66 -15.21 -38.92
CA SER B 749 26.23 -14.68 -40.21
C SER B 749 25.59 -15.74 -41.10
N ALA B 750 25.84 -17.02 -40.84
CA ALA B 750 25.34 -18.07 -41.73
C ALA B 750 23.85 -18.32 -41.55
N LEU B 751 23.44 -18.70 -40.34
CA LEU B 751 22.07 -19.16 -40.13
C LEU B 751 21.21 -18.13 -39.40
N SER B 752 21.67 -17.63 -38.26
CA SER B 752 20.85 -16.76 -37.42
C SER B 752 20.66 -15.40 -38.07
N SER B 753 19.75 -14.62 -37.48
CA SER B 753 19.45 -13.27 -37.95
C SER B 753 20.18 -12.25 -37.08
N SER B 754 20.04 -10.98 -37.45
CA SER B 754 20.68 -9.90 -36.71
C SER B 754 19.79 -8.66 -36.74
N TYR B 755 19.79 -7.94 -35.63
CA TYR B 755 19.03 -6.69 -35.48
C TYR B 755 20.04 -5.55 -35.41
N VAL B 756 20.10 -4.74 -36.47
CA VAL B 756 21.19 -3.80 -36.66
C VAL B 756 20.76 -2.36 -36.38
N SER B 757 19.60 -1.94 -36.88
CA SER B 757 19.23 -0.53 -36.80
C SER B 757 17.71 -0.41 -36.77
N ASP B 758 17.24 0.83 -36.68
CA ASP B 758 15.83 1.17 -36.68
C ASP B 758 15.55 2.18 -37.79
N PHE B 759 14.27 2.29 -38.15
CA PHE B 759 13.89 3.24 -39.20
C PHE B 759 12.45 3.66 -39.00
N PRO B 760 12.10 4.91 -39.31
CA PRO B 760 10.70 5.36 -39.17
C PRO B 760 9.89 4.99 -40.41
N ASN B 761 8.85 4.19 -40.21
CA ASN B 761 7.97 3.76 -41.29
C ASN B 761 6.60 4.41 -41.06
N GLN B 762 6.45 5.64 -41.55
CA GLN B 762 5.19 6.39 -41.46
C GLN B 762 4.80 6.64 -40.00
N GLY B 763 5.74 7.19 -39.24
CA GLY B 763 5.45 7.63 -37.90
C GLY B 763 6.04 6.79 -36.78
N ARG B 764 6.00 5.48 -36.94
CA ARG B 764 6.45 4.56 -35.91
C ARG B 764 7.79 3.94 -36.30
N LEU B 765 8.63 3.67 -35.29
CA LEU B 765 9.94 3.07 -35.51
C LEU B 765 9.82 1.56 -35.63
N GLN B 766 10.51 1.00 -36.62
CA GLN B 766 10.53 -0.43 -36.86
C GLN B 766 11.97 -0.90 -37.03
N ARG B 767 12.17 -2.20 -36.86
CA ARG B 767 13.51 -2.75 -36.86
C ARG B 767 14.00 -3.01 -38.28
N VAL B 768 15.31 -3.15 -38.40
CA VAL B 768 15.97 -3.53 -39.66
C VAL B 768 16.79 -4.78 -39.37
N MET B 769 16.46 -5.87 -40.06
CA MET B 769 17.06 -7.17 -39.81
C MET B 769 17.72 -7.71 -41.07
N VAL B 770 18.69 -8.59 -40.86
CA VAL B 770 19.41 -9.27 -41.94
C VAL B 770 19.32 -10.77 -41.71
N GLN B 771 18.73 -11.49 -42.66
CA GLN B 771 18.47 -12.91 -42.51
C GLN B 771 19.45 -13.80 -43.27
N ALA B 772 20.32 -13.22 -44.10
CA ALA B 772 21.39 -13.96 -44.78
C ALA B 772 20.87 -14.87 -45.88
N ASP B 773 19.76 -14.49 -46.52
CA ASP B 773 19.28 -15.14 -47.75
C ASP B 773 19.02 -16.64 -47.53
N GLY B 774 17.95 -16.91 -46.79
CA GLY B 774 17.52 -18.25 -46.43
C GLY B 774 17.53 -19.32 -47.51
N ASP B 775 17.52 -18.91 -48.79
CA ASP B 775 17.69 -19.86 -49.88
C ASP B 775 18.98 -20.68 -49.72
N ALA B 776 20.04 -20.07 -49.15
CA ALA B 776 21.28 -20.80 -48.99
C ALA B 776 21.22 -21.77 -47.81
N ARG B 777 20.76 -21.30 -46.66
CA ARG B 777 20.77 -22.11 -45.43
C ARG B 777 19.59 -23.09 -45.42
N MET B 778 19.70 -24.06 -46.30
CA MET B 778 18.66 -25.07 -46.44
C MET B 778 19.12 -26.50 -46.16
N GLN B 779 20.36 -26.84 -46.49
CA GLN B 779 20.84 -28.19 -46.33
C GLN B 779 21.92 -28.27 -45.25
N PRO B 780 22.10 -29.42 -44.62
CA PRO B 780 23.16 -29.54 -43.61
C PRO B 780 24.56 -29.35 -44.19
N ALA B 781 24.75 -29.61 -45.48
CA ALA B 781 26.04 -29.45 -46.12
C ALA B 781 26.23 -28.03 -46.65
N ASP B 782 26.02 -27.05 -45.77
CA ASP B 782 26.22 -25.66 -46.13
C ASP B 782 27.18 -25.00 -45.15
N ILE B 783 27.11 -25.41 -43.88
CA ILE B 783 28.06 -24.91 -42.88
C ILE B 783 29.45 -25.47 -43.13
N LEU B 784 29.57 -26.67 -43.68
CA LEU B 784 30.87 -27.25 -43.98
C LEU B 784 31.54 -26.62 -45.18
N ASN B 785 30.83 -25.79 -45.94
CA ASN B 785 31.41 -25.04 -47.05
C ASN B 785 31.76 -23.62 -46.67
N LEU B 786 31.42 -23.18 -45.46
CA LEU B 786 31.70 -21.82 -45.01
C LEU B 786 33.19 -21.67 -44.78
N THR B 787 33.88 -21.05 -45.75
CA THR B 787 35.30 -20.78 -45.61
C THR B 787 35.51 -19.62 -44.64
N VAL B 788 36.27 -19.88 -43.58
CA VAL B 788 36.51 -18.89 -42.55
C VAL B 788 37.80 -18.15 -42.88
N PRO B 789 37.84 -16.83 -42.72
CA PRO B 789 39.01 -16.06 -43.18
C PRO B 789 40.23 -16.33 -42.30
N ASN B 790 41.40 -16.40 -42.95
CA ASN B 790 42.67 -16.50 -42.26
C ASN B 790 43.20 -15.09 -41.98
N SER B 791 44.48 -14.99 -41.63
CA SER B 791 45.09 -13.68 -41.41
C SER B 791 45.13 -12.86 -42.69
N SER B 792 45.66 -13.44 -43.78
CA SER B 792 45.75 -12.73 -45.05
C SER B 792 44.44 -12.84 -45.83
N GLY B 793 44.05 -14.07 -46.18
CA GLY B 793 42.83 -14.29 -46.94
C GLY B 793 41.94 -15.37 -46.38
N ILE B 794 41.09 -15.96 -47.22
CA ILE B 794 40.14 -16.99 -46.82
C ILE B 794 40.35 -18.19 -47.73
N ALA B 795 40.99 -19.24 -47.20
CA ALA B 795 41.17 -20.47 -47.95
C ALA B 795 40.76 -21.73 -47.19
N VAL B 796 40.54 -21.66 -45.88
CA VAL B 796 40.18 -22.83 -45.09
C VAL B 796 38.70 -23.14 -45.29
N PRO B 797 38.36 -24.34 -45.76
CA PRO B 797 36.95 -24.68 -46.00
C PRO B 797 36.17 -25.06 -44.74
N LEU B 798 36.74 -24.84 -43.55
CA LEU B 798 36.08 -25.09 -42.26
C LEU B 798 36.02 -26.59 -41.94
N SER B 799 36.45 -27.44 -42.88
CA SER B 799 36.53 -28.87 -42.59
C SER B 799 37.85 -29.22 -41.89
N SER B 800 38.89 -28.42 -42.09
CA SER B 800 40.14 -28.60 -41.37
C SER B 800 40.12 -27.96 -39.99
N ILE B 801 39.26 -26.95 -39.79
CA ILE B 801 39.15 -26.31 -38.49
C ILE B 801 38.25 -27.12 -37.56
N ALA B 802 37.00 -27.32 -37.97
CA ALA B 802 36.02 -28.05 -37.18
C ALA B 802 35.46 -29.22 -37.97
N THR B 803 34.83 -30.14 -37.25
CA THR B 803 34.20 -31.32 -37.85
C THR B 803 32.72 -31.32 -37.48
N VAL B 804 31.86 -31.39 -38.48
CA VAL B 804 30.41 -31.40 -38.27
C VAL B 804 29.94 -32.85 -38.14
N SER B 805 28.94 -33.07 -37.29
CA SER B 805 28.39 -34.40 -37.09
C SER B 805 26.96 -34.28 -36.59
N TRP B 806 26.28 -35.42 -36.53
CA TRP B 806 24.90 -35.48 -36.06
C TRP B 806 24.86 -36.14 -34.69
N GLN B 807 24.07 -35.57 -33.79
CA GLN B 807 23.88 -36.10 -32.45
C GLN B 807 22.43 -35.90 -32.04
N MET B 808 22.09 -36.36 -30.84
CA MET B 808 20.74 -36.22 -30.30
C MET B 808 20.79 -35.17 -29.19
N GLY B 809 20.19 -34.01 -29.44
CA GLY B 809 20.19 -32.93 -28.48
C GLY B 809 18.82 -32.62 -27.94
N THR B 810 18.77 -31.98 -26.77
CA THR B 810 17.50 -31.60 -26.17
C THR B 810 16.92 -30.38 -26.86
N GLU B 811 15.60 -30.41 -27.10
CA GLU B 811 14.90 -29.31 -27.71
C GLU B 811 14.13 -28.46 -26.71
N GLN B 812 14.24 -28.77 -25.42
CA GLN B 812 13.54 -28.02 -24.39
C GLN B 812 14.24 -28.22 -23.06
N SER B 813 14.43 -27.13 -22.32
CA SER B 813 15.10 -27.16 -21.02
C SER B 813 14.17 -26.53 -19.98
N VAL B 814 14.02 -27.23 -18.85
CA VAL B 814 13.15 -26.79 -17.78
C VAL B 814 13.92 -26.85 -16.47
N ARG B 815 13.77 -25.82 -15.65
CA ARG B 815 14.37 -25.74 -14.32
C ARG B 815 13.30 -25.41 -13.30
N PHE B 816 13.43 -25.98 -12.11
CA PHE B 816 12.46 -25.76 -11.03
C PHE B 816 13.21 -25.41 -9.76
N ASN B 817 13.03 -24.18 -9.28
CA ASN B 817 13.64 -23.71 -8.05
C ASN B 817 15.17 -23.71 -8.13
N GLY B 818 15.70 -23.48 -9.33
CA GLY B 818 17.14 -23.37 -9.51
C GLY B 818 17.86 -24.64 -9.86
N TYR B 819 17.14 -25.72 -10.16
CA TYR B 819 17.76 -26.98 -10.53
C TYR B 819 17.13 -27.50 -11.82
N PRO B 820 17.90 -28.20 -12.64
CA PRO B 820 17.34 -28.83 -13.84
C PRO B 820 16.27 -29.84 -13.46
N ALA B 821 15.08 -29.67 -14.05
CA ALA B 821 13.92 -30.47 -13.67
C ALA B 821 13.28 -31.09 -14.89
N MET B 822 12.74 -32.30 -14.70
CA MET B 822 11.96 -33.00 -15.70
C MET B 822 10.61 -33.36 -15.10
N GLU B 823 9.54 -33.15 -15.89
CA GLU B 823 8.19 -33.30 -15.37
C GLU B 823 7.60 -34.66 -15.73
N LEU B 824 6.85 -35.22 -14.79
CA LEU B 824 6.11 -36.46 -14.97
C LEU B 824 4.67 -36.24 -14.54
N SER B 825 3.76 -36.99 -15.16
CA SER B 825 2.33 -36.88 -14.86
C SER B 825 1.76 -38.29 -14.71
N GLY B 826 1.56 -38.72 -13.46
CA GLY B 826 0.92 -39.99 -13.18
C GLY B 826 -0.55 -39.82 -12.83
N SER B 827 -1.17 -40.92 -12.43
CA SER B 827 -2.56 -40.89 -12.02
C SER B 827 -2.96 -42.17 -11.31
N PRO B 828 -3.58 -42.07 -10.13
CA PRO B 828 -4.10 -43.27 -9.47
C PRO B 828 -5.34 -43.80 -10.20
N ALA B 829 -5.41 -45.11 -10.33
CA ALA B 829 -6.51 -45.74 -11.07
C ALA B 829 -7.86 -45.45 -10.42
N THR B 830 -8.07 -45.98 -9.22
CA THR B 830 -9.30 -45.75 -8.47
C THR B 830 -9.24 -46.46 -7.12
N GLY B 831 -9.96 -45.92 -6.13
CA GLY B 831 -10.01 -46.54 -4.82
C GLY B 831 -8.69 -46.56 -4.08
N VAL B 832 -7.77 -45.70 -4.50
CA VAL B 832 -6.46 -45.57 -3.86
C VAL B 832 -6.26 -44.12 -3.47
N SER B 833 -5.90 -43.89 -2.20
CA SER B 833 -5.73 -42.53 -1.70
C SER B 833 -4.55 -41.85 -2.38
N THR B 834 -4.72 -40.56 -2.68
CA THR B 834 -3.64 -39.80 -3.26
C THR B 834 -2.49 -39.59 -2.28
N GLY B 835 -2.80 -39.58 -0.99
CA GLY B 835 -1.75 -39.41 0.01
C GLY B 835 -0.76 -40.56 0.01
N GLN B 836 -1.27 -41.78 0.00
CA GLN B 836 -0.37 -42.94 -0.04
C GLN B 836 0.39 -43.02 -1.34
N ALA B 837 -0.24 -42.63 -2.45
CA ALA B 837 0.48 -42.60 -3.73
C ALA B 837 1.61 -41.58 -3.70
N MET B 838 1.36 -40.40 -3.11
CA MET B 838 2.41 -39.40 -3.00
C MET B 838 3.52 -39.88 -2.08
N GLU B 839 3.17 -40.55 -0.98
CA GLU B 839 4.20 -41.10 -0.10
C GLU B 839 5.03 -42.15 -0.81
N ALA B 840 4.39 -42.99 -1.63
CA ALA B 840 5.11 -43.99 -2.39
C ALA B 840 6.05 -43.34 -3.40
N VAL B 841 5.58 -42.30 -4.08
CA VAL B 841 6.44 -41.59 -5.03
C VAL B 841 7.62 -40.96 -4.31
N GLN B 842 7.38 -40.38 -3.13
CA GLN B 842 8.46 -39.76 -2.38
C GLN B 842 9.50 -40.80 -1.95
N LYS B 843 9.02 -41.94 -1.45
CA LYS B 843 9.91 -43.04 -1.01
C LYS B 843 10.71 -43.55 -2.22
N MET B 844 10.07 -43.69 -3.37
CA MET B 844 10.74 -44.17 -4.57
C MET B 844 11.83 -43.18 -5.02
N VAL B 845 11.53 -41.89 -4.97
CA VAL B 845 12.54 -40.89 -5.31
C VAL B 845 13.69 -40.93 -4.31
N ASP B 846 13.37 -41.17 -3.03
CA ASP B 846 14.41 -41.33 -2.02
C ASP B 846 15.23 -42.59 -2.24
N GLU B 847 14.66 -43.61 -2.89
CA GLU B 847 15.42 -44.82 -3.19
C GLU B 847 16.61 -44.52 -4.09
N LEU B 848 16.49 -43.53 -4.96
CA LEU B 848 17.61 -43.11 -5.79
C LEU B 848 18.69 -42.45 -4.92
N GLY B 849 19.84 -42.18 -5.54
CA GLY B 849 20.94 -41.59 -4.81
C GLY B 849 20.61 -40.18 -4.32
N SER B 850 21.40 -39.74 -3.35
CA SER B 850 21.26 -38.40 -2.81
C SER B 850 21.79 -37.39 -3.82
N GLY B 851 20.89 -36.59 -4.38
CA GLY B 851 21.25 -35.65 -5.43
C GLY B 851 20.14 -35.49 -6.44
N TYR B 852 19.12 -36.34 -6.33
CA TYR B 852 17.93 -36.26 -7.18
C TYR B 852 16.72 -36.06 -6.27
N SER B 853 16.11 -34.88 -6.36
CA SER B 853 14.98 -34.53 -5.52
C SER B 853 13.70 -34.53 -6.35
N LEU B 854 12.57 -34.45 -5.65
CA LEU B 854 11.26 -34.38 -6.29
C LEU B 854 10.45 -33.26 -5.65
N GLU B 855 9.64 -32.60 -6.48
CA GLU B 855 8.77 -31.55 -5.96
C GLU B 855 7.45 -31.55 -6.72
N TRP B 856 6.37 -31.20 -6.02
CA TRP B 856 5.06 -31.20 -6.63
C TRP B 856 4.84 -29.95 -7.47
N GLY B 857 3.94 -30.05 -8.44
CA GLY B 857 3.65 -28.93 -9.32
C GLY B 857 2.19 -28.82 -9.69
N GLY B 858 1.65 -27.62 -9.61
CA GLY B 858 0.25 -27.38 -9.96
C GLY B 858 -0.67 -27.58 -8.76
N GLN B 859 -1.66 -28.46 -8.92
CA GLN B 859 -2.60 -28.72 -7.84
C GLN B 859 -2.03 -29.69 -6.80
N SER B 860 -0.98 -30.45 -7.15
CA SER B 860 -0.40 -31.38 -6.19
C SER B 860 0.24 -30.65 -5.02
N ARG B 861 0.64 -29.39 -5.20
CA ARG B 861 1.20 -28.62 -4.10
C ARG B 861 0.17 -28.41 -3.00
N GLU B 862 -1.11 -28.29 -3.37
CA GLU B 862 -2.16 -28.14 -2.37
C GLU B 862 -2.56 -29.48 -1.78
N GLU B 863 -2.53 -30.54 -2.59
CA GLU B 863 -2.84 -31.88 -2.09
C GLU B 863 -1.78 -32.39 -1.12
N ALA B 864 -0.55 -31.85 -1.19
CA ALA B 864 0.48 -32.26 -0.25
C ALA B 864 0.13 -31.88 1.18
N LYS B 865 -0.63 -30.81 1.37
CA LYS B 865 -1.09 -30.42 2.70
C LYS B 865 -2.18 -31.38 3.18
N GLY B 866 -2.09 -31.78 4.44
CA GLY B 866 -3.07 -32.69 4.99
C GLY B 866 -4.45 -32.06 5.03
N GLY B 867 -5.46 -32.85 4.67
CA GLY B 867 -6.83 -32.38 4.66
C GLY B 867 -7.45 -32.32 6.04
N SER B 868 -6.84 -31.55 6.94
CA SER B 868 -7.34 -31.43 8.30
C SER B 868 -8.04 -30.10 8.58
N GLN B 869 -7.82 -29.09 7.73
CA GLN B 869 -8.49 -27.81 7.94
C GLN B 869 -9.99 -27.92 7.76
N THR B 870 -10.43 -28.73 6.79
CA THR B 870 -11.86 -28.89 6.55
C THR B 870 -12.54 -29.59 7.72
N ILE B 871 -11.92 -30.67 8.20
CA ILE B 871 -12.51 -31.41 9.33
C ILE B 871 -12.53 -30.56 10.58
N ALA B 872 -11.45 -29.82 10.83
CA ALA B 872 -11.40 -28.95 12.00
C ALA B 872 -12.44 -27.84 11.91
N LEU B 873 -12.59 -27.25 10.72
CA LEU B 873 -13.58 -26.19 10.54
C LEU B 873 -15.00 -26.72 10.73
N TYR B 874 -15.28 -27.92 10.21
CA TYR B 874 -16.61 -28.48 10.37
C TYR B 874 -16.88 -28.87 11.82
N ALA B 875 -15.87 -29.36 12.53
CA ALA B 875 -16.04 -29.66 13.95
C ALA B 875 -16.30 -28.38 14.75
N LEU B 876 -15.57 -27.30 14.44
CA LEU B 876 -15.81 -26.04 15.12
C LEU B 876 -17.20 -25.50 14.81
N ALA B 877 -17.66 -25.67 13.57
CA ALA B 877 -19.00 -25.23 13.22
C ALA B 877 -20.05 -26.03 13.97
N ALA B 878 -19.85 -27.35 14.10
CA ALA B 878 -20.78 -28.16 14.86
C ALA B 878 -20.79 -27.77 16.33
N VAL B 879 -19.62 -27.47 16.89
CA VAL B 879 -19.57 -27.04 18.29
C VAL B 879 -20.28 -25.71 18.47
N ALA B 880 -20.11 -24.79 17.53
CA ALA B 880 -20.80 -23.50 17.60
C ALA B 880 -22.30 -23.68 17.49
N VAL B 881 -22.75 -24.58 16.62
CA VAL B 881 -24.18 -24.85 16.48
C VAL B 881 -24.73 -25.42 17.78
N PHE B 882 -23.99 -26.35 18.39
CA PHE B 882 -24.42 -26.92 19.66
C PHE B 882 -24.51 -25.85 20.74
N LEU B 883 -23.53 -24.96 20.80
CA LEU B 883 -23.54 -23.90 21.80
C LEU B 883 -24.72 -22.95 21.59
N VAL B 884 -25.00 -22.60 20.33
CA VAL B 884 -26.11 -21.71 20.04
C VAL B 884 -27.43 -22.38 20.42
N LEU B 885 -27.58 -23.66 20.10
CA LEU B 885 -28.82 -24.36 20.45
C LEU B 885 -28.97 -24.50 21.96
N ALA B 886 -27.87 -24.68 22.68
CA ALA B 886 -27.94 -24.77 24.13
C ALA B 886 -28.32 -23.42 24.74
N ALA B 887 -27.78 -22.33 24.20
CA ALA B 887 -28.15 -21.01 24.68
C ALA B 887 -29.62 -20.69 24.35
N LEU B 888 -30.12 -21.19 23.22
CA LEU B 888 -31.51 -20.96 22.87
C LEU B 888 -32.45 -21.75 23.76
N TYR B 889 -32.32 -23.08 23.75
CA TYR B 889 -33.21 -23.94 24.50
C TYR B 889 -32.93 -23.94 26.01
N GLU B 890 -31.79 -23.41 26.44
CA GLU B 890 -31.41 -23.39 27.85
C GLU B 890 -31.29 -24.81 28.39
N SER B 891 -30.60 -25.67 27.64
CA SER B 891 -30.43 -27.06 28.02
C SER B 891 -29.21 -27.62 27.30
N TRP B 892 -28.68 -28.72 27.84
CA TRP B 892 -27.54 -29.40 27.27
C TRP B 892 -27.90 -30.67 26.50
N SER B 893 -29.18 -31.06 26.51
CA SER B 893 -29.62 -32.29 25.86
C SER B 893 -30.41 -32.05 24.58
N ILE B 894 -31.19 -30.98 24.52
CA ILE B 894 -32.03 -30.66 23.36
C ILE B 894 -31.18 -30.45 22.11
N PRO B 895 -30.07 -29.71 22.17
CA PRO B 895 -29.20 -29.63 21.00
C PRO B 895 -28.71 -30.99 20.52
N LEU B 896 -28.55 -31.96 21.42
CA LEU B 896 -28.21 -33.31 21.00
C LEU B 896 -29.29 -33.91 20.11
N ALA B 897 -30.57 -33.61 20.41
CA ALA B 897 -31.66 -34.10 19.56
C ALA B 897 -31.73 -33.32 18.27
N VAL B 898 -31.40 -32.02 18.31
CA VAL B 898 -31.46 -31.22 17.08
C VAL B 898 -30.34 -31.60 16.12
N LEU B 899 -29.19 -32.00 16.64
CA LEU B 899 -28.04 -32.35 15.81
C LEU B 899 -28.15 -33.74 15.19
N LEU B 900 -29.17 -34.52 15.54
CA LEU B 900 -29.30 -35.87 15.00
C LEU B 900 -29.91 -35.89 13.60
N VAL B 901 -30.38 -34.75 13.09
CA VAL B 901 -30.95 -34.69 11.74
C VAL B 901 -29.90 -34.37 10.68
N MET B 902 -28.65 -34.16 11.07
CA MET B 902 -27.61 -33.87 10.08
C MET B 902 -27.36 -35.04 9.15
N PRO B 903 -27.14 -36.27 9.61
CA PRO B 903 -26.87 -37.38 8.69
C PRO B 903 -28.02 -37.69 7.74
N LEU B 904 -29.25 -37.27 8.06
CA LEU B 904 -30.38 -37.60 7.18
C LEU B 904 -30.23 -36.93 5.83
N GLY B 905 -29.95 -35.63 5.80
CA GLY B 905 -29.77 -34.94 4.54
C GLY B 905 -28.58 -35.44 3.76
N LEU B 906 -27.49 -35.78 4.46
CA LEU B 906 -26.31 -36.32 3.80
C LEU B 906 -26.63 -37.65 3.14
N ALA B 907 -27.33 -38.54 3.85
CA ALA B 907 -27.70 -39.83 3.28
C ALA B 907 -28.62 -39.64 2.09
N GLY B 908 -29.59 -38.71 2.20
CA GLY B 908 -30.48 -38.47 1.09
C GLY B 908 -29.76 -37.97 -0.15
N ALA B 909 -28.85 -37.01 0.03
CA ALA B 909 -28.09 -36.48 -1.09
C ALA B 909 -27.20 -37.53 -1.72
N ALA B 910 -26.53 -38.34 -0.89
CA ALA B 910 -25.66 -39.39 -1.42
C ALA B 910 -26.47 -40.43 -2.19
N ALA B 911 -27.63 -40.82 -1.65
CA ALA B 911 -28.47 -41.79 -2.34
C ALA B 911 -28.99 -41.23 -3.66
N GLY B 912 -29.37 -39.95 -3.68
CA GLY B 912 -29.81 -39.34 -4.93
C GLY B 912 -28.72 -39.28 -5.97
N VAL B 913 -27.50 -38.92 -5.54
CA VAL B 913 -26.38 -38.85 -6.48
C VAL B 913 -26.05 -40.24 -7.03
N THR B 914 -26.04 -41.24 -6.16
CA THR B 914 -25.74 -42.60 -6.62
C THR B 914 -26.83 -43.11 -7.55
N GLY B 915 -28.10 -42.81 -7.26
CA GLY B 915 -29.18 -43.23 -8.14
C GLY B 915 -29.10 -42.56 -9.50
N ARG B 916 -28.78 -41.26 -9.52
CA ARG B 916 -28.64 -40.57 -10.80
C ARG B 916 -27.46 -41.12 -11.60
N ASN B 917 -26.35 -41.44 -10.92
CA ASN B 917 -25.22 -42.04 -11.61
C ASN B 917 -25.58 -43.39 -12.20
N LEU B 918 -26.30 -44.22 -11.43
CA LEU B 918 -26.71 -45.52 -11.94
C LEU B 918 -27.68 -45.38 -13.12
N PHE B 919 -28.60 -44.41 -13.04
CA PHE B 919 -29.53 -44.18 -14.14
C PHE B 919 -28.79 -43.74 -15.40
N GLU B 920 -27.79 -42.88 -15.24
CA GLU B 920 -26.98 -42.48 -16.38
C GLU B 920 -26.18 -43.65 -16.94
N GLY B 921 -25.70 -44.54 -16.08
CA GLY B 921 -24.89 -45.66 -16.54
C GLY B 921 -25.70 -46.70 -17.28
N LEU B 922 -26.85 -47.09 -16.74
CA LEU B 922 -27.66 -48.13 -17.37
C LEU B 922 -28.21 -47.68 -18.71
N LEU B 923 -28.40 -46.37 -18.92
CA LEU B 923 -28.89 -45.84 -20.17
C LEU B 923 -27.78 -45.49 -21.16
N GLY B 924 -26.57 -46.01 -20.94
CA GLY B 924 -25.46 -45.79 -21.83
C GLY B 924 -24.58 -44.60 -21.46
N SER B 925 -25.12 -43.61 -20.77
CA SER B 925 -24.35 -42.43 -20.42
C SER B 925 -23.30 -42.76 -19.36
N VAL B 926 -22.38 -41.83 -19.18
CA VAL B 926 -21.30 -41.98 -18.19
C VAL B 926 -21.69 -41.19 -16.94
N PRO B 927 -21.33 -41.65 -15.74
CA PRO B 927 -21.63 -40.87 -14.53
C PRO B 927 -20.96 -39.51 -14.56
N SER B 928 -21.77 -38.46 -14.40
CA SER B 928 -21.30 -37.09 -14.47
C SER B 928 -21.33 -36.37 -13.13
N PHE B 929 -21.73 -37.05 -12.05
CA PHE B 929 -21.85 -36.44 -10.74
C PHE B 929 -20.82 -37.03 -9.79
N ALA B 930 -20.16 -36.16 -9.03
CA ALA B 930 -19.13 -36.57 -8.07
C ALA B 930 -19.22 -35.66 -6.86
N ASN B 931 -18.22 -35.77 -5.98
CA ASN B 931 -18.17 -34.96 -4.75
C ASN B 931 -17.36 -33.70 -5.02
N ASP B 932 -17.96 -32.78 -5.77
CA ASP B 932 -17.34 -31.53 -6.15
C ASP B 932 -17.78 -30.42 -5.20
N ILE B 933 -17.43 -29.17 -5.54
CA ILE B 933 -17.78 -28.03 -4.71
C ILE B 933 -19.28 -27.82 -4.69
N TYR B 934 -19.93 -28.00 -5.84
CA TYR B 934 -21.38 -27.81 -5.91
C TYR B 934 -22.12 -28.80 -5.03
N PHE B 935 -21.62 -30.04 -4.96
CA PHE B 935 -22.22 -31.01 -4.06
C PHE B 935 -22.11 -30.57 -2.61
N GLN B 936 -20.96 -30.04 -2.22
CA GLN B 936 -20.79 -29.56 -0.85
C GLN B 936 -21.71 -28.38 -0.55
N VAL B 937 -21.86 -27.47 -1.51
CA VAL B 937 -22.76 -26.33 -1.31
C VAL B 937 -24.19 -26.78 -1.16
N GLY B 938 -24.63 -27.71 -2.02
CA GLY B 938 -25.99 -28.22 -1.91
C GLY B 938 -26.22 -28.97 -0.61
N PHE B 939 -25.23 -29.73 -0.16
CA PHE B 939 -25.35 -30.43 1.12
C PHE B 939 -25.45 -29.46 2.28
N VAL B 940 -24.65 -28.38 2.24
CA VAL B 940 -24.71 -27.38 3.30
C VAL B 940 -26.09 -26.72 3.31
N THR B 941 -26.63 -26.41 2.13
CA THR B 941 -27.95 -25.79 2.07
C THR B 941 -29.03 -26.71 2.63
N VAL B 942 -29.01 -27.98 2.21
CA VAL B 942 -30.04 -28.91 2.68
C VAL B 942 -29.90 -29.16 4.17
N MET B 943 -28.67 -29.22 4.69
CA MET B 943 -28.50 -29.42 6.12
C MET B 943 -28.95 -28.19 6.90
N GLY B 944 -28.74 -26.99 6.36
CA GLY B 944 -29.27 -25.81 7.01
C GLY B 944 -30.78 -25.79 7.05
N LEU B 945 -31.43 -26.16 5.96
CA LEU B 945 -32.89 -26.21 5.95
C LEU B 945 -33.42 -27.26 6.93
N SER B 946 -32.78 -28.43 6.95
CA SER B 946 -33.20 -29.47 7.90
C SER B 946 -32.99 -29.02 9.34
N ALA B 947 -31.90 -28.31 9.60
CA ALA B 947 -31.64 -27.80 10.95
C ALA B 947 -32.69 -26.77 11.35
N LYS B 948 -33.09 -25.91 10.41
CA LYS B 948 -34.13 -24.93 10.70
C LYS B 948 -35.45 -25.61 11.05
N ASN B 949 -35.85 -26.60 10.23
CA ASN B 949 -37.09 -27.32 10.51
C ASN B 949 -37.03 -28.04 11.85
N ALA B 950 -35.92 -28.71 12.14
CA ALA B 950 -35.79 -29.42 13.41
C ALA B 950 -35.80 -28.46 14.59
N ILE B 951 -35.17 -27.29 14.44
CA ILE B 951 -35.17 -26.30 15.52
C ILE B 951 -36.57 -25.82 15.79
N LEU B 952 -37.35 -25.53 14.74
CA LEU B 952 -38.73 -25.08 14.93
C LEU B 952 -39.56 -26.17 15.62
N ILE B 953 -39.43 -27.42 15.16
CA ILE B 953 -40.21 -28.50 15.75
C ILE B 953 -39.84 -28.71 17.21
N ILE B 954 -38.54 -28.66 17.52
CA ILE B 954 -38.10 -28.91 18.89
C ILE B 954 -38.51 -27.77 19.80
N GLU B 955 -38.47 -26.53 19.30
CA GLU B 955 -38.93 -25.40 20.11
C GLU B 955 -40.42 -25.54 20.42
N PHE B 956 -41.23 -25.85 19.40
CA PHE B 956 -42.66 -26.02 19.63
C PHE B 956 -42.96 -27.18 20.57
N ALA B 957 -42.15 -28.24 20.52
CA ALA B 957 -42.37 -29.37 21.41
C ALA B 957 -41.90 -29.08 22.83
N LYS B 958 -40.85 -28.28 23.00
CA LYS B 958 -40.35 -27.97 24.33
C LYS B 958 -41.25 -26.97 25.05
N ASP B 959 -41.69 -25.93 24.34
CA ASP B 959 -42.56 -24.94 24.98
C ASP B 959 -43.95 -25.48 25.28
N LEU B 960 -44.32 -26.64 24.72
CA LEU B 960 -45.59 -27.28 25.02
C LEU B 960 -45.51 -28.28 26.16
N GLN B 961 -44.29 -28.67 26.56
CA GLN B 961 -44.13 -29.61 27.66
C GLN B 961 -44.10 -28.92 29.01
N ALA B 962 -43.74 -27.63 29.05
CA ALA B 962 -43.74 -26.87 30.29
C ALA B 962 -45.13 -26.44 30.73
N GLN B 963 -46.16 -26.74 29.95
CA GLN B 963 -47.53 -26.40 30.28
C GLN B 963 -48.27 -27.53 30.98
N GLY B 964 -47.64 -28.69 31.15
CA GLY B 964 -48.28 -29.80 31.84
C GLY B 964 -48.51 -31.01 30.96
N LYS B 965 -47.76 -31.11 29.86
CA LYS B 965 -47.87 -32.22 28.94
C LYS B 965 -46.62 -33.09 29.00
N SER B 966 -46.78 -34.35 28.61
CA SER B 966 -45.67 -35.28 28.59
C SER B 966 -44.82 -35.07 27.34
N ALA B 967 -43.75 -35.86 27.21
CA ALA B 967 -42.88 -35.72 26.06
C ALA B 967 -43.55 -36.22 24.79
N VAL B 968 -44.28 -37.34 24.87
CA VAL B 968 -44.91 -37.91 23.69
C VAL B 968 -46.02 -36.99 23.18
N GLU B 969 -46.87 -36.51 24.08
CA GLU B 969 -47.95 -35.61 23.67
C GLU B 969 -47.42 -34.30 23.13
N ALA B 970 -46.37 -33.76 23.76
CA ALA B 970 -45.78 -32.52 23.28
C ALA B 970 -45.18 -32.70 21.89
N ALA B 971 -44.48 -33.82 21.67
CA ALA B 971 -43.90 -34.08 20.35
C ALA B 971 -44.99 -34.26 19.30
N LEU B 972 -46.07 -34.97 19.64
CA LEU B 972 -47.16 -35.16 18.70
C LEU B 972 -47.81 -33.82 18.33
N GLU B 973 -48.04 -32.97 19.33
CA GLU B 973 -48.65 -31.67 19.05
C GLU B 973 -47.72 -30.79 18.22
N ALA B 974 -46.42 -30.82 18.51
CA ALA B 974 -45.47 -30.04 17.73
C ALA B 974 -45.42 -30.51 16.29
N ALA B 975 -45.46 -31.83 16.07
CA ALA B 975 -45.47 -32.35 14.71
C ALA B 975 -46.75 -31.96 13.98
N ARG B 976 -47.89 -32.07 14.66
CA ARG B 976 -49.15 -31.70 14.03
C ARG B 976 -49.21 -30.22 13.71
N LEU B 977 -48.53 -29.38 14.51
CA LEU B 977 -48.52 -27.95 14.25
C LEU B 977 -47.53 -27.55 13.17
N ARG B 978 -46.42 -28.29 13.03
CA ARG B 978 -45.39 -27.96 12.05
C ARG B 978 -45.53 -28.74 10.75
N PHE B 979 -46.52 -29.62 10.64
CA PHE B 979 -46.71 -30.38 9.40
C PHE B 979 -46.97 -29.47 8.21
N ARG B 980 -47.86 -28.50 8.36
CA ARG B 980 -48.26 -27.68 7.22
C ARG B 980 -47.14 -26.77 6.71
N PRO B 981 -46.48 -25.96 7.54
CA PRO B 981 -45.42 -25.09 7.01
C PRO B 981 -44.26 -25.87 6.39
N ILE B 982 -43.89 -26.99 6.99
CA ILE B 982 -42.83 -27.82 6.43
C ILE B 982 -43.22 -28.33 5.05
N ILE B 983 -44.46 -28.80 4.90
CA ILE B 983 -44.91 -29.30 3.60
C ILE B 983 -44.92 -28.18 2.57
N MET B 984 -45.40 -26.99 2.95
CA MET B 984 -45.47 -25.87 2.02
C MET B 984 -44.07 -25.47 1.56
N THR B 985 -43.15 -25.30 2.50
CA THR B 985 -41.79 -24.89 2.15
C THR B 985 -41.09 -25.96 1.32
N SER B 986 -41.31 -27.24 1.65
CA SER B 986 -40.69 -28.31 0.88
C SER B 986 -41.21 -28.34 -0.54
N PHE B 987 -42.53 -28.20 -0.72
CA PHE B 987 -43.10 -28.17 -2.06
C PHE B 987 -42.56 -26.99 -2.86
N ALA B 988 -42.50 -25.82 -2.24
CA ALA B 988 -41.98 -24.64 -2.94
C ALA B 988 -40.53 -24.85 -3.36
N PHE B 989 -39.68 -25.33 -2.44
CA PHE B 989 -38.27 -25.53 -2.75
C PHE B 989 -38.09 -26.58 -3.84
N ILE B 990 -38.85 -27.67 -3.78
CA ILE B 990 -38.70 -28.74 -4.77
C ILE B 990 -39.15 -28.25 -6.13
N LEU B 991 -40.28 -27.56 -6.20
CA LEU B 991 -40.76 -27.05 -7.48
C LEU B 991 -39.84 -25.97 -8.04
N GLY B 992 -39.13 -25.23 -7.18
CA GLY B 992 -38.16 -24.28 -7.68
C GLY B 992 -36.84 -24.90 -8.09
N VAL B 993 -36.49 -26.04 -7.52
CA VAL B 993 -35.25 -26.71 -7.87
C VAL B 993 -35.40 -27.61 -9.09
N VAL B 994 -36.61 -28.09 -9.37
CA VAL B 994 -36.88 -28.95 -10.52
C VAL B 994 -36.38 -28.36 -11.83
N PRO B 995 -36.54 -27.06 -12.10
CA PRO B 995 -35.94 -26.48 -13.32
C PRO B 995 -34.43 -26.64 -13.40
N LEU B 996 -33.75 -26.68 -12.26
CA LEU B 996 -32.30 -26.92 -12.26
C LEU B 996 -31.95 -28.40 -12.32
N TYR B 997 -32.92 -29.30 -12.17
CA TYR B 997 -32.65 -30.73 -12.19
C TYR B 997 -32.49 -31.24 -13.61
N ILE B 998 -33.24 -30.67 -14.56
CA ILE B 998 -33.19 -31.11 -15.95
C ILE B 998 -32.66 -29.98 -16.81
N ALA B 999 -31.79 -29.16 -16.25
CA ALA B 999 -31.24 -28.02 -16.98
C ALA B 999 -30.39 -28.49 -18.15
N GLY B 1000 -30.61 -27.90 -19.32
CA GLY B 1000 -29.84 -28.25 -20.50
C GLY B 1000 -29.47 -27.02 -21.33
N GLY B 1001 -28.17 -26.83 -21.55
CA GLY B 1001 -27.70 -25.70 -22.32
C GLY B 1001 -26.44 -25.08 -21.76
N ALA B 1002 -26.39 -23.75 -21.69
CA ALA B 1002 -25.22 -23.06 -21.21
C ALA B 1002 -25.10 -23.22 -19.70
N SER B 1003 -23.95 -23.75 -19.25
CA SER B 1003 -23.69 -23.97 -17.83
C SER B 1003 -24.71 -24.93 -17.23
N SER B 1004 -24.79 -26.12 -17.82
CA SER B 1004 -25.73 -27.14 -17.37
C SER B 1004 -25.12 -28.16 -16.43
N ALA B 1005 -23.79 -28.29 -16.44
CA ALA B 1005 -23.14 -29.26 -15.55
C ALA B 1005 -23.33 -28.85 -14.09
N SER B 1006 -22.94 -27.62 -13.73
CA SER B 1006 -23.08 -27.18 -12.36
C SER B 1006 -24.54 -27.07 -11.95
N GLN B 1007 -25.41 -26.68 -12.89
CA GLN B 1007 -26.83 -26.57 -12.60
C GLN B 1007 -27.40 -27.90 -12.14
N ARG B 1008 -27.21 -28.95 -12.95
CA ARG B 1008 -27.70 -30.28 -12.56
C ARG B 1008 -26.98 -30.79 -11.31
N ALA B 1009 -25.69 -30.48 -11.18
CA ALA B 1009 -24.91 -30.97 -10.05
C ALA B 1009 -25.45 -30.43 -8.73
N ILE B 1010 -25.87 -29.17 -8.71
CA ILE B 1010 -26.47 -28.63 -7.49
C ILE B 1010 -27.93 -29.05 -7.37
N GLY B 1011 -28.63 -29.14 -8.50
CA GLY B 1011 -30.07 -29.42 -8.45
C GLY B 1011 -30.37 -30.81 -7.93
N THR B 1012 -29.69 -31.84 -8.47
CA THR B 1012 -29.92 -33.20 -8.02
C THR B 1012 -29.62 -33.34 -6.53
N THR B 1013 -28.49 -32.76 -6.10
CA THR B 1013 -28.10 -32.82 -4.69
C THR B 1013 -29.15 -32.19 -3.80
N VAL B 1014 -29.52 -30.94 -4.09
CA VAL B 1014 -30.47 -30.24 -3.23
C VAL B 1014 -31.83 -30.92 -3.25
N PHE B 1015 -32.28 -31.38 -4.43
CA PHE B 1015 -33.58 -32.01 -4.55
C PHE B 1015 -33.67 -33.27 -3.72
N TRP B 1016 -32.75 -34.22 -3.96
CA TRP B 1016 -32.81 -35.48 -3.23
C TRP B 1016 -32.54 -35.28 -1.75
N GLY B 1017 -31.61 -34.39 -1.40
CA GLY B 1017 -31.33 -34.12 0.00
C GLY B 1017 -32.53 -33.57 0.72
N MET B 1018 -33.19 -32.56 0.14
CA MET B 1018 -34.36 -31.98 0.78
C MET B 1018 -35.49 -32.99 0.89
N LEU B 1019 -35.73 -33.77 -0.16
CA LEU B 1019 -36.81 -34.76 -0.14
C LEU B 1019 -36.59 -35.79 0.96
N ILE B 1020 -35.42 -36.44 0.94
CA ILE B 1020 -35.15 -37.48 1.92
C ILE B 1020 -35.08 -36.89 3.33
N GLY B 1021 -34.50 -35.70 3.47
CA GLY B 1021 -34.39 -35.10 4.79
C GLY B 1021 -35.74 -34.76 5.39
N THR B 1022 -36.65 -34.20 4.59
CA THR B 1022 -37.98 -33.92 5.09
C THR B 1022 -38.71 -35.21 5.43
N LEU B 1023 -38.67 -36.19 4.51
CA LEU B 1023 -39.38 -37.44 4.73
C LEU B 1023 -38.88 -38.17 5.97
N LEU B 1024 -37.60 -38.04 6.31
CA LEU B 1024 -37.08 -38.68 7.49
C LEU B 1024 -37.28 -37.84 8.75
N SER B 1025 -37.16 -36.51 8.63
CA SER B 1025 -37.28 -35.64 9.80
C SER B 1025 -38.70 -35.63 10.34
N VAL B 1026 -39.71 -35.57 9.46
CA VAL B 1026 -41.10 -35.51 9.91
C VAL B 1026 -41.52 -36.71 10.75
N PHE B 1027 -40.76 -37.81 10.71
CA PHE B 1027 -41.01 -38.95 11.57
C PHE B 1027 -39.92 -39.20 12.60
N LEU B 1028 -38.74 -38.59 12.47
CA LEU B 1028 -37.64 -38.88 13.38
C LEU B 1028 -37.35 -37.77 14.37
N VAL B 1029 -37.78 -36.54 14.13
CA VAL B 1029 -37.50 -35.42 15.04
C VAL B 1029 -38.23 -35.62 16.36
N PRO B 1030 -39.54 -35.89 16.36
CA PRO B 1030 -40.20 -36.21 17.63
C PRO B 1030 -39.62 -37.43 18.33
N LEU B 1031 -39.18 -38.43 17.57
CA LEU B 1031 -38.53 -39.59 18.16
C LEU B 1031 -37.24 -39.18 18.87
N PHE B 1032 -36.43 -38.33 18.23
CA PHE B 1032 -35.21 -37.85 18.84
C PHE B 1032 -35.52 -37.04 20.10
N TYR B 1033 -36.57 -36.22 20.06
CA TYR B 1033 -36.95 -35.43 21.22
C TYR B 1033 -37.34 -36.34 22.38
N VAL B 1034 -38.17 -37.35 22.11
CA VAL B 1034 -38.59 -38.27 23.16
C VAL B 1034 -37.41 -39.03 23.73
N VAL B 1035 -36.49 -39.46 22.86
CA VAL B 1035 -35.33 -40.22 23.31
C VAL B 1035 -34.44 -39.36 24.20
N VAL B 1036 -34.19 -38.12 23.78
CA VAL B 1036 -33.36 -37.22 24.58
C VAL B 1036 -34.04 -36.83 25.88
N ARG B 1037 -35.37 -36.77 25.90
CA ARG B 1037 -36.08 -36.44 27.13
C ARG B 1037 -36.07 -37.60 28.11
N LYS B 1038 -36.17 -38.83 27.61
CA LYS B 1038 -36.18 -40.00 28.49
C LYS B 1038 -34.79 -40.43 28.92
N PHE B 1039 -33.75 -40.11 28.13
CA PHE B 1039 -32.40 -40.51 28.48
C PHE B 1039 -31.73 -39.55 29.46
N PHE B 1040 -32.02 -38.27 29.39
CA PHE B 1040 -31.31 -37.30 30.25
C PHE B 1040 -32.35 -36.60 31.10
N LYS B 1041 -32.81 -37.22 32.17
CA LYS B 1041 -33.85 -36.48 32.91
C LYS B 1041 -33.21 -35.18 33.41
N GLU B 1042 -33.84 -34.05 33.13
CA GLU B 1042 -33.33 -32.70 33.46
C GLU B 1042 -33.13 -32.50 34.97
N THR B 1043 -32.64 -31.31 35.28
CA THR B 1043 -32.33 -30.77 36.63
C THR B 1043 -33.56 -30.05 37.21
N MET C 1 -32.29 9.51 30.85
CA MET C 1 -31.54 10.52 30.13
C MET C 1 -31.96 11.93 30.54
N ALA C 2 -33.20 12.04 31.01
CA ALA C 2 -33.74 13.30 31.50
C ALA C 2 -33.95 13.31 33.01
N LYS C 3 -34.68 12.32 33.54
CA LYS C 3 -34.87 12.22 34.97
C LYS C 3 -33.63 11.72 35.68
N PHE C 4 -32.69 11.12 34.95
CA PHE C 4 -31.49 10.57 35.58
C PHE C 4 -30.46 11.64 35.89
N PHE C 5 -30.35 12.67 35.06
CA PHE C 5 -29.36 13.72 35.25
C PHE C 5 -29.86 14.89 36.10
N ILE C 6 -31.17 15.00 36.31
CA ILE C 6 -31.68 16.07 37.15
C ILE C 6 -31.25 15.88 38.59
N ASP C 7 -31.06 14.63 39.02
CA ASP C 7 -30.66 14.37 40.39
C ASP C 7 -29.15 14.43 40.59
N ARG C 8 -28.42 14.04 39.55
CA ARG C 8 -26.94 14.02 39.61
C ARG C 8 -26.36 15.02 38.62
N PRO C 9 -26.06 16.25 39.03
CA PRO C 9 -25.40 17.17 38.10
C PRO C 9 -23.90 16.96 37.98
N ILE C 10 -23.27 16.34 38.97
CA ILE C 10 -21.82 16.13 38.88
C ILE C 10 -21.46 15.17 37.76
N PHE C 11 -22.34 14.20 37.48
CA PHE C 11 -22.10 13.30 36.36
C PHE C 11 -22.11 14.05 35.03
N ALA C 12 -23.09 14.93 34.85
CA ALA C 12 -23.14 15.74 33.63
C ALA C 12 -21.94 16.67 33.53
N TRP C 13 -21.51 17.23 34.67
CA TRP C 13 -20.33 18.09 34.66
C TRP C 13 -19.08 17.31 34.29
N VAL C 14 -18.97 16.07 34.78
CA VAL C 14 -17.80 15.26 34.45
C VAL C 14 -17.80 14.89 32.97
N ILE C 15 -18.98 14.57 32.42
CA ILE C 15 -19.07 14.28 30.99
C ILE C 15 -18.69 15.51 30.18
N SER C 16 -19.16 16.68 30.59
CA SER C 16 -18.82 17.91 29.89
C SER C 16 -17.32 18.18 29.96
N ILE C 17 -16.70 17.91 31.11
CA ILE C 17 -15.27 18.16 31.25
C ILE C 17 -14.47 17.19 30.39
N PHE C 18 -14.92 15.94 30.30
CA PHE C 18 -14.26 14.99 29.41
C PHE C 18 -14.38 15.44 27.95
N ILE C 19 -15.55 15.96 27.58
CA ILE C 19 -15.73 16.49 26.23
C ILE C 19 -14.76 17.65 25.99
N ILE C 20 -14.67 18.57 26.96
CA ILE C 20 -13.72 19.68 26.91
C ILE C 20 -12.30 19.18 26.68
N ALA C 21 -11.89 18.16 27.44
CA ALA C 21 -10.53 17.66 27.30
C ALA C 21 -10.29 17.06 25.92
N ALA C 22 -11.24 16.25 25.43
CA ALA C 22 -11.11 15.68 24.10
C ALA C 22 -11.05 16.77 23.04
N GLY C 23 -11.86 17.81 23.19
CA GLY C 23 -11.85 18.89 22.20
C GLY C 23 -10.56 19.67 22.20
N ILE C 24 -10.00 19.92 23.39
CA ILE C 24 -8.72 20.63 23.46
C ILE C 24 -7.61 19.78 22.85
N PHE C 25 -7.61 18.48 23.16
CA PHE C 25 -6.59 17.60 22.58
C PHE C 25 -6.73 17.51 21.07
N GLY C 26 -7.96 17.59 20.56
CA GLY C 26 -8.15 17.59 19.12
C GLY C 26 -7.70 18.89 18.47
N ILE C 27 -7.97 20.01 19.14
CA ILE C 27 -7.54 21.31 18.61
C ILE C 27 -6.02 21.38 18.59
N LYS C 28 -5.35 20.82 19.57
CA LYS C 28 -3.87 20.81 19.51
C LYS C 28 -3.40 19.91 18.37
N SER C 29 -4.15 18.88 18.05
CA SER C 29 -3.69 17.90 17.07
C SER C 29 -4.40 18.07 15.73
N LEU C 30 -4.62 19.32 15.31
CA LEU C 30 -5.27 19.62 14.05
C LEU C 30 -4.38 20.54 13.23
N PRO C 31 -4.11 20.21 11.97
CA PRO C 31 -3.36 21.12 11.11
C PRO C 31 -4.21 22.27 10.63
N VAL C 32 -3.54 23.37 10.31
CA VAL C 32 -4.19 24.59 9.84
C VAL C 32 -3.90 24.76 8.36
N SER C 33 -4.91 25.19 7.60
CA SER C 33 -4.77 25.40 6.17
C SER C 33 -5.81 26.41 5.71
N GLN C 34 -5.73 26.79 4.44
CA GLN C 34 -6.68 27.73 3.84
C GLN C 34 -7.92 27.01 3.33
N TYR C 35 -7.72 25.93 2.57
CA TYR C 35 -8.79 25.10 2.05
C TYR C 35 -8.44 23.63 2.24
N PRO C 36 -9.43 22.75 2.26
CA PRO C 36 -9.15 21.32 2.37
C PRO C 36 -8.50 20.81 1.08
N SER C 37 -7.92 19.62 1.19
CA SER C 37 -7.25 18.98 0.06
C SER C 37 -8.31 18.59 -0.97
N VAL C 38 -8.36 19.32 -2.08
CA VAL C 38 -9.36 19.09 -3.11
C VAL C 38 -8.77 18.65 -4.44
N ALA C 39 -7.50 18.90 -4.70
CA ALA C 39 -6.90 18.52 -5.97
C ALA C 39 -6.54 17.05 -5.99
N ALA C 40 -6.79 16.40 -7.13
CA ALA C 40 -6.48 14.99 -7.27
C ALA C 40 -5.00 14.79 -7.60
N PRO C 41 -4.46 13.61 -7.32
CA PRO C 41 -3.05 13.35 -7.63
C PRO C 41 -2.81 13.30 -9.12
N THR C 42 -1.63 13.77 -9.52
CA THR C 42 -1.23 13.80 -10.93
C THR C 42 0.18 13.27 -11.03
N ILE C 43 0.39 12.28 -11.91
CA ILE C 43 1.71 11.67 -12.12
C ILE C 43 2.21 12.09 -13.49
N THR C 44 3.40 12.67 -13.54
CA THR C 44 4.00 13.12 -14.78
C THR C 44 5.15 12.20 -15.17
N LEU C 45 5.16 11.78 -16.43
CA LEU C 45 6.23 10.97 -17.00
C LEU C 45 6.99 11.82 -18.00
N HIS C 46 8.28 12.05 -17.73
CA HIS C 46 9.14 12.86 -18.57
C HIS C 46 10.05 11.94 -19.39
N ALA C 47 10.13 12.22 -20.69
CA ALA C 47 10.97 11.46 -21.60
C ALA C 47 11.79 12.40 -22.46
N ILE C 48 13.00 11.97 -22.80
CA ILE C 48 13.94 12.77 -23.58
C ILE C 48 14.31 11.99 -24.82
N TYR C 49 14.21 12.65 -25.99
CA TYR C 49 14.54 12.03 -27.27
C TYR C 49 15.19 13.09 -28.14
N PRO C 50 16.50 13.27 -28.03
CA PRO C 50 17.17 14.35 -28.75
C PRO C 50 17.12 14.15 -30.26
N GLY C 51 17.09 15.27 -30.97
CA GLY C 51 17.05 15.24 -32.42
C GLY C 51 15.73 14.78 -32.99
N ALA C 52 14.62 15.22 -32.41
CA ALA C 52 13.30 14.81 -32.85
C ALA C 52 12.39 16.02 -32.97
N SER C 53 11.35 15.89 -33.79
CA SER C 53 10.38 16.94 -33.98
C SER C 53 9.32 16.88 -32.89
N ALA C 54 8.40 17.84 -32.91
CA ALA C 54 7.27 17.83 -31.98
C ALA C 54 6.26 16.74 -32.31
N GLN C 55 6.29 16.20 -33.52
CA GLN C 55 5.41 15.11 -33.92
C GLN C 55 6.09 13.75 -33.82
N VAL C 56 7.40 13.68 -34.03
CA VAL C 56 8.10 12.41 -33.91
C VAL C 56 8.14 11.96 -32.45
N MET C 57 8.35 12.91 -31.53
CA MET C 57 8.39 12.56 -30.11
C MET C 57 7.07 12.01 -29.64
N GLU C 58 5.96 12.56 -30.12
CA GLU C 58 4.64 12.04 -29.73
C GLU C 58 4.34 10.73 -30.45
N GLY C 59 4.56 10.69 -31.77
CA GLY C 59 4.24 9.51 -32.54
C GLY C 59 5.10 8.30 -32.24
N SER C 60 6.25 8.51 -31.59
CA SER C 60 7.17 7.41 -31.31
C SER C 60 7.33 7.10 -29.84
N VAL C 61 7.08 8.05 -28.95
CA VAL C 61 7.32 7.84 -27.53
C VAL C 61 6.05 8.11 -26.71
N LEU C 62 5.51 9.33 -26.86
CA LEU C 62 4.43 9.77 -25.97
C LEU C 62 3.12 9.07 -26.29
N SER C 63 2.79 8.92 -27.58
CA SER C 63 1.52 8.29 -27.95
C SER C 63 1.46 6.83 -27.52
N VAL C 64 2.59 6.13 -27.58
CA VAL C 64 2.60 4.72 -27.16
C VAL C 64 2.29 4.60 -25.68
N ILE C 65 2.94 5.43 -24.86
CA ILE C 65 2.69 5.39 -23.42
C ILE C 65 1.25 5.81 -23.11
N GLU C 66 0.75 6.82 -23.84
CA GLU C 66 -0.63 7.26 -23.62
C GLU C 66 -1.62 6.16 -23.96
N ARG C 67 -1.37 5.41 -25.04
CA ARG C 67 -2.29 4.34 -25.43
C ARG C 67 -2.20 3.16 -24.48
N ASN C 68 -1.00 2.85 -24.00
CA ASN C 68 -0.81 1.74 -23.08
C ASN C 68 -1.15 2.09 -21.64
N MET C 69 -1.42 3.36 -21.34
CA MET C 69 -1.74 3.79 -19.99
C MET C 69 -3.25 3.79 -19.71
N ASN C 70 -4.05 3.24 -20.61
CA ASN C 70 -5.49 3.15 -20.39
C ASN C 70 -5.82 1.93 -19.55
N GLY C 71 -6.92 2.02 -18.80
CA GLY C 71 -7.36 0.95 -17.95
C GLY C 71 -6.89 1.03 -16.51
N VAL C 72 -6.03 1.99 -16.18
CA VAL C 72 -5.56 2.13 -14.80
C VAL C 72 -6.73 2.57 -13.93
N GLU C 73 -6.83 1.95 -12.75
CA GLU C 73 -7.92 2.25 -11.84
C GLU C 73 -7.79 3.66 -11.30
N GLY C 74 -8.84 4.46 -11.46
CA GLY C 74 -8.85 5.82 -10.96
C GLY C 74 -8.36 6.87 -11.92
N LEU C 75 -8.03 6.49 -13.16
CA LEU C 75 -7.53 7.46 -14.13
C LEU C 75 -8.65 8.39 -14.57
N ASP C 76 -8.47 9.68 -14.33
CA ASP C 76 -9.46 10.68 -14.72
C ASP C 76 -9.23 11.14 -16.16
N TYR C 77 -8.02 11.60 -16.46
CA TYR C 77 -7.71 11.99 -17.83
C TYR C 77 -6.19 12.05 -18.00
N MET C 78 -5.78 12.24 -19.26
CA MET C 78 -4.37 12.30 -19.61
C MET C 78 -4.12 13.51 -20.51
N SER C 79 -2.86 13.91 -20.57
CA SER C 79 -2.45 15.03 -21.41
C SER C 79 -1.00 14.83 -21.82
N THR C 80 -0.76 14.78 -23.13
CA THR C 80 0.58 14.60 -23.68
C THR C 80 1.05 15.92 -24.28
N SER C 81 2.30 16.28 -24.03
CA SER C 81 2.86 17.52 -24.57
C SER C 81 4.32 17.29 -24.93
N ALA C 82 4.65 17.45 -26.20
CA ALA C 82 6.01 17.32 -26.69
C ALA C 82 6.48 18.64 -27.26
N ASP C 83 7.77 18.94 -27.07
CA ASP C 83 8.35 20.17 -27.58
C ASP C 83 9.47 19.87 -28.56
N SER C 84 9.87 20.90 -29.29
CA SER C 84 10.88 20.76 -30.35
C SER C 84 12.29 20.57 -29.81
N SER C 85 12.49 20.72 -28.50
CA SER C 85 13.80 20.51 -27.90
C SER C 85 14.09 19.04 -27.61
N GLY C 86 13.31 18.12 -28.17
CA GLY C 86 13.51 16.71 -27.95
C GLY C 86 13.09 16.26 -26.56
N SER C 87 11.89 16.66 -26.14
CA SER C 87 11.39 16.32 -24.83
C SER C 87 9.88 16.13 -24.89
N GLY C 88 9.37 15.30 -23.99
CA GLY C 88 7.95 15.04 -23.91
C GLY C 88 7.54 14.77 -22.48
N SER C 89 6.27 15.09 -22.20
CA SER C 89 5.71 14.95 -20.86
C SER C 89 4.29 14.39 -20.99
N VAL C 90 4.03 13.29 -20.30
CA VAL C 90 2.72 12.66 -20.26
C VAL C 90 2.20 12.81 -18.83
N SER C 91 1.20 13.66 -18.64
CA SER C 91 0.61 13.86 -17.32
C SER C 91 -0.69 13.05 -17.22
N LEU C 92 -0.78 12.24 -16.18
CA LEU C 92 -1.97 11.45 -15.89
C LEU C 92 -2.60 12.03 -14.63
N THR C 93 -3.76 12.67 -14.79
CA THR C 93 -4.50 13.22 -13.66
C THR C 93 -5.54 12.21 -13.23
N PHE C 94 -5.40 11.69 -12.02
CA PHE C 94 -6.29 10.66 -11.51
C PHE C 94 -7.55 11.29 -10.93
N THR C 95 -8.48 10.44 -10.52
CA THR C 95 -9.76 10.84 -9.96
C THR C 95 -9.78 10.61 -8.46
N PRO C 96 -10.72 11.24 -7.74
CA PRO C 96 -10.89 10.91 -6.32
C PRO C 96 -11.21 9.43 -6.12
N ASP C 97 -11.14 9.02 -4.86
CA ASP C 97 -11.21 7.61 -4.45
C ASP C 97 -9.98 6.83 -4.88
N THR C 98 -8.87 7.51 -5.14
CA THR C 98 -7.66 6.90 -5.66
C THR C 98 -6.49 7.20 -4.73
N ASP C 99 -5.65 6.18 -4.51
CA ASP C 99 -4.43 6.36 -3.73
C ASP C 99 -3.29 6.82 -4.62
N GLU C 100 -2.31 7.49 -4.00
CA GLU C 100 -1.20 8.05 -4.76
C GLU C 100 -0.12 7.01 -5.00
N ASN C 101 0.26 6.25 -3.97
CA ASN C 101 1.32 5.26 -4.12
C ASN C 101 0.89 4.12 -5.04
N LEU C 102 -0.35 3.63 -4.88
CA LEU C 102 -0.86 2.58 -5.76
C LEU C 102 -0.93 3.07 -7.19
N ALA C 103 -1.35 4.32 -7.40
CA ALA C 103 -1.40 4.87 -8.74
C ALA C 103 -0.01 4.95 -9.36
N GLN C 104 0.98 5.41 -8.58
CA GLN C 104 2.34 5.48 -9.11
C GLN C 104 2.88 4.10 -9.43
N VAL C 105 2.59 3.11 -8.58
CA VAL C 105 3.07 1.76 -8.83
C VAL C 105 2.44 1.18 -10.09
N GLU C 106 1.14 1.41 -10.28
CA GLU C 106 0.47 0.91 -11.48
C GLU C 106 0.99 1.61 -12.72
N VAL C 107 1.28 2.92 -12.62
CA VAL C 107 1.84 3.63 -13.76
C VAL C 107 3.22 3.09 -14.11
N GLN C 108 4.04 2.82 -13.09
CA GLN C 108 5.36 2.24 -13.35
C GLN C 108 5.25 0.87 -13.99
N ASN C 109 4.29 0.06 -13.53
CA ASN C 109 4.11 -1.27 -14.10
C ASN C 109 3.67 -1.19 -15.56
N LYS C 110 2.75 -0.27 -15.86
CA LYS C 110 2.31 -0.11 -17.25
C LYS C 110 3.41 0.47 -18.13
N LEU C 111 4.29 1.30 -17.56
CA LEU C 111 5.35 1.90 -18.34
C LEU C 111 6.49 0.92 -18.62
N SER C 112 6.81 0.07 -17.64
CA SER C 112 7.91 -0.87 -17.82
C SER C 112 7.58 -1.93 -18.86
N GLU C 113 6.34 -2.41 -18.88
CA GLU C 113 5.96 -3.43 -19.85
C GLU C 113 5.90 -2.91 -21.28
N VAL C 114 5.84 -1.59 -21.45
CA VAL C 114 5.82 -0.98 -22.78
C VAL C 114 7.14 -0.31 -23.10
N LEU C 115 8.11 -0.34 -22.20
CA LEU C 115 9.41 0.29 -22.43
C LEU C 115 10.25 -0.46 -23.45
N SER C 116 9.88 -1.69 -23.80
CA SER C 116 10.61 -2.45 -24.80
C SER C 116 10.25 -2.06 -26.23
N THR C 117 9.39 -1.06 -26.41
CA THR C 117 9.00 -0.59 -27.74
C THR C 117 9.52 0.80 -28.06
N LEU C 118 9.84 1.60 -27.05
CA LEU C 118 10.34 2.95 -27.30
C LEU C 118 11.72 2.89 -27.94
N PRO C 119 12.19 4.01 -28.48
CA PRO C 119 13.51 4.04 -29.11
C PRO C 119 14.61 3.71 -28.11
N ALA C 120 15.80 3.42 -28.65
CA ALA C 120 16.92 3.01 -27.82
C ALA C 120 17.44 4.18 -26.98
N THR C 121 17.52 5.38 -27.57
CA THR C 121 18.05 6.52 -26.85
C THR C 121 17.14 6.93 -25.70
N VAL C 122 15.83 6.75 -25.84
CA VAL C 122 14.92 7.03 -24.74
C VAL C 122 15.16 6.07 -23.59
N GLN C 123 15.39 4.79 -23.90
CA GLN C 123 15.69 3.82 -22.85
C GLN C 123 17.04 4.10 -22.21
N GLN C 124 18.01 4.62 -22.97
CA GLN C 124 19.27 5.02 -22.37
C GLN C 124 19.06 6.19 -21.40
N TYR C 125 18.34 7.22 -21.84
CA TYR C 125 18.06 8.34 -20.95
C TYR C 125 17.05 7.95 -19.88
N GLY C 126 16.02 7.19 -20.26
CA GLY C 126 15.02 6.74 -19.31
C GLY C 126 13.87 7.73 -19.15
N VAL C 127 12.74 7.22 -18.67
CA VAL C 127 11.54 8.00 -18.43
C VAL C 127 11.41 8.19 -16.93
N THR C 128 11.37 9.44 -16.48
CA THR C 128 11.31 9.75 -15.07
C THR C 128 9.89 10.01 -14.63
N VAL C 129 9.54 9.54 -13.43
CA VAL C 129 8.21 9.68 -12.87
C VAL C 129 8.26 10.75 -11.77
N SER C 130 7.21 11.59 -11.72
CA SER C 130 7.14 12.67 -10.74
C SER C 130 5.69 12.80 -10.28
N LYS C 131 5.42 12.41 -9.03
CA LYS C 131 4.12 12.61 -8.41
C LYS C 131 4.13 13.84 -7.52
N ALA C 132 4.46 14.98 -8.12
CA ALA C 132 4.61 16.23 -7.39
C ALA C 132 3.63 17.29 -7.91
N ARG C 133 3.50 18.35 -7.13
CA ARG C 133 2.63 19.46 -7.50
C ARG C 133 3.31 20.36 -8.52
N SER C 134 2.61 21.41 -8.94
CA SER C 134 3.14 22.35 -9.91
C SER C 134 3.05 23.81 -9.47
N ASN C 135 2.35 24.12 -8.39
CA ASN C 135 2.23 25.48 -7.90
C ASN C 135 3.29 25.74 -6.83
N PHE C 136 3.82 26.96 -6.83
CA PHE C 136 4.89 27.31 -5.91
C PHE C 136 4.32 27.70 -4.54
N LEU C 137 4.97 27.21 -3.49
CA LEU C 137 4.62 27.57 -2.12
C LEU C 137 5.44 28.75 -1.63
N MET C 138 6.76 28.69 -1.78
CA MET C 138 7.66 29.76 -1.41
C MET C 138 8.69 29.97 -2.52
N ILE C 139 9.43 31.07 -2.42
CA ILE C 139 10.51 31.38 -3.33
C ILE C 139 11.65 31.96 -2.50
N VAL C 140 12.70 31.17 -2.31
CA VAL C 140 13.87 31.63 -1.55
C VAL C 140 14.82 32.35 -2.48
N MET C 141 15.25 33.55 -2.08
CA MET C 141 16.15 34.38 -2.86
C MET C 141 17.43 34.61 -2.08
N LEU C 142 18.56 34.33 -2.72
CA LEU C 142 19.87 34.57 -2.12
C LEU C 142 20.50 35.80 -2.75
N SER C 143 20.94 36.73 -1.91
CA SER C 143 21.50 37.99 -2.37
C SER C 143 22.91 38.16 -1.80
N SER C 144 23.75 38.85 -2.56
CA SER C 144 25.13 39.10 -2.14
C SER C 144 25.72 40.18 -3.03
N ASP C 145 26.71 40.89 -2.50
CA ASP C 145 27.42 41.92 -3.23
C ASP C 145 28.90 41.61 -3.42
N VAL C 146 29.36 40.43 -3.00
CA VAL C 146 30.77 40.06 -3.09
C VAL C 146 31.00 38.91 -4.05
N GLN C 147 29.95 38.33 -4.63
CA GLN C 147 30.10 37.24 -5.57
C GLN C 147 28.97 37.28 -6.59
N SER C 148 29.21 36.66 -7.73
CA SER C 148 28.25 36.66 -8.82
C SER C 148 27.13 35.66 -8.54
N THR C 149 26.20 35.55 -9.49
CA THR C 149 25.06 34.65 -9.32
C THR C 149 25.40 33.20 -9.61
N GLU C 150 26.45 32.94 -10.39
CA GLU C 150 26.86 31.56 -10.63
C GLU C 150 27.40 30.92 -9.35
N GLU C 151 28.23 31.65 -8.60
CA GLU C 151 28.72 31.12 -7.34
C GLU C 151 27.59 30.91 -6.35
N MET C 152 26.62 31.82 -6.32
CA MET C 152 25.48 31.66 -5.43
C MET C 152 24.63 30.46 -5.83
N ASN C 153 24.44 30.24 -7.13
CA ASN C 153 23.71 29.06 -7.59
C ASN C 153 24.44 27.78 -7.21
N ASP C 154 25.76 27.77 -7.35
CA ASP C 154 26.54 26.59 -6.95
C ASP C 154 26.42 26.33 -5.45
N TYR C 155 26.51 27.39 -4.64
CA TYR C 155 26.38 27.22 -3.20
C TYR C 155 24.98 26.75 -2.82
N ALA C 156 23.96 27.24 -3.52
CA ALA C 156 22.60 26.81 -3.23
C ALA C 156 22.40 25.34 -3.59
N GLN C 157 22.94 24.93 -4.73
CA GLN C 157 22.84 23.52 -5.12
C GLN C 157 23.64 22.63 -4.18
N ARG C 158 24.70 23.15 -3.58
CA ARG C 158 25.54 22.33 -2.72
C ARG C 158 25.00 22.22 -1.30
N ASN C 159 24.53 23.32 -0.72
CA ASN C 159 24.22 23.37 0.70
C ASN C 159 22.79 23.76 1.05
N VAL C 160 22.00 24.26 0.09
CA VAL C 160 20.67 24.76 0.37
C VAL C 160 19.59 23.85 -0.20
N VAL C 161 19.76 23.37 -1.43
CA VAL C 161 18.74 22.53 -2.05
C VAL C 161 18.56 21.20 -1.32
N PRO C 162 19.62 20.44 -1.00
CA PRO C 162 19.41 19.18 -0.27
C PRO C 162 18.78 19.37 1.10
N GLU C 163 19.11 20.47 1.80
CA GLU C 163 18.50 20.71 3.10
C GLU C 163 17.01 20.97 2.98
N LEU C 164 16.60 21.70 1.94
CA LEU C 164 15.18 21.98 1.75
C LEU C 164 14.44 20.75 1.22
N GLN C 165 15.13 19.87 0.51
CA GLN C 165 14.47 18.68 -0.02
C GLN C 165 14.14 17.67 1.06
N ARG C 166 14.92 17.63 2.14
CA ARG C 166 14.72 16.68 3.22
C ARG C 166 13.67 17.14 4.23
N ILE C 167 12.97 18.24 3.98
CA ILE C 167 11.94 18.74 4.87
C ILE C 167 10.63 18.02 4.56
N GLU C 168 9.91 17.63 5.61
CA GLU C 168 8.65 16.94 5.42
C GLU C 168 7.61 17.87 4.82
N GLY C 169 7.04 17.45 3.69
CA GLY C 169 6.06 18.24 2.96
C GLY C 169 6.56 18.80 1.65
N VAL C 170 7.87 18.97 1.51
CA VAL C 170 8.45 19.47 0.27
C VAL C 170 8.41 18.36 -0.77
N GLY C 171 7.89 18.69 -1.95
CA GLY C 171 7.81 17.71 -3.03
C GLY C 171 8.80 17.95 -4.13
N GLN C 172 9.29 19.19 -4.24
CA GLN C 172 10.26 19.55 -5.26
C GLN C 172 10.86 20.90 -4.92
N VAL C 173 12.13 21.07 -5.25
CA VAL C 173 12.85 22.32 -5.03
C VAL C 173 13.49 22.72 -6.35
N ARG C 174 12.89 23.70 -7.02
CA ARG C 174 13.44 24.19 -8.27
C ARG C 174 14.59 25.15 -8.02
N LEU C 175 15.43 25.31 -9.03
CA LEU C 175 16.55 26.25 -8.95
C LEU C 175 16.69 26.91 -10.31
N PHE C 176 16.35 28.19 -10.39
CA PHE C 176 16.43 28.95 -11.64
C PHE C 176 17.91 29.25 -11.91
N GLY C 177 18.59 28.24 -12.41
CA GLY C 177 20.02 28.31 -12.62
C GLY C 177 20.61 26.92 -12.67
N ALA C 178 21.94 26.87 -12.68
CA ALA C 178 22.66 25.61 -12.74
C ALA C 178 23.86 25.66 -11.82
N GLN C 179 24.38 24.48 -11.51
CA GLN C 179 25.59 24.37 -10.69
C GLN C 179 26.80 24.67 -11.54
N ARG C 180 27.99 24.48 -10.98
CA ARG C 180 29.22 24.81 -11.67
C ARG C 180 29.65 23.69 -12.61
N ALA C 181 30.35 24.06 -13.67
CA ALA C 181 30.87 23.11 -14.65
C ALA C 181 32.08 23.72 -15.33
N MET C 182 32.82 22.88 -16.06
CA MET C 182 34.01 23.32 -16.77
C MET C 182 33.66 23.46 -18.25
N ARG C 183 33.49 24.71 -18.69
CA ARG C 183 33.14 24.99 -20.07
C ARG C 183 34.40 25.21 -20.91
N ILE C 184 34.40 24.65 -22.10
CA ILE C 184 35.51 24.78 -23.05
C ILE C 184 34.93 25.32 -24.34
N TRP C 185 35.18 26.60 -24.62
CA TRP C 185 34.71 27.27 -25.82
C TRP C 185 35.80 27.16 -26.88
N VAL C 186 35.51 26.40 -27.94
CA VAL C 186 36.48 26.10 -28.98
C VAL C 186 36.23 26.99 -30.18
N ASP C 187 37.31 27.38 -30.86
CA ASP C 187 37.21 28.17 -32.07
C ASP C 187 37.46 27.29 -33.28
N PRO C 188 36.50 27.14 -34.19
CA PRO C 188 36.72 26.26 -35.36
C PRO C 188 37.84 26.73 -36.27
N LYS C 189 38.15 28.03 -36.28
CA LYS C 189 39.24 28.52 -37.12
C LYS C 189 40.57 27.91 -36.69
N LYS C 190 40.86 27.95 -35.39
CA LYS C 190 42.08 27.33 -34.88
C LYS C 190 42.05 25.81 -35.02
N LEU C 191 40.87 25.20 -35.01
CA LEU C 191 40.79 23.76 -35.23
C LEU C 191 41.16 23.40 -36.65
N GLN C 192 40.66 24.16 -37.63
CA GLN C 192 41.01 23.90 -39.03
C GLN C 192 42.42 24.36 -39.36
N ASN C 193 43.00 25.26 -38.56
CA ASN C 193 44.38 25.67 -38.79
C ASN C 193 45.34 24.51 -38.52
N TYR C 194 45.26 23.93 -37.33
CA TYR C 194 46.09 22.78 -36.96
C TYR C 194 45.54 21.46 -37.49
N ASN C 195 44.46 21.49 -38.27
CA ASN C 195 43.85 20.28 -38.83
C ASN C 195 43.35 19.37 -37.70
N LEU C 196 42.55 19.95 -36.81
CA LEU C 196 41.96 19.24 -35.68
C LEU C 196 40.44 19.31 -35.77
N SER C 197 39.78 18.58 -34.87
CA SER C 197 38.33 18.54 -34.83
C SER C 197 37.88 18.41 -33.38
N PHE C 198 36.56 18.38 -33.17
CA PHE C 198 36.02 18.24 -31.83
C PHE C 198 36.24 16.84 -31.26
N ALA C 199 36.32 15.83 -32.11
CA ALA C 199 36.60 14.48 -31.62
C ALA C 199 37.98 14.40 -30.98
N ASP C 200 38.96 15.12 -31.54
CA ASP C 200 40.28 15.14 -30.94
C ASP C 200 40.24 15.77 -29.54
N VAL C 201 39.50 16.86 -29.39
CA VAL C 201 39.38 17.51 -28.08
C VAL C 201 38.68 16.58 -27.09
N GLY C 202 37.62 15.90 -27.53
CA GLY C 202 36.94 14.97 -26.65
C GLY C 202 37.81 13.82 -26.22
N SER C 203 38.59 13.25 -27.15
CA SER C 203 39.48 12.16 -26.81
C SER C 203 40.59 12.61 -25.87
N ALA C 204 41.14 13.81 -26.11
CA ALA C 204 42.18 14.33 -25.22
C ALA C 204 41.63 14.63 -23.83
N LEU C 205 40.38 15.08 -23.73
CA LEU C 205 39.78 15.37 -22.44
C LEU C 205 39.36 14.11 -21.70
N SER C 206 39.00 13.04 -22.42
CA SER C 206 38.57 11.80 -21.78
C SER C 206 39.72 10.84 -21.49
N ALA C 207 40.85 10.99 -22.17
CA ALA C 207 41.99 10.10 -21.96
C ALA C 207 43.03 10.68 -21.01
N GLN C 208 42.96 11.97 -20.71
CA GLN C 208 43.91 12.61 -19.82
C GLN C 208 43.28 13.07 -18.51
N ASN C 209 41.98 12.82 -18.31
CA ASN C 209 41.25 13.21 -17.10
C ASN C 209 40.35 12.05 -16.70
N ILE C 210 40.87 11.19 -15.82
CA ILE C 210 40.12 10.02 -15.38
C ILE C 210 40.75 9.50 -14.10
N GLN C 211 39.92 8.98 -13.21
CA GLN C 211 40.42 8.45 -11.94
C GLN C 211 41.21 7.17 -12.17
N ILE C 212 42.14 6.90 -11.26
CA ILE C 212 43.01 5.74 -11.34
C ILE C 212 42.85 4.91 -10.07
N SER C 213 42.66 3.60 -10.24
CA SER C 213 42.54 2.67 -9.13
C SER C 213 43.74 1.74 -9.16
N ALA C 214 44.69 1.95 -8.24
CA ALA C 214 45.93 1.18 -8.22
C ALA C 214 45.86 -0.06 -7.33
N GLY C 215 45.00 -0.06 -6.31
CA GLY C 215 44.90 -1.21 -5.43
C GLY C 215 45.73 -1.06 -4.17
N SER C 216 46.26 -2.17 -3.67
CA SER C 216 47.07 -2.19 -2.46
C SER C 216 48.36 -2.95 -2.74
N ILE C 217 49.29 -2.88 -1.78
CA ILE C 217 50.57 -3.56 -1.91
C ILE C 217 50.48 -4.96 -1.34
N GLY C 218 50.19 -5.06 -0.05
CA GLY C 218 50.04 -6.35 0.59
C GLY C 218 48.62 -6.87 0.51
N SER C 219 48.20 -7.27 -0.68
CA SER C 219 46.84 -7.74 -0.88
C SER C 219 46.59 -9.03 -0.10
N LEU C 220 45.32 -9.40 -0.01
CA LEU C 220 44.86 -10.47 0.85
C LEU C 220 45.38 -11.87 0.48
N PRO C 221 45.73 -12.15 -0.80
CA PRO C 221 46.50 -13.37 -1.09
C PRO C 221 47.67 -13.56 -0.14
N ALA C 222 48.57 -12.58 -0.08
CA ALA C 222 49.49 -12.42 1.04
C ALA C 222 50.37 -13.66 1.26
N VAL C 223 51.28 -13.87 0.31
CA VAL C 223 52.28 -14.93 0.40
C VAL C 223 52.99 -14.83 1.74
N ARG C 224 53.40 -15.98 2.28
CA ARG C 224 53.92 -16.06 3.65
C ARG C 224 55.14 -15.16 3.82
N GLY C 225 55.12 -14.38 4.88
CA GLY C 225 56.16 -13.42 5.16
C GLY C 225 55.77 -11.96 4.99
N GLN C 226 54.48 -11.67 4.87
CA GLN C 226 53.99 -10.31 4.69
C GLN C 226 53.44 -9.78 6.00
N THR C 227 53.80 -8.55 6.34
CA THR C 227 53.37 -7.94 7.60
C THR C 227 52.80 -6.54 7.46
N VAL C 228 52.95 -5.89 6.30
CA VAL C 228 52.48 -4.52 6.09
C VAL C 228 51.62 -4.48 4.84
N THR C 229 50.58 -3.64 4.88
CA THR C 229 49.69 -3.42 3.74
C THR C 229 49.49 -1.94 3.55
N ALA C 230 49.57 -1.48 2.30
CA ALA C 230 49.47 -0.06 1.99
C ALA C 230 48.67 0.13 0.71
N THR C 231 47.79 1.14 0.71
CA THR C 231 47.00 1.48 -0.46
C THR C 231 47.79 2.42 -1.37
N VAL C 232 47.62 2.24 -2.68
CA VAL C 232 48.30 3.04 -3.68
C VAL C 232 47.30 4.00 -4.31
N THR C 233 47.66 5.28 -4.36
CA THR C 233 46.82 6.31 -4.93
C THR C 233 47.56 7.03 -6.05
N ALA C 234 46.81 7.44 -7.08
CA ALA C 234 47.38 8.09 -8.25
C ALA C 234 46.95 9.53 -8.41
N GLN C 235 45.64 9.82 -8.32
CA GLN C 235 45.11 11.16 -8.51
C GLN C 235 45.46 11.71 -9.90
N GLY C 236 44.89 11.05 -10.92
CA GLY C 236 45.14 11.44 -12.29
C GLY C 236 44.02 12.26 -12.91
N GLN C 237 43.46 13.20 -12.15
CA GLN C 237 42.41 14.07 -12.63
C GLN C 237 42.84 15.53 -12.54
N LEU C 238 42.10 16.39 -13.22
CA LEU C 238 42.35 17.82 -13.26
C LEU C 238 41.24 18.55 -12.51
N GLY C 239 41.60 19.67 -11.88
CA GLY C 239 40.64 20.40 -11.08
C GLY C 239 40.59 21.89 -11.32
N THR C 240 41.56 22.42 -12.07
CA THR C 240 41.62 23.85 -12.34
C THR C 240 41.62 24.09 -13.84
N ALA C 241 41.48 25.37 -14.22
CA ALA C 241 41.45 25.74 -15.64
C ALA C 241 42.84 25.72 -16.25
N GLU C 242 43.87 26.07 -15.47
CA GLU C 242 45.24 26.03 -15.97
C GLU C 242 45.70 24.61 -16.26
N GLU C 243 45.08 23.61 -15.62
CA GLU C 243 45.39 22.22 -15.92
C GLU C 243 44.64 21.72 -17.14
N PHE C 244 43.40 22.15 -17.33
CA PHE C 244 42.65 21.78 -18.54
C PHE C 244 43.20 22.48 -19.78
N GLY C 245 43.79 23.66 -19.62
CA GLY C 245 44.39 24.35 -20.75
C GLY C 245 45.69 23.76 -21.24
N ASN C 246 46.26 22.82 -20.50
CA ASN C 246 47.51 22.17 -20.88
C ASN C 246 47.30 20.76 -21.40
N VAL C 247 46.06 20.38 -21.71
CA VAL C 247 45.79 19.06 -22.24
C VAL C 247 46.41 18.93 -23.62
N ILE C 248 47.17 17.86 -23.84
CA ILE C 248 47.84 17.63 -25.12
C ILE C 248 46.82 17.16 -26.14
N LEU C 249 46.67 17.92 -27.22
CA LEU C 249 45.76 17.54 -28.30
C LEU C 249 46.46 16.73 -29.39
N ARG C 250 47.71 17.06 -29.68
CA ARG C 250 48.49 16.33 -30.67
C ARG C 250 49.97 16.55 -30.39
N ALA C 251 50.71 15.46 -30.27
CA ALA C 251 52.14 15.52 -29.99
C ALA C 251 52.93 15.53 -31.28
N ASN C 252 53.82 16.51 -31.42
CA ASN C 252 54.65 16.63 -32.61
C ASN C 252 55.91 15.79 -32.49
N THR C 253 56.70 15.78 -33.56
CA THR C 253 57.95 15.03 -33.60
C THR C 253 59.16 15.85 -33.23
N ASP C 254 59.05 17.18 -33.19
CA ASP C 254 60.15 18.07 -32.86
C ASP C 254 60.14 18.47 -31.39
N GLY C 255 59.57 17.65 -30.53
CA GLY C 255 59.53 17.90 -29.11
C GLY C 255 58.35 18.74 -28.64
N SER C 256 57.87 19.65 -29.47
CA SER C 256 56.76 20.50 -29.10
C SER C 256 55.44 19.75 -29.27
N ASN C 257 54.35 20.42 -28.89
CA ASN C 257 53.03 19.82 -28.98
C ASN C 257 51.97 20.91 -28.88
N ILE C 258 50.76 20.59 -29.32
CA ILE C 258 49.64 21.53 -29.33
C ILE C 258 48.81 21.29 -28.07
N TYR C 259 48.61 22.35 -27.29
CA TYR C 259 47.82 22.27 -26.08
C TYR C 259 46.36 22.65 -26.37
N LEU C 260 45.52 22.55 -25.35
CA LEU C 260 44.11 22.91 -25.52
C LEU C 260 43.88 24.40 -25.45
N LYS C 261 44.77 25.13 -24.77
CA LYS C 261 44.63 26.59 -24.68
C LYS C 261 44.90 27.29 -26.00
N ASP C 262 45.54 26.61 -26.95
CA ASP C 262 45.87 27.24 -28.23
C ASP C 262 44.69 27.30 -29.18
N VAL C 263 43.69 26.45 -28.99
CA VAL C 263 42.53 26.40 -29.89
C VAL C 263 41.21 26.61 -29.17
N ALA C 264 41.23 26.84 -27.86
CA ALA C 264 40.00 27.04 -27.11
C ALA C 264 40.31 27.76 -25.81
N LYS C 265 39.25 28.20 -25.14
CA LYS C 265 39.34 28.85 -23.84
C LYS C 265 38.53 28.06 -22.82
N VAL C 266 39.15 27.76 -21.69
CA VAL C 266 38.55 26.95 -20.64
C VAL C 266 38.21 27.85 -19.46
N GLY C 267 37.07 27.60 -18.83
CA GLY C 267 36.68 28.41 -17.68
C GLY C 267 35.52 27.80 -16.92
N LEU C 268 35.35 28.25 -15.69
CA LEU C 268 34.25 27.81 -14.87
C LEU C 268 32.97 28.53 -15.26
N GLY C 269 31.94 27.77 -15.62
CA GLY C 269 30.65 28.33 -15.96
C GLY C 269 29.53 27.49 -15.40
N MET C 270 28.35 27.54 -16.02
CA MET C 270 27.21 26.75 -15.59
C MET C 270 26.91 25.67 -16.61
N GLU C 271 26.18 24.64 -16.17
CA GLU C 271 25.78 23.57 -17.07
C GLU C 271 24.83 24.08 -18.14
N ASP C 272 23.81 24.83 -17.73
CA ASP C 272 22.90 25.49 -18.65
C ASP C 272 22.52 26.85 -18.08
N TYR C 273 22.22 27.79 -18.97
CA TYR C 273 21.95 29.17 -18.61
C TYR C 273 20.47 29.52 -18.82
N SER C 274 19.61 28.50 -18.78
CA SER C 274 18.23 28.66 -19.22
C SER C 274 17.47 29.69 -18.39
N SER C 275 17.30 29.42 -17.10
CA SER C 275 16.48 30.24 -16.23
C SER C 275 17.32 31.26 -15.47
N SER C 276 16.67 32.33 -15.04
CA SER C 276 17.30 33.35 -14.23
C SER C 276 16.22 34.12 -13.48
N THR C 277 16.59 34.70 -12.34
CA THR C 277 15.63 35.39 -11.48
C THR C 277 16.15 36.75 -11.07
N ARG C 278 15.25 37.72 -11.06
CA ARG C 278 15.55 39.08 -10.64
C ARG C 278 14.54 39.51 -9.58
N LEU C 279 15.05 40.14 -8.52
CA LEU C 279 14.24 40.76 -7.48
C LEU C 279 14.42 42.26 -7.59
N ASN C 280 13.34 42.96 -7.96
CA ASN C 280 13.36 44.42 -8.09
C ASN C 280 14.41 44.89 -9.09
N GLY C 281 14.71 44.03 -10.08
CA GLY C 281 15.70 44.33 -11.09
C GLY C 281 17.08 43.80 -10.80
N VAL C 282 17.36 43.37 -9.58
CA VAL C 282 18.68 42.88 -9.21
C VAL C 282 18.73 41.37 -9.37
N ASN C 283 19.76 40.87 -10.05
CA ASN C 283 19.90 39.43 -10.25
C ASN C 283 20.08 38.73 -8.91
N THR C 284 19.30 37.66 -8.69
CA THR C 284 19.36 36.92 -7.44
C THR C 284 19.33 35.43 -7.75
N THR C 285 19.40 34.62 -6.70
CA THR C 285 19.34 33.17 -6.79
C THR C 285 18.00 32.72 -6.24
N GLY C 286 17.13 32.22 -7.12
CA GLY C 286 15.80 31.80 -6.74
C GLY C 286 15.69 30.29 -6.64
N MET C 287 14.90 29.83 -5.66
CA MET C 287 14.66 28.40 -5.44
C MET C 287 13.17 28.23 -5.20
N ALA C 288 12.44 27.89 -6.25
CA ALA C 288 11.00 27.70 -6.14
C ALA C 288 10.69 26.38 -5.46
N VAL C 289 10.10 26.44 -4.28
CA VAL C 289 9.70 25.25 -3.52
C VAL C 289 8.26 24.91 -3.89
N MET C 290 7.97 23.62 -3.99
CA MET C 290 6.63 23.14 -4.32
C MET C 290 6.18 22.14 -3.27
N LEU C 291 4.95 22.29 -2.81
CA LEU C 291 4.40 21.39 -1.82
C LEU C 291 4.24 19.99 -2.39
N SER C 292 4.05 19.02 -1.51
CA SER C 292 3.86 17.63 -1.89
C SER C 292 2.46 17.17 -1.51
N ASN C 293 2.00 16.13 -2.21
CA ASN C 293 0.75 15.49 -1.84
C ASN C 293 0.83 14.93 -0.43
N SER C 294 -0.24 15.15 0.34
CA SER C 294 -0.26 14.83 1.77
C SER C 294 0.77 15.68 2.52
N GLY C 295 0.71 16.98 2.29
CA GLY C 295 1.62 17.91 2.94
C GLY C 295 0.92 19.22 3.25
N ASN C 296 1.32 19.85 4.34
CA ASN C 296 0.71 21.08 4.82
C ASN C 296 1.53 22.28 4.36
N ALA C 297 0.87 23.43 4.26
CA ALA C 297 1.52 24.66 3.82
C ALA C 297 2.14 25.44 4.98
N MET C 298 1.40 25.61 6.07
CA MET C 298 1.93 26.38 7.20
C MET C 298 3.13 25.67 7.83
N ALA C 299 3.00 24.38 8.11
CA ALA C 299 4.09 23.64 8.73
C ALA C 299 5.30 23.59 7.81
N THR C 300 5.09 23.35 6.52
CA THR C 300 6.20 23.30 5.58
C THR C 300 6.90 24.64 5.47
N ALA C 301 6.12 25.73 5.42
CA ALA C 301 6.72 27.06 5.32
C ALA C 301 7.52 27.39 6.58
N LYS C 302 6.98 27.09 7.76
CA LYS C 302 7.72 27.37 8.98
C LYS C 302 8.96 26.50 9.11
N ALA C 303 8.90 25.24 8.65
CA ALA C 303 10.08 24.39 8.67
C ALA C 303 11.14 24.90 7.72
N VAL C 304 10.73 25.37 6.53
CA VAL C 304 11.69 25.93 5.58
C VAL C 304 12.34 27.18 6.17
N LYS C 305 11.55 28.03 6.82
CA LYS C 305 12.11 29.24 7.42
C LYS C 305 13.08 28.90 8.54
N GLU C 306 12.75 27.91 9.36
CA GLU C 306 13.65 27.51 10.44
C GLU C 306 14.94 26.92 9.89
N ARG C 307 14.84 26.09 8.84
CA ARG C 307 16.03 25.52 8.22
C ARG C 307 16.90 26.61 7.63
N LEU C 308 16.29 27.62 7.00
CA LEU C 308 17.07 28.72 6.45
C LEU C 308 17.74 29.53 7.55
N ALA C 309 17.03 29.79 8.65
CA ALA C 309 17.63 30.52 9.76
C ALA C 309 18.78 29.74 10.39
N VAL C 310 18.70 28.40 10.37
CA VAL C 310 19.79 27.60 10.90
C VAL C 310 20.97 27.59 9.94
N LEU C 311 20.69 27.47 8.64
CA LEU C 311 21.75 27.41 7.64
C LEU C 311 22.43 28.76 7.42
N GLU C 312 21.79 29.86 7.84
CA GLU C 312 22.41 31.17 7.69
C GLU C 312 23.73 31.29 8.45
N LYS C 313 23.94 30.47 9.48
CA LYS C 313 25.19 30.53 10.24
C LYS C 313 26.38 30.08 9.41
N TYR C 314 26.16 29.28 8.36
CA TYR C 314 27.25 28.76 7.54
C TYR C 314 27.36 29.47 6.20
N PHE C 315 26.57 30.52 5.98
CA PHE C 315 26.64 31.24 4.72
C PHE C 315 27.98 31.96 4.58
N PRO C 316 28.45 32.16 3.36
CA PRO C 316 29.68 32.92 3.16
C PRO C 316 29.50 34.38 3.54
N GLN C 317 30.60 35.11 3.54
CA GLN C 317 30.60 36.50 3.96
C GLN C 317 29.84 37.35 2.94
N GLY C 318 28.72 37.92 3.36
CA GLY C 318 27.95 38.82 2.52
C GLY C 318 26.68 38.24 1.94
N MET C 319 26.36 36.99 2.23
CA MET C 319 25.19 36.34 1.66
C MET C 319 24.00 36.48 2.60
N SER C 320 22.84 36.81 2.03
CA SER C 320 21.60 36.94 2.78
C SER C 320 20.50 36.17 2.06
N TRP C 321 19.48 35.78 2.82
CA TRP C 321 18.35 35.02 2.30
C TRP C 321 17.05 35.76 2.57
N LYS C 322 16.12 35.66 1.63
CA LYS C 322 14.81 36.28 1.75
C LYS C 322 13.76 35.35 1.16
N THR C 323 12.50 35.60 1.54
CA THR C 323 11.35 34.87 1.00
C THR C 323 10.26 35.89 0.71
N PRO C 324 10.41 36.67 -0.36
CA PRO C 324 9.38 37.69 -0.67
C PRO C 324 8.06 37.11 -1.10
N TYR C 325 8.04 35.89 -1.65
CA TYR C 325 6.82 35.22 -2.08
C TYR C 325 6.54 34.07 -1.12
N ASP C 326 5.49 34.21 -0.32
CA ASP C 326 5.13 33.19 0.66
C ASP C 326 3.62 33.15 0.79
N THR C 327 3.03 32.00 0.50
CA THR C 327 1.58 31.82 0.54
C THR C 327 1.08 31.31 1.88
N SER C 328 1.80 31.59 2.97
CA SER C 328 1.44 31.12 4.29
C SER C 328 0.96 32.24 5.22
N LYS C 329 1.05 33.50 4.78
CA LYS C 329 0.59 34.61 5.60
C LYS C 329 -0.90 34.89 5.42
N PHE C 330 -1.42 34.69 4.20
CA PHE C 330 -2.85 34.82 3.98
C PHE C 330 -3.64 33.83 4.82
N VAL C 331 -3.09 32.64 5.05
CA VAL C 331 -3.76 31.66 5.90
C VAL C 331 -3.87 32.18 7.32
N GLU C 332 -2.78 32.75 7.85
CA GLU C 332 -2.81 33.29 9.20
C GLU C 332 -3.80 34.45 9.30
N ILE C 333 -3.80 35.34 8.30
CA ILE C 333 -4.73 36.47 8.32
C ILE C 333 -6.17 35.97 8.31
N SER C 334 -6.46 34.97 7.47
CA SER C 334 -7.81 34.43 7.39
C SER C 334 -8.21 33.76 8.70
N ILE C 335 -7.27 33.06 9.34
CA ILE C 335 -7.58 32.41 10.61
C ILE C 335 -7.90 33.44 11.69
N GLU C 336 -7.10 34.51 11.76
CA GLU C 336 -7.38 35.55 12.75
C GLU C 336 -8.71 36.23 12.46
N LYS C 337 -9.01 36.48 11.19
CA LYS C 337 -10.28 37.11 10.84
C LYS C 337 -11.46 36.22 11.22
N VAL C 338 -11.36 34.91 10.95
CA VAL C 338 -12.48 34.03 11.28
C VAL C 338 -12.61 33.87 12.78
N ILE C 339 -11.51 33.92 13.53
CA ILE C 339 -11.60 33.86 14.99
C ILE C 339 -12.28 35.12 15.53
N HIS C 340 -11.95 36.28 14.98
CA HIS C 340 -12.62 37.51 15.41
C HIS C 340 -14.11 37.46 15.08
N THR C 341 -14.45 36.94 13.89
CA THR C 341 -15.86 36.81 13.53
C THR C 341 -16.57 35.84 14.46
N LEU C 342 -15.89 34.77 14.86
CA LEU C 342 -16.48 33.81 15.80
C LEU C 342 -16.76 34.47 17.14
N ILE C 343 -15.82 35.27 17.63
CA ILE C 343 -16.03 35.98 18.90
C ILE C 343 -17.19 36.95 18.79
N GLU C 344 -17.26 37.69 17.67
CA GLU C 344 -18.36 38.64 17.50
C GLU C 344 -19.71 37.91 17.43
N ALA C 345 -19.76 36.77 16.76
CA ALA C 345 -21.00 36.00 16.69
C ALA C 345 -21.42 35.50 18.06
N MET C 346 -20.46 35.01 18.86
CA MET C 346 -20.77 34.59 20.22
C MET C 346 -21.33 35.75 21.03
N VAL C 347 -20.72 36.94 20.92
CA VAL C 347 -21.18 38.10 21.68
C VAL C 347 -22.60 38.47 21.27
N LEU C 348 -22.88 38.47 19.96
CA LEU C 348 -24.21 38.83 19.49
C LEU C 348 -25.26 37.80 19.93
N VAL C 349 -24.92 36.51 19.88
CA VAL C 349 -25.86 35.49 20.33
C VAL C 349 -26.15 35.63 21.82
N PHE C 350 -25.11 35.92 22.62
CA PHE C 350 -25.33 36.14 24.04
C PHE C 350 -26.21 37.36 24.28
N VAL C 351 -26.00 38.43 23.50
CA VAL C 351 -26.81 39.63 23.67
C VAL C 351 -28.28 39.34 23.35
N VAL C 352 -28.52 38.59 22.28
CA VAL C 352 -29.90 38.26 21.91
C VAL C 352 -30.55 37.38 22.98
N MET C 353 -29.81 36.39 23.48
CA MET C 353 -30.38 35.50 24.49
C MET C 353 -30.67 36.25 25.78
N TYR C 354 -29.80 37.19 26.16
CA TYR C 354 -30.06 38.00 27.35
C TYR C 354 -31.23 38.93 27.15
N LEU C 355 -31.39 39.49 25.94
CA LEU C 355 -32.53 40.34 25.68
C LEU C 355 -33.84 39.56 25.74
N PHE C 356 -33.83 38.31 25.30
CA PHE C 356 -35.05 37.51 25.29
C PHE C 356 -35.33 36.84 26.63
N LEU C 357 -34.31 36.64 27.47
CA LEU C 357 -34.50 35.97 28.75
C LEU C 357 -34.61 36.92 29.93
N GLN C 358 -34.06 38.13 29.82
CA GLN C 358 -34.17 39.16 30.86
C GLN C 358 -33.47 38.77 32.16
N ASN C 359 -32.54 37.82 32.10
CA ASN C 359 -31.84 37.37 33.30
C ASN C 359 -30.47 36.85 32.92
N ILE C 360 -29.46 37.20 33.72
CA ILE C 360 -28.10 36.74 33.47
C ILE C 360 -27.86 35.31 33.88
N ARG C 361 -28.78 34.72 34.66
CA ARG C 361 -28.63 33.34 35.09
C ARG C 361 -29.26 32.34 34.12
N TYR C 362 -30.20 32.79 33.29
CA TYR C 362 -30.83 31.89 32.33
C TYR C 362 -29.98 31.71 31.08
N THR C 363 -29.34 32.78 30.62
CA THR C 363 -28.53 32.72 29.40
C THR C 363 -27.27 31.89 29.58
N LEU C 364 -26.76 31.78 30.82
CA LEU C 364 -25.54 31.02 31.07
C LEU C 364 -25.68 29.55 30.69
N ILE C 365 -26.87 28.98 30.78
CA ILE C 365 -27.08 27.57 30.44
C ILE C 365 -26.77 27.34 28.98
N PRO C 366 -27.32 28.11 28.03
CA PRO C 366 -26.92 27.95 26.63
C PRO C 366 -25.53 28.48 26.32
N THR C 367 -25.06 29.52 27.01
CA THR C 367 -23.72 30.03 26.73
C THR C 367 -22.66 29.04 27.19
N ILE C 368 -23.01 28.11 28.08
CA ILE C 368 -22.09 27.05 28.44
C ILE C 368 -22.19 25.89 27.45
N VAL C 369 -23.38 25.65 26.91
CA VAL C 369 -23.56 24.56 25.96
C VAL C 369 -22.87 24.88 24.63
N VAL C 370 -22.73 26.17 24.31
CA VAL C 370 -22.07 26.54 23.05
C VAL C 370 -20.63 26.07 22.99
N PRO C 371 -19.73 26.45 23.90
CA PRO C 371 -18.33 26.03 23.76
C PRO C 371 -18.14 24.53 23.90
N ILE C 372 -18.94 23.87 24.74
CA ILE C 372 -18.84 22.42 24.86
C ILE C 372 -19.19 21.75 23.54
N SER C 373 -20.25 22.23 22.87
CA SER C 373 -20.62 21.67 21.58
C SER C 373 -19.56 21.92 20.53
N LEU C 374 -19.00 23.14 20.49
CA LEU C 374 -17.96 23.43 19.51
C LEU C 374 -16.72 22.56 19.74
N LEU C 375 -16.31 22.40 21.00
CA LEU C 375 -15.11 21.62 21.27
C LEU C 375 -15.36 20.13 21.05
N GLY C 376 -16.61 19.68 21.23
CA GLY C 376 -16.95 18.31 20.88
C GLY C 376 -16.91 18.08 19.38
N GLY C 377 -17.38 19.05 18.59
CA GLY C 377 -17.23 18.95 17.16
C GLY C 377 -15.78 18.97 16.72
N PHE C 378 -14.94 19.74 17.43
CA PHE C 378 -13.51 19.71 17.15
C PHE C 378 -12.92 18.33 17.36
N ALA C 379 -13.38 17.60 18.38
CA ALA C 379 -12.87 16.25 18.62
C ALA C 379 -13.23 15.32 17.47
N PHE C 380 -14.45 15.42 16.94
CA PHE C 380 -14.83 14.59 15.80
C PHE C 380 -14.03 14.98 14.56
N ILE C 381 -13.78 16.27 14.38
CA ILE C 381 -12.96 16.73 13.25
C ILE C 381 -11.56 16.14 13.35
N SER C 382 -10.99 16.13 14.55
CA SER C 382 -9.66 15.57 14.74
C SER C 382 -9.65 14.06 14.51
N TYR C 383 -10.69 13.37 14.99
CA TYR C 383 -10.75 11.93 14.81
C TYR C 383 -10.91 11.54 13.35
N MET C 384 -11.65 12.34 12.57
CA MET C 384 -11.86 12.05 11.17
C MET C 384 -10.66 12.41 10.30
N GLY C 385 -9.64 13.06 10.86
CA GLY C 385 -8.47 13.45 10.09
C GLY C 385 -8.68 14.64 9.19
N MET C 386 -9.60 15.55 9.57
CA MET C 386 -9.86 16.74 8.79
C MET C 386 -8.82 17.81 9.13
N SER C 387 -9.06 19.04 8.67
CA SER C 387 -8.14 20.14 8.86
C SER C 387 -8.90 21.36 9.38
N ILE C 388 -8.14 22.33 9.90
CA ILE C 388 -8.68 23.61 10.33
C ILE C 388 -8.48 24.61 9.21
N ASN C 389 -9.59 25.07 8.63
CA ASN C 389 -9.54 25.97 7.49
C ASN C 389 -10.69 26.96 7.60
N VAL C 390 -10.89 27.75 6.55
CA VAL C 390 -11.95 28.75 6.56
C VAL C 390 -13.32 28.08 6.50
N LEU C 391 -13.41 26.91 5.88
CA LEU C 391 -14.70 26.22 5.78
C LEU C 391 -15.17 25.73 7.14
N THR C 392 -14.28 25.09 7.91
CA THR C 392 -14.66 24.64 9.23
C THR C 392 -14.97 25.80 10.16
N MET C 393 -14.24 26.92 10.00
CA MET C 393 -14.53 28.10 10.80
C MET C 393 -15.89 28.69 10.47
N PHE C 394 -16.23 28.74 9.18
CA PHE C 394 -17.57 29.21 8.79
C PHE C 394 -18.64 28.26 9.31
N ALA C 395 -18.38 26.95 9.30
CA ALA C 395 -19.32 25.99 9.84
C ALA C 395 -19.54 26.21 11.33
N MET C 396 -18.46 26.46 12.06
CA MET C 396 -18.59 26.75 13.49
C MET C 396 -19.37 28.04 13.74
N ILE C 397 -19.08 29.08 12.95
CA ILE C 397 -19.78 30.36 13.12
C ILE C 397 -21.26 30.20 12.83
N LEU C 398 -21.61 29.36 11.85
CA LEU C 398 -23.02 29.13 11.55
C LEU C 398 -23.68 28.27 12.61
N VAL C 399 -22.96 27.30 13.15
CA VAL C 399 -23.52 26.40 14.16
C VAL C 399 -23.58 27.02 15.54
N ILE C 400 -22.95 28.18 15.76
CA ILE C 400 -23.07 28.87 17.03
C ILE C 400 -24.53 29.19 17.33
N GLY C 401 -25.24 29.71 16.34
CA GLY C 401 -26.65 30.00 16.50
C GLY C 401 -27.57 28.82 16.41
N ILE C 402 -27.04 27.64 16.12
CA ILE C 402 -27.85 26.43 16.02
C ILE C 402 -27.68 25.51 17.23
N VAL C 403 -26.53 25.57 17.92
CA VAL C 403 -26.30 24.71 19.08
C VAL C 403 -27.03 25.17 20.33
N VAL C 404 -27.77 26.28 20.25
CA VAL C 404 -28.53 26.80 21.37
C VAL C 404 -30.02 26.58 21.23
N ASP C 405 -30.46 25.96 20.14
CA ASP C 405 -31.89 25.80 19.89
C ASP C 405 -32.55 24.93 20.96
N ASP C 406 -32.00 23.73 21.19
CA ASP C 406 -32.57 22.84 22.18
C ASP C 406 -32.45 23.42 23.58
N ALA C 407 -31.30 23.99 23.91
CA ALA C 407 -31.12 24.60 25.23
C ALA C 407 -32.03 25.80 25.41
N ILE C 408 -32.19 26.62 24.37
CA ILE C 408 -33.08 27.77 24.46
C ILE C 408 -34.52 27.31 24.66
N VAL C 409 -34.92 26.26 23.94
CA VAL C 409 -36.28 25.75 24.09
C VAL C 409 -36.52 25.23 25.50
N VAL C 410 -35.55 24.48 26.04
CA VAL C 410 -35.71 23.92 27.39
C VAL C 410 -35.77 25.05 28.43
N VAL C 411 -34.88 26.02 28.32
CA VAL C 411 -34.86 27.11 29.29
C VAL C 411 -36.11 27.97 29.17
N GLU C 412 -36.62 28.17 27.95
CA GLU C 412 -37.83 28.95 27.77
C GLU C 412 -39.04 28.24 28.38
N ASN C 413 -39.14 26.93 28.16
CA ASN C 413 -40.23 26.17 28.77
C ASN C 413 -40.14 26.20 30.29
N VAL C 414 -38.92 26.06 30.83
CA VAL C 414 -38.75 26.09 32.28
C VAL C 414 -39.15 27.45 32.84
N GLU C 415 -38.73 28.53 32.18
CA GLU C 415 -39.08 29.87 32.63
C GLU C 415 -40.59 30.11 32.55
N ARG C 416 -41.22 29.63 31.49
CA ARG C 416 -42.67 29.78 31.36
C ARG C 416 -43.41 29.02 32.46
N ILE C 417 -42.97 27.80 32.75
CA ILE C 417 -43.63 27.01 33.79
C ILE C 417 -43.39 27.64 35.16
N MET C 418 -42.22 28.27 35.36
CA MET C 418 -41.94 28.87 36.65
C MET C 418 -42.66 30.20 36.84
N ALA C 419 -42.92 30.92 35.76
CA ALA C 419 -43.57 32.22 35.85
C ALA C 419 -45.09 32.09 35.86
N GLY C 420 -45.66 31.35 34.91
CA GLY C 420 -47.10 31.21 34.81
C GLY C 420 -47.72 30.19 35.73
N GLU C 421 -46.93 29.48 36.52
CA GLU C 421 -47.45 28.47 37.43
C GLU C 421 -46.89 28.54 38.84
N GLY C 422 -45.80 29.26 39.07
CA GLY C 422 -45.23 29.38 40.40
C GLY C 422 -44.76 28.05 40.97
N LEU C 423 -43.74 27.46 40.35
CA LEU C 423 -43.19 26.18 40.78
C LEU C 423 -41.69 26.31 40.99
N PRO C 424 -41.13 25.51 41.90
CA PRO C 424 -39.69 25.53 42.11
C PRO C 424 -38.95 25.03 40.88
N PRO C 425 -37.63 25.27 40.79
CA PRO C 425 -36.88 24.82 39.62
C PRO C 425 -36.70 23.31 39.53
N LYS C 426 -37.09 22.55 40.57
CA LYS C 426 -36.95 21.11 40.54
C LYS C 426 -38.11 20.43 39.83
N GLU C 427 -39.33 20.91 40.04
CA GLU C 427 -40.50 20.34 39.39
C GLU C 427 -40.76 20.94 38.01
N ALA C 428 -40.52 22.24 37.84
CA ALA C 428 -40.68 22.85 36.53
C ALA C 428 -39.72 22.24 35.52
N THR C 429 -38.51 21.91 35.96
CA THR C 429 -37.55 21.26 35.06
C THR C 429 -38.06 19.89 34.62
N LYS C 430 -38.61 19.13 35.55
CA LYS C 430 -39.16 17.81 35.19
C LYS C 430 -40.34 17.95 34.23
N LYS C 431 -41.22 18.93 34.48
CA LYS C 431 -42.34 19.17 33.58
C LYS C 431 -41.85 19.53 32.18
N ALA C 432 -40.87 20.43 32.09
CA ALA C 432 -40.34 20.84 30.79
C ALA C 432 -39.69 19.67 30.07
N MET C 433 -38.91 18.86 30.80
CA MET C 433 -38.26 17.71 30.19
C MET C 433 -39.25 16.63 29.80
N GLY C 434 -40.43 16.60 30.42
CA GLY C 434 -41.46 15.67 30.02
C GLY C 434 -42.33 16.20 28.90
N GLN C 435 -42.28 17.51 28.68
CA GLN C 435 -43.10 18.14 27.66
C GLN C 435 -42.39 18.29 26.31
N ILE C 436 -41.20 18.88 26.32
CA ILE C 436 -40.52 19.23 25.07
C ILE C 436 -39.33 18.32 24.82
N SER C 437 -39.37 17.09 25.35
CA SER C 437 -38.31 16.14 25.08
C SER C 437 -38.45 15.50 23.69
N GLY C 438 -39.64 15.52 23.11
CA GLY C 438 -39.85 14.97 21.79
C GLY C 438 -39.54 15.95 20.69
N ALA C 439 -39.55 17.24 21.02
CA ALA C 439 -39.24 18.27 20.02
C ALA C 439 -37.74 18.39 19.79
N VAL C 440 -36.94 18.21 20.83
CA VAL C 440 -35.48 18.29 20.67
C VAL C 440 -34.99 17.18 19.76
N ILE C 441 -35.53 15.97 19.92
CA ILE C 441 -35.12 14.85 19.09
C ILE C 441 -35.49 15.10 17.64
N GLY C 442 -36.69 15.62 17.40
CA GLY C 442 -37.10 15.93 16.04
C GLY C 442 -36.25 17.02 15.40
N ILE C 443 -35.91 18.04 16.18
CA ILE C 443 -35.06 19.12 15.68
C ILE C 443 -33.69 18.58 15.31
N THR C 444 -33.10 17.76 16.19
CA THR C 444 -31.79 17.19 15.91
C THR C 444 -31.84 16.29 14.68
N ALA C 445 -32.92 15.51 14.53
CA ALA C 445 -33.04 14.63 13.38
C ALA C 445 -33.15 15.43 12.09
N VAL C 446 -34.01 16.45 12.06
CA VAL C 446 -34.16 17.26 10.86
C VAL C 446 -32.92 18.08 10.55
N LEU C 447 -32.10 18.39 11.56
CA LEU C 447 -30.87 19.11 11.31
C LEU C 447 -29.73 18.22 10.86
N ILE C 448 -29.73 16.95 11.27
CA ILE C 448 -28.67 16.02 10.90
C ILE C 448 -28.96 15.35 9.56
N SER C 449 -30.24 15.16 9.23
CA SER C 449 -30.59 14.50 7.97
C SER C 449 -30.36 15.40 6.76
N VAL C 450 -30.23 16.72 6.95
CA VAL C 450 -29.90 17.61 5.85
C VAL C 450 -28.40 17.72 5.62
N PHE C 451 -27.58 17.43 6.63
CA PHE C 451 -26.14 17.48 6.49
C PHE C 451 -25.52 16.12 6.20
N VAL C 452 -26.22 15.02 6.50
CA VAL C 452 -25.69 13.70 6.19
C VAL C 452 -25.60 13.44 4.68
N PRO C 453 -26.47 13.98 3.81
CA PRO C 453 -26.22 13.80 2.37
C PRO C 453 -25.07 14.63 1.83
N LEU C 454 -24.68 15.70 2.53
CA LEU C 454 -23.59 16.54 2.05
C LEU C 454 -22.27 15.79 2.00
N ALA C 455 -22.09 14.79 2.86
CA ALA C 455 -20.85 14.02 2.93
C ALA C 455 -20.86 12.80 2.02
N MET C 456 -21.66 12.83 0.94
CA MET C 456 -21.78 11.70 0.04
C MET C 456 -21.51 12.11 -1.41
N PHE C 457 -20.56 13.01 -1.62
CA PHE C 457 -20.20 13.47 -2.95
C PHE C 457 -18.69 13.41 -3.15
N SER C 458 -18.28 13.40 -4.40
CA SER C 458 -16.88 13.29 -4.78
C SER C 458 -16.42 14.55 -5.50
N GLY C 459 -15.11 14.81 -5.44
CA GLY C 459 -14.52 15.96 -6.06
C GLY C 459 -14.14 17.03 -5.05
N ALA C 460 -13.75 18.19 -5.57
CA ALA C 460 -13.44 19.33 -4.71
C ALA C 460 -14.69 19.84 -4.02
N ALA C 461 -15.79 19.98 -4.77
CA ALA C 461 -17.06 20.38 -4.17
C ALA C 461 -17.51 19.35 -3.14
N GLY C 462 -17.34 18.06 -3.43
CA GLY C 462 -17.68 17.04 -2.46
C GLY C 462 -16.84 17.13 -1.20
N ASN C 463 -15.55 17.44 -1.35
CA ASN C 463 -14.68 17.59 -0.19
C ASN C 463 -15.10 18.77 0.66
N ILE C 464 -15.46 19.90 0.03
CA ILE C 464 -15.93 21.06 0.76
C ILE C 464 -17.24 20.74 1.48
N TYR C 465 -18.14 20.04 0.79
CA TYR C 465 -19.41 19.66 1.41
C TYR C 465 -19.19 18.77 2.62
N LYS C 466 -18.25 17.82 2.53
CA LYS C 466 -17.94 16.97 3.67
C LYS C 466 -17.36 17.78 4.82
N GLN C 467 -16.40 18.66 4.52
CA GLN C 467 -15.76 19.47 5.55
C GLN C 467 -16.78 20.34 6.28
N PHE C 468 -17.82 20.80 5.58
CA PHE C 468 -18.85 21.57 6.25
C PHE C 468 -19.82 20.67 7.03
N ALA C 469 -20.29 19.61 6.39
CA ALA C 469 -21.38 18.82 6.94
C ALA C 469 -20.95 18.03 8.16
N LEU C 470 -19.74 17.48 8.15
CA LEU C 470 -19.28 16.71 9.31
C LEU C 470 -19.18 17.60 10.55
N THR C 471 -18.59 18.80 10.39
CA THR C 471 -18.50 19.73 11.50
C THR C 471 -19.88 20.13 12.00
N MET C 472 -20.79 20.47 11.07
CA MET C 472 -22.13 20.89 11.46
C MET C 472 -22.85 19.77 12.21
N ALA C 473 -22.77 18.54 11.71
CA ALA C 473 -23.48 17.42 12.32
C ALA C 473 -22.90 17.07 13.68
N SER C 474 -21.57 17.11 13.81
CA SER C 474 -20.96 16.86 15.11
C SER C 474 -21.40 17.90 16.13
N SER C 475 -21.37 19.18 15.74
CA SER C 475 -21.79 20.24 16.65
C SER C 475 -23.25 20.08 17.05
N ILE C 476 -24.11 19.72 16.09
CA ILE C 476 -25.53 19.62 16.38
C ILE C 476 -25.81 18.42 17.28
N ALA C 477 -25.14 17.29 17.04
CA ALA C 477 -25.33 16.11 17.88
C ALA C 477 -24.84 16.37 19.30
N PHE C 478 -23.68 17.04 19.44
CA PHE C 478 -23.20 17.35 20.78
C PHE C 478 -24.12 18.34 21.48
N SER C 479 -24.68 19.29 20.74
CA SER C 479 -25.63 20.22 21.32
C SER C 479 -26.89 19.50 21.80
N ALA C 480 -27.36 18.52 21.03
CA ALA C 480 -28.53 17.75 21.45
C ALA C 480 -28.24 16.95 22.72
N PHE C 481 -27.08 16.28 22.75
CA PHE C 481 -26.72 15.52 23.95
C PHE C 481 -26.57 16.45 25.16
N LEU C 482 -26.01 17.64 24.96
CA LEU C 482 -25.86 18.58 26.06
C LEU C 482 -27.22 19.06 26.56
N ALA C 483 -28.11 19.43 25.64
CA ALA C 483 -29.44 19.87 26.03
C ALA C 483 -30.22 18.78 26.74
N LEU C 484 -29.94 17.51 26.43
CA LEU C 484 -30.62 16.41 27.10
C LEU C 484 -29.96 15.99 28.41
N THR C 485 -28.69 16.33 28.62
CA THR C 485 -27.96 15.86 29.79
C THR C 485 -27.68 16.98 30.80
N LEU C 486 -27.01 18.05 30.39
CA LEU C 486 -26.55 19.06 31.33
C LEU C 486 -27.54 20.21 31.51
N THR C 487 -28.39 20.46 30.51
CA THR C 487 -29.37 21.54 30.63
C THR C 487 -30.35 21.31 31.78
N PRO C 488 -30.99 20.14 31.91
CA PRO C 488 -31.90 19.95 33.05
C PRO C 488 -31.21 20.05 34.41
N ALA C 489 -29.99 19.52 34.53
CA ALA C 489 -29.27 19.60 35.80
C ALA C 489 -28.99 21.05 36.18
N LEU C 490 -28.56 21.87 35.21
CA LEU C 490 -28.33 23.27 35.49
C LEU C 490 -29.62 24.00 35.81
N CYS C 491 -30.70 23.71 35.06
CA CYS C 491 -31.98 24.35 35.33
C CYS C 491 -32.52 23.97 36.71
N ALA C 492 -32.18 22.79 37.22
CA ALA C 492 -32.70 22.37 38.51
C ALA C 492 -31.82 22.85 39.66
N THR C 493 -30.51 22.92 39.47
CA THR C 493 -29.57 23.19 40.56
C THR C 493 -28.86 24.53 40.40
N MET C 494 -29.38 25.42 39.54
CA MET C 494 -28.76 26.73 39.38
C MET C 494 -29.78 27.85 39.43
N LEU C 495 -31.03 27.53 39.10
CA LEU C 495 -32.10 28.52 39.07
C LEU C 495 -32.71 28.70 40.44
N LYS C 496 -33.34 29.86 40.64
CA LYS C 496 -34.01 30.19 41.89
C LYS C 496 -35.52 30.32 41.66
N THR C 497 -36.28 30.12 42.71
CA THR C 497 -37.73 30.21 42.61
C THR C 497 -38.14 31.65 42.32
N ILE C 498 -39.08 31.81 41.39
CA ILE C 498 -39.57 33.12 40.97
C ILE C 498 -40.77 33.48 41.85
N PRO C 499 -40.75 34.62 42.55
CA PRO C 499 -41.92 35.01 43.33
C PRO C 499 -43.13 35.27 42.42
N LYS C 500 -44.31 35.22 43.03
CA LYS C 500 -45.54 35.40 42.27
C LYS C 500 -45.64 36.84 41.79
N GLY C 501 -45.57 37.04 40.48
CA GLY C 501 -45.66 38.37 39.90
C GLY C 501 -44.37 39.15 39.89
N HIS C 502 -43.24 38.49 39.64
CA HIS C 502 -41.94 39.17 39.59
C HIS C 502 -41.55 39.59 38.18
N HIS C 503 -42.07 38.94 37.15
CA HIS C 503 -41.77 39.33 35.77
C HIS C 503 -42.33 40.70 35.43
N GLU C 504 -43.32 41.19 36.18
CA GLU C 504 -43.81 42.54 36.05
C GLU C 504 -42.89 43.45 36.86
N GLU C 505 -43.27 44.71 37.07
CA GLU C 505 -42.44 45.68 37.78
C GLU C 505 -41.12 45.92 37.05
N LYS C 506 -41.12 45.75 35.73
CA LYS C 506 -39.93 45.94 34.90
C LYS C 506 -40.09 47.26 34.16
N LYS C 507 -39.52 48.32 34.72
CA LYS C 507 -39.54 49.63 34.08
C LYS C 507 -38.25 49.85 33.29
N GLY C 508 -38.32 50.78 32.35
CA GLY C 508 -37.18 51.09 31.50
C GLY C 508 -37.31 50.44 30.13
N PHE C 509 -36.29 49.68 29.73
CA PHE C 509 -36.27 49.04 28.43
C PHE C 509 -36.89 47.66 28.43
N PHE C 510 -36.72 46.88 29.50
CA PHE C 510 -37.21 45.51 29.53
C PHE C 510 -38.74 45.48 29.51
N GLY C 511 -39.38 46.35 30.30
CA GLY C 511 -40.83 46.40 30.30
C GLY C 511 -41.40 46.84 28.96
N TRP C 512 -40.77 47.84 28.34
CA TRP C 512 -41.20 48.28 27.01
C TRP C 512 -41.05 47.16 25.99
N PHE C 513 -39.94 46.43 26.06
CA PHE C 513 -39.74 45.32 25.14
C PHE C 513 -40.76 44.21 25.37
N ASN C 514 -41.10 43.94 26.63
CA ASN C 514 -42.10 42.92 26.92
C ASN C 514 -43.47 43.34 26.41
N LYS C 515 -43.83 44.62 26.58
CA LYS C 515 -45.10 45.10 26.05
C LYS C 515 -45.14 45.01 24.53
N LYS C 516 -44.06 45.43 23.86
CA LYS C 516 -44.00 45.32 22.41
C LYS C 516 -44.13 43.86 21.97
N PHE C 517 -43.46 42.95 22.68
CA PHE C 517 -43.47 41.55 22.28
C PHE C 517 -44.82 40.90 22.49
N ASP C 518 -45.50 41.19 23.59
CA ASP C 518 -46.79 40.54 23.78
C ASP C 518 -47.87 41.18 22.92
N SER C 519 -47.74 42.48 22.60
CA SER C 519 -48.63 43.07 21.61
C SER C 519 -48.40 42.44 20.24
N TRP C 520 -47.14 42.19 19.88
CA TRP C 520 -46.85 41.52 18.61
C TRP C 520 -47.41 40.10 18.61
N THR C 521 -47.35 39.42 19.76
CA THR C 521 -47.90 38.07 19.84
C THR C 521 -49.42 38.09 19.67
N HIS C 522 -50.09 39.04 20.31
CA HIS C 522 -51.54 39.17 20.13
C HIS C 522 -51.89 39.44 18.67
N GLY C 523 -51.16 40.37 18.04
CA GLY C 523 -51.43 40.65 16.64
C GLY C 523 -51.15 39.46 15.73
N TYR C 524 -50.10 38.70 16.04
CA TYR C 524 -49.75 37.53 15.24
C TYR C 524 -50.84 36.47 15.37
N GLU C 525 -51.33 36.24 16.58
CA GLU C 525 -52.44 35.29 16.74
C GLU C 525 -53.68 35.76 16.02
N GLY C 526 -54.00 37.06 16.11
CA GLY C 526 -55.16 37.58 15.41
C GLY C 526 -55.06 37.50 13.90
N ARG C 527 -53.85 37.63 13.36
CA ARG C 527 -53.64 37.50 11.91
C ARG C 527 -53.55 36.06 11.45
N VAL C 528 -53.14 35.14 12.32
CA VAL C 528 -53.10 33.73 11.94
C VAL C 528 -54.48 33.10 12.08
N ALA C 529 -55.33 33.62 12.97
CA ALA C 529 -56.68 33.08 13.10
C ALA C 529 -57.49 33.29 11.82
N LYS C 530 -57.20 34.35 11.07
CA LYS C 530 -57.90 34.61 9.82
C LYS C 530 -57.27 33.93 8.62
N VAL C 531 -55.98 33.58 8.71
CA VAL C 531 -55.34 32.87 7.60
C VAL C 531 -55.93 31.47 7.44
N LEU C 532 -56.29 30.84 8.56
CA LEU C 532 -56.88 29.50 8.51
C LEU C 532 -58.33 29.52 8.07
N ARG C 533 -58.97 30.68 8.01
CA ARG C 533 -60.35 30.75 7.55
C ARG C 533 -60.45 30.73 6.03
N LYS C 534 -59.41 31.20 5.34
CA LYS C 534 -59.35 31.21 3.88
C LYS C 534 -58.16 30.34 3.48
N THR C 535 -58.40 29.03 3.35
CA THR C 535 -57.35 28.07 3.03
C THR C 535 -57.12 27.92 1.54
N PHE C 536 -57.77 28.74 0.71
CA PHE C 536 -57.59 28.70 -0.74
C PHE C 536 -56.76 29.86 -1.27
N ARG C 537 -57.04 31.09 -0.83
CA ARG C 537 -56.23 32.22 -1.27
C ARG C 537 -54.81 32.12 -0.75
N MET C 538 -54.64 31.66 0.50
CA MET C 538 -53.31 31.51 1.05
C MET C 538 -52.52 30.43 0.33
N MET C 539 -53.20 29.36 -0.12
CA MET C 539 -52.49 28.31 -0.85
C MET C 539 -51.99 28.80 -2.20
N VAL C 540 -52.82 29.55 -2.91
CA VAL C 540 -52.37 30.10 -4.19
C VAL C 540 -51.29 31.15 -3.98
N VAL C 541 -51.36 31.91 -2.89
CA VAL C 541 -50.31 32.86 -2.58
C VAL C 541 -49.00 32.14 -2.32
N TYR C 542 -49.05 31.03 -1.57
CA TYR C 542 -47.84 30.26 -1.30
C TYR C 542 -47.28 29.65 -2.58
N ILE C 543 -48.16 29.18 -3.47
CA ILE C 543 -47.71 28.62 -4.74
C ILE C 543 -47.03 29.70 -5.58
N GLY C 544 -47.61 30.90 -5.60
CA GLY C 544 -46.99 32.00 -6.32
C GLY C 544 -45.64 32.37 -5.73
N LEU C 545 -45.54 32.40 -4.40
CA LEU C 545 -44.26 32.69 -3.76
C LEU C 545 -43.21 31.64 -4.11
N ALA C 546 -43.61 30.36 -4.12
CA ALA C 546 -42.67 29.30 -4.46
C ALA C 546 -42.22 29.41 -5.90
N VAL C 547 -43.13 29.69 -6.84
CA VAL C 547 -42.74 29.81 -8.22
C VAL C 547 -41.87 31.04 -8.44
N VAL C 548 -42.13 32.13 -7.71
CA VAL C 548 -41.28 33.31 -7.83
C VAL C 548 -39.89 33.03 -7.28
N GLY C 549 -39.80 32.27 -6.19
CA GLY C 549 -38.50 31.89 -5.67
C GLY C 549 -37.73 31.02 -6.63
N VAL C 550 -38.42 30.06 -7.26
CA VAL C 550 -37.76 29.21 -8.25
C VAL C 550 -37.30 30.01 -9.45
N PHE C 551 -38.11 30.99 -9.87
CA PHE C 551 -37.72 31.85 -10.99
C PHE C 551 -36.50 32.69 -10.63
N LEU C 552 -36.46 33.25 -9.42
CA LEU C 552 -35.31 34.03 -9.00
C LEU C 552 -34.07 33.17 -8.85
N PHE C 553 -34.24 31.90 -8.46
CA PHE C 553 -33.09 31.01 -8.34
C PHE C 553 -32.57 30.57 -9.70
N MET C 554 -33.46 30.41 -10.68
CA MET C 554 -33.03 29.96 -12.01
C MET C 554 -32.19 31.03 -12.70
N ARG C 555 -32.63 32.29 -12.63
CA ARG C 555 -31.91 33.39 -13.27
C ARG C 555 -30.87 34.00 -12.34
N LEU C 556 -29.99 33.16 -11.81
CA LEU C 556 -28.95 33.57 -10.89
C LEU C 556 -27.59 33.17 -11.46
N PRO C 557 -26.59 34.04 -11.42
CA PRO C 557 -25.27 33.68 -11.95
C PRO C 557 -24.65 32.54 -11.16
N THR C 558 -23.96 31.65 -11.88
CA THR C 558 -23.32 30.49 -11.29
C THR C 558 -21.80 30.64 -11.36
N SER C 559 -21.12 30.14 -10.33
CA SER C 559 -19.66 30.19 -10.27
C SER C 559 -19.20 29.09 -9.32
N PHE C 560 -17.91 29.10 -9.00
CA PHE C 560 -17.31 28.11 -8.11
C PHE C 560 -16.89 28.70 -6.78
N LEU C 561 -16.06 29.76 -6.80
CA LEU C 561 -15.61 30.43 -5.59
C LEU C 561 -15.36 31.89 -5.91
N PRO C 562 -15.71 32.80 -5.02
CA PRO C 562 -15.49 34.22 -5.30
C PRO C 562 -14.01 34.57 -5.34
N THR C 563 -13.72 35.70 -5.97
CA THR C 563 -12.35 36.18 -6.10
C THR C 563 -11.88 36.79 -4.78
N GLU C 564 -10.73 36.31 -4.29
CA GLU C 564 -10.16 36.80 -3.06
C GLU C 564 -9.00 37.74 -3.35
N ASP C 565 -8.41 38.29 -2.30
CA ASP C 565 -7.23 39.16 -2.38
C ASP C 565 -6.12 38.49 -1.60
N GLN C 566 -5.34 37.65 -2.29
CA GLN C 566 -4.28 36.89 -1.65
C GLN C 566 -2.99 37.67 -1.48
N GLY C 567 -2.91 38.87 -2.02
CA GLY C 567 -1.76 39.73 -1.81
C GLY C 567 -0.68 39.64 -2.86
N PHE C 568 -0.98 39.13 -4.06
CA PHE C 568 0.00 39.09 -5.12
C PHE C 568 -0.69 38.93 -6.46
N VAL C 569 0.00 39.34 -7.52
CA VAL C 569 -0.50 39.31 -8.88
C VAL C 569 0.48 38.52 -9.74
N MET C 570 -0.04 37.71 -10.66
CA MET C 570 0.80 36.93 -11.56
C MET C 570 0.90 37.61 -12.91
N VAL C 571 2.13 37.86 -13.36
CA VAL C 571 2.40 38.51 -14.64
C VAL C 571 3.06 37.49 -15.55
N SER C 572 2.55 37.40 -16.78
CA SER C 572 3.10 36.49 -17.80
C SER C 572 3.47 37.32 -19.02
N VAL C 573 4.73 37.27 -19.43
CA VAL C 573 5.23 38.03 -20.56
C VAL C 573 5.64 37.05 -21.66
N GLN C 574 5.21 37.34 -22.89
CA GLN C 574 5.51 36.49 -24.02
C GLN C 574 5.92 37.35 -25.22
N LEU C 575 7.05 37.02 -25.82
CA LEU C 575 7.58 37.73 -26.96
C LEU C 575 7.29 36.97 -28.25
N PRO C 576 7.50 37.59 -29.41
CA PRO C 576 7.24 36.90 -30.68
C PRO C 576 8.13 35.68 -30.86
N ALA C 577 7.76 34.86 -31.83
CA ALA C 577 8.49 33.62 -32.09
C ALA C 577 9.88 33.93 -32.62
N GLY C 578 10.89 33.27 -32.06
CA GLY C 578 12.25 33.47 -32.47
C GLY C 578 12.94 34.61 -31.75
N ALA C 579 12.55 34.84 -30.49
CA ALA C 579 13.13 35.89 -29.67
C ALA C 579 14.21 35.32 -28.76
N THR C 580 15.23 36.13 -28.51
CA THR C 580 16.35 35.73 -27.68
C THR C 580 16.10 36.13 -26.24
N LYS C 581 17.08 35.88 -25.37
CA LYS C 581 16.96 36.21 -23.97
C LYS C 581 17.19 37.69 -23.68
N GLU C 582 17.92 38.39 -24.55
CA GLU C 582 18.19 39.81 -24.32
C GLU C 582 16.91 40.64 -24.47
N ARG C 583 16.13 40.36 -25.50
CA ARG C 583 14.87 41.08 -25.69
C ARG C 583 13.90 40.78 -24.56
N THR C 584 13.84 39.53 -24.10
CA THR C 584 12.98 39.18 -22.98
C THR C 584 13.43 39.88 -21.71
N ASP C 585 14.75 40.00 -21.51
CA ASP C 585 15.25 40.70 -20.34
C ASP C 585 14.92 42.19 -20.40
N ALA C 586 15.00 42.78 -21.59
CA ALA C 586 14.62 44.19 -21.74
C ALA C 586 13.13 44.38 -21.45
N THR C 587 12.29 43.47 -21.94
CA THR C 587 10.86 43.56 -21.66
C THR C 587 10.58 43.39 -20.17
N LEU C 588 11.31 42.49 -19.52
CA LEU C 588 11.14 42.32 -18.08
C LEU C 588 11.59 43.55 -17.30
N ALA C 589 12.65 44.21 -17.77
CA ALA C 589 13.09 45.45 -17.13
C ALA C 589 12.03 46.53 -17.28
N GLN C 590 11.43 46.63 -18.47
CA GLN C 590 10.34 47.58 -18.66
C GLN C 590 9.16 47.25 -17.75
N VAL C 591 8.83 45.97 -17.61
CA VAL C 591 7.72 45.56 -16.76
C VAL C 591 8.02 45.90 -15.30
N THR C 592 9.28 45.73 -14.88
CA THR C 592 9.65 46.08 -13.51
C THR C 592 9.56 47.58 -13.28
N GLN C 593 10.04 48.38 -14.24
CA GLN C 593 9.93 49.83 -14.11
C GLN C 593 8.48 50.27 -14.08
N LEU C 594 7.59 49.58 -14.80
CA LEU C 594 6.17 49.92 -14.75
C LEU C 594 5.55 49.51 -13.41
N ALA C 595 5.89 48.33 -12.91
CA ALA C 595 5.33 47.88 -11.63
C ALA C 595 5.84 48.74 -10.48
N LYS C 596 7.02 49.34 -10.62
CA LYS C 596 7.50 50.26 -9.60
C LYS C 596 6.72 51.57 -9.57
N SER C 597 5.92 51.85 -10.60
CA SER C 597 5.10 53.06 -10.61
C SER C 597 3.82 52.93 -9.81
N ILE C 598 3.50 51.74 -9.32
CA ILE C 598 2.30 51.50 -8.55
C ILE C 598 2.68 51.45 -7.07
N PRO C 599 2.12 52.30 -6.22
CA PRO C 599 2.51 52.29 -4.80
C PRO C 599 2.03 51.07 -4.04
N GLU C 600 1.08 50.31 -4.59
CA GLU C 600 0.55 49.14 -3.89
C GLU C 600 1.45 47.91 -4.02
N ILE C 601 2.43 47.93 -4.91
CA ILE C 601 3.35 46.82 -5.11
C ILE C 601 4.61 47.08 -4.31
N GLU C 602 5.02 46.09 -3.52
CA GLU C 602 6.20 46.20 -2.67
C GLU C 602 7.42 45.54 -3.29
N ASN C 603 7.30 44.27 -3.69
CA ASN C 603 8.39 43.53 -4.32
C ASN C 603 7.92 42.99 -5.66
N ILE C 604 8.87 42.83 -6.58
CA ILE C 604 8.59 42.33 -7.92
C ILE C 604 9.63 41.26 -8.23
N ILE C 605 9.19 40.02 -8.34
CA ILE C 605 10.04 38.91 -8.75
C ILE C 605 9.79 38.62 -10.23
N THR C 606 10.87 38.44 -10.99
CA THR C 606 10.78 38.16 -12.41
C THR C 606 11.63 36.95 -12.73
N VAL C 607 11.06 36.02 -13.51
CA VAL C 607 11.75 34.80 -13.91
C VAL C 607 11.86 34.80 -15.43
N SER C 608 13.08 34.70 -15.94
CA SER C 608 13.34 34.67 -17.37
C SER C 608 13.79 33.26 -17.77
N GLY C 609 13.27 32.80 -18.91
CA GLY C 609 13.55 31.47 -19.39
C GLY C 609 12.56 30.40 -18.95
N PHE C 610 11.58 30.77 -18.12
CA PHE C 610 10.59 29.83 -17.63
C PHE C 610 9.30 30.58 -17.37
N SER C 611 8.18 29.97 -17.74
CA SER C 611 6.87 30.59 -17.52
C SER C 611 5.81 29.51 -17.52
N PHE C 612 4.62 29.89 -17.07
CA PHE C 612 3.47 29.02 -17.18
C PHE C 612 2.88 29.09 -18.59
N SER C 613 2.38 27.96 -19.07
CA SER C 613 1.88 27.83 -20.43
C SER C 613 2.99 28.11 -21.44
N GLY C 614 4.14 27.50 -21.20
CA GLY C 614 5.27 27.64 -22.11
C GLY C 614 6.58 27.90 -21.40
N SER C 615 7.64 27.23 -21.84
CA SER C 615 8.98 27.39 -21.29
C SER C 615 9.97 27.55 -22.44
N GLY C 616 10.61 28.70 -22.51
CA GLY C 616 11.56 28.96 -23.57
C GLY C 616 12.23 30.31 -23.38
N GLN C 617 12.97 30.73 -24.41
CA GLN C 617 13.68 32.00 -24.32
C GLN C 617 12.72 33.18 -24.40
N ASN C 618 11.67 33.07 -25.21
CA ASN C 618 10.67 34.14 -25.32
C ASN C 618 9.51 33.94 -24.36
N MET C 619 9.83 33.74 -23.08
CA MET C 619 8.83 33.52 -22.04
C MET C 619 9.34 34.09 -20.74
N ALA C 620 8.45 34.68 -19.95
CA ALA C 620 8.84 35.22 -18.66
C ALA C 620 7.63 35.20 -17.72
N MET C 621 7.92 34.99 -16.45
CA MET C 621 6.89 34.94 -15.42
C MET C 621 7.34 35.78 -14.23
N GLY C 622 6.37 36.37 -13.55
CA GLY C 622 6.68 37.23 -12.42
C GLY C 622 5.56 37.24 -11.40
N PHE C 623 5.95 37.48 -10.15
CA PHE C 623 5.03 37.58 -9.03
C PHE C 623 5.16 38.97 -8.42
N ALA C 624 4.20 39.84 -8.71
CA ALA C 624 4.18 41.19 -8.14
C ALA C 624 3.50 41.10 -6.79
N ILE C 625 4.29 41.18 -5.72
CA ILE C 625 3.75 41.11 -4.36
C ILE C 625 3.24 42.49 -3.95
N LEU C 626 2.05 42.53 -3.37
CA LEU C 626 1.44 43.78 -2.95
C LEU C 626 1.74 44.07 -1.48
N LYS C 627 1.36 45.26 -1.05
CA LYS C 627 1.52 45.64 0.34
C LYS C 627 0.58 44.82 1.22
N ASP C 628 0.72 44.98 2.54
CA ASP C 628 -0.15 44.28 3.46
C ASP C 628 -1.59 44.79 3.32
N TRP C 629 -2.53 43.95 3.74
CA TRP C 629 -3.95 44.31 3.66
C TRP C 629 -4.29 45.49 4.53
N ASN C 630 -3.49 45.77 5.57
CA ASN C 630 -3.78 46.91 6.43
C ASN C 630 -3.50 48.23 5.73
N GLU C 631 -2.64 48.23 4.72
CA GLU C 631 -2.21 49.45 4.07
C GLU C 631 -2.85 49.67 2.70
N ARG C 632 -3.80 48.82 2.30
CA ARG C 632 -4.44 48.92 0.99
C ARG C 632 -5.96 48.96 1.19
N THR C 633 -6.48 50.15 1.47
CA THR C 633 -7.92 50.38 1.59
C THR C 633 -8.29 51.71 0.96
N ALA C 634 -7.72 52.01 -0.22
CA ALA C 634 -7.86 53.31 -0.86
C ALA C 634 -8.83 53.28 -2.04
N SER C 635 -9.82 52.39 -2.01
CA SER C 635 -10.83 52.30 -3.05
C SER C 635 -10.20 52.03 -4.42
N GLY C 636 -9.57 50.85 -4.51
CA GLY C 636 -8.89 50.46 -5.71
C GLY C 636 -7.45 50.06 -5.46
N SER C 637 -7.17 49.65 -4.22
CA SER C 637 -5.86 49.15 -3.84
C SER C 637 -5.80 47.63 -3.75
N ASP C 638 -6.87 46.96 -4.16
CA ASP C 638 -6.92 45.50 -4.14
C ASP C 638 -6.18 44.93 -5.34
N ALA C 639 -6.13 43.59 -5.41
CA ALA C 639 -5.41 42.93 -6.48
C ALA C 639 -6.06 43.14 -7.85
N VAL C 640 -7.39 43.27 -7.89
CA VAL C 640 -8.07 43.40 -9.18
C VAL C 640 -7.72 44.72 -9.84
N ALA C 641 -7.77 45.82 -9.09
CA ALA C 641 -7.43 47.12 -9.65
C ALA C 641 -5.97 47.19 -10.08
N VAL C 642 -5.07 46.63 -9.27
CA VAL C 642 -3.65 46.64 -9.62
C VAL C 642 -3.41 45.82 -10.89
N ALA C 643 -4.03 44.66 -11.00
CA ALA C 643 -3.90 43.83 -12.19
C ALA C 643 -4.56 44.43 -13.41
N GLY C 644 -5.56 45.29 -13.22
CA GLY C 644 -6.20 45.95 -14.34
C GLY C 644 -5.42 47.14 -14.83
N LYS C 645 -4.72 47.83 -13.92
CA LYS C 645 -3.91 48.97 -14.31
C LYS C 645 -2.54 48.57 -14.85
N LEU C 646 -1.92 47.54 -14.29
CA LEU C 646 -0.64 47.08 -14.82
C LEU C 646 -0.79 46.52 -16.22
N THR C 647 -1.92 45.86 -16.52
CA THR C 647 -2.15 45.38 -17.87
C THR C 647 -2.25 46.52 -18.87
N GLY C 648 -2.95 47.60 -18.51
CA GLY C 648 -3.01 48.76 -19.39
C GLY C 648 -1.67 49.42 -19.57
N MET C 649 -0.89 49.53 -18.49
CA MET C 649 0.46 50.09 -18.59
C MET C 649 1.33 49.27 -19.53
N MET C 650 1.26 47.94 -19.40
CA MET C 650 2.04 47.06 -20.28
C MET C 650 1.59 47.19 -21.73
N MET C 651 0.27 47.24 -21.96
CA MET C 651 -0.23 47.35 -23.32
C MET C 651 0.13 48.70 -23.94
N GLY C 652 0.30 49.73 -23.13
CA GLY C 652 0.62 51.04 -23.66
C GLY C 652 2.10 51.38 -23.66
N THR C 653 2.93 50.53 -23.05
CA THR C 653 4.35 50.85 -22.89
C THR C 653 5.29 49.83 -23.52
N LEU C 654 4.92 48.55 -23.54
CA LEU C 654 5.86 47.50 -23.92
C LEU C 654 6.33 47.65 -25.36
N LYS C 655 5.42 47.49 -26.32
CA LYS C 655 5.70 47.58 -27.75
C LYS C 655 6.59 46.46 -28.25
N ASP C 656 6.88 45.45 -27.44
CA ASP C 656 7.68 44.31 -27.86
C ASP C 656 7.21 43.11 -27.06
N GLY C 657 6.36 42.29 -27.65
CA GLY C 657 5.71 41.22 -26.92
C GLY C 657 4.45 41.70 -26.24
N PHE C 658 3.99 40.92 -25.27
CA PHE C 658 2.81 41.29 -24.51
C PHE C 658 2.90 40.71 -23.11
N GLY C 659 2.47 41.51 -22.14
CA GLY C 659 2.42 41.07 -20.75
C GLY C 659 1.01 41.15 -20.19
N ILE C 660 0.58 40.09 -19.52
CA ILE C 660 -0.75 40.00 -18.94
C ILE C 660 -0.60 39.83 -17.43
N ALA C 661 -1.25 40.71 -16.68
CA ALA C 661 -1.25 40.65 -15.22
C ALA C 661 -2.64 40.23 -14.76
N VAL C 662 -2.71 39.14 -13.98
CA VAL C 662 -3.97 38.61 -13.50
C VAL C 662 -3.85 38.30 -12.01
N VAL C 663 -5.00 38.03 -11.39
CA VAL C 663 -5.05 37.64 -9.99
C VAL C 663 -5.01 36.12 -9.91
N PRO C 664 -4.39 35.54 -8.87
CA PRO C 664 -4.33 34.09 -8.78
C PRO C 664 -5.71 33.52 -8.51
N PRO C 665 -5.96 32.26 -8.88
CA PRO C 665 -7.27 31.65 -8.61
C PRO C 665 -7.48 31.45 -7.13
N PRO C 666 -8.72 31.13 -6.72
CA PRO C 666 -8.98 30.94 -5.28
C PRO C 666 -8.26 29.74 -4.70
N ILE C 667 -8.11 28.67 -5.46
CA ILE C 667 -7.40 27.47 -5.03
C ILE C 667 -6.25 27.25 -6.01
N LEU C 668 -5.01 27.37 -5.52
CA LEU C 668 -3.85 27.27 -6.40
C LEU C 668 -3.55 25.83 -6.79
N GLU C 669 -3.95 24.86 -5.97
CA GLU C 669 -3.63 23.47 -6.26
C GLU C 669 -4.45 22.92 -7.43
N LEU C 670 -5.55 23.59 -7.80
CA LEU C 670 -6.33 23.13 -8.93
C LEU C 670 -5.65 23.48 -10.24
N GLY C 671 -5.13 24.70 -10.36
CA GLY C 671 -4.43 25.12 -11.56
C GLY C 671 -3.61 26.36 -11.28
N ASN C 672 -2.79 26.73 -12.27
CA ASN C 672 -1.94 27.91 -12.18
C ASN C 672 -2.45 29.09 -12.98
N GLY C 673 -3.41 28.89 -13.88
CA GLY C 673 -3.95 29.96 -14.69
C GLY C 673 -5.31 30.41 -14.19
N SER C 674 -5.53 31.71 -14.19
CA SER C 674 -6.80 32.27 -13.75
C SER C 674 -7.79 32.33 -14.91
N GLY C 675 -9.07 32.30 -14.57
CA GLY C 675 -10.11 32.33 -15.57
C GLY C 675 -10.34 30.97 -16.20
N LEU C 676 -11.08 31.00 -17.31
CA LEU C 676 -11.41 29.77 -18.03
C LEU C 676 -10.21 29.29 -18.83
N SER C 677 -10.00 27.97 -18.81
CA SER C 677 -8.93 27.31 -19.54
C SER C 677 -9.57 26.25 -20.44
N ILE C 678 -9.68 26.56 -21.72
CA ILE C 678 -10.34 25.68 -22.69
C ILE C 678 -9.25 24.98 -23.50
N ASN C 679 -9.58 23.80 -24.00
CA ASN C 679 -8.69 23.09 -24.92
C ASN C 679 -9.54 22.31 -25.91
N LEU C 680 -9.55 22.79 -27.16
CA LEU C 680 -10.39 22.20 -28.19
C LEU C 680 -9.64 21.09 -28.92
N GLN C 681 -10.31 19.96 -29.12
CA GLN C 681 -9.70 18.78 -29.69
C GLN C 681 -10.03 18.65 -31.17
N ASP C 682 -9.50 17.59 -31.79
CA ASP C 682 -9.74 17.27 -33.19
C ASP C 682 -10.07 15.79 -33.26
N ARG C 683 -11.35 15.47 -33.46
CA ARG C 683 -11.83 14.10 -33.44
C ARG C 683 -12.04 13.51 -34.84
N ASN C 684 -11.71 14.26 -35.89
CA ASN C 684 -11.90 13.79 -37.26
C ASN C 684 -10.61 13.73 -38.05
N ASN C 685 -9.47 14.00 -37.42
CA ASN C 685 -8.17 13.97 -38.09
C ASN C 685 -8.12 14.99 -39.22
N THR C 686 -8.47 16.23 -38.87
CA THR C 686 -8.54 17.33 -39.83
C THR C 686 -7.22 18.10 -39.77
N GLY C 687 -6.13 17.40 -40.02
CA GLY C 687 -4.80 17.99 -40.08
C GLY C 687 -4.40 18.80 -38.86
N HIS C 688 -3.43 19.69 -39.06
CA HIS C 688 -2.94 20.57 -37.99
C HIS C 688 -3.26 22.03 -38.22
N THR C 689 -3.23 22.51 -39.47
CA THR C 689 -3.56 23.91 -39.74
C THR C 689 -5.04 24.19 -39.53
N ALA C 690 -5.90 23.18 -39.71
CA ALA C 690 -7.33 23.39 -39.48
C ALA C 690 -7.62 23.65 -38.01
N LEU C 691 -6.98 22.89 -37.12
CA LEU C 691 -7.18 23.13 -35.69
C LEU C 691 -6.65 24.50 -35.28
N LEU C 692 -5.52 24.92 -35.87
CA LEU C 692 -4.99 26.25 -35.56
C LEU C 692 -5.93 27.35 -36.04
N ALA C 693 -6.50 27.18 -37.24
CA ALA C 693 -7.44 28.17 -37.75
C ALA C 693 -8.70 28.20 -36.88
N LYS C 694 -9.17 27.05 -36.43
CA LYS C 694 -10.35 27.02 -35.56
C LYS C 694 -10.06 27.69 -34.23
N ARG C 695 -8.88 27.45 -33.67
CA ARG C 695 -8.51 28.11 -32.42
C ARG C 695 -8.41 29.62 -32.60
N ASN C 696 -7.84 30.06 -33.72
CA ASN C 696 -7.76 31.50 -33.98
C ASN C 696 -9.15 32.11 -34.13
N GLU C 697 -10.05 31.42 -34.82
CA GLU C 697 -11.41 31.93 -34.96
C GLU C 697 -12.13 32.00 -33.62
N LEU C 698 -11.93 30.98 -32.78
CA LEU C 698 -12.54 30.99 -31.46
C LEU C 698 -11.99 32.12 -30.60
N ILE C 699 -10.68 32.36 -30.68
CA ILE C 699 -10.08 33.46 -29.93
C ILE C 699 -10.59 34.80 -30.43
N GLN C 700 -10.81 34.90 -31.75
CA GLN C 700 -11.28 36.17 -32.31
C GLN C 700 -12.73 36.44 -31.93
N LYS C 701 -13.57 35.40 -31.92
CA LYS C 701 -14.97 35.60 -31.57
C LYS C 701 -15.20 35.63 -30.06
N MET C 702 -14.22 35.21 -29.26
CA MET C 702 -14.32 35.39 -27.82
C MET C 702 -14.12 36.85 -27.43
N ARG C 703 -13.26 37.56 -28.15
CA ARG C 703 -13.09 38.99 -27.95
C ARG C 703 -14.23 39.76 -28.61
N ALA C 704 -14.54 40.93 -28.06
CA ALA C 704 -15.61 41.78 -28.57
C ALA C 704 -16.95 41.07 -28.50
N SER C 705 -17.17 40.34 -27.39
CA SER C 705 -18.42 39.65 -27.14
C SER C 705 -19.11 40.10 -25.87
N GLY C 706 -18.48 40.94 -25.05
CA GLY C 706 -19.07 41.44 -23.82
C GLY C 706 -18.82 40.57 -22.60
N LEU C 707 -18.80 39.26 -22.79
CA LEU C 707 -18.60 38.33 -21.68
C LEU C 707 -17.12 38.16 -21.32
N PHE C 708 -16.24 38.19 -22.30
CA PHE C 708 -14.81 38.08 -22.08
C PHE C 708 -14.16 39.44 -22.29
N ASP C 709 -13.23 39.79 -21.41
CA ASP C 709 -12.59 41.08 -21.62
C ASP C 709 -11.32 40.92 -22.46
N PRO C 710 -11.05 41.89 -23.35
CA PRO C 710 -9.83 41.81 -24.16
C PRO C 710 -8.58 41.94 -23.31
N SER C 711 -7.42 41.71 -23.92
CA SER C 711 -6.11 41.76 -23.27
C SER C 711 -5.90 40.61 -22.30
N THR C 712 -6.79 39.61 -22.29
CA THR C 712 -6.63 38.46 -21.41
C THR C 712 -6.79 37.17 -22.22
N VAL C 713 -7.57 37.23 -23.29
CA VAL C 713 -7.79 36.06 -24.14
C VAL C 713 -6.52 35.79 -24.95
N ARG C 714 -5.80 34.74 -24.57
CA ARG C 714 -4.54 34.38 -25.21
C ARG C 714 -4.51 32.88 -25.46
N ALA C 715 -3.67 32.49 -26.41
CA ALA C 715 -3.48 31.08 -26.73
C ALA C 715 -2.39 30.47 -25.85
N GLY C 716 -2.52 29.18 -25.59
CA GLY C 716 -1.57 28.47 -24.76
C GLY C 716 -0.52 27.73 -25.55
N GLY C 717 -0.47 27.98 -26.85
CA GLY C 717 0.49 27.33 -27.72
C GLY C 717 1.90 27.80 -27.46
N LEU C 718 2.82 27.33 -28.32
CA LEU C 718 4.23 27.67 -28.21
C LEU C 718 4.69 28.64 -29.29
N GLU C 719 3.77 29.21 -30.07
CA GLU C 719 4.10 30.22 -31.06
C GLU C 719 5.10 29.68 -32.10
N ASP C 720 4.59 28.76 -32.92
CA ASP C 720 5.32 28.10 -33.99
C ASP C 720 6.27 29.06 -34.72
N SER C 721 7.52 28.66 -34.83
CA SER C 721 8.62 29.52 -35.23
C SER C 721 9.26 29.03 -36.53
N PRO C 722 10.02 29.89 -37.21
CA PRO C 722 10.81 29.42 -38.35
C PRO C 722 12.05 28.66 -37.90
N GLN C 723 12.43 27.68 -38.69
CA GLN C 723 13.54 26.79 -38.42
C GLN C 723 14.38 26.62 -39.68
N LEU C 724 15.60 26.15 -39.48
CA LEU C 724 16.53 25.86 -40.57
C LEU C 724 16.48 24.37 -40.90
N LYS C 725 16.18 24.07 -42.15
CA LYS C 725 16.11 22.70 -42.65
C LYS C 725 17.32 22.41 -43.50
N ILE C 726 18.02 21.32 -43.18
CA ILE C 726 19.20 20.87 -43.90
C ILE C 726 18.85 19.59 -44.65
N ASP C 727 18.76 19.67 -45.96
CA ASP C 727 18.48 18.50 -46.81
C ASP C 727 19.81 18.00 -47.34
N ILE C 728 20.19 16.80 -46.91
CA ILE C 728 21.46 16.21 -47.32
C ILE C 728 21.26 15.46 -48.63
N ASN C 729 22.24 15.57 -49.53
CA ASN C 729 22.21 14.89 -50.81
C ASN C 729 23.23 13.75 -50.76
N ARG C 730 22.74 12.52 -50.59
CA ARG C 730 23.63 11.38 -50.48
C ARG C 730 24.37 11.12 -51.80
N ALA C 731 23.73 11.42 -52.93
CA ALA C 731 24.39 11.21 -54.22
C ALA C 731 25.59 12.13 -54.38
N ALA C 732 25.44 13.41 -54.01
CA ALA C 732 26.57 14.33 -54.10
C ALA C 732 27.68 13.95 -53.13
N ALA C 733 27.32 13.56 -51.90
CA ALA C 733 28.33 13.16 -50.93
C ALA C 733 29.06 11.91 -51.37
N ALA C 734 28.39 11.02 -52.10
CA ALA C 734 29.05 9.82 -52.61
C ALA C 734 29.93 10.14 -53.81
N ALA C 735 29.47 11.05 -54.67
CA ALA C 735 30.26 11.42 -55.85
C ALA C 735 31.47 12.27 -55.49
N GLN C 736 31.44 12.95 -54.34
CA GLN C 736 32.56 13.76 -53.89
C GLN C 736 33.43 13.07 -52.86
N GLY C 737 33.02 11.92 -52.34
CA GLY C 737 33.83 11.20 -51.37
C GLY C 737 33.59 11.57 -49.93
N VAL C 738 32.39 12.05 -49.59
CA VAL C 738 32.05 12.43 -48.23
C VAL C 738 31.12 11.37 -47.65
N SER C 739 31.55 10.73 -46.57
CA SER C 739 30.72 9.74 -45.91
C SER C 739 29.64 10.42 -45.08
N PHE C 740 28.54 9.68 -44.84
CA PHE C 740 27.42 10.23 -44.09
C PHE C 740 27.73 10.43 -42.61
N ALA C 741 28.79 9.80 -42.10
CA ALA C 741 29.15 10.00 -40.70
C ALA C 741 29.87 11.32 -40.48
N ASP C 742 30.61 11.81 -41.49
CA ASP C 742 31.31 13.08 -41.36
C ASP C 742 30.31 14.23 -41.19
N ILE C 743 29.23 14.21 -41.97
CA ILE C 743 28.21 15.25 -41.85
C ILE C 743 27.55 15.19 -40.48
N ARG C 744 27.32 13.99 -39.99
CA ARG C 744 26.68 13.84 -38.67
C ARG C 744 27.62 14.36 -37.57
N THR C 745 28.90 14.07 -37.63
CA THR C 745 29.84 14.60 -36.64
C THR C 745 29.94 16.11 -36.73
N ALA C 746 29.95 16.66 -37.94
CA ALA C 746 30.04 18.10 -38.10
C ALA C 746 28.81 18.80 -37.54
N LEU C 747 27.62 18.27 -37.84
CA LEU C 747 26.40 18.89 -37.34
C LEU C 747 26.27 18.73 -35.82
N ALA C 748 26.82 17.65 -35.26
CA ALA C 748 26.78 17.45 -33.81
C ALA C 748 27.83 18.26 -33.08
N SER C 749 28.93 18.62 -33.74
CA SER C 749 29.98 19.40 -33.10
C SER C 749 29.85 20.90 -33.35
N ALA C 750 29.04 21.32 -34.32
CA ALA C 750 28.91 22.74 -34.62
C ALA C 750 28.34 23.53 -33.45
N LEU C 751 27.07 23.28 -33.10
CA LEU C 751 26.37 24.09 -32.10
C LEU C 751 25.50 23.22 -31.20
N SER C 752 26.03 22.08 -30.74
CA SER C 752 25.24 21.14 -29.96
C SER C 752 25.61 21.07 -28.49
N SER C 753 26.77 21.60 -28.08
CA SER C 753 27.19 21.62 -26.68
C SER C 753 27.35 20.19 -26.13
N SER C 754 28.32 19.48 -26.68
CA SER C 754 28.58 18.12 -26.25
C SER C 754 29.08 18.08 -24.80
N TYR C 755 28.94 16.92 -24.18
CA TYR C 755 29.35 16.67 -22.81
C TYR C 755 30.39 15.56 -22.80
N VAL C 756 31.53 15.81 -22.17
CA VAL C 756 32.72 14.98 -22.34
C VAL C 756 32.98 14.10 -21.13
N SER C 757 33.25 14.70 -19.97
CA SER C 757 33.72 13.96 -18.81
C SER C 757 33.35 14.72 -17.54
N ASP C 758 33.97 14.32 -16.43
CA ASP C 758 33.77 14.95 -15.13
C ASP C 758 35.12 15.37 -14.56
N PHE C 759 35.07 16.17 -13.49
CA PHE C 759 36.26 16.65 -12.83
C PHE C 759 35.93 17.03 -11.40
N PRO C 760 36.85 16.87 -10.46
CA PRO C 760 36.57 17.22 -9.06
C PRO C 760 36.70 18.72 -8.85
N ASN C 761 35.68 19.30 -8.20
CA ASN C 761 35.66 20.73 -7.93
C ASN C 761 35.19 20.94 -6.50
N GLN C 762 36.13 21.19 -5.58
CA GLN C 762 35.82 21.44 -4.18
C GLN C 762 35.14 20.23 -3.54
N GLY C 763 35.58 19.04 -3.91
CA GLY C 763 35.03 17.82 -3.36
C GLY C 763 33.78 17.32 -4.02
N ARG C 764 33.53 17.70 -5.26
CA ARG C 764 32.36 17.24 -6.00
C ARG C 764 32.74 17.03 -7.46
N LEU C 765 32.21 15.96 -8.05
CA LEU C 765 32.44 15.67 -9.46
C LEU C 765 31.45 16.46 -10.30
N GLN C 766 31.92 17.50 -10.97
CA GLN C 766 31.09 18.33 -11.84
C GLN C 766 31.45 18.09 -13.30
N ARG C 767 30.52 18.42 -14.18
CA ARG C 767 30.63 18.07 -15.58
C ARG C 767 31.58 19.00 -16.33
N VAL C 768 32.12 18.50 -17.43
CA VAL C 768 32.98 19.25 -18.33
C VAL C 768 32.37 19.21 -19.71
N MET C 769 31.98 20.38 -20.22
CA MET C 769 31.29 20.48 -21.49
C MET C 769 32.14 21.26 -22.49
N VAL C 770 32.09 20.82 -23.74
CA VAL C 770 32.83 21.43 -24.84
C VAL C 770 31.81 21.95 -25.85
N GLN C 771 32.02 23.17 -26.32
CA GLN C 771 31.10 23.77 -27.28
C GLN C 771 31.83 24.85 -28.06
N ALA C 772 31.30 25.16 -29.24
CA ALA C 772 31.86 26.24 -30.03
C ALA C 772 31.62 27.58 -29.32
N ASP C 773 32.47 28.55 -29.65
CA ASP C 773 32.35 29.87 -29.04
C ASP C 773 31.05 30.54 -29.51
N GLY C 774 30.66 31.61 -28.81
CA GLY C 774 29.40 32.26 -29.10
C GLY C 774 29.37 32.87 -30.50
N ASP C 775 30.48 33.46 -30.93
CA ASP C 775 30.52 34.14 -32.22
C ASP C 775 30.63 33.18 -33.40
N ALA C 776 30.55 31.87 -33.17
CA ALA C 776 30.63 30.89 -34.25
C ALA C 776 29.33 30.13 -34.45
N ARG C 777 28.30 30.39 -33.64
CA ARG C 777 27.03 29.70 -33.74
C ARG C 777 25.87 30.69 -33.59
N MET C 778 25.97 31.83 -34.25
CA MET C 778 24.95 32.87 -34.16
C MET C 778 24.13 33.03 -35.43
N GLN C 779 24.71 32.83 -36.60
CA GLN C 779 24.02 33.03 -37.86
C GLN C 779 24.00 31.76 -38.68
N PRO C 780 23.10 31.65 -39.67
CA PRO C 780 23.08 30.46 -40.53
C PRO C 780 24.30 30.35 -41.43
N ALA C 781 25.09 31.42 -41.59
CA ALA C 781 26.32 31.32 -42.36
C ALA C 781 27.31 30.37 -41.72
N ASP C 782 27.25 30.21 -40.40
CA ASP C 782 28.12 29.25 -39.74
C ASP C 782 27.79 27.82 -40.17
N ILE C 783 26.51 27.53 -40.43
CA ILE C 783 26.12 26.23 -40.94
C ILE C 783 26.43 26.12 -42.43
N LEU C 784 26.24 27.22 -43.17
CA LEU C 784 26.50 27.21 -44.60
C LEU C 784 27.98 27.02 -44.90
N ASN C 785 28.85 27.67 -44.13
CA ASN C 785 30.29 27.58 -44.34
C ASN C 785 30.92 26.35 -43.69
N LEU C 786 30.12 25.47 -43.10
CA LEU C 786 30.65 24.27 -42.48
C LEU C 786 31.13 23.29 -43.54
N THR C 787 32.28 22.67 -43.31
CA THR C 787 32.90 21.76 -44.26
C THR C 787 33.27 20.45 -43.57
N VAL C 788 33.53 19.43 -44.38
CA VAL C 788 33.89 18.10 -43.89
C VAL C 788 35.26 17.72 -44.47
N PRO C 789 35.93 16.70 -43.91
CA PRO C 789 37.31 16.41 -44.35
C PRO C 789 37.40 15.84 -45.76
N ASN C 790 36.36 15.15 -46.24
CA ASN C 790 36.37 14.50 -47.55
C ASN C 790 37.40 13.37 -47.63
N SER C 791 37.80 12.83 -46.48
CA SER C 791 38.73 11.68 -46.40
C SER C 791 40.15 12.03 -46.80
N SER C 792 40.39 13.29 -47.20
CA SER C 792 41.73 13.73 -47.54
C SER C 792 42.06 15.14 -47.06
N GLY C 793 41.15 15.80 -46.35
CA GLY C 793 41.37 17.15 -45.86
C GLY C 793 40.76 18.24 -46.71
N ILE C 794 40.22 17.91 -47.88
CA ILE C 794 39.63 18.93 -48.75
C ILE C 794 38.41 19.53 -48.07
N ALA C 795 38.18 20.81 -48.32
CA ALA C 795 37.12 21.56 -47.65
C ALA C 795 35.74 20.96 -47.91
N VAL C 796 35.29 21.01 -49.16
CA VAL C 796 33.96 20.51 -49.54
C VAL C 796 32.89 21.15 -48.68
N PRO C 797 32.54 22.42 -48.92
CA PRO C 797 31.54 23.09 -48.08
C PRO C 797 30.20 22.36 -48.10
N LEU C 798 29.43 22.57 -47.03
CA LEU C 798 28.15 21.89 -46.89
C LEU C 798 27.15 22.30 -47.95
N SER C 799 27.33 23.49 -48.56
CA SER C 799 26.44 23.94 -49.62
C SER C 799 26.59 23.14 -50.91
N SER C 800 27.64 22.35 -51.04
CA SER C 800 27.85 21.55 -52.24
C SER C 800 27.23 20.17 -52.13
N ILE C 801 27.17 19.61 -50.91
CA ILE C 801 26.59 18.29 -50.70
C ILE C 801 25.25 18.37 -49.96
N ALA C 802 24.79 19.55 -49.61
CA ALA C 802 23.55 19.71 -48.88
C ALA C 802 22.96 21.08 -49.15
N THR C 803 21.68 21.22 -48.84
CA THR C 803 20.95 22.47 -49.03
C THR C 803 20.40 22.95 -47.68
N VAL C 804 20.56 24.24 -47.41
CA VAL C 804 20.08 24.84 -46.17
C VAL C 804 19.00 25.84 -46.54
N SER C 805 17.80 25.64 -45.98
CA SER C 805 16.65 26.49 -46.29
C SER C 805 15.92 26.87 -45.01
N TRP C 806 14.97 27.77 -45.14
CA TRP C 806 14.13 28.20 -44.02
C TRP C 806 12.73 27.63 -44.19
N GLN C 807 12.12 27.24 -43.08
CA GLN C 807 10.75 26.74 -43.10
C GLN C 807 10.07 27.14 -41.80
N MET C 808 8.80 26.77 -41.68
CA MET C 808 8.03 27.02 -40.47
C MET C 808 7.74 25.71 -39.77
N GLY C 809 8.21 25.58 -38.53
CA GLY C 809 8.11 24.33 -37.80
C GLY C 809 7.27 24.48 -36.55
N THR C 810 6.55 23.42 -36.20
CA THR C 810 5.75 23.40 -34.98
C THR C 810 6.66 23.29 -33.77
N GLU C 811 6.43 24.16 -32.79
CA GLU C 811 7.26 24.18 -31.59
C GLU C 811 6.70 23.32 -30.47
N GLN C 812 5.41 22.99 -30.51
CA GLN C 812 4.80 22.18 -29.46
C GLN C 812 3.64 21.39 -30.04
N SER C 813 3.48 20.16 -29.55
CA SER C 813 2.39 19.28 -29.95
C SER C 813 1.71 18.76 -28.70
N VAL C 814 0.40 19.01 -28.60
CA VAL C 814 -0.37 18.68 -27.41
C VAL C 814 -1.53 17.76 -27.81
N ARG C 815 -1.84 16.81 -26.92
CA ARG C 815 -2.95 15.89 -27.10
C ARG C 815 -3.68 15.73 -25.78
N PHE C 816 -5.01 15.75 -25.83
CA PHE C 816 -5.84 15.63 -24.63
C PHE C 816 -6.79 14.46 -24.83
N ASN C 817 -6.61 13.40 -24.03
CA ASN C 817 -7.45 12.21 -24.10
C ASN C 817 -7.33 11.53 -25.47
N GLY C 818 -6.09 11.39 -25.94
CA GLY C 818 -5.82 10.71 -27.19
C GLY C 818 -6.07 11.50 -28.44
N TYR C 819 -6.74 12.66 -28.35
CA TYR C 819 -7.01 13.46 -29.52
C TYR C 819 -6.12 14.71 -29.55
N PRO C 820 -5.69 15.14 -30.74
CA PRO C 820 -4.90 16.38 -30.81
C PRO C 820 -5.73 17.57 -30.35
N ALA C 821 -5.18 18.31 -29.39
CA ALA C 821 -5.89 19.42 -28.77
C ALA C 821 -5.02 20.65 -28.74
N MET C 822 -5.66 21.81 -28.87
CA MET C 822 -5.01 23.11 -28.76
C MET C 822 -5.65 23.86 -27.60
N GLU C 823 -4.81 24.43 -26.74
CA GLU C 823 -5.27 25.08 -25.50
C GLU C 823 -5.30 26.60 -25.63
N LEU C 824 -6.23 27.21 -24.94
CA LEU C 824 -6.32 28.66 -24.83
C LEU C 824 -6.95 29.01 -23.49
N SER C 825 -6.85 30.28 -23.11
CA SER C 825 -7.36 30.73 -21.83
C SER C 825 -8.04 32.09 -22.01
N GLY C 826 -8.84 32.45 -21.00
CA GLY C 826 -9.52 33.72 -21.03
C GLY C 826 -10.27 34.04 -19.75
N SER C 827 -10.14 35.29 -19.28
CA SER C 827 -10.83 35.70 -18.06
C SER C 827 -12.11 36.45 -18.40
N PRO C 828 -13.16 36.29 -17.60
CA PRO C 828 -14.42 36.99 -17.88
C PRO C 828 -14.31 38.48 -17.68
N ALA C 829 -15.41 39.20 -17.92
CA ALA C 829 -15.41 40.66 -17.82
C ALA C 829 -15.52 41.06 -16.35
N THR C 830 -15.73 42.36 -16.11
CA THR C 830 -15.78 42.87 -14.75
C THR C 830 -17.06 42.50 -14.02
N GLY C 831 -18.16 42.26 -14.74
CA GLY C 831 -19.41 41.92 -14.12
C GLY C 831 -19.99 40.61 -14.62
N VAL C 832 -19.19 39.83 -15.33
CA VAL C 832 -19.60 38.56 -15.91
C VAL C 832 -19.10 37.43 -15.02
N SER C 833 -19.98 36.47 -14.76
CA SER C 833 -19.62 35.33 -13.94
C SER C 833 -18.84 34.30 -14.77
N THR C 834 -18.46 33.20 -14.12
CA THR C 834 -17.73 32.15 -14.84
C THR C 834 -18.67 31.20 -15.58
N GLY C 835 -19.85 30.94 -15.02
CA GLY C 835 -20.81 30.08 -15.72
C GLY C 835 -21.29 30.68 -17.03
N GLN C 836 -21.48 32.00 -17.05
CA GLN C 836 -21.90 32.67 -18.28
C GLN C 836 -20.84 32.55 -19.35
N ALA C 837 -19.57 32.78 -18.98
CA ALA C 837 -18.48 32.65 -19.95
C ALA C 837 -18.34 31.21 -20.43
N MET C 838 -18.54 30.24 -19.53
CA MET C 838 -18.46 28.83 -19.92
C MET C 838 -19.57 28.48 -20.91
N GLU C 839 -20.78 28.96 -20.65
CA GLU C 839 -21.89 28.73 -21.58
C GLU C 839 -21.63 29.39 -22.93
N ALA C 840 -21.08 30.60 -22.92
CA ALA C 840 -20.76 31.28 -24.17
C ALA C 840 -19.71 30.50 -24.96
N VAL C 841 -18.67 30.02 -24.28
CA VAL C 841 -17.62 29.26 -24.96
C VAL C 841 -18.19 27.95 -25.51
N GLN C 842 -19.09 27.31 -24.76
CA GLN C 842 -19.70 26.08 -25.26
C GLN C 842 -20.54 26.35 -26.49
N LYS C 843 -21.32 27.44 -26.49
CA LYS C 843 -22.11 27.78 -27.66
C LYS C 843 -21.22 28.11 -28.86
N MET C 844 -20.11 28.79 -28.62
CA MET C 844 -19.18 29.11 -29.71
C MET C 844 -18.57 27.83 -30.29
N VAL C 845 -18.17 26.90 -29.42
CA VAL C 845 -17.59 25.66 -29.91
C VAL C 845 -18.62 24.83 -30.66
N ASP C 846 -19.87 24.87 -30.22
CA ASP C 846 -20.94 24.19 -30.96
C ASP C 846 -21.16 24.84 -32.32
N GLU C 847 -21.06 26.17 -32.39
CA GLU C 847 -21.21 26.86 -33.66
C GLU C 847 -20.02 26.60 -34.58
N LEU C 848 -18.86 26.25 -34.02
CA LEU C 848 -17.70 25.92 -34.84
C LEU C 848 -17.98 24.71 -35.72
N GLY C 849 -18.81 23.78 -35.26
CA GLY C 849 -19.15 22.61 -36.04
C GLY C 849 -18.96 21.31 -35.27
N SER C 850 -18.90 20.19 -35.99
CA SER C 850 -18.70 18.89 -35.39
C SER C 850 -17.25 18.45 -35.58
N GLY C 851 -16.82 17.52 -34.73
CA GLY C 851 -15.45 17.06 -34.71
C GLY C 851 -14.55 17.83 -33.76
N TYR C 852 -14.83 19.11 -33.56
CA TYR C 852 -14.07 19.94 -32.62
C TYR C 852 -14.84 20.00 -31.31
N SER C 853 -14.54 19.07 -30.40
CA SER C 853 -15.21 19.02 -29.11
C SER C 853 -14.60 20.09 -28.19
N LEU C 854 -15.03 20.09 -26.93
CA LEU C 854 -14.54 21.04 -25.95
C LEU C 854 -14.27 20.32 -24.64
N GLU C 855 -13.12 20.61 -24.03
CA GLU C 855 -12.76 20.08 -22.73
C GLU C 855 -12.36 21.24 -21.82
N TRP C 856 -12.46 21.01 -20.52
CA TRP C 856 -12.13 22.03 -19.52
C TRP C 856 -10.85 21.64 -18.78
N GLY C 857 -10.25 22.64 -18.15
CA GLY C 857 -9.04 22.41 -17.40
C GLY C 857 -8.98 23.22 -16.12
N GLY C 858 -8.43 22.63 -15.06
CA GLY C 858 -8.32 23.33 -13.78
C GLY C 858 -9.61 23.22 -12.99
N GLN C 859 -10.08 24.35 -12.46
CA GLN C 859 -11.31 24.36 -11.68
C GLN C 859 -12.55 24.33 -12.56
N SER C 860 -12.44 24.71 -13.83
CA SER C 860 -13.61 24.78 -14.71
C SER C 860 -14.32 23.44 -14.80
N ARG C 861 -13.54 22.35 -14.95
CA ARG C 861 -14.12 21.01 -14.91
C ARG C 861 -14.94 20.80 -13.65
N GLU C 862 -14.37 21.15 -12.49
CA GLU C 862 -15.10 21.05 -11.24
C GLU C 862 -16.38 21.87 -11.30
N GLU C 863 -16.32 23.06 -11.91
CA GLU C 863 -17.52 23.88 -12.06
C GLU C 863 -18.57 23.15 -12.88
N ALA C 864 -18.14 22.45 -13.93
CA ALA C 864 -19.09 21.63 -14.69
C ALA C 864 -19.68 20.55 -13.80
N LYS C 865 -18.85 19.95 -12.93
CA LYS C 865 -19.36 18.94 -12.01
C LYS C 865 -20.34 19.54 -11.01
N GLY C 866 -20.30 20.85 -10.81
CA GLY C 866 -21.25 21.51 -9.95
C GLY C 866 -22.53 21.91 -10.66
N GLY C 867 -22.73 21.36 -11.86
CA GLY C 867 -23.91 21.68 -12.63
C GLY C 867 -25.07 20.74 -12.38
N SER C 868 -24.77 19.48 -12.11
CA SER C 868 -25.79 18.46 -11.90
C SER C 868 -25.80 17.89 -10.49
N GLN C 869 -24.91 18.35 -9.62
CA GLN C 869 -24.85 17.84 -8.25
C GLN C 869 -25.74 18.61 -7.29
N THR C 870 -26.07 19.87 -7.60
CA THR C 870 -26.86 20.67 -6.66
C THR C 870 -28.28 20.16 -6.55
N ILE C 871 -28.90 19.85 -7.70
CA ILE C 871 -30.27 19.33 -7.67
C ILE C 871 -30.32 17.97 -6.99
N ALA C 872 -29.32 17.13 -7.25
CA ALA C 872 -29.26 15.82 -6.59
C ALA C 872 -29.11 15.98 -5.08
N LEU C 873 -28.26 16.91 -4.66
CA LEU C 873 -28.06 17.13 -3.22
C LEU C 873 -29.34 17.64 -2.56
N TYR C 874 -30.04 18.58 -3.22
CA TYR C 874 -31.28 19.10 -2.66
C TYR C 874 -32.34 18.01 -2.56
N ALA C 875 -32.48 17.20 -3.61
CA ALA C 875 -33.44 16.11 -3.58
C ALA C 875 -33.10 15.09 -2.50
N LEU C 876 -31.82 14.77 -2.35
CA LEU C 876 -31.40 13.83 -1.31
C LEU C 876 -31.70 14.37 0.08
N ALA C 877 -31.43 15.65 0.32
CA ALA C 877 -31.73 16.24 1.61
C ALA C 877 -33.23 16.23 1.89
N ALA C 878 -34.04 16.57 0.88
CA ALA C 878 -35.48 16.57 1.06
C ALA C 878 -36.01 15.18 1.38
N VAL C 879 -35.57 14.17 0.61
CA VAL C 879 -36.05 12.81 0.85
C VAL C 879 -35.56 12.29 2.19
N ALA C 880 -34.35 12.69 2.61
CA ALA C 880 -33.85 12.26 3.91
C ALA C 880 -34.68 12.84 5.04
N VAL C 881 -35.00 14.14 4.95
CA VAL C 881 -35.85 14.77 5.95
C VAL C 881 -37.22 14.09 5.98
N PHE C 882 -37.78 13.81 4.80
CA PHE C 882 -39.09 13.16 4.71
C PHE C 882 -39.05 11.80 5.39
N LEU C 883 -38.06 10.97 5.07
CA LEU C 883 -37.99 9.64 5.64
C LEU C 883 -37.75 9.68 7.14
N VAL C 884 -36.88 10.59 7.59
CA VAL C 884 -36.60 10.68 9.03
C VAL C 884 -37.84 11.11 9.79
N LEU C 885 -38.58 12.08 9.26
CA LEU C 885 -39.81 12.52 9.94
C LEU C 885 -40.86 11.42 9.95
N ALA C 886 -41.02 10.72 8.82
CA ALA C 886 -42.00 9.63 8.76
C ALA C 886 -41.64 8.49 9.69
N ALA C 887 -40.35 8.23 9.89
CA ALA C 887 -39.93 7.16 10.79
C ALA C 887 -40.01 7.58 12.25
N LEU C 888 -39.81 8.87 12.54
CA LEU C 888 -39.82 9.33 13.93
C LEU C 888 -41.23 9.54 14.44
N TYR C 889 -42.07 10.24 13.66
CA TYR C 889 -43.42 10.56 14.11
C TYR C 889 -44.46 9.55 13.66
N GLU C 890 -44.09 8.57 12.84
CA GLU C 890 -44.99 7.50 12.43
C GLU C 890 -46.21 8.06 11.69
N SER C 891 -45.92 8.74 10.58
CA SER C 891 -46.97 9.39 9.79
C SER C 891 -46.43 9.73 8.42
N TRP C 892 -47.31 9.67 7.41
CA TRP C 892 -46.99 10.10 6.06
C TRP C 892 -47.46 11.52 5.78
N SER C 893 -48.12 12.17 6.74
CA SER C 893 -48.66 13.51 6.56
C SER C 893 -47.82 14.59 7.22
N ILE C 894 -47.17 14.29 8.34
CA ILE C 894 -46.30 15.27 8.98
C ILE C 894 -45.14 15.67 8.08
N PRO C 895 -44.36 14.76 7.51
CA PRO C 895 -43.29 15.18 6.59
C PRO C 895 -43.79 15.90 5.37
N LEU C 896 -45.01 15.61 4.90
CA LEU C 896 -45.56 16.37 3.78
C LEU C 896 -45.77 17.82 4.15
N ALA C 897 -46.25 18.09 5.37
CA ALA C 897 -46.42 19.46 5.83
C ALA C 897 -45.10 20.11 6.21
N VAL C 898 -44.07 19.32 6.52
CA VAL C 898 -42.77 19.89 6.86
C VAL C 898 -41.96 20.23 5.60
N LEU C 899 -42.14 19.49 4.52
CA LEU C 899 -41.39 19.76 3.29
C LEU C 899 -41.89 21.00 2.56
N LEU C 900 -43.03 21.56 2.95
CA LEU C 900 -43.60 22.71 2.26
C LEU C 900 -42.93 24.03 2.64
N VAL C 901 -41.97 24.01 3.57
CA VAL C 901 -41.29 25.24 3.96
C VAL C 901 -39.98 25.45 3.20
N MET C 902 -39.48 24.43 2.51
CA MET C 902 -38.26 24.59 1.72
C MET C 902 -38.39 25.64 0.63
N PRO C 903 -39.47 25.68 -0.17
CA PRO C 903 -39.59 26.77 -1.15
C PRO C 903 -39.59 28.15 -0.54
N LEU C 904 -40.10 28.31 0.69
CA LEU C 904 -40.06 29.60 1.35
C LEU C 904 -38.62 30.04 1.60
N GLY C 905 -37.79 29.15 2.14
CA GLY C 905 -36.40 29.48 2.37
C GLY C 905 -35.64 29.72 1.07
N LEU C 906 -35.96 28.94 0.03
CA LEU C 906 -35.31 29.14 -1.26
C LEU C 906 -35.64 30.50 -1.82
N ALA C 907 -36.92 30.88 -1.79
CA ALA C 907 -37.33 32.20 -2.27
C ALA C 907 -36.68 33.31 -1.45
N GLY C 908 -36.60 33.12 -0.14
CA GLY C 908 -35.96 34.12 0.70
C GLY C 908 -34.50 34.32 0.36
N ALA C 909 -33.77 33.21 0.18
CA ALA C 909 -32.35 33.30 -0.15
C ALA C 909 -32.14 33.94 -1.51
N ALA C 910 -32.93 33.53 -2.51
CA ALA C 910 -32.78 34.10 -3.84
C ALA C 910 -33.11 35.59 -3.85
N ALA C 911 -34.19 35.98 -3.15
CA ALA C 911 -34.55 37.39 -3.07
C ALA C 911 -33.47 38.19 -2.36
N GLY C 912 -32.88 37.63 -1.30
CA GLY C 912 -31.81 38.34 -0.62
C GLY C 912 -30.58 38.53 -1.49
N VAL C 913 -30.21 37.50 -2.24
CA VAL C 913 -29.05 37.62 -3.13
C VAL C 913 -29.32 38.66 -4.21
N THR C 914 -30.51 38.61 -4.81
CA THR C 914 -30.85 39.57 -5.86
C THR C 914 -30.91 41.00 -5.31
N GLY C 915 -31.45 41.16 -4.11
CA GLY C 915 -31.52 42.48 -3.52
C GLY C 915 -30.17 43.05 -3.17
N ARG C 916 -29.27 42.22 -2.65
CA ARG C 916 -27.92 42.69 -2.37
C ARG C 916 -27.18 43.03 -3.66
N ASN C 917 -27.39 42.25 -4.72
CA ASN C 917 -26.79 42.60 -6.01
C ASN C 917 -27.30 43.94 -6.51
N LEU C 918 -28.62 44.17 -6.41
CA LEU C 918 -29.18 45.44 -6.85
C LEU C 918 -28.67 46.59 -6.01
N PHE C 919 -28.51 46.37 -4.71
CA PHE C 919 -27.99 47.43 -3.84
C PHE C 919 -26.55 47.77 -4.19
N GLU C 920 -25.72 46.75 -4.39
CA GLU C 920 -24.33 46.99 -4.79
C GLU C 920 -24.26 47.69 -6.14
N GLY C 921 -25.18 47.37 -7.06
CA GLY C 921 -25.20 48.03 -8.35
C GLY C 921 -25.64 49.49 -8.26
N LEU C 922 -26.64 49.77 -7.41
CA LEU C 922 -27.14 51.14 -7.32
C LEU C 922 -26.16 52.04 -6.57
N LEU C 923 -25.54 51.53 -5.51
CA LEU C 923 -24.55 52.33 -4.80
C LEU C 923 -23.25 52.46 -5.60
N GLY C 924 -23.08 51.62 -6.60
CA GLY C 924 -21.90 51.64 -7.45
C GLY C 924 -20.92 50.54 -7.11
N SER C 925 -20.98 49.44 -7.86
CA SER C 925 -20.12 48.29 -7.64
C SER C 925 -20.43 47.21 -8.67
N VAL C 926 -19.65 46.14 -8.67
CA VAL C 926 -19.89 45.00 -9.55
C VAL C 926 -20.59 43.90 -8.76
N PRO C 927 -21.64 43.28 -9.29
CA PRO C 927 -22.30 42.18 -8.57
C PRO C 927 -21.35 41.01 -8.39
N SER C 928 -21.08 40.66 -7.13
CA SER C 928 -20.14 39.61 -6.78
C SER C 928 -20.82 38.42 -6.12
N PHE C 929 -22.14 38.41 -6.03
CA PHE C 929 -22.89 37.34 -5.40
C PHE C 929 -23.53 36.47 -6.49
N ALA C 930 -23.20 35.19 -6.49
CA ALA C 930 -23.68 34.25 -7.48
C ALA C 930 -24.08 32.95 -6.80
N ASN C 931 -24.35 31.93 -7.61
CA ASN C 931 -24.75 30.62 -7.11
C ASN C 931 -23.50 29.73 -7.03
N ASP C 932 -22.70 29.97 -6.00
CA ASP C 932 -21.46 29.25 -5.77
C ASP C 932 -21.67 28.21 -4.69
N ILE C 933 -20.57 27.59 -4.24
CA ILE C 933 -20.63 26.55 -3.21
C ILE C 933 -21.20 27.12 -1.92
N TYR C 934 -20.84 28.37 -1.60
CA TYR C 934 -21.35 29.00 -0.39
C TYR C 934 -22.86 29.15 -0.43
N PHE C 935 -23.41 29.45 -1.61
CA PHE C 935 -24.86 29.55 -1.74
C PHE C 935 -25.53 28.21 -1.47
N GLN C 936 -24.95 27.12 -1.98
CA GLN C 936 -25.54 25.80 -1.76
C GLN C 936 -25.46 25.40 -0.28
N VAL C 937 -24.32 25.68 0.37
CA VAL C 937 -24.20 25.38 1.79
C VAL C 937 -25.21 26.19 2.60
N GLY C 938 -25.33 27.48 2.30
CA GLY C 938 -26.30 28.30 2.98
C GLY C 938 -27.73 27.86 2.76
N PHE C 939 -28.03 27.38 1.54
CA PHE C 939 -29.37 26.91 1.26
C PHE C 939 -29.67 25.62 2.01
N VAL C 940 -28.69 24.72 2.12
CA VAL C 940 -28.89 23.52 2.91
C VAL C 940 -29.13 23.87 4.39
N THR C 941 -28.36 24.82 4.91
CA THR C 941 -28.57 25.26 6.28
C THR C 941 -29.94 25.89 6.47
N VAL C 942 -30.38 26.69 5.49
CA VAL C 942 -31.70 27.32 5.58
C VAL C 942 -32.80 26.28 5.51
N MET C 943 -32.61 25.24 4.70
CA MET C 943 -33.59 24.16 4.64
C MET C 943 -33.69 23.46 5.99
N GLY C 944 -32.55 23.15 6.60
CA GLY C 944 -32.57 22.52 7.92
C GLY C 944 -33.24 23.40 8.97
N LEU C 945 -32.95 24.70 8.95
CA LEU C 945 -33.54 25.60 9.94
C LEU C 945 -35.04 25.78 9.72
N SER C 946 -35.47 25.83 8.45
CA SER C 946 -36.90 25.91 8.18
C SER C 946 -37.61 24.65 8.63
N ALA C 947 -36.98 23.48 8.42
CA ALA C 947 -37.57 22.24 8.88
C ALA C 947 -37.70 22.22 10.40
N LYS C 948 -36.65 22.67 11.07
CA LYS C 948 -36.64 22.71 12.56
C LYS C 948 -37.74 23.67 13.04
N ASN C 949 -37.93 24.79 12.35
CA ASN C 949 -38.94 25.76 12.76
C ASN C 949 -40.35 25.23 12.54
N ALA C 950 -40.57 24.52 11.42
CA ALA C 950 -41.89 23.97 11.15
C ALA C 950 -42.23 22.82 12.08
N ILE C 951 -41.24 22.00 12.45
CA ILE C 951 -41.52 20.83 13.28
C ILE C 951 -41.97 21.25 14.67
N LEU C 952 -41.45 22.39 15.16
CA LEU C 952 -41.82 22.86 16.49
C LEU C 952 -43.31 23.14 16.60
N ILE C 953 -43.94 23.58 15.53
CA ILE C 953 -45.38 23.80 15.53
C ILE C 953 -46.13 22.53 15.15
N ILE C 954 -45.58 21.75 14.22
CA ILE C 954 -46.31 20.59 13.70
C ILE C 954 -46.45 19.51 14.77
N GLU C 955 -45.38 19.25 15.52
CA GLU C 955 -45.45 18.22 16.56
C GLU C 955 -46.42 18.62 17.67
N PHE C 956 -46.43 19.88 18.06
CA PHE C 956 -47.37 20.33 19.10
C PHE C 956 -48.81 20.28 18.58
N ALA C 957 -49.03 20.65 17.32
CA ALA C 957 -50.37 20.55 16.75
C ALA C 957 -50.84 19.10 16.69
N LYS C 958 -49.94 18.18 16.34
CA LYS C 958 -50.29 16.77 16.30
C LYS C 958 -50.63 16.25 17.70
N ASP C 959 -49.83 16.65 18.70
CA ASP C 959 -50.10 16.21 20.07
C ASP C 959 -51.43 16.78 20.57
N LEU C 960 -51.76 18.01 20.18
CA LEU C 960 -53.01 18.62 20.65
C LEU C 960 -54.22 17.98 19.96
N GLN C 961 -54.14 17.78 18.65
CA GLN C 961 -55.26 17.19 17.92
C GLN C 961 -55.50 15.74 18.31
N ALA C 962 -54.50 15.06 18.87
CA ALA C 962 -54.65 13.66 19.25
C ALA C 962 -55.55 13.47 20.47
N GLN C 963 -55.93 14.54 21.16
CA GLN C 963 -56.77 14.46 22.35
C GLN C 963 -57.93 15.45 22.19
N GLY C 964 -58.99 15.02 21.49
CA GLY C 964 -60.21 15.79 21.35
C GLY C 964 -60.04 17.22 20.88
N LYS C 965 -59.31 17.41 19.78
CA LYS C 965 -59.10 18.75 19.23
C LYS C 965 -59.21 18.70 17.72
N SER C 966 -59.61 19.82 17.13
CA SER C 966 -59.74 19.94 15.68
C SER C 966 -58.38 20.32 15.09
N ALA C 967 -58.37 20.67 13.80
CA ALA C 967 -57.13 21.04 13.15
C ALA C 967 -56.76 22.50 13.41
N VAL C 968 -57.71 23.41 13.18
CA VAL C 968 -57.43 24.82 13.38
C VAL C 968 -57.26 25.14 14.86
N GLU C 969 -58.05 24.49 15.71
CA GLU C 969 -57.93 24.73 17.15
C GLU C 969 -56.58 24.27 17.69
N ALA C 970 -56.03 23.20 17.13
CA ALA C 970 -54.71 22.75 17.55
C ALA C 970 -53.60 23.59 16.94
N ALA C 971 -53.79 24.04 15.68
CA ALA C 971 -52.79 24.88 15.04
C ALA C 971 -52.65 26.22 15.76
N LEU C 972 -53.78 26.82 16.17
CA LEU C 972 -53.72 28.08 16.90
C LEU C 972 -52.99 27.92 18.22
N GLU C 973 -53.27 26.83 18.95
CA GLU C 973 -52.59 26.60 20.22
C GLU C 973 -51.10 26.38 20.01
N ALA C 974 -50.73 25.60 18.99
CA ALA C 974 -49.31 25.37 18.71
C ALA C 974 -48.61 26.67 18.35
N ALA C 975 -49.25 27.52 17.54
CA ALA C 975 -48.66 28.80 17.20
C ALA C 975 -48.49 29.68 18.43
N ARG C 976 -49.51 29.73 19.29
CA ARG C 976 -49.41 30.52 20.51
C ARG C 976 -48.28 30.04 21.40
N LEU C 977 -48.10 28.72 21.51
CA LEU C 977 -47.09 28.18 22.40
C LEU C 977 -45.69 28.21 21.80
N ARG C 978 -45.56 28.28 20.49
CA ARG C 978 -44.24 28.22 19.84
C ARG C 978 -43.81 29.52 19.18
N PHE C 979 -44.60 30.59 19.26
CA PHE C 979 -44.18 31.85 18.66
C PHE C 979 -42.92 32.39 19.33
N ARG C 980 -42.80 32.23 20.65
CA ARG C 980 -41.65 32.79 21.35
C ARG C 980 -40.37 32.01 21.08
N PRO C 981 -40.31 30.69 21.30
CA PRO C 981 -39.05 29.99 21.06
C PRO C 981 -38.63 29.99 19.60
N ILE C 982 -39.57 29.95 18.67
CA ILE C 982 -39.23 30.01 17.26
C ILE C 982 -38.55 31.33 16.93
N ILE C 983 -39.16 32.44 17.38
CA ILE C 983 -38.59 33.75 17.12
C ILE C 983 -37.21 33.88 17.78
N MET C 984 -37.08 33.36 19.00
CA MET C 984 -35.80 33.43 19.71
C MET C 984 -34.72 32.68 18.94
N THR C 985 -34.98 31.41 18.59
CA THR C 985 -33.99 30.60 17.90
C THR C 985 -33.70 31.11 16.49
N SER C 986 -34.65 31.81 15.87
CA SER C 986 -34.38 32.37 14.54
C SER C 986 -33.53 33.63 14.63
N PHE C 987 -33.90 34.55 15.52
CA PHE C 987 -33.14 35.79 15.64
C PHE C 987 -31.76 35.56 16.22
N ALA C 988 -31.58 34.50 17.01
CA ALA C 988 -30.25 34.16 17.49
C ALA C 988 -29.33 33.84 16.31
N PHE C 989 -29.77 32.95 15.41
CA PHE C 989 -28.97 32.63 14.23
C PHE C 989 -28.81 33.86 13.34
N ILE C 990 -29.84 34.71 13.25
CA ILE C 990 -29.74 35.90 12.42
C ILE C 990 -28.65 36.83 12.93
N LEU C 991 -28.66 37.14 14.23
CA LEU C 991 -27.63 37.99 14.81
C LEU C 991 -26.26 37.31 14.80
N GLY C 992 -26.21 35.98 14.84
CA GLY C 992 -24.92 35.30 14.73
C GLY C 992 -24.32 35.39 13.35
N VAL C 993 -25.16 35.30 12.31
CA VAL C 993 -24.67 35.43 10.94
C VAL C 993 -24.53 36.89 10.50
N VAL C 994 -25.04 37.84 11.29
CA VAL C 994 -24.83 39.25 10.97
C VAL C 994 -23.35 39.61 10.83
N PRO C 995 -22.45 39.18 11.71
CA PRO C 995 -21.03 39.51 11.50
C PRO C 995 -20.46 39.00 10.18
N LEU C 996 -20.99 37.91 9.63
CA LEU C 996 -20.57 37.47 8.31
C LEU C 996 -21.19 38.29 7.20
N TYR C 997 -22.32 38.96 7.47
CA TYR C 997 -22.99 39.73 6.43
C TYR C 997 -22.25 41.04 6.13
N ILE C 998 -21.57 41.61 7.13
CA ILE C 998 -20.89 42.88 6.96
C ILE C 998 -19.39 42.68 7.13
N ALA C 999 -18.89 41.50 6.76
CA ALA C 999 -17.48 41.21 6.90
C ALA C 999 -16.64 42.12 6.00
N GLY C 1000 -15.43 42.42 6.45
CA GLY C 1000 -14.53 43.26 5.69
C GLY C 1000 -13.09 42.92 6.00
N GLY C 1001 -12.22 43.26 5.06
CA GLY C 1001 -10.80 42.99 5.21
C GLY C 1001 -10.33 41.82 4.37
N ALA C 1002 -9.51 40.96 4.97
CA ALA C 1002 -8.97 39.80 4.27
C ALA C 1002 -9.94 38.63 4.38
N SER C 1003 -10.14 37.93 3.26
CA SER C 1003 -11.03 36.78 3.19
C SER C 1003 -12.47 37.18 3.53
N SER C 1004 -12.87 38.37 3.07
CA SER C 1004 -14.22 38.86 3.32
C SER C 1004 -15.22 38.43 2.25
N ALA C 1005 -14.74 38.02 1.08
CA ALA C 1005 -15.64 37.64 0.00
C ALA C 1005 -16.46 36.42 0.37
N SER C 1006 -15.80 35.35 0.84
CA SER C 1006 -16.51 34.14 1.23
C SER C 1006 -17.43 34.39 2.42
N GLN C 1007 -16.96 35.19 3.39
CA GLN C 1007 -17.79 35.53 4.54
C GLN C 1007 -19.07 36.22 4.11
N ARG C 1008 -18.95 37.23 3.22
CA ARG C 1008 -20.14 37.93 2.75
C ARG C 1008 -21.04 37.01 1.94
N ALA C 1009 -20.45 36.16 1.10
CA ALA C 1009 -21.23 35.30 0.22
C ALA C 1009 -22.05 34.30 1.02
N ILE C 1010 -21.48 33.78 2.12
CA ILE C 1010 -22.26 32.86 2.95
C ILE C 1010 -23.24 33.60 3.84
N GLY C 1011 -22.83 34.77 4.37
CA GLY C 1011 -23.67 35.48 5.31
C GLY C 1011 -24.91 36.06 4.68
N THR C 1012 -24.79 36.63 3.47
CA THR C 1012 -25.96 37.16 2.77
C THR C 1012 -27.00 36.07 2.57
N THR C 1013 -26.57 34.93 2.03
CA THR C 1013 -27.47 33.82 1.78
C THR C 1013 -28.15 33.36 3.07
N VAL C 1014 -27.35 33.05 4.10
CA VAL C 1014 -27.92 32.50 5.33
C VAL C 1014 -28.86 33.51 5.99
N PHE C 1015 -28.44 34.78 6.05
CA PHE C 1015 -29.23 35.81 6.73
C PHE C 1015 -30.58 36.01 6.03
N TRP C 1016 -30.55 36.30 4.73
CA TRP C 1016 -31.80 36.57 4.03
C TRP C 1016 -32.69 35.34 3.98
N GLY C 1017 -32.10 34.16 3.75
CA GLY C 1017 -32.88 32.94 3.74
C GLY C 1017 -33.59 32.70 5.06
N MET C 1018 -32.84 32.77 6.17
CA MET C 1018 -33.45 32.54 7.47
C MET C 1018 -34.52 33.59 7.79
N LEU C 1019 -34.25 34.86 7.49
CA LEU C 1019 -35.22 35.91 7.80
C LEU C 1019 -36.52 35.70 7.05
N ILE C 1020 -36.44 35.57 5.71
CA ILE C 1020 -37.65 35.42 4.91
C ILE C 1020 -38.35 34.11 5.25
N GLY C 1021 -37.58 33.04 5.46
CA GLY C 1021 -38.18 31.76 5.77
C GLY C 1021 -38.93 31.77 7.08
N THR C 1022 -38.37 32.40 8.12
CA THR C 1022 -39.08 32.49 9.38
C THR C 1022 -40.32 33.36 9.26
N LEU C 1023 -40.18 34.53 8.62
CA LEU C 1023 -41.31 35.45 8.50
C LEU C 1023 -42.46 34.82 7.72
N LEU C 1024 -42.16 33.94 6.76
CA LEU C 1024 -43.23 33.26 6.04
C LEU C 1024 -43.73 32.01 6.76
N SER C 1025 -42.84 31.28 7.44
CA SER C 1025 -43.24 30.04 8.07
C SER C 1025 -44.14 30.28 9.27
N VAL C 1026 -43.87 31.36 10.02
CA VAL C 1026 -44.69 31.64 11.21
C VAL C 1026 -46.16 31.83 10.86
N PHE C 1027 -46.45 32.22 9.62
CA PHE C 1027 -47.83 32.36 9.16
C PHE C 1027 -48.30 31.21 8.30
N LEU C 1028 -47.40 30.45 7.66
CA LEU C 1028 -47.81 29.42 6.72
C LEU C 1028 -47.77 28.00 7.26
N VAL C 1029 -47.10 27.77 8.39
CA VAL C 1029 -46.98 26.42 8.94
C VAL C 1029 -48.34 25.89 9.40
N PRO C 1030 -49.11 26.66 10.18
CA PRO C 1030 -50.47 26.18 10.51
C PRO C 1030 -51.34 25.95 9.30
N LEU C 1031 -51.21 26.79 8.26
CA LEU C 1031 -51.97 26.58 7.04
C LEU C 1031 -51.59 25.27 6.37
N PHE C 1032 -50.29 24.98 6.29
CA PHE C 1032 -49.84 23.72 5.71
C PHE C 1032 -50.35 22.54 6.51
N TYR C 1033 -50.31 22.64 7.84
CA TYR C 1033 -50.79 21.55 8.69
C TYR C 1033 -52.27 21.31 8.47
N VAL C 1034 -53.07 22.37 8.45
CA VAL C 1034 -54.50 22.23 8.26
C VAL C 1034 -54.82 21.65 6.88
N VAL C 1035 -54.09 22.09 5.86
CA VAL C 1035 -54.33 21.60 4.50
C VAL C 1035 -53.99 20.12 4.40
N VAL C 1036 -52.84 19.72 4.95
CA VAL C 1036 -52.44 18.32 4.89
C VAL C 1036 -53.36 17.45 5.72
N ARG C 1037 -53.92 17.98 6.80
CA ARG C 1037 -54.83 17.19 7.62
C ARG C 1037 -56.21 17.07 6.97
N LYS C 1038 -56.64 18.10 6.24
CA LYS C 1038 -57.95 18.05 5.60
C LYS C 1038 -57.92 17.27 4.29
N PHE C 1039 -56.77 17.24 3.61
CA PHE C 1039 -56.69 16.51 2.35
C PHE C 1039 -56.58 15.01 2.58
N PHE C 1040 -55.67 14.60 3.48
CA PHE C 1040 -55.48 13.19 3.80
C PHE C 1040 -56.11 12.93 5.16
N LYS C 1041 -57.38 12.52 5.15
CA LYS C 1041 -58.10 12.27 6.39
C LYS C 1041 -57.54 11.05 7.11
N GLU C 1042 -57.65 11.09 8.43
CA GLU C 1042 -57.15 9.99 9.31
C GLU C 1042 -55.91 10.49 10.06
C1 PTY D . -24.32 3.72 36.03
C2 PTY D . -24.32 3.15 42.32
C3 PTY D . -25.65 3.81 41.98
O4 PTY D . -23.53 3.69 34.85
C5 PTY D . -24.31 4.57 38.37
C6 PTY D . -23.44 4.04 37.23
O7 PTY D . -22.47 5.02 36.87
C8 PTY D . -21.45 5.18 37.89
O10 PTY D . -21.79 5.27 39.06
C11 PTY D . -19.99 5.23 37.51
C12 PTY D . -19.72 6.50 36.72
C13 PTY D . -18.56 6.31 35.75
C14 PTY D . -18.12 7.65 35.15
C15 PTY D . -17.66 7.46 33.71
C16 PTY D . -17.71 8.78 32.95
C17 PTY D . -17.03 8.67 31.59
C18 PTY D . -17.57 9.72 30.62
C19 PTY D . -16.91 9.58 29.24
C20 PTY D . -17.33 10.71 28.32
C21 PTY D . -16.26 10.98 27.27
C22 PTY D . -16.83 11.73 26.08
C23 PTY D . -15.74 12.13 25.10
C24 PTY D . -16.32 12.39 23.71
C25 PTY D . -15.21 12.50 22.67
C26 PTY D . -15.68 11.96 21.32
C27 PTY D . -14.74 12.41 20.21
C28 PTY D . -14.35 11.22 19.33
C29 PTY D . -15.41 10.94 18.28
C30 PTY D . -24.06 4.20 33.60
C31 PTY D . -23.28 4.03 32.31
O30 PTY D . -25.14 4.77 33.60
C32 PTY D . -21.89 4.61 32.47
C33 PTY D . -21.48 5.40 31.24
C34 PTY D . -20.03 5.13 30.88
C35 PTY D . -19.80 5.22 29.37
C36 PTY D . -18.34 5.51 29.05
C37 PTY D . -18.06 5.32 27.57
C38 PTY D . -16.87 6.15 27.12
C39 PTY D . -16.93 6.43 25.62
C40 PTY D . -15.61 7.02 25.13
C41 PTY D . -15.66 7.28 23.62
C42 PTY D . -14.27 7.64 23.09
P1 PTY D . -26.63 4.18 39.55
O11 PTY D . -26.17 3.24 40.78
O12 PTY D . -27.97 3.70 39.06
O13 PTY D . -26.45 5.62 39.98
O14 PTY D . -25.52 3.84 38.43
N1 PTY D . -23.45 4.10 42.96
C1 PTY E . -32.96 -13.43 23.41
C2 PTY E . -37.27 -18.28 24.13
C3 PTY E . -36.97 -16.80 24.09
O4 PTY E . -31.66 -13.32 22.88
C5 PTY E . -34.90 -14.94 23.44
C6 PTY E . -33.53 -14.72 22.85
O7 PTY E . -32.66 -15.79 23.20
C8 PTY E . -31.93 -16.31 22.07
O10 PTY E . -32.39 -16.17 20.97
C11 PTY E . -30.63 -17.03 22.24
C12 PTY E . -30.12 -17.51 20.89
C13 PTY E . -28.90 -16.72 20.45
C14 PTY E . -27.63 -17.28 21.04
C15 PTY E . -26.42 -16.60 20.42
C16 PTY E . -25.17 -16.81 21.25
C17 PTY E . -24.02 -16.01 20.68
C18 PTY E . -22.93 -15.73 21.70
C19 PTY E . -21.85 -14.86 21.10
C20 PTY E . -20.85 -14.36 22.13
C21 PTY E . -19.71 -13.59 21.49
C22 PTY E . -18.48 -13.49 22.38
C23 PTY E . -17.26 -13.03 21.60
C24 PTY E . -16.06 -12.77 22.50
C25 PTY E . -14.81 -12.48 21.69
C26 PTY E . -14.38 -11.02 21.78
C27 PTY E . -13.18 -10.72 20.89
C28 PTY E . -12.57 -9.35 21.17
C29 PTY E . -11.86 -8.79 19.96
C30 PTY E . -30.86 -12.14 23.10
C31 PTY E . -29.51 -12.04 22.48
O30 PTY E . -31.32 -11.26 23.77
C32 PTY E . -29.66 -11.75 21.01
C33 PTY E . -28.41 -12.16 20.25
C34 PTY E . -27.17 -11.86 21.07
C35 PTY E . -25.94 -11.87 20.17
C36 PTY E . -24.69 -11.39 20.90
C37 PTY E . -23.72 -10.71 19.94
C38 PTY E . -23.41 -11.61 18.75
C39 PTY E . -22.48 -10.90 17.76
P1 PTY E . -36.18 -14.89 25.73
O11 PTY E . -36.47 -16.42 25.38
O12 PTY E . -35.74 -14.83 27.17
O13 PTY E . -37.37 -14.10 25.26
O14 PTY E . -34.91 -14.53 24.80
N1 PTY E . -37.29 -18.81 22.78
C1 PTY F . -31.63 -7.90 27.89
C2 PTY F . -35.32 -8.88 28.90
C3 PTY F . -34.63 -7.53 29.09
O4 PTY F . -31.37 -8.34 26.57
C5 PTY F . -30.59 -7.40 30.06
C6 PTY F . -30.34 -7.94 28.67
O7 PTY F . -29.34 -7.18 27.99
C8 PTY F . -28.02 -7.35 28.55
O10 PTY F . -27.90 -7.41 29.76
C11 PTY F . -26.79 -7.43 27.67
C12 PTY F . -26.67 -8.80 27.00
C13 PTY F . -25.39 -8.91 26.17
C14 PTY F . -25.25 -10.27 25.51
C15 PTY F . -24.08 -10.33 24.52
C16 PTY F . -22.76 -9.84 25.13
C17 PTY F . -21.56 -10.42 24.38
C18 PTY F . -20.40 -9.44 24.25
C19 PTY F . -19.24 -9.70 25.22
C20 PTY F . -18.09 -8.74 24.95
C21 PTY F . -17.27 -8.42 26.19
C22 PTY F . -16.46 -7.13 26.01
C23 PTY F . -15.57 -6.80 27.19
C24 PTY F . -14.59 -5.67 26.90
C25 PTY F . -13.95 -5.77 25.51
C26 PTY F . -12.48 -5.30 25.47
C27 PTY F . -12.31 -3.80 25.66
C28 PTY F . -10.85 -3.38 25.53
C29 PTY F . -10.58 -1.99 26.04
C30 PTY F . -32.34 -8.24 25.51
C31 PTY F . -31.83 -8.08 24.11
O30 PTY F . -33.53 -8.30 25.76
C32 PTY F . -31.03 -6.79 24.05
C33 PTY F . -29.97 -6.83 22.96
C34 PTY F . -28.76 -7.64 23.44
C35 PTY F . -27.48 -7.15 22.79
C36 PTY F . -27.50 -7.30 21.28
C37 PTY F . -26.10 -7.48 20.74
C38 PTY F . -25.08 -6.74 21.60
C39 PTY F . -23.68 -6.82 20.98
P1 PTY F . -32.90 -6.31 30.63
O11 PTY F . -33.58 -7.64 30.06
O12 PTY F . -32.71 -6.51 32.12
O13 PTY F . -33.71 -5.15 30.10
O14 PTY F . -31.45 -6.27 29.95
N1 PTY F . -34.96 -9.42 27.61
C1 PTY G . -30.37 -1.94 32.55
C2 PTY G . -36.57 -4.16 30.96
C3 PTY G . -35.42 -3.42 31.63
O4 PTY G . -29.08 -2.23 32.02
C5 PTY G . -31.91 -2.68 34.37
C6 PTY G . -30.46 -2.37 34.01
O7 PTY G . -30.04 -1.34 34.90
C8 PTY G . -28.61 -1.34 35.11
O10 PTY G . -27.88 -1.10 34.16
C11 PTY G . -28.03 -1.62 36.49
C12 PTY G . -26.53 -1.36 36.51
C13 PTY G . -25.80 -2.19 35.47
C14 PTY G . -24.88 -1.28 34.67
C15 PTY G . -24.70 -1.75 33.24
C16 PTY G . -24.17 -0.60 32.39
C17 PTY G . -23.17 -1.09 31.36
C18 PTY G . -22.21 0.03 30.98
C19 PTY G . -21.21 -0.47 29.95
C20 PTY G . -20.50 0.70 29.27
C21 PTY G . -19.89 0.25 27.95
C22 PTY G . -19.21 1.40 27.24
C23 PTY G . -18.69 0.98 25.88
C24 PTY G . -17.94 2.11 25.19
C30 PTY G . -29.00 -2.68 30.65
C31 PTY G . -27.68 -3.04 30.01
O30 PTY G . -30.03 -2.76 30.01
C32 PTY G . -27.17 -1.88 29.18
C33 PTY G . -26.27 -2.40 28.06
C34 PTY G . -25.57 -1.25 27.35
C35 PTY G . -24.78 -1.79 26.16
C36 PTY G . -23.53 -0.98 25.90
C37 PTY G . -23.76 0.07 24.82
C38 PTY G . -22.50 0.25 23.99
C39 PTY G . -22.15 -1.02 23.24
C40 PTY G . -21.12 -0.76 22.15
P1 PTY G . -33.96 -4.16 33.71
O11 PTY G . -34.56 -4.38 32.23
O12 PTY G . -33.86 -5.50 34.39
O13 PTY G . -34.74 -3.06 34.38
O14 PTY G . -32.45 -3.65 33.47
N1 PTY G . -36.06 -5.27 30.19
C1 PTY H . -1.85 -23.64 20.42
C2 PTY H . 2.30 -17.82 18.53
C3 PTY H . 1.76 -18.96 19.38
O4 PTY H . -2.63 -22.81 21.28
C5 PTY H . 0.40 -23.65 19.41
C6 PTY H . -0.39 -23.34 20.66
O7 PTY H . 0.04 -24.17 21.74
C8 PTY H . 1.42 -24.01 22.16
O10 PTY H . 2.26 -23.63 21.36
C11 PTY H . 1.84 -24.36 23.56
C12 PTY H . 1.11 -23.47 24.56
C13 PTY H . 1.23 -24.10 25.95
C14 PTY H . 0.64 -23.18 27.02
C15 PTY H . 0.20 -24.00 28.22
C16 PTY H . -0.31 -23.08 29.32
C17 PTY H . -1.13 -23.84 30.34
C18 PTY H . -1.80 -22.85 31.28
C19 PTY H . -2.83 -23.55 32.18
C20 PTY H . -3.57 -22.55 33.06
C21 PTY H . -4.75 -23.23 33.75
C22 PTY H . -5.41 -22.31 34.78
C23 PTY H . -6.64 -22.97 35.39
C30 PTY H . -2.82 -23.18 22.66
C31 PTY H . -3.90 -22.55 23.47
O30 PTY H . -2.08 -24.00 23.16
C32 PTY H . -4.12 -23.37 24.73
C33 PTY H . -3.26 -22.88 25.87
C34 PTY H . -3.98 -23.13 27.17
C35 PTY H . -5.06 -22.07 27.37
C36 PTY H . -6.07 -22.54 28.41
C37 PTY H . -7.09 -23.47 27.75
C38 PTY H . -8.12 -23.96 28.75
C39 PTY H . -8.96 -22.82 29.30
C40 PTY H . -9.73 -23.30 30.51
C41 PTY H . -10.78 -22.30 30.95
C42 PTY H . -11.39 -22.77 32.26
C43 PTY H . -12.90 -22.64 32.24
C44 PTY H . -13.54 -23.75 33.03
P1 PTY H . 1.93 -21.57 19.51
O11 PTY H . 1.92 -20.19 18.69
O12 PTY H . 3.24 -22.29 19.28
O13 PTY H . 1.50 -21.23 20.91
O14 PTY H . 0.76 -22.41 18.82
N1 PTY H . 2.13 -18.08 17.13
C1 PTY I . -17.04 22.72 48.30
C2 PTY I . -21.51 18.01 46.39
C3 PTY I . -20.51 17.66 47.48
O4 PTY I . -16.65 24.06 48.06
C5 PTY I . -16.80 20.41 47.49
C6 PTY I . -16.60 21.87 47.11
O7 PTY I . -15.24 22.21 46.83
C8 PTY I . -14.33 21.17 46.40
O10 PTY I . -14.13 20.22 47.10
C11 PTY I . -13.58 21.30 45.10
C12 PTY I . -12.35 20.44 45.09
C13 PTY I . -11.63 20.58 43.76
C14 PTY I . -10.41 19.69 43.70
C15 PTY I . -9.81 19.60 42.30
C16 PTY I . -8.82 18.44 42.31
C17 PTY I . -8.07 18.22 41.00
C18 PTY I . -7.29 16.92 41.15
C19 PTY I . -6.08 16.84 40.24
C20 PTY I . -4.97 16.07 40.92
C21 PTY I . -3.87 15.69 39.93
C22 PTY I . -2.94 16.85 39.62
C23 PTY I . -1.68 16.77 40.47
C30 PTY I . -16.33 24.97 49.16
C31 PTY I . -15.78 26.32 48.81
O30 PTY I . -16.50 24.62 50.32
C32 PTY I . -16.60 26.89 47.66
C33 PTY I . -15.71 27.33 46.51
C34 PTY I . -14.75 26.22 46.09
C35 PTY I . -14.15 26.50 44.72
C36 PTY I . -12.92 25.65 44.47
C37 PTY I . -12.65 25.55 42.97
C38 PTY I . -11.35 24.83 42.66
C39 PTY I . -11.33 24.44 41.19
C40 PTY I . -9.93 24.30 40.65
C41 PTY I . -9.22 23.09 41.23
P1 PTY I . -18.51 18.77 48.64
O11 PTY I . -19.27 18.34 47.29
O12 PTY I . -17.32 17.85 48.84
O13 PTY I . -19.57 18.86 49.70
O14 PTY I . -17.95 20.24 48.30
N1 PTY I . -22.76 17.36 46.71
C10 ERY J . -10.09 -19.47 -26.61
C11 ERY J . -9.93 -18.29 -25.66
C12 ERY J . -9.56 -18.76 -24.27
C13 ERY J . -9.00 -17.61 -23.45
O2 ERY J . -7.57 -17.60 -23.53
C2 ERY J . -5.62 -16.43 -24.69
C3 ERY J . -4.96 -17.05 -25.91
C4 ERY J . -5.96 -17.77 -26.82
C5 ERY J . -5.80 -17.30 -28.26
C6 ERY J . -7.08 -17.53 -29.07
C7 ERY J . -8.07 -18.40 -28.29
C8 ERY J . -9.49 -18.18 -28.80
C9 ERY J . -10.46 -18.98 -27.98
O11 ERY J . -11.57 -19.23 -28.43
C1 ERY J . -7.08 -16.78 -24.63
O1 ERY J . -7.86 -16.38 -25.49
O3 ERY J . -3.95 -17.96 -25.48
O7 ERY J . -4.71 -18.00 -28.84
C34 ERY J . -11.15 -20.43 -26.12
C33 ERY J . -9.62 -18.57 -30.27
C35 ERY J . -8.55 -19.91 -24.35
O12 ERY J . -11.15 -17.55 -25.60
O13 ERY J . -10.74 -19.26 -23.63
C36 ERY J . -9.41 -17.71 -21.98
C30 ERY J . -5.47 -14.92 -24.71
C32 ERY J . -6.80 -18.13 -30.44
O10 ERY J . -7.70 -16.25 -29.27
C22 ERY J . -3.85 -17.12 -29.57
C23 ERY J . -2.62 -17.88 -30.04
C24 ERY J . -1.73 -17.01 -30.91
C25 ERY J . -2.54 -16.35 -32.01
C26 ERY J . -3.78 -15.66 -31.43
O9 ERY J . -4.56 -16.61 -30.70
N1 ERY J . -0.66 -17.81 -31.50
C27 ERY J . -4.64 -15.05 -32.53
O8 ERY J . -1.87 -18.34 -28.91
C28 ERY J . -0.04 -17.06 -32.60
C14 ERY J . -2.69 -17.31 -25.28
C15 ERY J . -1.76 -18.20 -24.47
C16 ERY J . -0.55 -17.39 -24.04
C17 ERY J . -0.29 -16.26 -25.05
C18 ERY J . -0.73 -16.61 -26.48
O4 ERY J . -2.08 -17.08 -26.55
O5 ERY J . 0.58 -18.26 -23.99
O6 ERY J . 1.11 -15.91 -25.06
C20 ERY J . 1.76 -17.86 -23.31
C29 ERY J . 0.35 -18.12 -30.48
C21 ERY J . -0.58 -15.40 -27.39
C37 ERY J . -10.84 -17.30 -21.78
C31 ERY J . -5.86 -19.29 -26.72
C19 ERY J . -0.77 -16.80 -22.66
C1 PTY K . -35.84 -5.37 23.54
C2 PTY K . -37.32 -9.81 22.68
C3 PTY K . -37.42 -8.50 23.45
O4 PTY K . -34.89 -4.84 22.65
C5 PTY K . -38.14 -4.99 24.43
C6 PTY K . -36.92 -4.33 23.79
O7 PTY K . -37.28 -3.74 22.54
C8 PTY K . -37.56 -2.32 22.58
O10 PTY K . -38.36 -1.88 23.37
C11 PTY K . -36.85 -1.41 21.61
C12 PTY K . -36.52 -2.15 20.33
C13 PTY K . -35.63 -1.26 19.48
C14 PTY K . -35.37 -1.83 18.11
C15 PTY K . -34.79 -0.74 17.23
C16 PTY K . -34.01 -1.31 16.07
C17 PTY K . -33.57 -0.21 15.14
C18 PTY K . -32.71 -0.79 14.03
C19 PTY K . -32.36 0.29 13.02
C20 PTY K . -31.33 -0.23 12.04
C30 PTY K . -33.93 -5.74 22.05
C31 PTY K . -32.59 -5.24 21.60
O30 PTY K . -34.24 -6.91 21.93
C32 PTY K . -32.67 -4.50 20.28
C33 PTY K . -31.26 -4.20 19.82
C34 PTY K . -31.23 -3.48 18.49
C35 PTY K . -30.87 -4.44 17.37
C36 PTY K . -30.65 -3.65 16.09
C37 PTY K . -30.54 -4.56 14.87
C38 PTY K . -29.15 -5.14 14.74
C39 PTY K . -28.93 -5.70 13.34
C40 PTY K . -27.45 -5.72 13.01
P1 PTY K . -38.93 -7.32 25.31
O11 PTY K . -38.54 -8.55 24.34
O12 PTY K . -38.82 -7.82 26.73
O13 PTY K . -40.23 -6.73 24.83
O14 PTY K . -37.80 -6.20 25.09
N1 PTY K . -36.16 -9.80 21.82
C1 PTY L . -38.81 5.04 22.12
C2 PTY L . -41.11 1.08 23.12
C3 PTY L . -41.64 2.45 22.69
O4 PTY L . -39.22 3.67 22.16
C5 PTY L . -41.06 5.37 21.33
C6 PTY L . -39.62 5.72 21.03
O7 PTY L . -39.20 5.22 19.77
C8 PTY L . -39.21 6.20 18.70
O10 PTY L . -39.44 7.36 18.97
C11 PTY L . -38.92 5.81 17.27
C12 PTY L . -37.46 6.01 16.94
C13 PTY L . -37.31 6.55 15.52
C14 PTY L . -35.86 6.80 15.12
C15 PTY L . -35.79 7.49 13.76
C16 PTY L . -34.46 7.29 13.06
C17 PTY L . -34.68 7.05 11.58
C18 PTY L . -33.41 6.57 10.88
C19 PTY L . -33.69 5.49 9.86
C30 PTY L . -38.52 2.72 23.00
C31 PTY L . -37.25 2.12 22.48
O30 PTY L . -38.97 2.40 24.08
C32 PTY L . -36.55 3.20 21.67
C33 PTY L . -35.60 2.56 20.67
C34 PTY L . -35.31 3.53 19.54
C35 PTY L . -34.30 2.93 18.58
C36 PTY L . -33.82 3.98 17.60
C37 PTY L . -32.85 3.39 16.61
C38 PTY L . -32.26 4.49 15.73
C39 PTY L . -31.54 3.89 14.54
C40 PTY L . -30.81 4.97 13.76
P1 PTY L . -42.04 4.82 23.77
O11 PTY L . -41.27 3.41 23.66
O12 PTY L . -41.74 5.38 25.13
O13 PTY L . -43.48 4.62 23.37
O14 PTY L . -41.31 5.75 22.68
N1 PTY L . -42.03 0.50 24.09
C1 PTY M . -25.77 -32.01 33.22
C2 PTY M . -30.16 -27.82 31.61
C3 PTY M . -29.73 -29.22 32.00
O4 PTY M . -24.37 -31.83 33.09
C5 PTY M . -27.76 -32.69 31.91
C6 PTY M . -26.32 -32.24 31.81
O7 PTY M . -25.50 -33.18 31.13
C8 PTY M . -25.93 -33.37 29.77
O10 PTY M . -26.94 -34.00 29.61
C11 PTY M . -25.14 -32.85 28.59
C12 PTY M . -24.66 -34.02 27.76
C13 PTY M . -24.40 -33.60 26.33
C14 PTY M . -23.20 -32.69 26.23
C15 PTY M . -22.55 -32.82 24.86
C16 PTY M . -21.66 -31.62 24.61
C17 PTY M . -20.64 -31.90 23.51
C18 PTY M . -21.22 -31.74 22.13
C19 PTY M . -20.17 -31.15 21.19
C20 PTY M . -20.80 -30.70 19.89
C21 PTY M . -21.33 -31.88 19.10
C22 PTY M . -20.46 -32.13 17.87
C23 PTY M . -18.98 -32.24 18.24
C24 PTY M . -18.15 -32.75 17.07
C30 PTY M . -23.81 -30.55 33.41
C31 PTY M . -22.60 -30.07 32.69
O30 PTY M . -24.33 -29.88 34.29
C32 PTY M . -22.69 -30.45 31.21
C33 PTY M . -21.78 -29.51 30.46
C34 PTY M . -21.56 -29.89 29.01
C35 PTY M . -20.86 -28.71 28.35
C36 PTY M . -20.30 -29.05 26.98
C37 PTY M . -19.45 -27.89 26.49
C38 PTY M . -18.78 -28.22 25.17
C39 PTY M . -17.78 -27.15 24.79
C40 PTY M . -16.72 -27.69 23.83
P1 PTY M . -29.86 -31.52 30.72
O11 PTY M . -29.47 -29.97 30.81
O12 PTY M . -30.45 -31.79 29.35
O13 PTY M . -30.65 -31.92 31.94
O14 PTY M . -28.41 -32.25 30.72
N1 PTY M . -31.26 -27.40 32.46
C1 PTY N . -23.42 -26.90 37.92
C2 PTY N . -27.27 -32.52 36.01
C3 PTY N . -27.24 -31.71 37.30
O4 PTY N . -22.29 -26.59 37.09
C5 PTY N . -24.53 -29.07 37.39
C6 PTY N . -23.41 -28.40 38.18
O7 PTY N . -23.54 -28.70 39.56
C8 PTY N . -23.35 -30.13 39.78
O10 PTY N . -24.27 -30.81 40.19
C11 PTY N . -22.00 -30.76 39.50
C12 PTY N . -21.94 -31.19 38.04
C13 PTY N . -20.53 -31.02 37.48
C14 PTY N . -20.46 -31.41 36.01
C15 PTY N . -19.26 -30.76 35.35
C16 PTY N . -19.06 -31.27 33.92
C17 PTY N . -18.02 -30.45 33.19
C18 PTY N . -17.99 -30.82 31.71
C19 PTY N . -16.80 -30.18 31.01
C20 PTY N . -16.72 -30.67 29.56
C21 PTY N . -15.56 -30.03 28.83
C22 PTY N . -15.56 -30.45 27.37
C23 PTY N . -14.29 -29.97 26.67
C30 PTY N . -22.43 -26.53 35.64
C31 PTY N . -21.20 -26.56 34.77
O30 PTY N . -23.54 -26.45 35.14
C32 PTY N . -21.60 -26.93 33.36
C33 PTY N . -20.88 -26.06 32.37
C34 PTY N . -19.61 -26.72 31.90
C35 PTY N . -18.85 -25.79 30.98
C36 PTY N . -17.50 -26.38 30.65
C37 PTY N . -16.60 -25.38 29.94
C38 PTY N . -15.57 -26.11 29.09
C39 PTY N . -14.71 -25.15 28.30
C40 PTY N . -14.07 -25.85 27.12
C41 PTY N . -13.60 -24.85 26.08
C42 PTY N . -13.71 -25.43 24.68
C43 PTY N . -13.48 -24.37 23.61
C44 PTY N . -13.91 -24.87 22.25
P1 PTY N . -27.03 -29.23 38.15
O11 PTY N . -27.24 -30.32 36.99
O12 PTY N . -28.24 -28.33 38.25
O13 PTY N . -26.54 -30.01 39.35
O14 PTY N . -25.78 -28.39 37.56
N1 PTY N . -26.82 -33.87 36.25
C1 PTY O . -34.77 -1.16 24.43
C2 PTY O . -40.30 -0.96 26.95
C3 PTY O . -38.97 -0.23 26.77
O4 PTY O . -34.04 0.04 24.21
C5 PTY O . -35.98 0.07 26.24
C6 PTY O . -35.28 -1.23 25.86
O7 PTY O . -34.19 -1.47 26.74
C8 PTY O . -33.68 -2.83 26.68
O10 PTY O . -34.45 -3.76 26.51
C11 PTY O . -32.21 -3.08 26.86
C12 PTY O . -31.76 -4.16 25.89
C13 PTY O . -30.26 -4.05 25.61
C14 PTY O . -29.97 -2.86 24.70
C15 PTY O . -28.58 -2.98 24.09
C16 PTY O . -28.36 -1.86 23.07
C17 PTY O . -27.12 -2.15 22.22
C18 PTY O . -26.91 -1.05 21.18
C19 PTY O . -26.02 -1.52 20.05
C20 PTY O . -26.63 -2.73 19.35
C30 PTY O . -33.04 0.06 23.16
C31 PTY O . -32.45 1.36 22.65
O30 PTY O . -32.68 -0.99 22.67
C32 PTY O . -31.33 1.05 21.68
C33 PTY O . -31.87 0.34 20.46
C34 PTY O . -30.74 -0.10 19.54
C35 PTY O . -30.15 1.08 18.79
C36 PTY O . -29.40 0.56 17.58
C37 PTY O . -28.79 1.68 16.76
C38 PTY O . -28.20 1.12 15.48
P1 PTY O . -37.30 1.22 28.21
O11 PTY O . -38.77 0.67 27.85
O12 PTY O . -37.16 1.23 29.72
O13 PTY O . -37.04 2.49 27.43
O14 PTY O . -36.35 0.07 27.62
N1 PTY O . -40.28 -2.17 26.16
C1 PTY P . -27.59 8.08 -3.70
C2 PTY P . -27.82 3.22 3.17
C3 PTY P . -28.45 4.41 2.47
O4 PTY P . -26.18 8.16 -3.42
C5 PTY P . -27.89 6.61 -1.70
C6 PTY P . -28.29 6.82 -3.16
O7 PTY P . -28.00 5.64 -3.88
C8 PTY P . -28.28 5.65 -5.32
O10 PTY P . -27.37 5.44 -6.10
C11 PTY P . -29.68 5.88 -5.83
C12 PTY P . -30.53 4.65 -5.61
C13 PTY P . -31.97 4.95 -5.96
C14 PTY P . -32.88 3.90 -5.33
C15 PTY P . -34.33 4.33 -5.33
C16 PTY P . -34.97 3.92 -4.02
C17 PTY P . -36.27 3.20 -4.28
C18 PTY P . -37.17 3.22 -3.06
C19 PTY P . -38.37 2.33 -3.32
C20 PTY P . -39.51 2.68 -2.39
C21 PTY P . -40.56 1.58 -2.34
C22 PTY P . -41.69 2.03 -1.44
C23 PTY P . -42.70 0.93 -1.25
C24 PTY P . -43.94 1.45 -0.55
C25 PTY P . -43.57 2.44 0.53
C26 PTY P . -44.55 2.34 1.69
C27 PTY P . -45.96 2.00 1.25
C28 PTY P . -46.84 1.94 2.48
C29 PTY P . -48.19 1.40 2.14
C30 PTY P . -25.44 9.30 -3.96
C31 PTY P . -25.21 9.40 -5.45
O30 PTY P . -24.96 10.14 -3.24
C32 PTY P . -25.56 10.80 -5.95
C33 PTY P . -26.57 10.74 -7.08
C34 PTY P . -27.93 10.26 -6.56
C35 PTY P . -29.10 10.71 -7.43
C36 PTY P . -30.42 10.35 -6.76
C37 PTY P . -31.26 11.57 -6.39
C38 PTY P . -32.26 11.25 -5.28
C39 PTY P . -33.11 10.01 -5.59
C40 PTY P . -33.77 9.40 -4.34
C41 PTY P . -32.85 8.40 -3.63
C42 PTY P . -33.64 7.38 -2.81
C43 PTY P . -33.75 7.73 -1.33
C44 PTY P . -32.53 7.29 -0.54
P1 PTY P . -27.53 4.81 0.12
O11 PTY P . -28.59 4.13 1.09
O12 PTY P . -27.11 6.03 0.87
O13 PTY P . -26.46 3.84 -0.31
O14 PTY P . -28.32 5.35 -1.18
N1 PTY P . -27.92 3.40 4.61
C1 PTY Q . -29.24 -2.81 -14.39
C2 PTY Q . -24.29 2.49 -13.73
C3 PTY Q . -24.07 1.26 -14.61
O4 PTY Q . -29.75 -2.64 -13.07
C5 PTY Q . -26.93 -2.86 -15.18
C6 PTY Q . -27.91 -3.54 -14.26
O7 PTY Q . -27.96 -4.95 -14.55
C8 PTY Q . -26.75 -5.61 -14.09
O10 PTY Q . -25.70 -4.99 -14.08
C11 PTY Q . -26.77 -7.05 -13.66
C12 PTY Q . -27.32 -7.21 -12.25
C13 PTY Q . -28.77 -7.65 -12.27
C14 PTY Q . -29.03 -8.67 -11.17
C15 PTY Q . -30.36 -8.35 -10.49
C16 PTY Q . -31.01 -9.57 -9.87
C17 PTY Q . -32.35 -9.20 -9.26
C18 PTY Q . -32.18 -8.64 -7.85
C19 PTY Q . -33.45 -7.97 -7.35
C20 PTY Q . -34.34 -8.95 -6.62
C30 PTY Q . -29.79 -1.35 -12.40
C31 PTY Q . -30.58 -1.25 -11.13
O30 PTY Q . -29.18 -0.39 -12.84
C32 PTY Q . -31.61 -2.36 -11.21
C33 PTY Q . -32.43 -2.48 -9.94
C34 PTY Q . -33.19 -3.79 -10.00
C35 PTY Q . -34.37 -3.77 -9.05
C36 PTY Q . -34.60 -5.18 -8.56
C37 PTY Q . -35.94 -5.36 -7.86
C38 PTY Q . -36.05 -6.80 -7.40
P1 PTY Q . -25.02 -1.17 -14.73
O11 PTY Q . -25.19 0.40 -14.49
O12 PTY Q . -24.09 -1.75 -13.69
O13 PTY Q . -24.76 -1.39 -16.20
O14 PTY Q . -26.47 -1.75 -14.42
N1 PTY Q . -23.02 3.19 -13.58
C1 PTY R . -15.87 -10.03 7.03
C2 PTY R . -14.45 -3.79 3.70
C3 PTY R . -13.60 -4.84 4.39
O4 PTY R . -16.79 -11.12 6.98
C5 PTY R . -15.59 -7.68 7.70
C6 PTY R . -16.62 -8.75 7.37
O7 PTY R . -17.46 -8.96 8.49
C8 PTY R . -18.62 -8.09 8.53
O10 PTY R . -19.68 -8.56 8.90
C11 PTY R . -18.51 -6.62 8.20
C12 PTY R . -19.82 -5.92 8.49
C13 PTY R . -19.95 -4.63 7.69
C14 PTY R . -21.40 -4.24 7.50
C15 PTY R . -21.63 -3.55 6.17
C16 PTY R . -23.01 -3.85 5.63
C17 PTY R . -23.16 -3.36 4.21
C18 PTY R . -24.61 -3.38 3.80
C19 PTY R . -25.26 -2.07 4.19
C20 PTY R . -26.77 -2.20 4.28
C21 PTY R . -27.35 -0.94 4.92
C22 PTY R . -28.87 -0.99 4.94
C23 PTY R . -29.40 0.13 5.80
C30 PTY R . -16.35 -12.51 7.01
C31 PTY R . -17.30 -13.53 7.57
O30 PTY R . -15.24 -12.81 6.60
C32 PTY R . -18.67 -12.89 7.59
C33 PTY R . -19.79 -13.91 7.44
C34 PTY R . -21.02 -13.29 6.82
C35 PTY R . -21.60 -12.22 7.72
C36 PTY R . -22.99 -11.82 7.25
C37 PTY R . -23.36 -10.45 7.76
C38 PTY R . -24.39 -9.82 6.83
C39 PTY R . -24.21 -8.31 6.77
C40 PTY R . -24.99 -7.61 7.85
C41 PTY R . -26.48 -7.97 7.77
C42 PTY R . -27.28 -7.16 8.76
C43 PTY R . -28.69 -7.68 8.90
C44 PTY R . -29.61 -6.52 9.15
P1 PTY R . -13.63 -6.34 6.57
O11 PTY R . -14.28 -5.25 5.57
O12 PTY R . -12.40 -6.89 5.90
O13 PTY R . -13.57 -5.70 7.93
O14 PTY R . -14.74 -7.48 6.58
N1 PTY R . -14.25 -3.88 2.27
C1 PTY S . -34.73 6.50 27.50
C2 PTY S . -40.29 11.77 29.25
C3 PTY S . -40.06 10.26 29.32
O4 PTY S . -34.85 6.42 28.91
C5 PTY S . -36.24 8.38 27.05
C6 PTY S . -34.78 7.96 27.09
O7 PTY S . -34.23 8.12 25.79
C8 PTY S . -34.21 9.52 25.36
O10 PTY S . -34.75 10.38 26.02
C11 PTY S . -33.49 9.88 24.08
C12 PTY S . -32.00 9.77 24.33
C13 PTY S . -31.25 9.81 23.01
C14 PTY S . -29.76 9.82 23.26
C15 PTY S . -29.20 11.23 23.19
C16 PTY S . -29.46 11.81 21.81
C17 PTY S . -28.27 12.61 21.33
C18 PTY S . -28.37 12.81 19.83
C19 PTY S . -27.34 11.96 19.13
C20 PTY S . -27.71 11.79 17.67
C21 PTY S . -26.48 11.40 16.85
C22 PTY S . -26.89 10.63 15.61
C23 PTY S . -25.80 10.72 14.54
C24 PTY S . -25.88 9.50 13.65
C25 PTY S . -25.72 9.87 12.18
C26 PTY S . -25.42 8.65 11.35
C27 PTY S . -25.87 8.86 9.92
C28 PTY S . -25.45 7.71 9.02
C29 PTY S . -23.95 7.65 8.88
C30 PTY S . -34.22 5.34 29.63
C31 PTY S . -32.72 5.35 29.77
O30 PTY S . -34.89 4.44 30.12
C32 PTY S . -32.17 5.60 28.39
C33 PTY S . -30.67 5.84 28.40
C34 PTY S . -30.17 5.97 26.99
C35 PTY S . -28.67 6.18 26.97
C36 PTY S . -28.18 6.45 25.55
C37 PTY S . -26.80 7.07 25.57
C38 PTY S . -26.53 7.74 24.23
C39 PTY S . -25.13 8.35 24.20
C40 PTY S . -24.73 8.66 22.77
P1 PTY S . -38.18 8.48 28.81
O11 PTY S . -38.79 9.96 28.75
O12 PTY S . -38.19 8.00 30.24
O13 PTY S . -38.86 7.68 27.72
O14 PTY S . -36.66 8.74 28.37
N1 PTY S . -40.54 12.16 27.88
C1 PTY T . -52.03 7.24 3.41
C2 PTY T . -51.55 9.38 10.46
C3 PTY T . -51.89 9.84 9.06
O4 PTY T . -51.54 6.69 2.18
C5 PTY T . -51.55 9.03 5.07
C6 PTY T . -51.22 8.51 3.67
O7 PTY T . -51.48 9.47 2.66
C8 PTY T . -50.81 10.72 2.91
O10 PTY T . -51.34 11.52 3.67
C11 PTY T . -49.51 11.04 2.22
C12 PTY T . -49.45 10.36 0.86
C13 PTY T . -48.02 10.02 0.47
C14 PTY T . -47.21 11.23 0.03
C15 PTY T . -45.88 10.78 -0.58
C16 PTY T . -44.99 11.96 -0.95
C17 PTY T . -43.56 11.52 -1.23
C18 PTY T . -42.62 12.71 -1.23
C19 PTY T . -41.16 12.27 -1.14
C20 PTY T . -40.23 13.43 -0.84
C21 PTY T . -40.19 14.41 -2.01
C22 PTY T . -38.80 15.03 -2.16
C23 PTY T . -38.62 15.65 -3.54
C30 PTY T . -51.11 5.31 2.11
C31 PTY T . -49.97 4.96 1.22
O30 PTY T . -51.68 4.46 2.78
C32 PTY T . -49.00 6.13 1.21
C33 PTY T . -47.60 5.60 1.01
C34 PTY T . -46.62 6.71 0.72
C35 PTY T . -45.29 6.10 0.35
C36 PTY T . -44.20 7.15 0.28
C37 PTY T . -42.86 6.47 0.13
C38 PTY T . -41.80 7.50 -0.21
C39 PTY T . -40.52 6.84 -0.69
C40 PTY T . -39.45 7.88 -0.95
C41 PTY T . -38.31 7.30 -1.78
P1 PTY T . -50.54 8.27 7.43
O11 PTY T . -51.88 8.69 8.22
O12 PTY T . -50.11 6.93 7.98
O13 PTY T . -49.53 9.40 7.44
O14 PTY T . -51.09 8.00 5.95
N1 PTY T . -50.80 10.41 11.13
C1 PTY U . -21.28 23.69 41.39
C2 PTY U . -25.72 23.17 45.19
C3 PTY U . -24.98 24.25 45.98
O4 PTY U . -20.53 24.34 40.39
C5 PTY U . -21.38 25.11 43.49
C6 PTY U . -20.70 23.93 42.79
O7 PTY U . -19.29 24.18 42.71
C8 PTY U . -18.57 23.88 43.92
O10 PTY U . -19.18 23.58 44.94
C11 PTY U . -17.07 23.93 43.93
C12 PTY U . -16.54 22.67 43.29
C13 PTY U . -16.24 22.87 41.83
C14 PTY U . -14.99 22.06 41.55
C15 PTY U . -14.87 21.71 40.08
C16 PTY U . -13.53 21.02 39.89
C17 PTY U . -13.34 20.55 38.47
C18 PTY U . -11.94 19.99 38.36
C19 PTY U . -11.70 19.35 37.00
C20 PTY U . -11.65 20.43 35.93
C21 PTY U . -10.31 21.14 35.97
C22 PTY U . -9.20 20.20 35.55
C23 PTY U . -9.25 19.93 34.05
C30 PTY U . -19.74 23.52 39.49
C31 PTY U . -18.98 24.07 38.32
O30 PTY U . -19.72 22.34 39.70
C32 PTY U . -18.02 23.02 37.79
C33 PTY U . -17.14 23.69 36.77
C34 PTY U . -16.41 22.70 35.89
C35 PTY U . -15.97 23.40 34.61
C36 PTY U . -14.56 22.99 34.22
C37 PTY U . -14.13 23.65 32.92
C38 PTY U . -12.63 23.51 32.70
C39 PTY U . -12.26 22.15 32.17
C40 PTY U . -10.93 22.19 31.44
C41 PTY U . -10.38 20.79 31.19
P1 PTY U . -22.61 25.39 45.80
O11 PTY U . -23.60 24.14 45.66
O12 PTY U . -23.20 26.60 45.11
O13 PTY U . -22.17 25.52 47.24
O14 PTY U . -21.39 24.87 44.89
N1 PTY U . -25.28 23.21 43.81
C1 PTY V . -23.93 30.07 40.81
C2 PTY V . -25.43 35.91 44.50
C3 PTY V . -24.48 34.97 43.78
O4 PTY V . -22.96 30.72 40.00
C5 PTY V . -23.84 31.45 42.86
C6 PTY V . -23.48 30.08 42.27
O7 PTY V . -22.07 29.87 42.33
C8 PTY V . -21.67 28.74 43.16
O10 PTY V . -22.52 28.11 43.76
C11 PTY V . -20.21 28.37 43.27
C12 PTY V . -19.60 28.20 41.88
C13 PTY V . -18.14 27.77 41.96
C14 PTY V . -17.55 27.59 40.57
C15 PTY V . -16.13 27.05 40.63
C16 PTY V . -15.65 26.71 39.21
C17 PTY V . -14.23 26.15 39.19
C18 PTY V . -13.95 25.58 37.81
C19 PTY V . -12.51 25.80 37.37
C20 PTY V . -11.63 24.61 37.72
C30 PTY V . -23.27 31.34 38.73
C31 PTY V . -22.42 30.98 37.53
O30 PTY V . -24.16 32.17 38.65
C32 PTY V . -22.02 29.51 37.61
C33 PTY V . -21.26 29.07 36.36
C34 PTY V . -20.44 27.80 36.59
C35 PTY V . -19.47 27.58 35.44
P1 PTY V . -22.59 33.21 44.36
O11 PTY V . -23.94 34.03 44.70
O12 PTY V . -21.79 33.16 45.63
O13 PTY V . -21.97 33.78 43.10
O14 PTY V . -23.09 31.71 44.04
N1 PTY V . -25.93 36.91 43.59
C1 PTY W . -4.53 28.87 20.47
C2 PTY W . -3.65 24.04 16.18
C3 PTY W . -3.38 25.24 17.08
O4 PTY W . -5.72 29.12 19.72
C5 PTY W . -3.75 26.74 19.50
C6 PTY W . -4.39 27.37 20.73
O7 PTY W . -5.68 26.81 20.99
C8 PTY W . -5.78 25.86 22.09
O10 PTY W . -4.78 25.30 22.49
C11 PTY W . -7.13 25.56 22.71
C12 PTY W . -7.94 26.82 22.99
C13 PTY W . -9.40 26.45 23.23
C14 PTY W . -10.10 27.35 24.24
C15 PTY W . -11.41 26.74 24.71
C16 PTY W . -11.81 27.18 26.12
C17 PTY W . -12.66 26.11 26.83
C18 PTY W . -13.49 26.64 27.99
C19 PTY W . -14.74 25.78 28.18
C20 PTY W . -15.69 26.31 29.25
C30 PTY W . -6.50 30.31 19.95
C31 PTY W . -7.93 30.18 20.39
O30 PTY W . -6.01 31.41 19.75
C32 PTY W . -8.38 31.45 21.09
C33 PTY W . -9.71 31.91 20.52
C34 PTY W . -10.88 31.15 21.12
C35 PTY W . -11.57 32.02 22.16
C36 PTY W . -12.95 31.46 22.44
C37 PTY W . -13.54 32.07 23.71
C38 PTY W . -14.54 31.12 24.35
P1 PTY W . -1.52 25.43 18.98
O11 PTY W . -2.02 25.35 17.45
O12 PTY W . -0.58 26.61 19.08
O13 PTY W . -1.02 24.06 19.34
O14 PTY W . -2.80 25.76 19.89
N1 PTY W . -2.44 23.52 15.60
C1 PTY X . -36.42 4.91 26.20
O4 PTY X . -35.68 5.42 25.10
C5 PTY X . -38.54 5.22 27.49
C6 PTY X . -37.59 5.84 26.46
O7 PTY X . -38.28 6.05 25.23
C8 PTY X . -38.64 7.45 25.01
O10 PTY X . -38.99 8.13 25.96
C11 PTY X . -38.57 8.03 23.62
C12 PTY X . -37.14 7.86 23.11
C13 PTY X . -36.98 8.29 21.66
C14 PTY X . -35.59 7.92 21.19
C15 PTY X . -35.27 8.43 19.80
C16 PTY X . -33.98 7.79 19.33
C17 PTY X . -33.06 8.78 18.65
C18 PTY X . -33.42 8.94 17.18
C19 PTY X . -32.38 9.80 16.45
C20 PTY X . -32.49 11.26 16.85
C21 PTY X . -31.25 12.02 16.41
C22 PTY X . -30.55 11.28 15.27
C23 PTY X . -31.34 11.25 13.97
C24 PTY X . -30.59 10.45 12.94
C25 PTY X . -30.66 11.08 11.56
C26 PTY X . -30.12 10.11 10.52
C27 PTY X . -30.33 10.61 9.10
C28 PTY X . -30.25 9.48 8.10
C29 PTY X . -30.59 9.95 6.70
C30 PTY X . -34.37 4.91 24.74
C31 PTY X . -33.47 5.74 23.87
O30 PTY X . -34.01 3.81 25.13
C32 PTY X . -32.13 5.04 23.70
C33 PTY X . -32.13 4.23 22.42
C34 PTY X . -30.79 4.34 21.72
C35 PTY X . -30.45 5.79 21.45
C36 PTY X . -29.68 5.91 20.13
C37 PTY X . -29.13 7.31 19.95
C38 PTY X . -29.30 7.77 18.51
C39 PTY X . -28.96 6.66 17.53
C40 PTY X . -27.62 6.03 17.88
C1 PTY Y . -29.85 2.25 33.06
C2 PTY Y . -33.24 7.91 37.61
C3 PTY Y . -33.00 6.45 38.00
O4 PTY Y . -29.35 2.61 31.76
C5 PTY Y . -30.17 3.10 35.38
C6 PTY Y . -29.93 3.50 33.92
O7 PTY Y . -30.98 4.39 33.52
C8 PTY Y . -30.55 5.42 32.58
O10 PTY Y . -31.23 5.65 31.60
C11 PTY Y . -29.31 6.22 32.86
C12 PTY Y . -28.76 6.82 31.59
C13 PTY Y . -27.30 7.17 31.77
C14 PTY Y . -26.63 7.42 30.43
C15 PTY Y . -25.16 7.79 30.59
C16 PTY Y . -24.59 8.04 29.20
C17 PTY Y . -23.09 8.31 29.22
C18 PTY Y . -22.63 8.50 27.78
C19 PTY Y . -21.23 9.10 27.71
C20 PTY Y . -20.86 9.45 26.27
C21 PTY Y . -21.45 10.77 25.81
C22 PTY Y . -21.08 11.07 24.37
C23 PTY Y . -22.10 11.98 23.68
C24 PTY Y . -22.26 11.64 22.21
C25 PTY Y . -23.01 12.73 21.45
C26 PTY Y . -23.10 12.40 19.97
C27 PTY Y . -21.71 12.27 19.34
C28 PTY Y . -21.73 12.50 17.83
C29 PTY Y . -20.42 12.16 17.17
C30 PTY Y . -28.20 1.94 31.20
C31 PTY Y . -27.71 2.32 29.83
O30 PTY Y . -27.64 1.09 31.86
C32 PTY Y . -26.32 2.88 29.95
C33 PTY Y . -25.77 3.29 28.60
C34 PTY Y . -24.30 2.94 28.52
C35 PTY Y . -23.49 4.04 27.86
C36 PTY Y . -23.59 3.98 26.34
C37 PTY Y . -22.34 4.58 25.72
C38 PTY Y . -22.53 4.76 24.21
C39 PTY Y . -21.19 5.00 23.52
C40 PTY Y . -20.85 6.49 23.42
C41 PTY Y . -19.45 6.66 22.84
C42 PTY Y . -19.04 8.13 22.76
C43 PTY Y . -19.41 8.73 21.41
C44 PTY Y . -18.86 10.13 21.28
P1 PTY Y . -31.63 4.34 37.20
O11 PTY Y . -32.20 5.83 37.00
O12 PTY Y . -30.99 4.25 38.57
O13 PTY Y . -32.72 3.39 36.78
O14 PTY Y . -30.45 4.28 36.10
N1 PTY Y . -33.44 8.71 38.81
C2 PTY Z . -16.09 8.37 17.28
O4 PTY Z . -34.47 1.38 30.63
C30 PTY Z . -33.80 0.11 30.39
C31 PTY Z . -32.35 0.06 29.97
O30 PTY Z . -34.44 -0.93 30.54
C32 PTY Z . -32.16 0.93 28.74
C33 PTY Z . -30.76 0.72 28.16
C34 PTY Z . -30.62 1.43 26.84
C35 PTY Z . -29.26 1.15 26.19
C36 PTY Z . -29.04 2.10 25.03
C37 PTY Z . -27.67 1.90 24.41
C38 PTY Z . -27.47 2.90 23.28
C39 PTY Z . -26.08 2.77 22.67
C40 PTY Z . -26.05 3.46 21.32
C41 PTY Z . -24.89 2.97 20.47
C42 PTY Z . -25.15 3.24 19.00
O7 PTY AA . -2.26 28.64 14.37
C8 PTY AA . -3.28 28.90 14.97
O10 PTY AA . -3.67 30.29 15.16
C11 PTY AA . -4.16 27.80 15.51
C12 PTY AA . -5.62 28.17 15.35
C13 PTY AA . -6.50 27.35 16.29
C14 PTY AA . -7.98 27.69 16.09
C15 PTY AA . -8.75 27.53 17.38
C16 PTY AA . -10.22 27.90 17.20
C17 PTY AA . -10.81 28.44 18.49
C18 PTY AA . -12.24 27.94 18.70
C19 PTY AA . -12.54 27.72 20.18
C20 PTY AA . -14.01 27.43 20.41
C21 PTY AA . -14.28 27.06 21.85
C22 PTY AA . -15.31 27.99 22.47
#